data_8X91
#
_entry.id   8X91
#
_cell.length_a   1.00
_cell.length_b   1.00
_cell.length_c   1.00
_cell.angle_alpha   90.00
_cell.angle_beta   90.00
_cell.angle_gamma   90.00
#
_symmetry.space_group_name_H-M   'P 1'
#
loop_
_entity.id
_entity.type
_entity.pdbx_description
1 polymer 'Voltage-dependent L-type calcium channel subunit beta-3'
2 polymer 'Omega-conotoxin MVIIC'
3 polymer 'Voltage-dependent calcium channel subunit alpha-2/delta-1'
4 polymer 'Voltage-dependent P/Q-type calcium channel subunit alpha-1A'
5 branched 2-acetamido-2-deoxy-beta-D-glucopyranose-(1-4)-2-acetamido-2-deoxy-beta-D-glucopyranose-(1-4)-2-acetamido-2-deoxy-beta-D-glucopyranose
6 branched 2-acetamido-2-deoxy-beta-D-glucopyranose-(1-4)-2-acetamido-2-deoxy-beta-D-glucopyranose
7 branched 2-acetamido-2-deoxy-beta-D-glucopyranose-(1-4)-2-acetamido-2-deoxy-beta-D-glucopyranose-(1-4)-2-acetamido-2-deoxy-beta-D-glucopyranose-(1-4)-2-acetamido-2-deoxy-beta-D-glucopyranose
8 non-polymer 2-acetamido-2-deoxy-beta-D-glucopyranose
9 non-polymer 'CALCIUM ION'
10 non-polymer CHOLESTEROL
11 non-polymer '[(2R)-1-octadecanoyloxy-3-[oxidanyl-[(1R,2R,3S,4R,5R,6S)-2,3,6-tris(oxidanyl)-4,5-diphosphonooxy-cyclohexyl]oxy-phospho ryl]oxy-propan-2-yl] (8Z)-icosa-5,8,11,14-tetraenoate'
12 non-polymer 'CHOLESTEROL HEMISUCCINATE'
13 non-polymer 1,2-Distearoyl-sn-glycerophosphoethanolamine
#
loop_
_entity_poly.entity_id
_entity_poly.type
_entity_poly.pdbx_seq_one_letter_code
_entity_poly.pdbx_strand_id
1 'polypeptide(L)'
;MYDDSYVPGFEDSEAGSADSYTSRPSLDSDVSLEEDRESARREVESQAQQQLERAKHKPVAFAVRTNVSYCGVLDEECPV
QGSGVNFEAKDFLHIKEKYSNDWWIGRLVKEGGDIAFIPSPQRLESIRLKQEQKARRSGNPSSLSDIGNRRSPPPSLAKQ
KQKQAEHVPPYDVVPSMRPVVLVGPSLKGYEVTDMMQKALFDFLKHRFDGRISITRVTADLSLAKRSVLNNPGKRTIIER
SSARSSIAEVQSEIERIFELAKSLQLVVLDADTINHPAQLAKTSLAPIIVFVKVSSPKVLQRLIRSRGKSQMKHLTVQMM
AYDKLVQCPPESFDVILDENQLEDACEHLAEYLEVYWRATHHPAPGPGLLGPPSAIPGLQNQQLLGERGEEHSPLERDSL
MPSDEASESSRQAWTGSSQRSSRHLEEDYADAYQDLYQPHRQHTSGLPSANGHDPQDRLLAQDSEHNHSDRNWQRNRPWP
KDSYLEHHHHHHHHHH
;
C
2 'polypeptide(L)' CKGKGAPCRKTMYDCCSGSCGRRGKC X
3 'polypeptide(L)'
;MAAGCLLALTLTLFQSLLIGPSSEEPFPSAVTIKSWVDKMQEDLVTLAKTASGVNQLVDIYEKYQDLYTVEPNNARQLVE
IAARDIEKLLSNRSKALVRLALEAEKVQAAHQWREDFASNEVVYYNAKDDLDPEKNDSEPGSQRIKPVFIEDANFGRQIS
YQHAAVHIPTDIYEGSTIVLNELNWTSALDEVFKKNREEDPSLLWQVFGSATGLARYYPASPWVDNSRTPNKIDLYDVRR
RPWYIQGAASPKDMLILVDVSGSVSGLTLKLIRTSVSEMLETLSDDDFVNVASFNSNAQDVSCFQHLVQANVRNKKVLKD
AVNNITAKGITDYKKGFSFAFEQLLNYNVSRANCNKIIMLFTDGGEERAQEIFNKYNKDKKVRVFTFSVGQHNYDRGPIQ
WMACENKGYYYEIPSIGAIRINTQEYLDVLGRPMVLAGDKAKQVQWTNVYLDALELGLVITGTLPVFNITGQFENKTNLK
NQLILGVMGVDVSLEDIKRLTPRFTLCPNGYYFAIDPNGYVLLHPNLQPKPIGVGIPTINLRKRRPNIQNPKSQEPVTLD
FLDAELENDIKVEIRNKMIDGESGEKTFRTLVKSQDERYIDKGNRTYTWTPVNGTDYSLALVLPTYSFYYIKAKLEETIT
QARYSETLKPDNFEESGYTFIAPRDYCNDLKISDNNTEFLLNFNEFIDRKTPNNPSCNADLINRVLLDAGFTNELVQNYW
SKQKNIKGVKARFVVTDGGITRVYPKEAGENWQENPETYEDSFYKRSLDNDNYVFTAPYFNKSGPGAYESGIMVSKAVEI
YIQGKLLKPAVVGIKIDVNSWIENFTKTSIRDPCAGPVCDCKRNSDVMDCVILDDGGFLLMANHDDYTNQIGRFFGEIDP
SLMRHLVNISVYAFNKSYDYQSVCEPGAAPKQGAGHRSAYVPSVADILQIGWWATAAAWSILQQFLLSLTFPRLLEAVEM
EDDDFTASLSKQSCITEQTQYFFDNDSKSFSGVLDCGNCSRIFHGEKLMNTNLIFIMVESKGTCPCDTRLLIQAEQTSDG
PNPCDMVKQPRYRKGPDVCFDNNVLEDYTDCGGVSGLNPSLWYIIGIQFLLLWLVSGSTHRLLLEHHHHHHHHHH
;
B
4 'polypeptide(L)'
;MASWSHPQFEKGGGARGGSGGGSWSHPQFEKGFDYKDDDDKGTMARFGDEMPARYGGGGSGAAAGVVVGSGGGRGAGGSR
QGGQPGAQRMYKQSMAQRARTMALYNPIPVRQNCLTVNRSLFLFSEDNVVRKYAKKITEWPPFEYMILATIIANCIVLAL
EQHLPDDDKTPMSERLDDTEPYFIGIFCFEAGIKIIALGFAFHKGSYLRNGWNVMDFVVVLTGILATVGTEFDLRTLRAV
RVLRPLKLVSGIPSLQVVLKSIMKAMIPLLQIGLLLFFAILIFAIIGLEFYMGKFHTTCFEEGTDDIQGESPAPCGTEEP
ARTCPNGTKCQPYWEGPNNGITQFDNILFAVLTVFQCITMEGWTDLLYNSNDASGNTWNWLYFIPLIIIGSFFMLNLVLG
VLSGEFAKERERVENRRAFLKLRRQQQIERELNGYMEWISKAEEVILAEDETDGEQRHPFDALRRTTIKKSKTDLLNPEE
AEDQLADIASVGSPFARASIKSAKLENSTFFHKKERRMRFYIRRMVKTQAFYWTVLSLVALNTLCVAIVHYNQPEWLSDF
LYYAEFIFLGLFMSEMFIKMYGLGTRPYFHSSFNCFDCGVIIGSIFEVIWAVIKPGTSFGISVLRALRLLRIFKVTKYWA
SLRNLVVSLLNSMKSIISLLFLLFLFIVVFALLGMQLFGGQFNFDEGTPPTNFDTFPAAIMTVFQILTGEDWNEVMYDGI
KSQGGVQGGMVFSIYFIVLTLFGNYTLLNVFLAIAVDNLANAQELTKDEQEEEEAANQKLALQKAKEVAEVSPLSAANMS
IAVKEQQKNQKPAKSVWEQRTSEMRKQNLLASREALYNEMDPDERWKAAYTRHLRPDMKTHLDRPLVVDPQENRNNNTNK
SRAAEPTVDQRLGQQRAEDFLRKQARYHDRARDPSGSAGLDARRPWAGSQEAELSREGPYGRESDHHAREGSLEQPGFWE
GEAERGKAGDPHRRHVHRQGGSRESRSGSPRTGADGEHRRHRAHRRPGEEGPEDKAERRARHREGSRPARGGEGEGEGPD
GGERRRRHRHGAPATYEGDARREDKERRHRRRKENQGSGVPVSGPNLSTTRPIQQDLGRQDPPLAEDIDNMKNNKLATAE
SAAPHGSLGHAGLPQSPAKMGNSTDPGPMLAIPAMATNPQNAASRRTPNNPGNPSNPGPPKTPENSLIVTNPSGTQTNSA
KTARKPDHTTVDIPPACPPPLNHTVVQVNKNANPDPLPKKEEEKKEEEEDDRGEDGPKPMPPYSSMFILSTTNPLRRLCH
YILNLRYFEMCILMVIAMSSIALAAEDPVQPNAPRNNVLRYFDYVFTGVFTFEMVIKMIDLGLVLHQGAYFRDLWNILDF
IVVSGALVAFAFTGNSKGKDINTIKSLRVLRVLRPLKTIKRLPKLKAVFDCVVNSLKNVFNILIVYMLFMFIFAVVAVQL
FKGKFFHCTDESKEFEKDCRGKYLLYEKNEVKARDREWKKYEFHYDNVLWALLTLFTVSTGEGWPQVLKHSVDATFENQG
PSPGYRMEMSIFYVVYFVVFPFFFVNIFVALIIITFQEQGDKMMEEYSLEKNERACIDFAISAKPLTRHMPQNKQSFQYR
MWQFVVSPPFEYTIMAMIALNTIVLMMKFYGASVAYENALRVFNIVFTSLFSLECVLKVMAFGILNYFRDAWNIFDFVTV
LGSITDILVTEFGNNFINLSFLRLFRAARLIKLLRQGYTIRILLWTFVQSFKALPYVCLLIAMLFFIYAIIGMQVFGNIG
IDVEDEDSDEDEFQITEHNNFRTFFQALMLLFRSATGEAWHNIMLSCLSGKPCDKNSGILTRECGNEFAYFYFVSFIFLC
SFLMLNLFVAVIMDNFEYLTRDSSILGPHHLDEYVRVWAEYDPAAWGRMPYLDMYQMLRHMSPPLGLGKKCPARVAYKRL
LRMDLPVADDNTVHFNSTLMALIRTALDIKIAKGGADKQQMDAELRKEMMAIWPNLSQKTLDLLVTPHKSTDLTVGKIYA
AMMIMEYYRQSKAKKLQAMREEQDRTPLMFQRMEPPSPTQEGGPGQNALPSTQLDPGGALMAHESGLKESPSWVTQRAQE
MFQKTGTWSPEQGPPTDMPNSQPNSQSVEMREMGRDGYSDSEHYLPMEGQGRAASMPRLPAENQRRRGRPRGNNLSTISD
TSPMKRSASVLGPKARRLDDYSLERVPPEENQRHHQRRRDRSHRASERSLGRYTDVDTGLGTDLSMTTQSGDLPSKERDQ
ERGRPKDRKHRQHHHHHHHHHHPPPPDKDRYAQERPDHGRARARDQRWSRSPSEGREHMAHRQGSSSVSGSPAPSTSGTS
TPRRGRRQLPQTPSTPRPHVSYSPVIRKAGGSGPPQQQQQQQQQQQQQAVARPGRAATSGPRRYPGPTAEPLAGDRPPTG
GHSSGRSPRMERRVPGPARSESPRACRHGGARWPASGPHVSEGPPGPRHHGYYRGSDYDEADGPGSGGGEEAMAGAYDAP
PPVRHASSGATGRSPRTPRASGPACASPSRHGRRLPNGYYPAHGLARPRGPGSRKGLHEPYSESDDDWC
;
A
#
# COMPACT_ATOMS: atom_id res chain seq x y z
N GLU A 38 17.97 -107.95 48.23
CA GLU A 38 18.18 -107.97 49.67
C GLU A 38 17.13 -107.11 50.39
N SER A 39 16.63 -107.60 51.52
CA SER A 39 15.64 -106.86 52.28
C SER A 39 16.25 -105.69 53.05
N ALA A 40 17.54 -105.78 53.38
CA ALA A 40 18.18 -104.73 54.19
C ALA A 40 18.20 -103.40 53.44
N ARG A 41 18.56 -103.42 52.16
CA ARG A 41 18.61 -102.18 51.39
C ARG A 41 17.21 -101.60 51.19
N ARG A 42 16.21 -102.44 50.98
CA ARG A 42 14.84 -101.95 50.83
C ARG A 42 14.30 -101.40 52.15
N GLU A 43 14.67 -102.03 53.27
CA GLU A 43 14.19 -101.54 54.57
C GLU A 43 14.74 -100.16 54.88
N VAL A 44 16.04 -99.94 54.63
CA VAL A 44 16.61 -98.62 54.85
C VAL A 44 16.12 -97.64 53.80
N GLU A 45 15.73 -98.15 52.62
CA GLU A 45 15.12 -97.30 51.60
C GLU A 45 13.79 -96.73 52.10
N SER A 46 12.97 -97.58 52.72
CA SER A 46 11.68 -97.13 53.24
C SER A 46 11.86 -96.22 54.46
N GLN A 47 12.80 -96.56 55.34
CA GLN A 47 13.03 -95.74 56.53
C GLN A 47 13.51 -94.35 56.16
N ALA A 48 14.42 -94.25 55.18
CA ALA A 48 14.88 -92.95 54.73
C ALA A 48 13.74 -92.15 54.09
N GLN A 49 12.90 -92.82 53.29
CA GLN A 49 11.77 -92.14 52.69
C GLN A 49 10.79 -91.64 53.75
N GLN A 50 10.54 -92.46 54.77
CA GLN A 50 9.66 -92.03 55.86
C GLN A 50 10.27 -90.86 56.62
N GLN A 51 11.58 -90.91 56.86
CA GLN A 51 12.26 -89.81 57.54
C GLN A 51 12.18 -88.53 56.72
N LEU A 52 12.34 -88.63 55.39
CA LEU A 52 12.23 -87.46 54.54
C LEU A 52 10.82 -86.87 54.58
N GLU A 53 9.81 -87.74 54.57
CA GLU A 53 8.42 -87.26 54.55
C GLU A 53 8.09 -86.50 55.84
N ARG A 54 8.55 -86.99 56.99
CA ARG A 54 8.25 -86.33 58.26
C ARG A 54 9.11 -85.09 58.48
N ALA A 55 10.19 -84.92 57.73
CA ALA A 55 11.08 -83.77 57.87
C ALA A 55 10.84 -82.72 56.79
N LYS A 56 9.78 -82.86 56.00
CA LYS A 56 9.50 -81.88 54.95
C LYS A 56 9.10 -80.53 55.52
N HIS A 57 8.58 -80.50 56.74
CA HIS A 57 8.09 -79.26 57.35
C HIS A 57 8.84 -78.92 58.62
N LYS A 58 10.16 -79.02 58.59
CA LYS A 58 11.01 -78.73 59.74
C LYS A 58 11.99 -77.62 59.38
N PRO A 59 12.48 -76.86 60.37
CA PRO A 59 13.36 -75.73 60.05
C PRO A 59 14.72 -76.18 59.55
N VAL A 60 15.35 -75.30 58.76
CA VAL A 60 16.65 -75.56 58.18
C VAL A 60 17.72 -75.35 59.24
N ALA A 61 18.72 -76.25 59.28
CA ALA A 61 19.78 -76.15 60.27
C ALA A 61 20.85 -75.14 59.84
N PHE A 62 21.53 -75.42 58.72
CA PHE A 62 22.64 -74.60 58.27
C PHE A 62 22.90 -74.88 56.80
N ALA A 63 23.86 -74.16 56.23
CA ALA A 63 24.16 -74.22 54.81
C ALA A 63 25.65 -74.42 54.61
N VAL A 64 26.02 -74.94 53.43
CA VAL A 64 27.41 -75.22 53.09
C VAL A 64 27.74 -74.54 51.77
N ARG A 65 29.04 -74.50 51.48
CA ARG A 65 29.59 -73.94 50.25
C ARG A 65 30.33 -75.02 49.47
N THR A 66 30.16 -75.02 48.15
CA THR A 66 30.85 -75.96 47.29
C THR A 66 31.78 -75.22 46.33
N ASN A 67 32.88 -75.89 45.98
CA ASN A 67 33.84 -75.33 45.05
C ASN A 67 34.23 -76.33 43.96
N VAL A 68 33.58 -77.48 43.89
CA VAL A 68 33.85 -78.49 42.88
C VAL A 68 32.52 -78.88 42.25
N SER A 69 32.54 -79.13 40.94
CA SER A 69 31.33 -79.52 40.20
C SER A 69 31.14 -81.02 40.35
N TYR A 70 30.40 -81.41 41.37
CA TYR A 70 30.11 -82.80 41.66
C TYR A 70 28.60 -83.02 41.73
N CYS A 71 28.15 -84.16 41.19
CA CYS A 71 26.74 -84.51 41.20
C CYS A 71 26.51 -85.66 42.16
N GLY A 72 25.55 -85.50 43.06
CA GLY A 72 25.22 -86.50 44.05
C GLY A 72 24.15 -87.48 43.64
N VAL A 73 23.73 -87.48 42.38
CA VAL A 73 22.68 -88.37 41.91
C VAL A 73 23.30 -89.55 41.18
N LEU A 74 24.51 -89.36 40.67
CA LEU A 74 25.20 -90.39 39.92
C LEU A 74 26.05 -91.31 40.79
N ASP A 75 26.15 -91.05 42.09
CA ASP A 75 26.93 -91.88 42.98
C ASP A 75 26.06 -93.00 43.54
N GLU A 76 26.53 -94.24 43.39
CA GLU A 76 25.75 -95.41 43.80
C GLU A 76 25.80 -95.66 45.30
N GLU A 77 26.65 -94.96 46.05
CA GLU A 77 26.75 -95.17 47.48
C GLU A 77 25.71 -94.39 48.28
N CYS A 78 24.87 -93.61 47.61
CA CYS A 78 23.84 -92.85 48.31
C CYS A 78 22.81 -93.80 48.92
N PRO A 79 22.25 -93.46 50.08
CA PRO A 79 21.24 -94.33 50.70
C PRO A 79 20.01 -94.53 49.85
N VAL A 80 19.59 -93.50 49.11
CA VAL A 80 18.39 -93.56 48.28
C VAL A 80 18.77 -93.16 46.87
N GLN A 81 18.51 -94.05 45.91
CA GLN A 81 18.81 -93.78 44.50
C GLN A 81 17.65 -93.06 43.84
N GLY A 82 17.97 -92.19 42.89
CA GLY A 82 16.98 -91.41 42.18
C GLY A 82 16.59 -90.10 42.85
N SER A 83 17.13 -89.81 44.03
CA SER A 83 16.82 -88.58 44.76
C SER A 83 18.09 -87.85 45.13
N GLY A 84 19.08 -87.84 44.23
CA GLY A 84 20.30 -87.11 44.43
C GLY A 84 20.19 -85.67 43.95
N VAL A 85 21.31 -84.96 44.06
CA VAL A 85 21.39 -83.55 43.67
C VAL A 85 22.44 -83.39 42.58
N ASN A 86 22.03 -82.82 41.45
CA ASN A 86 22.95 -82.47 40.37
C ASN A 86 23.26 -80.97 40.42
N PHE A 87 24.12 -80.60 41.37
CA PHE A 87 24.46 -79.21 41.60
C PHE A 87 25.87 -78.94 41.10
N GLU A 88 26.06 -77.81 40.43
CA GLU A 88 27.36 -77.39 39.95
C GLU A 88 28.05 -76.52 40.99
N ALA A 89 29.17 -75.91 40.61
CA ALA A 89 29.90 -75.02 41.50
C ALA A 89 29.11 -73.71 41.69
N LYS A 90 29.60 -72.88 42.61
CA LYS A 90 28.97 -71.60 42.93
C LYS A 90 27.50 -71.78 43.29
N ASP A 91 27.22 -72.76 44.15
CA ASP A 91 25.85 -73.17 44.44
C ASP A 91 25.64 -73.21 45.95
N PHE A 92 24.38 -73.12 46.35
CA PHE A 92 23.98 -73.15 47.76
C PHE A 92 23.30 -74.47 48.08
N LEU A 93 23.65 -75.06 49.21
CA LEU A 93 22.97 -76.24 49.72
C LEU A 93 22.59 -76.01 51.18
N HIS A 94 21.37 -76.40 51.53
CA HIS A 94 20.81 -76.20 52.87
C HIS A 94 20.52 -77.55 53.49
N ILE A 95 21.30 -77.92 54.50
CA ILE A 95 21.16 -79.20 55.19
C ILE A 95 20.32 -79.00 56.44
N LYS A 96 19.34 -79.89 56.65
CA LYS A 96 18.37 -79.74 57.72
C LYS A 96 18.56 -80.76 58.84
N GLU A 97 18.57 -82.06 58.53
CA GLU A 97 18.58 -83.10 59.54
C GLU A 97 19.90 -83.87 59.54
N LYS A 98 19.96 -84.89 60.40
CA LYS A 98 21.15 -85.68 60.64
C LYS A 98 20.95 -87.09 60.10
N TYR A 99 21.88 -87.54 59.26
CA TYR A 99 21.84 -88.89 58.72
C TYR A 99 23.01 -89.74 59.17
N SER A 100 24.24 -89.31 58.89
CA SER A 100 25.44 -90.09 59.17
C SER A 100 26.65 -89.18 58.90
N ASN A 101 27.85 -89.76 59.00
CA ASN A 101 29.08 -89.03 58.71
C ASN A 101 29.47 -89.08 57.24
N ASP A 102 28.71 -89.77 56.39
CA ASP A 102 29.00 -89.87 54.97
C ASP A 102 28.03 -89.08 54.10
N TRP A 103 26.75 -89.02 54.48
CA TRP A 103 25.75 -88.32 53.69
C TRP A 103 24.89 -87.45 54.59
N TRP A 104 24.30 -86.43 53.98
CA TRP A 104 23.42 -85.48 54.65
C TRP A 104 22.19 -85.25 53.79
N ILE A 105 21.10 -84.84 54.44
CA ILE A 105 19.90 -84.42 53.74
C ILE A 105 19.95 -82.91 53.54
N GLY A 106 19.96 -82.48 52.28
CA GLY A 106 20.07 -81.08 51.95
C GLY A 106 19.03 -80.68 50.92
N ARG A 107 18.94 -79.37 50.69
CA ARG A 107 18.01 -78.82 49.72
C ARG A 107 18.72 -77.75 48.89
N LEU A 108 18.23 -77.57 47.68
CA LEU A 108 18.77 -76.56 46.77
C LEU A 108 18.04 -75.24 46.95
N VAL A 109 18.73 -74.15 46.55
CA VAL A 109 18.08 -72.84 46.52
C VAL A 109 17.39 -72.57 45.19
N LYS A 110 17.31 -73.54 44.30
CA LYS A 110 16.50 -73.38 43.11
C LYS A 110 15.02 -73.46 43.48
N GLU A 111 14.19 -72.75 42.71
CA GLU A 111 12.76 -72.79 42.92
C GLU A 111 12.20 -74.12 42.45
N GLY A 112 11.45 -74.79 43.32
CA GLY A 112 10.92 -76.11 43.02
C GLY A 112 11.86 -77.25 43.30
N GLY A 113 13.08 -76.99 43.75
CA GLY A 113 14.03 -78.05 44.07
C GLY A 113 13.55 -78.94 45.20
N ASP A 114 13.57 -80.25 44.96
CA ASP A 114 13.10 -81.21 45.95
C ASP A 114 14.21 -81.52 46.96
N ILE A 115 13.85 -82.28 48.00
CA ILE A 115 14.83 -82.68 49.00
C ILE A 115 15.74 -83.74 48.41
N ALA A 116 17.05 -83.52 48.51
CA ALA A 116 18.06 -84.42 47.96
C ALA A 116 19.08 -84.75 49.03
N PHE A 117 20.12 -85.47 48.63
CA PHE A 117 21.19 -85.90 49.52
C PHE A 117 22.52 -85.31 49.07
N ILE A 118 23.25 -84.74 50.00
CA ILE A 118 24.55 -84.12 49.74
C ILE A 118 25.62 -84.96 50.41
N PRO A 119 26.75 -85.22 49.75
CA PRO A 119 27.85 -85.93 50.42
C PRO A 119 28.47 -85.09 51.52
N SER A 120 28.97 -85.79 52.55
CA SER A 120 29.67 -85.14 53.63
C SER A 120 31.04 -84.63 53.15
N PRO A 121 31.63 -83.66 53.86
CA PRO A 121 32.96 -83.19 53.43
C PRO A 121 34.02 -84.29 53.41
N GLN A 122 33.93 -85.24 54.35
CA GLN A 122 34.83 -86.38 54.29
C GLN A 122 34.51 -87.28 53.10
N ARG A 123 33.22 -87.42 52.77
CA ARG A 123 32.84 -88.22 51.61
C ARG A 123 33.36 -87.60 50.32
N LEU A 124 33.28 -86.26 50.20
CA LEU A 124 33.82 -85.61 49.01
C LEU A 124 35.33 -85.77 48.93
N GLU A 125 36.02 -85.70 50.08
CA GLU A 125 37.46 -85.97 50.07
C GLU A 125 37.76 -87.39 49.60
N SER A 126 36.93 -88.35 50.05
CA SER A 126 37.09 -89.72 49.57
C SER A 126 36.80 -89.83 48.08
N ILE A 127 35.72 -89.18 47.62
CA ILE A 127 35.39 -89.25 46.20
C ILE A 127 36.34 -88.37 45.39
N ARG A 128 36.93 -87.35 46.01
CA ARG A 128 37.96 -86.59 45.31
C ARG A 128 39.18 -87.45 45.03
N LEU A 129 39.59 -88.27 46.00
CA LEU A 129 40.67 -89.22 45.77
C LEU A 129 40.30 -90.21 44.68
N LYS A 130 39.02 -90.54 44.57
CA LYS A 130 38.57 -91.45 43.51
C LYS A 130 38.64 -90.81 42.14
N GLN A 131 38.79 -89.49 42.07
CA GLN A 131 38.75 -88.81 40.77
C GLN A 131 40.01 -89.06 39.96
N GLU A 132 41.19 -88.98 40.59
CA GLU A 132 42.45 -89.16 39.89
C GLU A 132 43.01 -90.57 40.00
N GLN A 133 42.29 -91.49 40.63
CA GLN A 133 42.73 -92.88 40.65
C GLN A 133 42.37 -93.63 39.38
N LYS A 134 41.35 -93.17 38.65
CA LYS A 134 41.00 -93.78 37.37
C LYS A 134 42.05 -93.52 36.31
N ALA A 135 42.88 -92.50 36.49
CA ALA A 135 43.95 -92.22 35.55
C ALA A 135 45.02 -93.31 35.61
N ARG A 136 45.85 -93.34 34.58
CA ARG A 136 46.91 -94.36 34.51
C ARG A 136 47.88 -94.22 35.67
N ARG A 137 48.29 -92.98 35.99
CA ARG A 137 49.21 -92.72 37.08
C ARG A 137 48.79 -91.46 37.82
N SER A 138 49.10 -91.42 39.11
CA SER A 138 48.80 -90.27 39.94
C SER A 138 49.97 -89.79 40.80
N GLY A 139 50.93 -90.63 41.09
CA GLY A 139 52.10 -90.28 41.89
C GLY A 139 53.30 -89.93 41.03
N ASN A 140 54.48 -90.26 41.54
CA ASN A 140 55.72 -89.98 40.83
C ASN A 140 56.03 -90.89 39.63
N PRO A 141 55.69 -92.21 39.61
CA PRO A 141 56.23 -93.07 38.55
C PRO A 141 55.44 -92.91 37.26
N SER A 142 56.08 -92.30 36.26
CA SER A 142 55.43 -92.11 34.98
C SER A 142 55.34 -93.41 34.20
N SER A 143 54.37 -93.48 33.29
CA SER A 143 54.14 -94.65 32.45
C SER A 143 54.72 -94.47 31.04
N LEU A 144 55.81 -93.72 30.91
CA LEU A 144 56.43 -93.47 29.61
C LEU A 144 57.32 -94.66 29.24
N SER A 145 56.64 -95.76 28.88
CA SER A 145 57.31 -97.01 28.51
C SER A 145 58.24 -97.50 29.61
N ASP A 146 57.80 -97.35 30.86
CA ASP A 146 58.57 -97.80 32.03
C ASP A 146 57.64 -98.66 32.89
N ILE A 147 57.58 -99.95 32.58
CA ILE A 147 56.76 -100.91 33.30
C ILE A 147 57.63 -102.06 33.76
N GLY A 148 57.55 -102.40 35.05
CA GLY A 148 58.32 -103.49 35.61
C GLY A 148 59.73 -103.14 36.03
N ASN A 149 60.17 -101.89 35.81
CA ASN A 149 61.51 -101.46 36.20
C ASN A 149 61.51 -100.76 37.55
N ARG A 150 60.68 -99.72 37.71
CA ARG A 150 60.57 -98.97 38.94
C ARG A 150 59.13 -99.08 39.44
N ARG A 151 58.89 -99.99 40.38
CA ARG A 151 57.55 -100.16 40.92
C ARG A 151 57.08 -98.91 41.66
N SER A 152 57.97 -98.30 42.46
CA SER A 152 57.71 -97.05 43.17
C SER A 152 56.42 -97.12 43.99
N PRO A 153 56.43 -97.82 45.12
CA PRO A 153 55.23 -97.87 45.97
C PRO A 153 54.83 -96.48 46.43
N PRO A 154 53.53 -96.20 46.55
CA PRO A 154 53.08 -94.84 46.86
C PRO A 154 53.53 -94.39 48.24
N PRO A 155 54.33 -93.34 48.32
CA PRO A 155 54.70 -92.78 49.62
C PRO A 155 53.65 -91.84 50.16
N SER A 156 53.94 -91.16 51.27
CA SER A 156 53.01 -90.17 51.81
C SER A 156 52.80 -89.00 50.85
N LEU A 157 53.68 -88.83 49.87
CA LEU A 157 53.52 -87.77 48.87
C LEU A 157 52.31 -88.01 47.97
N ALA A 158 51.94 -89.27 47.74
CA ALA A 158 50.85 -89.60 46.83
C ALA A 158 49.48 -89.53 47.51
N LYS A 159 49.42 -89.35 48.82
CA LYS A 159 48.17 -89.26 49.55
C LYS A 159 47.84 -87.79 49.78
N GLN A 160 46.67 -87.52 50.37
CA GLN A 160 46.23 -86.16 50.64
C GLN A 160 46.91 -85.56 51.87
N LYS A 161 47.78 -86.31 52.55
CA LYS A 161 48.53 -85.76 53.68
C LYS A 161 49.40 -84.60 53.24
N GLN A 162 50.04 -84.72 52.08
CA GLN A 162 50.86 -83.64 51.53
C GLN A 162 49.94 -82.63 50.83
N LYS A 163 50.55 -81.69 50.10
CA LYS A 163 49.82 -80.60 49.45
C LYS A 163 48.99 -79.82 50.46
N GLN A 164 49.57 -79.60 51.64
CA GLN A 164 48.89 -78.92 52.74
C GLN A 164 49.30 -77.46 52.87
N ALA A 165 49.97 -76.90 51.86
CA ALA A 165 50.33 -75.48 51.92
C ALA A 165 49.08 -74.60 51.99
N GLU A 166 48.07 -74.93 51.19
CA GLU A 166 46.79 -74.24 51.25
C GLU A 166 45.67 -75.17 51.71
N HIS A 167 45.46 -76.28 50.99
CA HIS A 167 44.49 -77.32 51.35
C HIS A 167 43.10 -76.71 51.59
N VAL A 168 42.54 -76.14 50.53
CA VAL A 168 41.22 -75.52 50.63
C VAL A 168 40.18 -76.61 50.87
N PRO A 169 39.34 -76.48 51.91
CA PRO A 169 38.33 -77.51 52.15
C PRO A 169 37.29 -77.52 51.06
N PRO A 170 36.71 -78.67 50.74
CA PRO A 170 35.59 -78.71 49.78
C PRO A 170 34.37 -77.96 50.27
N TYR A 171 34.22 -77.78 51.58
CA TYR A 171 33.06 -77.11 52.16
C TYR A 171 33.51 -75.88 52.93
N ASP A 172 32.74 -74.80 52.81
CA ASP A 172 32.96 -73.59 53.57
C ASP A 172 31.68 -73.21 54.29
N VAL A 173 31.83 -72.60 55.47
CA VAL A 173 30.69 -72.21 56.28
C VAL A 173 30.26 -70.80 55.87
N VAL A 174 29.01 -70.66 55.46
CA VAL A 174 28.48 -69.37 55.01
C VAL A 174 27.15 -69.14 55.72
N PRO A 175 26.73 -67.88 55.86
CA PRO A 175 25.42 -67.61 56.44
C PRO A 175 24.32 -68.26 55.62
N SER A 176 23.20 -68.58 56.29
CA SER A 176 22.11 -69.29 55.64
C SER A 176 21.62 -68.54 54.40
N MET A 177 21.29 -67.26 54.57
CA MET A 177 20.86 -66.41 53.47
C MET A 177 21.74 -65.17 53.38
N ARG A 178 21.92 -64.67 52.16
CA ARG A 178 23.00 -63.74 51.84
C ARG A 178 22.76 -62.37 52.43
N PRO A 179 23.73 -61.79 53.14
CA PRO A 179 23.67 -60.35 53.43
C PRO A 179 23.80 -59.53 52.17
N VAL A 180 23.08 -58.42 52.12
CA VAL A 180 22.99 -57.58 50.92
C VAL A 180 24.00 -56.46 51.04
N VAL A 181 25.05 -56.52 50.21
CA VAL A 181 26.09 -55.50 50.17
C VAL A 181 26.01 -54.80 48.83
N LEU A 182 25.66 -53.51 48.86
CA LEU A 182 25.58 -52.70 47.65
C LEU A 182 26.72 -51.70 47.66
N VAL A 183 27.49 -51.68 46.58
CA VAL A 183 28.71 -50.88 46.48
C VAL A 183 28.37 -49.60 45.74
N GLY A 184 28.85 -48.47 46.26
CA GLY A 184 28.63 -47.19 45.63
C GLY A 184 29.36 -47.09 44.31
N PRO A 185 28.87 -46.23 43.42
CA PRO A 185 29.53 -46.10 42.11
C PRO A 185 30.98 -45.69 42.20
N SER A 186 31.33 -44.77 43.10
CA SER A 186 32.73 -44.36 43.20
C SER A 186 33.35 -44.67 44.57
N LEU A 187 32.77 -44.13 45.64
CA LEU A 187 33.39 -44.21 46.96
C LEU A 187 32.37 -43.85 48.03
N LYS A 188 32.16 -44.76 48.98
CA LYS A 188 31.20 -44.53 50.05
C LYS A 188 31.73 -43.48 51.03
N GLY A 189 30.84 -43.00 51.89
CA GLY A 189 31.17 -42.02 52.90
C GLY A 189 31.08 -40.59 52.44
N TYR A 190 30.79 -40.34 51.17
CA TYR A 190 30.66 -39.01 50.62
C TYR A 190 29.21 -38.76 50.24
N GLU A 191 28.88 -37.50 49.96
CA GLU A 191 27.48 -37.14 49.74
C GLU A 191 26.87 -37.90 48.58
N VAL A 192 27.52 -37.85 47.41
CA VAL A 192 26.92 -38.39 46.20
C VAL A 192 26.68 -39.89 46.33
N THR A 193 27.66 -40.62 46.88
CA THR A 193 27.50 -42.06 47.05
C THR A 193 26.47 -42.38 48.12
N ASP A 194 26.56 -41.73 49.29
CA ASP A 194 25.63 -42.02 50.38
C ASP A 194 24.19 -41.78 49.97
N MET A 195 23.95 -40.82 49.08
CA MET A 195 22.61 -40.56 48.59
C MET A 195 22.09 -41.75 47.79
N MET A 196 23.00 -42.48 47.14
CA MET A 196 22.60 -43.61 46.31
C MET A 196 22.03 -44.77 47.13
N GLN A 197 22.64 -45.11 48.26
CA GLN A 197 22.20 -46.30 48.99
C GLN A 197 21.04 -46.03 49.93
N LYS A 198 20.98 -44.84 50.54
CA LYS A 198 19.93 -44.53 51.50
C LYS A 198 18.55 -44.57 50.85
N ALA A 199 18.46 -44.13 49.59
CA ALA A 199 17.20 -44.24 48.87
C ALA A 199 16.79 -45.70 48.71
N LEU A 200 17.75 -46.56 48.37
CA LEU A 200 17.45 -47.99 48.29
C LEU A 200 17.26 -48.58 49.68
N PHE A 201 17.96 -48.04 50.68
CA PHE A 201 17.74 -48.46 52.06
C PHE A 201 16.32 -48.17 52.51
N ASP A 202 15.78 -47.02 52.10
CA ASP A 202 14.40 -46.67 52.44
C ASP A 202 13.41 -47.66 51.84
N PHE A 203 13.57 -47.99 50.56
CA PHE A 203 12.57 -48.82 49.89
C PHE A 203 12.55 -50.23 50.45
N LEU A 204 13.72 -50.82 50.71
CA LEU A 204 13.76 -52.17 51.23
C LEU A 204 13.15 -52.26 52.63
N LYS A 205 13.25 -51.17 53.40
CA LYS A 205 12.68 -51.16 54.74
C LYS A 205 11.17 -50.99 54.71
N HIS A 206 10.66 -50.14 53.80
CA HIS A 206 9.24 -49.85 53.76
C HIS A 206 8.44 -50.94 53.06
N ARG A 207 8.78 -51.21 51.79
CA ARG A 207 8.02 -52.19 51.02
C ARG A 207 8.10 -53.57 51.66
N PHE A 208 9.26 -53.93 52.19
CA PHE A 208 9.51 -55.26 52.76
C PHE A 208 9.57 -55.23 54.28
N ASP A 209 8.72 -54.42 54.90
CA ASP A 209 8.72 -54.29 56.35
C ASP A 209 8.22 -55.58 57.01
N GLY A 210 8.79 -55.90 58.17
CA GLY A 210 8.40 -57.07 58.91
C GLY A 210 9.12 -58.35 58.53
N ARG A 211 9.94 -58.31 57.49
CA ARG A 211 10.69 -59.50 57.08
C ARG A 211 12.14 -59.20 56.73
N ILE A 212 12.58 -57.95 56.82
CA ILE A 212 13.95 -57.56 56.47
C ILE A 212 14.54 -56.79 57.65
N SER A 213 15.75 -57.16 58.04
CA SER A 213 16.47 -56.49 59.13
C SER A 213 17.67 -55.74 58.56
N ILE A 214 17.81 -54.49 58.95
CA ILE A 214 18.90 -53.63 58.48
C ILE A 214 19.93 -53.52 59.59
N THR A 215 21.21 -53.71 59.25
CA THR A 215 22.31 -53.57 60.18
C THR A 215 23.43 -52.81 59.50
N ARG A 216 24.09 -51.94 60.26
CA ARG A 216 25.18 -51.11 59.76
C ARG A 216 26.50 -51.60 60.33
N VAL A 217 27.47 -51.84 59.47
CA VAL A 217 28.81 -52.28 59.87
C VAL A 217 29.68 -51.03 59.90
N THR A 218 29.71 -50.37 61.06
CA THR A 218 30.49 -49.14 61.19
C THR A 218 31.99 -49.42 61.08
N ALA A 219 32.45 -50.51 61.68
CA ALA A 219 33.87 -50.84 61.67
C ALA A 219 34.25 -51.52 60.36
N ASP A 220 35.51 -51.95 60.28
CA ASP A 220 36.00 -52.62 59.08
C ASP A 220 35.40 -54.01 58.95
N LEU A 221 35.38 -54.50 57.72
CA LEU A 221 34.91 -55.86 57.44
C LEU A 221 35.78 -56.59 56.43
N SER A 222 36.87 -55.99 55.97
CA SER A 222 37.73 -56.58 54.95
C SER A 222 38.80 -57.48 55.53
N LEU A 223 38.91 -57.59 56.85
CA LEU A 223 39.92 -58.41 57.51
C LEU A 223 39.38 -59.77 57.93
N ALA A 224 38.45 -60.33 57.15
CA ALA A 224 37.87 -61.63 57.45
C ALA A 224 38.80 -62.72 56.93
N LYS A 225 39.61 -63.28 57.82
CA LYS A 225 40.55 -64.33 57.48
C LYS A 225 40.20 -65.61 58.22
N ARG A 226 40.49 -66.75 57.59
CA ARG A 226 40.18 -68.05 58.15
C ARG A 226 41.37 -69.01 58.22
N SER A 227 42.45 -68.77 57.48
CA SER A 227 43.62 -69.64 57.45
C SER A 227 44.88 -68.90 57.82
N VAL A 228 44.79 -68.00 58.80
CA VAL A 228 45.95 -67.23 59.25
C VAL A 228 46.59 -67.86 60.48
N LEU A 229 45.80 -68.12 61.52
CA LEU A 229 46.30 -68.72 62.74
C LEU A 229 45.13 -69.33 63.49
N ASN A 230 45.46 -70.16 64.49
CA ASN A 230 44.43 -70.84 65.26
C ASN A 230 43.55 -69.84 66.02
N ASN A 231 44.17 -68.84 66.63
CA ASN A 231 43.42 -67.83 67.37
C ASN A 231 44.25 -66.56 67.55
N PRO A 232 44.33 -65.70 66.54
CA PRO A 232 45.10 -64.45 66.68
C PRO A 232 44.39 -63.47 67.59
N GLY A 233 44.99 -63.19 68.74
CA GLY A 233 44.40 -62.28 69.70
C GLY A 233 43.16 -62.84 70.37
N LYS A 234 43.30 -63.98 71.04
CA LYS A 234 42.16 -64.61 71.68
C LYS A 234 41.66 -63.80 72.88
N ARG A 235 42.57 -63.15 73.61
CA ARG A 235 42.22 -62.40 74.80
C ARG A 235 42.76 -60.97 74.69
N THR A 236 42.06 -60.05 75.34
CA THR A 236 42.45 -58.64 75.32
C THR A 236 43.51 -58.31 76.36
N ILE A 237 43.86 -59.24 77.24
CA ILE A 237 44.89 -59.00 78.26
C ILE A 237 46.27 -59.47 77.83
N ILE A 238 46.39 -60.05 76.64
CA ILE A 238 47.70 -60.50 76.16
C ILE A 238 48.61 -59.34 75.83
N GLU A 239 48.05 -58.16 75.55
CA GLU A 239 48.81 -56.97 75.14
C GLU A 239 49.61 -57.24 73.87
N ARG A 240 49.09 -58.07 72.99
CA ARG A 240 49.74 -58.38 71.73
C ARG A 240 49.45 -57.28 70.71
N SER A 241 50.19 -57.32 69.60
CA SER A 241 49.98 -56.34 68.54
C SER A 241 48.58 -56.46 67.94
N SER A 242 48.12 -57.68 67.71
CA SER A 242 46.78 -57.91 67.20
C SER A 242 45.73 -57.96 68.29
N ALA A 243 46.13 -58.19 69.54
CA ALA A 243 45.16 -58.20 70.64
C ALA A 243 44.56 -56.82 70.85
N ARG A 244 45.37 -55.78 70.78
CA ARG A 244 44.91 -54.41 70.94
C ARG A 244 44.51 -53.76 69.62
N SER A 245 44.59 -54.49 68.51
CA SER A 245 44.24 -53.94 67.21
C SER A 245 42.72 -54.06 67.00
N SER A 246 42.26 -53.69 65.81
CA SER A 246 40.85 -53.73 65.47
C SER A 246 40.40 -55.09 64.94
N ILE A 247 41.32 -56.06 64.83
CA ILE A 247 40.96 -57.36 64.26
C ILE A 247 39.96 -58.09 65.16
N ALA A 248 40.07 -57.92 66.48
CA ALA A 248 39.20 -58.64 67.40
C ALA A 248 37.73 -58.27 67.18
N GLU A 249 37.45 -56.98 67.03
CA GLU A 249 36.07 -56.55 66.82
C GLU A 249 35.56 -56.96 65.44
N VAL A 250 36.40 -56.86 64.41
CA VAL A 250 35.99 -57.29 63.07
C VAL A 250 35.70 -58.79 63.05
N GLN A 251 36.54 -59.57 63.73
CA GLN A 251 36.30 -61.01 63.81
C GLN A 251 34.99 -61.31 64.53
N SER A 252 34.67 -60.54 65.57
CA SER A 252 33.41 -60.75 66.29
C SER A 252 32.20 -60.36 65.46
N GLU A 253 32.36 -59.46 64.49
CA GLU A 253 31.24 -59.02 63.66
C GLU A 253 30.85 -60.06 62.61
N ILE A 254 31.71 -61.04 62.33
CA ILE A 254 31.41 -62.02 61.29
C ILE A 254 30.25 -62.92 61.71
N GLU A 255 30.30 -63.43 62.94
CA GLU A 255 29.27 -64.36 63.42
C GLU A 255 27.95 -63.67 63.72
N ARG A 256 27.94 -62.35 63.91
CA ARG A 256 26.67 -61.65 64.05
C ARG A 256 25.85 -61.73 62.79
N ILE A 257 26.50 -61.59 61.63
CA ILE A 257 25.81 -61.78 60.35
C ILE A 257 25.28 -63.21 60.25
N PHE A 258 26.05 -64.18 60.76
CA PHE A 258 25.57 -65.55 60.81
C PHE A 258 24.32 -65.67 61.67
N GLU A 259 24.31 -65.00 62.83
CA GLU A 259 23.16 -65.08 63.73
C GLU A 259 21.90 -64.52 63.08
N LEU A 260 22.03 -63.39 62.38
CA LEU A 260 20.87 -62.81 61.71
C LEU A 260 20.35 -63.74 60.61
N ALA A 261 21.24 -64.54 60.02
CA ALA A 261 20.83 -65.41 58.92
C ALA A 261 20.02 -66.60 59.43
N LYS A 262 20.38 -67.14 60.59
CA LYS A 262 19.73 -68.35 61.10
C LYS A 262 18.28 -68.12 61.51
N SER A 263 17.86 -66.87 61.74
CA SER A 263 16.51 -66.59 62.18
C SER A 263 15.56 -66.31 61.03
N LEU A 264 15.96 -66.63 59.80
CA LEU A 264 15.09 -66.67 58.63
C LEU A 264 14.82 -65.29 58.01
N GLN A 265 15.25 -64.21 58.65
CA GLN A 265 15.05 -62.89 58.06
C GLN A 265 16.28 -62.48 57.27
N LEU A 266 16.06 -61.92 56.09
CA LEU A 266 17.14 -61.44 55.25
C LEU A 266 17.77 -60.19 55.88
N VAL A 267 19.07 -60.03 55.69
CA VAL A 267 19.83 -58.94 56.30
C VAL A 267 20.64 -58.24 55.22
N VAL A 268 21.02 -56.99 55.51
CA VAL A 268 21.87 -56.20 54.62
C VAL A 268 23.08 -55.73 55.43
N LEU A 269 24.09 -55.24 54.71
CA LEU A 269 25.32 -54.74 55.32
C LEU A 269 25.59 -53.33 54.83
N ASP A 270 25.61 -52.38 55.77
CA ASP A 270 25.97 -50.99 55.48
C ASP A 270 27.45 -50.73 55.74
N ALA A 271 28.32 -51.53 55.13
CA ALA A 271 29.75 -51.36 55.33
C ALA A 271 30.25 -50.13 54.59
N ASP A 272 30.92 -49.23 55.31
CA ASP A 272 31.35 -47.95 54.78
C ASP A 272 32.79 -47.97 54.28
N THR A 273 33.45 -49.13 54.30
CA THR A 273 34.86 -49.22 53.92
C THR A 273 35.10 -50.01 52.65
N ILE A 274 34.37 -51.11 52.44
CA ILE A 274 34.59 -51.95 51.26
C ILE A 274 34.00 -51.28 50.03
N ASN A 275 34.80 -51.19 48.97
CA ASN A 275 34.39 -50.51 47.74
C ASN A 275 34.60 -51.35 46.49
N HIS A 276 35.11 -52.58 46.62
CA HIS A 276 35.41 -53.43 45.48
C HIS A 276 34.89 -54.84 45.72
N PRO A 277 34.50 -55.56 44.66
CA PRO A 277 34.04 -56.95 44.87
C PRO A 277 35.10 -57.86 45.45
N ALA A 278 36.35 -57.73 45.01
CA ALA A 278 37.41 -58.60 45.49
C ALA A 278 37.80 -58.32 46.93
N GLN A 279 37.44 -57.14 47.45
CA GLN A 279 37.75 -56.82 48.85
C GLN A 279 36.96 -57.70 49.81
N LEU A 280 35.77 -58.14 49.40
CA LEU A 280 34.91 -59.01 50.23
C LEU A 280 34.36 -60.16 49.40
N ALA A 281 35.24 -60.81 48.63
CA ALA A 281 34.85 -61.96 47.83
C ALA A 281 35.44 -63.27 48.33
N LYS A 282 36.69 -63.26 48.80
CA LYS A 282 37.33 -64.46 49.30
C LYS A 282 36.93 -64.78 50.74
N THR A 283 36.29 -63.85 51.44
CA THR A 283 35.89 -64.05 52.82
C THR A 283 34.80 -65.12 52.91
N SER A 284 34.47 -65.51 54.14
CA SER A 284 33.46 -66.51 54.39
C SER A 284 32.05 -65.97 54.26
N LEU A 285 31.89 -64.65 54.11
CA LEU A 285 30.57 -64.07 53.94
C LEU A 285 29.95 -64.48 52.61
N ALA A 286 30.68 -64.32 51.52
CA ALA A 286 30.21 -64.62 50.17
C ALA A 286 28.83 -64.02 49.90
N PRO A 287 28.68 -62.71 50.04
CA PRO A 287 27.35 -62.10 50.04
C PRO A 287 26.86 -61.74 48.64
N ILE A 288 25.60 -61.30 48.60
CA ILE A 288 25.02 -60.76 47.36
C ILE A 288 25.53 -59.34 47.16
N ILE A 289 26.04 -59.07 45.96
CA ILE A 289 26.66 -57.78 45.62
C ILE A 289 25.73 -57.05 44.67
N VAL A 290 25.35 -55.82 45.03
CA VAL A 290 24.49 -54.96 44.23
C VAL A 290 25.32 -53.80 43.72
N PHE A 291 25.16 -53.46 42.45
CA PHE A 291 25.90 -52.39 41.81
C PHE A 291 24.96 -51.24 41.47
N VAL A 292 25.26 -50.05 41.97
CA VAL A 292 24.66 -48.81 41.49
C VAL A 292 25.74 -48.04 40.74
N LYS A 293 25.47 -47.75 39.46
CA LYS A 293 26.45 -47.07 38.62
C LYS A 293 25.74 -46.08 37.69
N VAL A 294 26.46 -45.01 37.37
CA VAL A 294 26.02 -44.08 36.34
C VAL A 294 26.50 -44.58 34.99
N SER A 295 25.75 -44.26 33.94
CA SER A 295 26.08 -44.78 32.60
C SER A 295 27.44 -44.27 32.13
N SER A 296 27.74 -43.00 32.36
CA SER A 296 28.98 -42.40 31.90
C SER A 296 29.58 -41.55 33.00
N PRO A 297 30.92 -41.46 33.05
CA PRO A 297 31.56 -40.54 34.00
C PRO A 297 31.23 -39.09 33.74
N LYS A 298 30.82 -38.74 32.52
CA LYS A 298 30.42 -37.36 32.24
C LYS A 298 29.20 -36.97 33.08
N VAL A 299 28.27 -37.90 33.27
CA VAL A 299 27.12 -37.65 34.12
C VAL A 299 27.55 -37.54 35.58
N LEU A 300 28.46 -38.41 36.02
CA LEU A 300 28.83 -38.45 37.43
C LEU A 300 29.49 -37.14 37.86
N GLN A 301 30.38 -36.59 37.03
CA GLN A 301 31.13 -35.41 37.42
C GLN A 301 30.20 -34.21 37.62
N ARG A 302 29.19 -34.08 36.77
CA ARG A 302 28.23 -32.98 36.96
C ARG A 302 27.27 -33.27 38.11
N LEU A 303 26.94 -34.54 38.34
CA LEU A 303 26.13 -34.89 39.49
C LEU A 303 26.83 -34.54 40.79
N ILE A 304 28.15 -34.78 40.84
CA ILE A 304 28.95 -34.36 41.99
C ILE A 304 28.90 -32.85 42.14
N ARG A 305 28.93 -32.13 41.02
CA ARG A 305 28.89 -30.67 41.05
C ARG A 305 27.58 -30.15 41.61
N SER A 306 26.51 -30.94 41.50
CA SER A 306 25.19 -30.50 41.98
C SER A 306 25.12 -30.42 43.49
N ARG A 307 26.08 -30.97 44.22
CA ARG A 307 26.05 -30.91 45.68
C ARG A 307 26.50 -29.55 46.19
N GLY A 308 27.64 -29.07 45.74
CA GLY A 308 28.16 -27.80 46.17
C GLY A 308 29.68 -27.81 46.14
N LYS A 309 30.25 -26.74 46.69
CA LYS A 309 31.70 -26.58 46.71
C LYS A 309 32.40 -27.61 47.60
N SER A 310 31.67 -28.20 48.55
CA SER A 310 32.30 -29.12 49.50
C SER A 310 32.88 -30.34 48.79
N GLN A 311 32.16 -30.89 47.82
CA GLN A 311 32.62 -32.07 47.10
C GLN A 311 33.67 -31.76 46.04
N MET A 312 33.92 -30.47 45.77
CA MET A 312 34.95 -30.12 44.78
C MET A 312 36.34 -30.45 45.27
N LYS A 313 36.55 -30.41 46.59
CA LYS A 313 37.86 -30.76 47.15
C LYS A 313 38.18 -32.24 46.92
N HIS A 314 37.17 -33.10 47.04
CA HIS A 314 37.35 -34.54 46.91
C HIS A 314 36.90 -35.06 45.55
N LEU A 315 36.67 -34.19 44.58
CA LEU A 315 36.24 -34.63 43.26
C LEU A 315 37.31 -35.45 42.56
N THR A 316 38.58 -35.09 42.76
CA THR A 316 39.67 -35.80 42.09
C THR A 316 39.72 -37.26 42.52
N VAL A 317 39.75 -37.51 43.83
CA VAL A 317 39.76 -38.88 44.33
C VAL A 317 38.44 -39.58 44.06
N GLN A 318 37.37 -38.81 43.78
CA GLN A 318 36.06 -39.36 43.48
C GLN A 318 35.99 -40.04 42.13
N MET A 319 36.87 -39.71 41.20
CA MET A 319 36.80 -40.20 39.83
C MET A 319 37.64 -41.44 39.59
N MET A 320 38.88 -41.47 40.10
CA MET A 320 39.68 -42.69 40.00
C MET A 320 39.03 -43.83 40.76
N ALA A 321 38.23 -43.52 41.78
CA ALA A 321 37.51 -44.55 42.51
C ALA A 321 36.30 -45.07 41.76
N TYR A 322 35.90 -44.38 40.68
CA TYR A 322 34.74 -44.81 39.91
C TYR A 322 35.14 -45.78 38.81
N ASP A 323 36.06 -45.36 37.92
CA ASP A 323 36.42 -46.18 36.78
C ASP A 323 37.10 -47.48 37.19
N LYS A 324 37.68 -47.52 38.38
CA LYS A 324 38.24 -48.78 38.88
C LYS A 324 37.17 -49.85 39.04
N LEU A 325 36.01 -49.47 39.56
CA LEU A 325 34.91 -50.42 39.71
C LEU A 325 34.34 -50.84 38.36
N VAL A 326 34.32 -49.92 37.39
CA VAL A 326 33.86 -50.27 36.05
C VAL A 326 34.78 -51.29 35.41
N GLN A 327 36.09 -51.15 35.62
CA GLN A 327 37.05 -52.08 35.03
C GLN A 327 36.93 -53.49 35.61
N CYS A 328 36.29 -53.64 36.77
CA CYS A 328 36.03 -54.96 37.29
C CYS A 328 35.03 -55.68 36.39
N PRO A 329 35.20 -56.98 36.16
CA PRO A 329 34.28 -57.72 35.29
C PRO A 329 32.87 -57.72 35.83
N PRO A 330 31.87 -57.61 34.97
CA PRO A 330 30.47 -57.67 35.44
C PRO A 330 30.11 -58.98 36.12
N GLU A 331 30.72 -60.10 35.68
CA GLU A 331 30.36 -61.41 36.24
C GLU A 331 30.65 -61.51 37.72
N SER A 332 31.58 -60.69 38.24
CA SER A 332 31.84 -60.68 39.68
C SER A 332 30.63 -60.16 40.44
N PHE A 333 29.95 -59.15 39.92
CA PHE A 333 28.74 -58.62 40.57
C PHE A 333 27.57 -59.58 40.42
N ASP A 334 26.65 -59.53 41.38
CA ASP A 334 25.48 -60.38 41.35
C ASP A 334 24.36 -59.73 40.53
N VAL A 335 24.00 -58.49 40.86
CA VAL A 335 23.00 -57.74 40.13
C VAL A 335 23.58 -56.39 39.75
N ILE A 336 23.08 -55.85 38.63
CA ILE A 336 23.56 -54.59 38.09
C ILE A 336 22.39 -53.64 37.95
N LEU A 337 22.52 -52.44 38.49
CA LEU A 337 21.54 -51.36 38.32
C LEU A 337 22.21 -50.32 37.42
N ASP A 338 22.08 -50.51 36.11
CA ASP A 338 22.76 -49.69 35.13
C ASP A 338 21.88 -48.58 34.56
N GLU A 339 20.63 -48.47 35.01
CA GLU A 339 19.69 -47.50 34.48
C GLU A 339 19.59 -46.29 35.40
N ASN A 340 18.63 -45.43 35.06
CA ASN A 340 18.62 -44.05 35.52
C ASN A 340 17.48 -43.71 36.47
N GLN A 341 16.24 -44.09 36.14
CA GLN A 341 15.10 -43.62 36.91
C GLN A 341 15.03 -44.29 38.28
N LEU A 342 14.37 -43.63 39.22
CA LEU A 342 14.23 -44.18 40.56
C LEU A 342 13.32 -45.39 40.58
N GLU A 343 12.16 -45.30 39.93
CA GLU A 343 11.12 -46.31 40.11
C GLU A 343 11.49 -47.63 39.45
N ASP A 344 12.00 -47.59 38.23
CA ASP A 344 12.37 -48.84 37.55
C ASP A 344 13.55 -49.50 38.24
N ALA A 345 14.53 -48.71 38.69
CA ALA A 345 15.61 -49.25 39.50
C ALA A 345 15.09 -49.74 40.85
N CYS A 346 14.04 -49.11 41.36
CA CYS A 346 13.42 -49.56 42.59
C CYS A 346 12.84 -50.96 42.44
N GLU A 347 12.13 -51.22 41.34
CA GLU A 347 11.51 -52.53 41.16
C GLU A 347 12.54 -53.59 40.76
N HIS A 348 13.70 -53.17 40.24
CA HIS A 348 14.69 -54.13 39.79
C HIS A 348 15.20 -54.97 40.96
N LEU A 349 15.48 -54.34 42.09
CA LEU A 349 15.91 -55.08 43.28
C LEU A 349 14.74 -55.77 43.96
N ALA A 350 13.53 -55.24 43.79
CA ALA A 350 12.36 -55.83 44.44
C ALA A 350 12.09 -57.24 43.91
N GLU A 351 12.07 -57.39 42.59
CA GLU A 351 11.78 -58.70 42.01
C GLU A 351 12.95 -59.67 42.18
N TYR A 352 14.18 -59.17 42.30
CA TYR A 352 15.33 -60.05 42.41
C TYR A 352 15.31 -60.82 43.72
N LEU A 353 15.11 -60.13 44.85
CA LEU A 353 15.02 -60.82 46.13
C LEU A 353 13.68 -61.53 46.29
N GLU A 354 12.67 -61.13 45.52
CA GLU A 354 11.42 -61.89 45.47
C GLU A 354 11.67 -63.30 44.95
N VAL A 355 12.57 -63.43 43.97
CA VAL A 355 13.03 -64.75 43.56
C VAL A 355 13.71 -65.44 44.73
N TYR A 356 14.58 -64.71 45.43
CA TYR A 356 15.32 -65.27 46.56
C TYR A 356 14.39 -65.74 47.67
N TRP A 357 13.21 -65.12 47.81
CA TRP A 357 12.27 -65.52 48.84
C TRP A 357 11.43 -66.72 48.39
N ARG A 358 10.94 -66.70 47.14
CA ARG A 358 10.33 -67.89 46.55
C ARG A 358 11.31 -69.06 46.50
N ALA A 359 12.58 -68.79 46.22
CA ALA A 359 13.54 -69.87 46.02
C ALA A 359 13.79 -70.66 47.29
N THR A 360 13.93 -69.95 48.42
CA THR A 360 14.26 -70.58 49.70
C THR A 360 13.02 -70.84 50.55
N HIS A 361 11.88 -71.08 49.92
CA HIS A 361 10.64 -71.33 50.66
C HIS A 361 9.77 -72.35 49.94
N CYS B 1 -8.32 12.38 3.76
CA CYS B 1 -9.33 11.40 3.37
C CYS B 1 -10.10 11.90 2.15
N LYS B 2 -9.56 11.66 0.96
CA LYS B 2 -10.20 12.13 -0.26
C LYS B 2 -11.56 11.46 -0.45
N GLY B 3 -12.51 12.23 -0.96
CA GLY B 3 -13.85 11.72 -1.20
C GLY B 3 -13.92 10.82 -2.41
N LYS B 4 -15.08 10.16 -2.54
CA LYS B 4 -15.32 9.25 -3.63
C LYS B 4 -15.46 9.90 -4.95
N GLY B 5 -14.75 9.41 -5.95
CA GLY B 5 -14.77 10.07 -7.23
C GLY B 5 -13.69 11.12 -7.43
N ALA B 6 -12.93 11.45 -6.41
CA ALA B 6 -11.82 12.39 -6.55
C ALA B 6 -10.60 11.68 -7.15
N PRO B 7 -9.79 12.38 -7.93
CA PRO B 7 -8.56 11.78 -8.43
C PRO B 7 -7.67 11.29 -7.30
N CYS B 8 -7.10 10.12 -7.48
CA CYS B 8 -6.35 9.45 -6.42
C CYS B 8 -5.09 8.81 -6.99
N ARG B 9 -4.11 8.59 -6.09
CA ARG B 9 -2.87 7.90 -6.43
C ARG B 9 -2.82 6.78 -5.41
N LYS B 10 -2.53 5.54 -5.76
CA LYS B 10 -2.66 4.40 -4.87
C LYS B 10 -1.67 4.46 -3.72
N THR B 11 -0.46 4.96 -3.98
CA THR B 11 0.56 5.01 -2.94
C THR B 11 0.15 5.93 -1.79
N MET B 12 -0.79 6.87 -2.05
CA MET B 12 -1.22 7.78 -0.99
C MET B 12 -1.91 7.03 0.15
N TYR B 13 -2.74 6.04 -0.18
CA TYR B 13 -3.54 5.30 0.79
C TYR B 13 -4.49 6.18 1.57
N ASP B 14 -4.79 7.38 1.05
CA ASP B 14 -5.61 8.33 1.80
C ASP B 14 -7.09 8.14 1.51
N CYS B 15 -7.43 7.32 0.51
CA CYS B 15 -8.81 7.14 0.09
C CYS B 15 -9.68 6.68 1.26
N CYS B 16 -10.87 7.28 1.37
CA CYS B 16 -11.73 7.03 2.52
C CYS B 16 -12.21 5.58 2.57
N SER B 17 -12.77 5.11 1.47
CA SER B 17 -13.23 3.74 1.41
C SER B 17 -12.52 2.93 0.39
N GLY B 18 -12.11 1.73 0.77
CA GLY B 18 -11.40 0.85 -0.15
C GLY B 18 -10.02 1.42 -0.47
N SER B 19 -9.71 1.48 -1.76
CA SER B 19 -8.41 1.95 -2.22
C SER B 19 -8.60 2.66 -3.55
N CYS B 20 -7.50 3.19 -4.07
CA CYS B 20 -7.55 3.95 -5.32
C CYS B 20 -7.81 3.01 -6.48
N GLY B 21 -8.86 3.30 -7.25
CA GLY B 21 -9.34 2.33 -8.22
C GLY B 21 -8.47 2.26 -9.46
N ARG B 22 -8.83 1.37 -10.37
CA ARG B 22 -8.06 1.21 -11.60
C ARG B 22 -8.11 2.47 -12.38
N ARG B 23 -9.26 3.10 -12.47
CA ARG B 23 -9.34 4.24 -13.34
C ARG B 23 -8.70 5.46 -12.76
N GLY B 24 -8.22 5.35 -11.53
CA GLY B 24 -7.57 6.48 -10.90
C GLY B 24 -8.47 7.31 -10.03
N LYS B 25 -9.62 6.80 -9.65
CA LYS B 25 -10.53 7.55 -8.83
C LYS B 25 -10.98 6.65 -7.71
N CYS B 26 -11.34 7.21 -6.58
CA CYS B 26 -11.82 6.45 -5.44
C CYS B 26 -13.17 5.83 -5.72
N PRO C 26 -4.40 70.01 -65.34
CA PRO C 26 -3.65 69.24 -64.34
C PRO C 26 -4.53 68.79 -63.17
N PHE C 27 -4.68 69.66 -62.19
CA PHE C 27 -5.46 69.40 -60.99
C PHE C 27 -6.36 70.61 -60.75
N PRO C 28 -7.58 70.40 -60.28
CA PRO C 28 -8.52 71.52 -60.11
C PRO C 28 -7.96 72.61 -59.20
N SER C 29 -8.22 73.85 -59.57
CA SER C 29 -7.63 74.98 -58.88
C SER C 29 -8.34 75.24 -57.55
N ALA C 30 -7.69 76.05 -56.72
CA ALA C 30 -8.25 76.40 -55.42
C ALA C 30 -9.56 77.15 -55.57
N VAL C 31 -9.66 78.04 -56.55
CA VAL C 31 -10.90 78.76 -56.78
C VAL C 31 -12.00 77.81 -57.27
N THR C 32 -11.65 76.83 -58.10
CA THR C 32 -12.63 75.84 -58.53
C THR C 32 -13.15 75.04 -57.35
N ILE C 33 -12.26 74.63 -56.44
CA ILE C 33 -12.68 73.89 -55.26
C ILE C 33 -13.55 74.76 -54.37
N LYS C 34 -13.16 76.02 -54.18
CA LYS C 34 -13.92 76.92 -53.33
C LYS C 34 -15.28 77.28 -53.92
N SER C 35 -15.45 77.17 -55.23
CA SER C 35 -16.77 77.35 -55.82
C SER C 35 -17.60 76.07 -55.72
N TRP C 36 -16.97 74.92 -55.95
CA TRP C 36 -17.68 73.65 -55.92
C TRP C 36 -18.20 73.35 -54.51
N VAL C 37 -17.32 73.49 -53.52
CA VAL C 37 -17.71 73.27 -52.13
C VAL C 37 -18.74 74.30 -51.70
N ASP C 38 -18.60 75.54 -52.17
CA ASP C 38 -19.58 76.57 -51.83
C ASP C 38 -20.96 76.21 -52.36
N LYS C 39 -21.04 75.71 -53.60
CA LYS C 39 -22.32 75.32 -54.15
C LYS C 39 -22.92 74.14 -53.39
N MET C 40 -22.10 73.13 -53.10
CA MET C 40 -22.61 71.99 -52.32
C MET C 40 -23.09 72.44 -50.94
N GLN C 41 -22.33 73.31 -50.29
CA GLN C 41 -22.76 73.91 -49.04
C GLN C 41 -24.12 74.56 -49.20
N GLU C 42 -24.21 75.58 -50.05
CA GLU C 42 -25.47 76.28 -50.29
C GLU C 42 -26.64 75.32 -50.47
N ASP C 43 -26.46 74.30 -51.30
CA ASP C 43 -27.56 73.36 -51.54
C ASP C 43 -27.97 72.64 -50.26
N LEU C 44 -27.01 72.03 -49.57
CA LEU C 44 -27.35 71.25 -48.38
C LEU C 44 -27.92 72.12 -47.27
N VAL C 45 -27.30 73.28 -47.03
CA VAL C 45 -27.76 74.19 -45.97
C VAL C 45 -29.14 74.72 -46.28
N THR C 46 -29.39 75.13 -47.53
CA THR C 46 -30.72 75.63 -47.88
C THR C 46 -31.77 74.54 -47.75
N LEU C 47 -31.46 73.32 -48.19
CA LEU C 47 -32.42 72.23 -48.06
C LEU C 47 -32.73 71.95 -46.60
N ALA C 48 -31.70 71.91 -45.75
CA ALA C 48 -31.91 71.62 -44.34
C ALA C 48 -32.69 72.74 -43.65
N LYS C 49 -32.42 73.99 -44.00
CA LYS C 49 -33.08 75.11 -43.33
C LYS C 49 -34.53 75.26 -43.78
N THR C 50 -34.79 75.09 -45.08
CA THR C 50 -36.12 75.30 -45.62
C THR C 50 -36.96 74.02 -45.64
N ALA C 51 -36.39 72.90 -45.21
CA ALA C 51 -37.15 71.65 -45.08
C ALA C 51 -37.45 71.30 -43.64
N SER C 52 -36.47 71.48 -42.75
CA SER C 52 -36.68 71.17 -41.34
C SER C 52 -37.42 72.29 -40.61
N GLY C 53 -37.45 73.49 -41.18
CA GLY C 53 -38.19 74.60 -40.60
C GLY C 53 -37.69 75.07 -39.25
N VAL C 54 -36.39 75.32 -39.13
CA VAL C 54 -35.83 75.80 -37.87
C VAL C 54 -36.44 77.14 -37.50
N ASN C 55 -36.44 78.09 -38.45
CA ASN C 55 -36.95 79.42 -38.17
C ASN C 55 -38.44 79.38 -37.83
N GLN C 56 -39.19 78.51 -38.51
CA GLN C 56 -40.61 78.39 -38.22
C GLN C 56 -40.85 77.93 -36.78
N LEU C 57 -40.12 76.91 -36.33
CA LEU C 57 -40.28 76.44 -34.96
C LEU C 57 -39.84 77.50 -33.95
N VAL C 58 -38.76 78.23 -34.25
CA VAL C 58 -38.34 79.32 -33.38
C VAL C 58 -39.47 80.32 -33.23
N ASP C 59 -40.04 80.76 -34.35
CA ASP C 59 -41.11 81.75 -34.32
C ASP C 59 -42.33 81.22 -33.56
N ILE C 60 -42.62 79.93 -33.72
CA ILE C 60 -43.71 79.33 -32.96
C ILE C 60 -43.45 79.45 -31.46
N TYR C 61 -42.22 79.13 -31.04
CA TYR C 61 -41.89 79.22 -29.62
C TYR C 61 -42.02 80.65 -29.10
N GLU C 62 -41.56 81.65 -29.86
CA GLU C 62 -41.74 83.01 -29.36
C GLU C 62 -43.21 83.40 -29.32
N LYS C 63 -43.96 83.09 -30.37
CA LYS C 63 -45.30 83.64 -30.50
C LYS C 63 -46.35 82.84 -29.72
N TYR C 64 -45.98 81.70 -29.16
CA TYR C 64 -46.79 81.04 -28.13
C TYR C 64 -46.26 81.29 -26.72
N GLN C 65 -45.78 82.50 -26.45
CA GLN C 65 -45.40 82.88 -25.10
C GLN C 65 -46.66 82.98 -24.22
N ASP C 66 -46.43 83.30 -22.94
CA ASP C 66 -47.48 83.44 -21.92
C ASP C 66 -48.04 82.09 -21.50
N LEU C 67 -47.63 81.02 -22.17
CA LEU C 67 -47.95 79.67 -21.74
C LEU C 67 -46.83 79.06 -20.91
N TYR C 68 -45.76 79.81 -20.66
CA TYR C 68 -44.63 79.30 -19.91
C TYR C 68 -43.83 80.47 -19.35
N THR C 69 -42.98 80.16 -18.37
CA THR C 69 -42.11 81.16 -17.77
C THR C 69 -40.69 80.61 -17.70
N VAL C 70 -39.72 81.51 -17.75
CA VAL C 70 -38.31 81.16 -17.71
C VAL C 70 -37.84 81.26 -16.27
N GLU C 71 -37.13 80.22 -15.81
CA GLU C 71 -36.63 80.21 -14.45
C GLU C 71 -35.13 79.95 -14.42
N PRO C 72 -34.42 80.54 -13.46
CA PRO C 72 -32.97 80.34 -13.39
C PRO C 72 -32.61 78.95 -12.87
N ASN C 73 -31.38 78.55 -13.15
CA ASN C 73 -30.76 77.35 -12.59
C ASN C 73 -29.60 77.83 -11.72
N ASN C 74 -29.89 78.15 -10.48
CA ASN C 74 -28.87 78.61 -9.54
C ASN C 74 -28.10 77.39 -9.06
N ALA C 75 -26.95 77.14 -9.69
CA ALA C 75 -26.17 75.95 -9.36
C ALA C 75 -25.74 75.96 -7.90
N ARG C 76 -25.36 77.13 -7.39
CA ARG C 76 -24.97 77.26 -5.99
C ARG C 76 -26.10 76.88 -5.03
N GLN C 77 -27.35 76.91 -5.50
CA GLN C 77 -28.47 76.48 -4.68
C GLN C 77 -28.86 75.03 -4.95
N LEU C 78 -28.82 74.62 -6.22
CA LEU C 78 -29.19 73.24 -6.55
C LEU C 78 -28.24 72.24 -5.91
N VAL C 79 -26.94 72.51 -5.98
CA VAL C 79 -25.99 71.56 -5.42
C VAL C 79 -26.11 71.51 -3.90
N GLU C 80 -26.38 72.65 -3.24
CA GLU C 80 -26.61 72.67 -1.81
C GLU C 80 -27.87 71.89 -1.41
N ILE C 81 -28.96 72.05 -2.17
CA ILE C 81 -30.19 71.33 -1.86
C ILE C 81 -29.98 69.83 -2.01
N ALA C 82 -29.32 69.42 -3.09
CA ALA C 82 -29.06 68.00 -3.29
C ALA C 82 -28.13 67.44 -2.22
N ALA C 83 -27.13 68.22 -1.82
CA ALA C 83 -26.23 67.76 -0.76
C ALA C 83 -26.95 67.59 0.56
N ARG C 84 -27.84 68.53 0.91
CA ARG C 84 -28.61 68.39 2.13
C ARG C 84 -29.54 67.18 2.06
N ASP C 85 -30.13 66.93 0.89
CA ASP C 85 -31.00 65.76 0.76
C ASP C 85 -30.22 64.48 0.96
N ILE C 86 -29.02 64.38 0.37
CA ILE C 86 -28.20 63.19 0.54
C ILE C 86 -27.78 63.02 1.99
N GLU C 87 -27.43 64.13 2.66
CA GLU C 87 -27.08 64.04 4.07
C GLU C 87 -28.25 63.55 4.91
N LYS C 88 -29.46 64.04 4.62
CA LYS C 88 -30.63 63.57 5.37
C LYS C 88 -30.87 62.08 5.13
N LEU C 89 -30.72 61.62 3.89
CA LEU C 89 -30.88 60.20 3.61
C LEU C 89 -29.88 59.37 4.39
N LEU C 90 -28.61 59.80 4.41
CA LEU C 90 -27.59 59.04 5.12
C LEU C 90 -27.78 59.09 6.62
N SER C 91 -28.26 60.21 7.17
CA SER C 91 -28.56 60.26 8.60
C SER C 91 -29.72 59.36 8.97
N ASN C 92 -30.75 59.30 8.12
CA ASN C 92 -31.83 58.35 8.33
C ASN C 92 -31.31 56.93 8.35
N ARG C 93 -30.44 56.57 7.39
CA ARG C 93 -29.91 55.22 7.35
C ARG C 93 -28.91 54.95 8.47
N SER C 94 -28.36 56.00 9.08
CA SER C 94 -27.43 55.83 10.19
C SER C 94 -28.12 55.64 11.53
N LYS C 95 -29.25 56.33 11.75
CA LYS C 95 -29.98 56.17 13.00
C LYS C 95 -30.45 54.74 13.20
N ALA C 96 -30.90 54.09 12.11
CA ALA C 96 -31.31 52.70 12.20
C ALA C 96 -30.15 51.81 12.64
N LEU C 97 -28.97 52.03 12.06
CA LEU C 97 -27.79 51.26 12.48
C LEU C 97 -27.48 51.48 13.95
N VAL C 98 -27.56 52.73 14.41
CA VAL C 98 -27.22 53.03 15.79
C VAL C 98 -28.16 52.30 16.74
N ARG C 99 -29.47 52.43 16.51
CA ARG C 99 -30.42 51.80 17.43
C ARG C 99 -30.36 50.28 17.34
N LEU C 100 -30.12 49.74 16.14
CA LEU C 100 -29.95 48.30 16.01
C LEU C 100 -28.74 47.79 16.77
N ALA C 101 -27.62 48.51 16.70
CA ALA C 101 -26.44 48.11 17.44
C ALA C 101 -26.69 48.15 18.94
N LEU C 102 -27.36 49.21 19.42
CA LEU C 102 -27.66 49.28 20.86
C LEU C 102 -28.53 48.12 21.31
N GLU C 103 -29.58 47.81 20.55
CA GLU C 103 -30.46 46.72 20.94
C GLU C 103 -29.72 45.39 20.91
N ALA C 104 -28.91 45.16 19.88
CA ALA C 104 -28.16 43.91 19.80
C ALA C 104 -27.20 43.76 20.96
N GLU C 105 -26.50 44.84 21.32
CA GLU C 105 -25.58 44.78 22.46
C GLU C 105 -26.33 44.46 23.75
N LYS C 106 -27.48 45.11 23.97
CA LYS C 106 -28.22 44.86 25.20
C LYS C 106 -28.71 43.42 25.26
N VAL C 107 -29.27 42.92 24.16
CA VAL C 107 -29.82 41.56 24.16
C VAL C 107 -28.72 40.54 24.36
N GLN C 108 -27.57 40.74 23.71
CA GLN C 108 -26.45 39.81 23.92
C GLN C 108 -25.95 39.88 25.35
N ALA C 109 -25.99 41.06 25.97
CA ALA C 109 -25.61 41.17 27.37
C ALA C 109 -26.58 40.39 28.25
N ALA C 110 -27.85 40.33 27.88
CA ALA C 110 -28.86 39.65 28.68
C ALA C 110 -28.94 38.15 28.41
N HIS C 111 -28.18 37.62 27.46
CA HIS C 111 -28.30 36.23 27.07
C HIS C 111 -27.67 35.29 28.11
N GLN C 112 -28.12 34.04 28.09
CA GLN C 112 -27.59 32.97 28.93
C GLN C 112 -27.05 31.86 28.03
N TRP C 113 -25.88 31.34 28.38
CA TRP C 113 -25.21 30.32 27.56
C TRP C 113 -25.82 28.96 27.82
N ARG C 114 -26.93 28.68 27.14
CA ARG C 114 -27.52 27.35 27.19
C ARG C 114 -26.70 26.36 26.38
N GLU C 115 -26.56 25.14 26.88
CA GLU C 115 -25.89 24.07 26.17
C GLU C 115 -26.79 22.88 25.91
N ASP C 116 -28.10 23.01 26.17
CA ASP C 116 -29.05 21.91 25.98
C ASP C 116 -30.36 22.49 25.46
N PHE C 117 -30.76 22.06 24.27
CA PHE C 117 -31.99 22.49 23.66
C PHE C 117 -32.92 21.31 23.44
N ALA C 118 -34.22 21.56 23.53
CA ALA C 118 -35.24 20.52 23.49
C ALA C 118 -35.65 20.15 22.07
N SER C 119 -34.80 20.41 21.08
CA SER C 119 -34.95 20.09 19.66
C SER C 119 -35.98 20.96 18.96
N ASN C 120 -36.72 21.81 19.69
CA ASN C 120 -37.72 22.67 19.08
C ASN C 120 -37.73 24.08 19.67
N GLU C 121 -36.63 24.52 20.28
CA GLU C 121 -36.65 25.75 21.06
C GLU C 121 -36.29 26.99 20.26
N VAL C 122 -35.52 26.86 19.18
CA VAL C 122 -35.15 27.98 18.33
C VAL C 122 -35.93 27.89 17.03
N VAL C 123 -36.44 29.03 16.57
CA VAL C 123 -37.32 29.10 15.42
C VAL C 123 -36.78 30.15 14.46
N TYR C 124 -36.61 29.77 13.19
CA TYR C 124 -36.05 30.65 12.18
C TYR C 124 -36.38 30.08 10.79
N TYR C 125 -35.87 30.74 9.76
CA TYR C 125 -36.23 30.43 8.38
C TYR C 125 -35.12 29.73 7.61
N ASN C 126 -33.86 30.08 7.86
CA ASN C 126 -32.66 29.43 7.32
C ASN C 126 -32.45 29.79 5.84
N ALA C 127 -33.47 30.37 5.21
CA ALA C 127 -33.32 31.05 3.92
C ALA C 127 -32.63 30.25 2.84
N LYS C 128 -32.47 28.94 3.04
CA LYS C 128 -31.82 28.10 2.04
C LYS C 128 -32.49 26.75 1.86
N ASP C 129 -33.59 26.48 2.56
CA ASP C 129 -34.27 25.20 2.46
C ASP C 129 -35.29 25.22 1.33
N ASP C 130 -35.54 24.04 0.76
CA ASP C 130 -36.57 23.92 -0.26
C ASP C 130 -37.93 24.31 0.31
N LEU C 131 -38.69 25.08 -0.46
CA LEU C 131 -39.99 25.56 0.01
C LEU C 131 -41.01 24.44 0.18
N ASP C 132 -40.79 23.29 -0.47
CA ASP C 132 -41.70 22.14 -0.37
C ASP C 132 -40.89 20.89 -0.05
N PRO C 133 -40.48 20.70 1.21
CA PRO C 133 -39.80 19.46 1.59
C PRO C 133 -40.77 18.31 1.84
N GLU C 134 -41.94 18.62 2.42
CA GLU C 134 -42.94 17.63 2.82
C GLU C 134 -42.30 16.49 3.63
N LYS C 135 -41.73 16.86 4.77
CA LYS C 135 -41.10 15.89 5.66
C LYS C 135 -41.86 15.76 6.96
N GLU C 139 -32.85 21.11 13.01
CA GLU C 139 -33.45 19.82 13.34
C GLU C 139 -32.98 19.26 14.70
N PRO C 140 -31.67 19.26 14.98
CA PRO C 140 -31.23 18.87 16.33
C PRO C 140 -31.78 19.77 17.42
N GLY C 141 -31.95 21.05 17.14
CA GLY C 141 -32.49 21.96 18.14
C GLY C 141 -33.39 23.04 17.54
N SER C 142 -33.69 22.92 16.26
CA SER C 142 -34.36 23.99 15.52
C SER C 142 -35.67 23.52 14.92
N GLN C 143 -36.59 24.45 14.77
CA GLN C 143 -37.87 24.22 14.10
C GLN C 143 -37.99 25.24 12.96
N ARG C 144 -38.16 24.73 11.75
CA ARG C 144 -38.18 25.60 10.57
C ARG C 144 -39.49 26.38 10.49
N ILE C 145 -39.46 27.44 9.67
CA ILE C 145 -40.63 28.27 9.40
C ILE C 145 -41.01 28.11 7.94
N LYS C 146 -42.30 27.91 7.69
CA LYS C 146 -42.84 27.96 6.33
C LYS C 146 -43.46 29.34 6.14
N PRO C 147 -42.78 30.28 5.50
CA PRO C 147 -43.31 31.63 5.36
C PRO C 147 -44.10 31.82 4.07
N VAL C 148 -44.68 33.00 3.93
CA VAL C 148 -45.45 33.37 2.76
C VAL C 148 -44.79 34.58 2.11
N PHE C 149 -44.43 34.42 0.83
CA PHE C 149 -43.87 35.50 0.03
C PHE C 149 -44.88 35.87 -1.05
N ILE C 150 -45.20 37.16 -1.16
CA ILE C 150 -46.16 37.56 -2.17
C ILE C 150 -45.46 38.16 -3.39
N GLU C 151 -44.86 39.33 -3.24
CA GLU C 151 -44.09 40.01 -4.27
C GLU C 151 -43.68 41.36 -3.69
N ASP C 152 -42.69 42.00 -4.32
CA ASP C 152 -42.40 43.40 -4.06
C ASP C 152 -41.62 43.96 -5.23
N ALA C 153 -42.15 45.00 -5.87
CA ALA C 153 -41.44 45.65 -6.97
C ALA C 153 -40.28 46.52 -6.48
N ASN C 154 -40.23 46.83 -5.20
CA ASN C 154 -39.10 47.58 -4.66
C ASN C 154 -37.83 46.76 -4.67
N PHE C 155 -37.93 45.44 -4.53
CA PHE C 155 -36.78 44.54 -4.51
C PHE C 155 -36.64 43.71 -5.76
N GLY C 156 -37.74 43.39 -6.45
CA GLY C 156 -37.74 42.48 -7.56
C GLY C 156 -37.88 41.03 -7.18
N ARG C 157 -37.48 40.67 -5.96
CA ARG C 157 -37.59 39.32 -5.45
C ARG C 157 -38.95 39.14 -4.78
N GLN C 158 -39.13 38.01 -4.12
CA GLN C 158 -40.31 37.75 -3.28
C GLN C 158 -39.88 37.85 -1.82
N ILE C 159 -40.51 38.73 -1.07
CA ILE C 159 -40.11 39.04 0.29
C ILE C 159 -41.27 38.80 1.24
N SER C 160 -40.94 38.64 2.52
CA SER C 160 -41.91 38.56 3.60
C SER C 160 -41.49 39.48 4.73
N TYR C 161 -42.42 40.29 5.20
CA TYR C 161 -42.13 41.25 6.26
C TYR C 161 -42.42 40.70 7.65
N GLN C 162 -42.89 39.47 7.75
CA GLN C 162 -43.30 38.93 9.04
C GLN C 162 -42.11 38.53 9.91
N HIS C 163 -40.97 38.24 9.31
CA HIS C 163 -39.81 37.81 10.07
C HIS C 163 -38.56 37.99 9.21
N ALA C 164 -37.41 37.89 9.88
CA ALA C 164 -36.13 37.95 9.19
C ALA C 164 -35.66 36.55 8.81
N ALA C 165 -34.70 36.50 7.90
CA ALA C 165 -34.12 35.24 7.44
C ALA C 165 -32.72 35.09 8.00
N VAL C 166 -32.20 33.86 7.94
CA VAL C 166 -30.88 33.53 8.43
C VAL C 166 -30.12 32.79 7.34
N HIS C 167 -28.88 33.19 7.09
CA HIS C 167 -28.02 32.51 6.12
C HIS C 167 -26.84 31.90 6.87
N ILE C 168 -26.79 30.57 6.91
CA ILE C 168 -25.68 29.85 7.53
C ILE C 168 -24.88 29.20 6.41
N PRO C 169 -23.59 29.54 6.26
CA PRO C 169 -22.81 28.99 5.15
C PRO C 169 -22.73 27.47 5.19
N THR C 170 -22.59 26.87 4.02
CA THR C 170 -22.59 25.42 3.87
C THR C 170 -21.59 24.73 4.81
N ASP C 171 -20.40 25.30 4.93
CA ASP C 171 -19.35 24.67 5.74
C ASP C 171 -19.73 24.55 7.20
N ILE C 172 -20.51 25.49 7.72
CA ILE C 172 -20.82 25.56 9.15
C ILE C 172 -22.10 24.80 9.44
N TYR C 173 -22.08 23.97 10.47
CA TYR C 173 -23.25 23.21 10.87
C TYR C 173 -24.35 24.14 11.36
N GLU C 174 -25.60 23.79 11.02
CA GLU C 174 -26.75 24.61 11.36
C GLU C 174 -27.32 24.30 12.74
N GLY C 175 -26.73 23.36 13.48
CA GLY C 175 -27.28 22.96 14.75
C GLY C 175 -26.27 22.87 15.87
N SER C 176 -25.11 23.48 15.70
CA SER C 176 -24.11 23.48 16.76
C SER C 176 -24.56 24.39 17.90
N THR C 177 -23.91 24.22 19.05
CA THR C 177 -24.32 24.96 20.24
C THR C 177 -24.15 26.46 20.07
N ILE C 178 -23.03 26.89 19.50
CA ILE C 178 -22.76 28.32 19.36
C ILE C 178 -23.77 28.96 18.40
N VAL C 179 -24.13 28.26 17.34
CA VAL C 179 -25.08 28.81 16.37
C VAL C 179 -26.45 28.98 17.02
N LEU C 180 -26.91 27.98 17.76
CA LEU C 180 -28.22 28.08 18.41
C LEU C 180 -28.22 29.17 19.47
N ASN C 181 -27.13 29.28 20.23
CA ASN C 181 -27.01 30.33 21.22
C ASN C 181 -27.06 31.71 20.56
N GLU C 182 -26.46 31.86 19.38
CA GLU C 182 -26.61 33.12 18.66
C GLU C 182 -28.03 33.32 18.16
N LEU C 183 -28.69 32.24 17.74
CA LEU C 183 -30.06 32.38 17.23
C LEU C 183 -31.00 32.90 18.29
N ASN C 184 -30.78 32.52 19.51
CA ASN C 184 -31.65 33.05 20.48
C ASN C 184 -31.44 34.53 20.64
N TRP C 185 -30.26 34.98 20.94
CA TRP C 185 -30.15 36.41 21.22
C TRP C 185 -30.26 37.26 19.97
N THR C 186 -30.24 36.67 18.78
CA THR C 186 -30.47 37.45 17.57
C THR C 186 -31.93 37.41 17.13
N SER C 187 -32.75 36.56 17.74
CA SER C 187 -34.19 36.61 17.47
C SER C 187 -34.78 37.93 17.93
N ALA C 188 -34.16 38.58 18.91
CA ALA C 188 -34.70 39.84 19.43
C ALA C 188 -34.58 40.98 18.43
N LEU C 189 -33.63 40.88 17.48
CA LEU C 189 -33.42 41.95 16.52
C LEU C 189 -34.57 42.09 15.53
N ASP C 190 -35.48 41.11 15.47
CA ASP C 190 -36.55 41.16 14.48
C ASP C 190 -37.50 42.32 14.74
N GLU C 191 -37.80 42.59 16.01
CA GLU C 191 -38.71 43.68 16.33
C GLU C 191 -38.12 45.03 15.91
N VAL C 192 -36.82 45.23 16.15
CA VAL C 192 -36.18 46.47 15.72
C VAL C 192 -36.11 46.54 14.21
N PHE C 193 -35.88 45.41 13.55
CA PHE C 193 -35.91 45.38 12.09
C PHE C 193 -37.26 45.87 11.58
N LYS C 194 -38.34 45.39 12.19
CA LYS C 194 -39.68 45.84 11.79
C LYS C 194 -39.87 47.32 12.10
N LYS C 195 -39.40 47.77 13.27
CA LYS C 195 -39.64 49.14 13.69
C LYS C 195 -38.95 50.14 12.76
N ASN C 196 -37.71 49.84 12.37
CA ASN C 196 -36.98 50.74 11.47
C ASN C 196 -37.67 50.85 10.12
N ARG C 197 -38.17 49.74 9.59
CA ARG C 197 -38.92 49.79 8.34
C ARG C 197 -40.21 50.57 8.52
N GLU C 198 -40.86 50.45 9.69
CA GLU C 198 -42.06 51.23 9.94
C GLU C 198 -41.77 52.72 9.96
N GLU C 199 -40.64 53.13 10.54
CA GLU C 199 -40.30 54.54 10.55
C GLU C 199 -40.00 55.05 9.14
N ASP C 200 -39.13 54.35 8.41
CA ASP C 200 -38.74 54.71 7.05
C ASP C 200 -39.02 53.53 6.13
N PRO C 201 -40.13 53.57 5.38
CA PRO C 201 -40.50 52.43 4.53
C PRO C 201 -39.49 52.13 3.42
N SER C 202 -38.60 53.08 3.12
CA SER C 202 -37.69 52.92 1.99
C SER C 202 -36.49 52.03 2.30
N LEU C 203 -36.31 51.55 3.52
CA LEU C 203 -35.19 50.67 3.84
C LEU C 203 -35.20 49.42 2.96
N LEU C 204 -34.05 49.14 2.34
CA LEU C 204 -33.92 47.94 1.50
C LEU C 204 -33.54 46.71 2.33
N TRP C 205 -32.33 46.73 2.89
CA TRP C 205 -31.81 45.58 3.62
C TRP C 205 -31.27 46.04 4.97
N GLN C 206 -31.36 45.15 5.95
CA GLN C 206 -30.82 45.38 7.29
C GLN C 206 -30.15 44.09 7.72
N VAL C 207 -28.86 43.98 7.46
CA VAL C 207 -28.11 42.74 7.68
C VAL C 207 -27.34 42.85 8.98
N PHE C 208 -27.22 41.73 9.68
CA PHE C 208 -26.36 41.62 10.87
C PHE C 208 -25.40 40.46 10.64
N GLY C 209 -24.19 40.78 10.19
CA GLY C 209 -23.15 39.75 10.13
C GLY C 209 -22.69 39.38 11.53
N SER C 210 -22.41 38.10 11.72
CA SER C 210 -21.98 37.59 13.02
C SER C 210 -20.57 37.04 12.93
N ALA C 211 -19.85 37.11 14.05
CA ALA C 211 -18.50 36.57 14.10
C ALA C 211 -18.46 35.06 13.91
N THR C 212 -19.59 34.38 14.05
CA THR C 212 -19.64 32.93 13.85
C THR C 212 -19.97 32.53 12.42
N GLY C 213 -20.51 33.45 11.61
CA GLY C 213 -20.70 33.16 10.21
C GLY C 213 -22.11 33.35 9.68
N LEU C 214 -23.10 33.37 10.57
CA LEU C 214 -24.47 33.53 10.14
C LEU C 214 -24.83 35.00 9.98
N ALA C 215 -25.81 35.27 9.13
CA ALA C 215 -26.27 36.62 8.86
C ALA C 215 -27.79 36.66 8.90
N ARG C 216 -28.34 37.74 9.44
CA ARG C 216 -29.78 37.93 9.54
C ARG C 216 -30.16 39.22 8.85
N TYR C 217 -30.94 39.13 7.76
CA TYR C 217 -31.44 40.28 7.03
C TYR C 217 -32.95 40.31 7.16
N TYR C 218 -33.52 41.52 7.27
CA TYR C 218 -34.92 41.62 7.68
C TYR C 218 -35.89 41.11 6.63
N PRO C 219 -35.95 41.68 5.41
CA PRO C 219 -36.94 41.17 4.45
C PRO C 219 -36.63 39.74 4.07
N ALA C 220 -37.46 38.81 4.52
CA ALA C 220 -37.18 37.40 4.37
C ALA C 220 -37.31 37.01 2.91
N SER C 221 -36.18 36.71 2.27
CA SER C 221 -36.17 36.25 0.90
C SER C 221 -35.28 35.02 0.79
N PRO C 222 -35.61 34.09 -0.09
CA PRO C 222 -34.73 32.93 -0.28
C PRO C 222 -33.38 33.35 -0.82
N TRP C 223 -32.36 32.56 -0.53
CA TRP C 223 -31.03 32.86 -1.03
C TRP C 223 -31.01 32.73 -2.55
N VAL C 224 -29.90 33.16 -3.15
CA VAL C 224 -29.80 33.23 -4.60
C VAL C 224 -29.99 31.84 -5.20
N ASP C 225 -30.47 31.82 -6.45
CA ASP C 225 -30.75 30.57 -7.14
C ASP C 225 -29.47 30.01 -7.76
N ASN C 231 -23.13 23.82 -9.77
CA ASN C 231 -22.86 25.23 -10.01
C ASN C 231 -23.58 26.10 -9.00
N LYS C 232 -24.47 25.49 -8.23
CA LYS C 232 -25.29 26.18 -7.25
C LYS C 232 -24.71 26.09 -5.83
N ILE C 233 -23.48 25.60 -5.69
CA ILE C 233 -22.85 25.50 -4.38
C ILE C 233 -22.63 26.91 -3.85
N ASP C 234 -23.14 27.19 -2.66
CA ASP C 234 -23.07 28.53 -2.09
C ASP C 234 -21.76 28.69 -1.31
N LEU C 235 -20.89 29.57 -1.81
CA LEU C 235 -19.62 29.87 -1.17
C LEU C 235 -19.66 31.16 -0.36
N TYR C 236 -20.86 31.70 -0.14
CA TYR C 236 -20.99 32.98 0.55
C TYR C 236 -20.57 32.85 2.01
N ASP C 237 -19.86 33.87 2.49
CA ASP C 237 -19.46 33.94 3.89
C ASP C 237 -19.50 35.40 4.32
N VAL C 238 -20.37 35.71 5.28
CA VAL C 238 -20.61 37.09 5.65
C VAL C 238 -19.38 37.74 6.25
N ARG C 239 -18.45 36.95 6.77
CA ARG C 239 -17.25 37.49 7.39
C ARG C 239 -16.18 37.89 6.39
N ARG C 240 -16.43 37.72 5.09
CA ARG C 240 -15.50 38.11 4.05
C ARG C 240 -16.00 39.22 3.15
N ARG C 241 -17.27 39.58 3.24
CA ARG C 241 -17.79 40.64 2.38
C ARG C 241 -17.11 41.97 2.72
N PRO C 242 -16.96 42.85 1.73
CA PRO C 242 -16.20 44.09 1.97
C PRO C 242 -16.75 44.96 3.08
N TRP C 243 -18.07 45.02 3.26
CA TRP C 243 -18.61 45.87 4.32
C TRP C 243 -18.24 45.35 5.69
N TYR C 244 -18.30 44.02 5.89
CA TYR C 244 -17.89 43.44 7.17
C TYR C 244 -16.42 43.71 7.44
N ILE C 245 -15.57 43.54 6.43
CA ILE C 245 -14.14 43.77 6.61
C ILE C 245 -13.88 45.23 6.94
N GLN C 246 -14.62 46.13 6.29
CA GLN C 246 -14.48 47.55 6.60
C GLN C 246 -14.86 47.85 8.04
N GLY C 247 -15.97 47.29 8.51
CA GLY C 247 -16.45 47.60 9.84
C GLY C 247 -15.83 46.82 10.96
N ALA C 248 -14.95 45.86 10.67
CA ALA C 248 -14.38 45.02 11.70
C ALA C 248 -12.97 45.42 12.12
N ALA C 249 -12.35 46.36 11.42
CA ALA C 249 -10.98 46.76 11.73
C ALA C 249 -10.73 48.12 11.09
N SER C 250 -9.46 48.51 11.05
CA SER C 250 -9.01 49.77 10.49
C SER C 250 -8.11 49.50 9.28
N PRO C 251 -7.88 50.50 8.44
CA PRO C 251 -6.99 50.31 7.28
C PRO C 251 -5.63 49.79 7.71
N LYS C 252 -5.08 48.87 6.92
CA LYS C 252 -3.87 48.13 7.26
C LYS C 252 -2.73 48.50 6.33
N ASP C 253 -1.51 48.18 6.77
CA ASP C 253 -0.30 48.23 5.95
C ASP C 253 0.27 46.81 5.95
N MET C 254 -0.18 46.00 5.00
CA MET C 254 0.11 44.58 4.99
C MET C 254 1.31 44.31 4.10
N LEU C 255 2.23 43.49 4.60
CA LEU C 255 3.35 43.00 3.80
C LEU C 255 3.37 41.48 3.94
N ILE C 256 2.89 40.79 2.91
CA ILE C 256 2.92 39.34 2.91
C ILE C 256 4.33 38.87 2.62
N LEU C 257 4.87 38.01 3.49
CA LEU C 257 6.23 37.50 3.38
C LEU C 257 6.15 36.02 3.06
N VAL C 258 6.05 35.69 1.78
CA VAL C 258 6.00 34.30 1.35
C VAL C 258 7.37 33.67 1.49
N ASP C 259 7.40 32.41 1.88
CA ASP C 259 8.63 31.65 2.05
C ASP C 259 8.78 30.68 0.89
N VAL C 260 9.81 30.87 0.08
CA VAL C 260 10.16 29.96 -1.00
C VAL C 260 11.41 29.20 -0.60
N SER C 261 11.35 27.88 -0.69
CA SER C 261 12.45 27.02 -0.28
C SER C 261 12.23 25.64 -0.87
N GLY C 262 13.24 24.78 -0.74
CA GLY C 262 13.09 23.42 -1.23
C GLY C 262 11.98 22.68 -0.54
N SER C 263 11.78 22.94 0.76
CA SER C 263 10.80 22.20 1.53
C SER C 263 9.38 22.49 1.06
N VAL C 264 9.08 23.72 0.70
CA VAL C 264 7.70 24.12 0.40
C VAL C 264 7.34 23.71 -1.03
N SER C 265 8.25 23.02 -1.70
CA SER C 265 7.97 22.56 -3.05
C SER C 265 6.90 21.48 -3.04
N GLY C 266 6.05 21.47 -4.06
CA GLY C 266 5.03 20.46 -4.21
C GLY C 266 3.65 20.99 -3.85
N LEU C 267 2.93 20.26 -3.00
CA LEU C 267 1.59 20.67 -2.60
C LEU C 267 1.61 21.93 -1.74
N THR C 268 2.62 22.06 -0.88
CA THR C 268 2.70 23.21 0.01
C THR C 268 2.79 24.50 -0.79
N LEU C 269 3.49 24.49 -1.91
CA LEU C 269 3.59 25.69 -2.74
C LEU C 269 2.23 26.06 -3.33
N LYS C 270 1.46 25.07 -3.79
CA LYS C 270 0.13 25.37 -4.31
C LYS C 270 -0.79 25.91 -3.23
N LEU C 271 -0.73 25.33 -2.03
CA LEU C 271 -1.53 25.84 -0.93
C LEU C 271 -1.11 27.27 -0.56
N ILE C 272 0.19 27.57 -0.59
CA ILE C 272 0.64 28.92 -0.30
C ILE C 272 0.14 29.89 -1.36
N ARG C 273 0.19 29.50 -2.63
CA ARG C 273 -0.31 30.34 -3.70
C ARG C 273 -1.79 30.66 -3.50
N THR C 274 -2.60 29.62 -3.26
CA THR C 274 -4.02 29.83 -3.09
C THR C 274 -4.32 30.66 -1.85
N SER C 275 -3.60 30.41 -0.76
CA SER C 275 -3.82 31.17 0.47
C SER C 275 -3.47 32.64 0.29
N VAL C 276 -2.35 32.93 -0.39
CA VAL C 276 -1.98 34.31 -0.64
C VAL C 276 -3.03 34.99 -1.51
N SER C 277 -3.52 34.31 -2.54
CA SER C 277 -4.56 34.90 -3.38
C SER C 277 -5.81 35.22 -2.56
N GLU C 278 -6.25 34.25 -1.74
CA GLU C 278 -7.47 34.46 -0.96
C GLU C 278 -7.30 35.57 0.05
N MET C 279 -6.15 35.63 0.72
CA MET C 279 -5.96 36.66 1.74
C MET C 279 -5.79 38.03 1.10
N LEU C 280 -5.24 38.09 -0.12
CA LEU C 280 -5.27 39.32 -0.89
C LEU C 280 -6.70 39.74 -1.18
N GLU C 281 -7.58 38.76 -1.43
CA GLU C 281 -8.96 39.09 -1.73
C GLU C 281 -9.68 39.77 -0.57
N THR C 282 -9.14 39.71 0.65
CA THR C 282 -9.78 40.33 1.80
C THR C 282 -9.39 41.79 2.00
N LEU C 283 -8.52 42.34 1.16
CA LEU C 283 -8.09 43.71 1.34
C LEU C 283 -9.05 44.68 0.65
N SER C 284 -8.92 45.95 1.00
CA SER C 284 -9.81 47.00 0.50
C SER C 284 -8.99 48.13 -0.09
N ASP C 285 -9.70 49.08 -0.69
CA ASP C 285 -9.04 50.21 -1.34
C ASP C 285 -8.26 51.05 -0.35
N ASP C 286 -8.74 51.15 0.88
CA ASP C 286 -8.04 51.94 1.90
C ASP C 286 -6.77 51.25 2.40
N ASP C 287 -6.54 50.00 2.03
CA ASP C 287 -5.41 49.23 2.55
C ASP C 287 -4.29 49.19 1.53
N PHE C 288 -3.06 49.17 2.03
CA PHE C 288 -1.86 49.07 1.20
C PHE C 288 -1.19 47.72 1.45
N VAL C 289 -0.76 47.08 0.37
CA VAL C 289 -0.23 45.72 0.43
C VAL C 289 0.93 45.59 -0.54
N ASN C 290 1.93 44.82 -0.13
CA ASN C 290 3.02 44.40 -1.01
C ASN C 290 3.44 42.99 -0.64
N VAL C 291 3.77 42.19 -1.64
CA VAL C 291 4.11 40.78 -1.46
C VAL C 291 5.59 40.60 -1.72
N ALA C 292 6.28 39.94 -0.78
CA ALA C 292 7.70 39.65 -0.91
C ALA C 292 7.92 38.15 -0.80
N SER C 293 9.13 37.72 -1.14
CA SER C 293 9.51 36.32 -1.02
C SER C 293 10.99 36.25 -0.70
N PHE C 294 11.41 35.13 -0.13
CA PHE C 294 12.79 34.99 0.31
C PHE C 294 13.15 33.52 0.40
N ASN C 295 14.15 33.10 -0.38
CA ASN C 295 14.79 31.81 -0.17
C ASN C 295 16.07 31.99 0.65
N SER C 296 17.05 32.71 0.11
CA SER C 296 18.25 33.07 0.84
C SER C 296 18.50 34.57 0.87
N ASN C 297 18.07 35.32 -0.13
CA ASN C 297 18.03 36.77 -0.10
C ASN C 297 16.65 37.22 -0.56
N ALA C 298 16.03 38.11 0.20
CA ALA C 298 14.67 38.50 -0.09
C ALA C 298 14.59 39.35 -1.34
N GLN C 299 13.45 39.27 -2.02
CA GLN C 299 13.23 40.07 -3.22
C GLN C 299 11.73 40.28 -3.39
N ASP C 300 11.38 41.34 -4.11
CA ASP C 300 9.98 41.63 -4.39
C ASP C 300 9.46 40.69 -5.48
N VAL C 301 8.24 40.19 -5.29
CA VAL C 301 7.71 39.21 -6.22
C VAL C 301 7.21 39.88 -7.50
N SER C 302 6.89 41.18 -7.45
CA SER C 302 6.38 41.88 -8.62
C SER C 302 7.21 43.13 -8.91
N CYS C 303 6.74 43.95 -9.84
CA CYS C 303 7.46 45.18 -10.16
C CYS C 303 7.39 46.19 -9.03
N PHE C 304 6.37 46.11 -8.18
CA PHE C 304 6.26 47.03 -7.06
C PHE C 304 7.42 46.82 -6.10
N GLN C 305 7.88 47.91 -5.49
CA GLN C 305 9.10 47.84 -4.71
C GLN C 305 8.89 48.29 -3.27
N HIS C 306 7.93 49.17 -3.02
CA HIS C 306 7.72 49.72 -1.69
C HIS C 306 6.37 49.31 -1.09
N LEU C 307 5.27 49.73 -1.70
CA LEU C 307 3.90 49.45 -1.25
C LEU C 307 2.93 50.01 -2.28
N VAL C 308 1.83 49.31 -2.52
CA VAL C 308 0.85 49.78 -3.48
C VAL C 308 -0.54 49.68 -2.86
N GLN C 309 -1.40 50.63 -3.23
CA GLN C 309 -2.78 50.60 -2.80
C GLN C 309 -3.46 49.34 -3.32
N ALA C 310 -4.29 48.73 -2.50
CA ALA C 310 -4.95 47.48 -2.86
C ALA C 310 -6.16 47.77 -3.75
N ASN C 311 -5.84 48.25 -4.95
CA ASN C 311 -6.87 48.48 -5.96
C ASN C 311 -7.28 47.13 -6.56
N VAL C 312 -8.10 47.17 -7.61
CA VAL C 312 -8.46 45.95 -8.34
C VAL C 312 -7.41 45.59 -9.38
N ARG C 313 -6.44 46.46 -9.63
CA ARG C 313 -5.36 46.22 -10.58
C ARG C 313 -4.07 45.79 -9.89
N ASN C 314 -3.69 46.48 -8.81
CA ASN C 314 -2.50 46.11 -8.07
C ASN C 314 -2.65 44.71 -7.47
N LYS C 315 -3.84 44.39 -7.00
CA LYS C 315 -4.10 43.05 -6.47
C LYS C 315 -3.95 42.00 -7.55
N LYS C 316 -4.43 42.28 -8.77
CA LYS C 316 -4.26 41.33 -9.86
C LYS C 316 -2.78 41.14 -10.21
N VAL C 317 -2.03 42.23 -10.23
CA VAL C 317 -0.60 42.13 -10.53
C VAL C 317 0.10 41.27 -9.48
N LEU C 318 -0.22 41.49 -8.20
CA LEU C 318 0.37 40.70 -7.13
C LEU C 318 -0.03 39.23 -7.24
N LYS C 319 -1.30 38.97 -7.60
CA LYS C 319 -1.75 37.59 -7.76
C LYS C 319 -1.00 36.88 -8.87
N ASP C 320 -0.82 37.55 -10.01
CA ASP C 320 -0.05 36.93 -11.10
C ASP C 320 1.39 36.68 -10.67
N ALA C 321 1.99 37.66 -10.00
CA ALA C 321 3.37 37.50 -9.55
C ALA C 321 3.53 36.34 -8.59
N VAL C 322 2.57 36.15 -7.68
CA VAL C 322 2.68 35.05 -6.72
C VAL C 322 2.33 33.73 -7.38
N ASN C 323 1.52 33.75 -8.43
CA ASN C 323 1.24 32.53 -9.18
C ASN C 323 2.39 32.12 -10.09
N ASN C 324 3.32 33.01 -10.39
CA ASN C 324 4.50 32.68 -11.19
C ASN C 324 5.74 32.49 -10.33
N ILE C 325 5.58 31.90 -9.15
CA ILE C 325 6.67 31.79 -8.19
C ILE C 325 7.24 30.38 -8.22
N THR C 326 8.49 30.23 -7.80
CA THR C 326 9.19 28.96 -7.78
C THR C 326 9.87 28.76 -6.43
N ALA C 327 10.19 27.51 -6.12
CA ALA C 327 10.73 27.12 -4.82
C ALA C 327 12.15 26.59 -5.00
N LYS C 328 13.11 27.26 -4.39
CA LYS C 328 14.52 26.88 -4.44
C LYS C 328 15.21 27.35 -3.17
N GLY C 329 16.42 26.86 -2.95
CA GLY C 329 17.31 27.44 -1.96
C GLY C 329 17.06 27.00 -0.53
N ILE C 330 17.79 27.64 0.38
CA ILE C 330 17.78 27.33 1.81
C ILE C 330 17.27 28.53 2.57
N THR C 331 16.26 28.32 3.41
CA THR C 331 15.55 29.41 4.07
C THR C 331 16.46 30.23 4.98
N ASP C 332 16.29 31.55 4.95
CA ASP C 332 17.00 32.48 5.84
C ASP C 332 15.99 33.50 6.37
N TYR C 333 15.52 33.29 7.60
CA TYR C 333 14.53 34.19 8.17
C TYR C 333 15.13 35.56 8.50
N LYS C 334 16.39 35.58 8.94
CA LYS C 334 17.02 36.82 9.39
C LYS C 334 17.16 37.84 8.28
N LYS C 335 17.08 37.43 7.01
CA LYS C 335 17.09 38.36 5.90
C LYS C 335 15.69 38.75 5.44
N GLY C 336 14.77 37.80 5.41
CA GLY C 336 13.40 38.09 5.03
C GLY C 336 12.74 39.07 5.98
N PHE C 337 12.94 38.87 7.29
CA PHE C 337 12.33 39.78 8.25
C PHE C 337 13.01 41.15 8.22
N SER C 338 14.34 41.17 8.07
CA SER C 338 15.04 42.44 7.94
C SER C 338 14.64 43.20 6.68
N PHE C 339 14.20 42.50 5.64
CA PHE C 339 13.67 43.12 4.43
C PHE C 339 12.25 43.64 4.63
N ALA C 340 11.39 42.83 5.25
CA ALA C 340 10.02 43.25 5.50
C ALA C 340 9.97 44.48 6.39
N PHE C 341 10.78 44.49 7.46
CA PHE C 341 10.78 45.62 8.37
C PHE C 341 11.27 46.88 7.70
N GLU C 342 12.20 46.76 6.75
CA GLU C 342 12.63 47.93 6.00
C GLU C 342 11.54 48.44 5.07
N GLN C 343 10.82 47.53 4.40
CA GLN C 343 9.73 48.01 3.55
C GLN C 343 8.53 48.51 4.33
N LEU C 344 8.45 48.20 5.62
CA LEU C 344 7.41 48.82 6.44
C LEU C 344 7.86 50.13 7.07
N LEU C 345 9.07 50.57 6.77
CA LEU C 345 9.59 51.85 7.26
C LEU C 345 9.73 52.89 6.16
N ASN C 346 9.36 52.57 4.93
CA ASN C 346 9.49 53.50 3.80
C ASN C 346 8.33 54.48 3.84
N TYR C 347 8.63 55.75 4.13
CA TYR C 347 7.62 56.78 4.23
C TYR C 347 7.67 57.77 3.07
N ASN C 348 8.45 57.49 2.02
CA ASN C 348 8.44 58.35 0.85
C ASN C 348 7.15 58.24 0.06
N VAL C 349 6.37 57.19 0.27
CA VAL C 349 5.18 56.92 -0.53
C VAL C 349 3.95 57.04 0.35
N SER C 350 2.78 56.92 -0.29
CA SER C 350 1.51 57.02 0.41
C SER C 350 1.16 55.69 1.05
N ARG C 351 0.59 55.74 2.25
CA ARG C 351 0.22 54.55 2.98
C ARG C 351 -0.84 54.90 4.02
N ALA C 352 -1.50 53.87 4.54
CA ALA C 352 -2.51 54.09 5.57
C ALA C 352 -1.90 54.57 6.88
N ASN C 353 -0.61 54.36 7.09
CA ASN C 353 0.12 54.89 8.24
C ASN C 353 -0.39 54.34 9.56
N CYS C 354 -1.04 53.18 9.54
CA CYS C 354 -1.48 52.55 10.77
C CYS C 354 -1.79 51.08 10.49
N ASN C 355 -1.78 50.28 11.56
CA ASN C 355 -1.92 48.83 11.47
C ASN C 355 -0.85 48.22 10.56
N LYS C 356 0.40 48.40 10.98
CA LYS C 356 1.53 47.79 10.30
C LYS C 356 1.63 46.34 10.72
N ILE C 357 1.37 45.42 9.78
CA ILE C 357 1.25 44.01 10.08
C ILE C 357 2.02 43.20 9.03
N ILE C 358 2.69 42.14 9.47
CA ILE C 358 3.50 41.28 8.62
C ILE C 358 2.91 39.89 8.62
N MET C 359 2.80 39.27 7.45
CA MET C 359 2.29 37.91 7.31
C MET C 359 3.40 37.00 6.81
N LEU C 360 3.68 35.96 7.57
CA LEU C 360 4.71 34.98 7.21
C LEU C 360 4.03 33.67 6.81
N PHE C 361 4.16 33.32 5.53
CA PHE C 361 3.61 32.07 5.00
C PHE C 361 4.77 31.09 4.80
N THR C 362 4.90 30.14 5.71
CA THR C 362 5.97 29.15 5.64
C THR C 362 5.41 27.80 6.05
N ASP C 363 6.28 26.80 6.14
CA ASP C 363 5.90 25.49 6.62
C ASP C 363 6.44 25.21 8.02
N GLY C 364 7.73 25.48 8.24
CA GLY C 364 8.32 25.27 9.55
C GLY C 364 9.83 25.34 9.50
N GLY C 365 10.45 25.69 10.61
CA GLY C 365 11.89 25.77 10.67
C GLY C 365 12.40 25.61 12.07
N GLU C 366 13.66 26.01 12.26
CA GLU C 366 14.30 25.97 13.56
C GLU C 366 14.83 27.31 14.04
N GLU C 367 14.86 28.33 13.19
CA GLU C 367 15.38 29.64 13.56
C GLU C 367 14.24 30.55 13.98
N ARG C 368 14.38 31.17 15.16
CA ARG C 368 13.39 32.10 15.67
C ARG C 368 13.78 33.56 15.48
N ALA C 369 15.07 33.84 15.25
CA ALA C 369 15.56 35.17 14.90
C ALA C 369 15.18 36.22 15.95
N GLN C 370 15.68 36.01 17.17
CA GLN C 370 15.43 36.98 18.24
C GLN C 370 16.14 38.29 17.97
N GLU C 371 17.33 38.25 17.37
CA GLU C 371 18.10 39.48 17.17
C GLU C 371 17.39 40.44 16.24
N ILE C 372 16.77 39.93 15.18
CA ILE C 372 16.09 40.80 14.22
C ILE C 372 14.93 41.54 14.89
N PHE C 373 14.14 40.82 15.68
CA PHE C 373 13.02 41.45 16.37
C PHE C 373 13.50 42.42 17.44
N ASN C 374 14.56 42.08 18.17
CA ASN C 374 15.10 43.01 19.15
C ASN C 374 15.72 44.22 18.48
N LYS C 375 16.11 44.11 17.22
CA LYS C 375 16.69 45.25 16.51
C LYS C 375 15.61 46.16 15.94
N TYR C 376 14.58 45.58 15.30
CA TYR C 376 13.61 46.36 14.58
C TYR C 376 12.37 46.72 15.39
N ASN C 377 11.89 45.80 16.24
CA ASN C 377 10.60 45.96 16.91
C ASN C 377 10.80 45.71 18.40
N LYS C 378 11.25 46.74 19.12
CA LYS C 378 11.29 46.69 20.59
C LYS C 378 10.04 47.24 21.24
N ASP C 379 9.50 48.34 20.72
CA ASP C 379 8.28 48.94 21.25
C ASP C 379 7.03 48.19 20.82
N LYS C 380 7.17 47.20 19.95
CA LYS C 380 6.07 46.36 19.49
C LYS C 380 4.97 47.20 18.84
N LYS C 381 5.32 47.76 17.68
CA LYS C 381 4.36 48.50 16.87
C LYS C 381 3.98 47.76 15.59
N VAL C 382 4.65 46.67 15.27
CA VAL C 382 4.37 45.90 14.05
C VAL C 382 3.91 44.51 14.47
N ARG C 383 2.67 44.17 14.10
CA ARG C 383 2.14 42.85 14.38
C ARG C 383 2.72 41.82 13.42
N VAL C 384 2.85 40.59 13.90
CA VAL C 384 3.36 39.48 13.09
C VAL C 384 2.40 38.31 13.21
N PHE C 385 1.86 37.88 12.08
CA PHE C 385 0.99 36.69 12.01
C PHE C 385 1.74 35.62 11.23
N THR C 386 1.85 34.43 11.81
CA THR C 386 2.61 33.35 11.22
C THR C 386 1.66 32.22 10.80
N PHE C 387 1.86 31.72 9.58
CA PHE C 387 1.01 30.69 9.01
C PHE C 387 1.87 29.46 8.71
N SER C 388 1.41 28.29 9.14
CA SER C 388 2.09 27.02 8.91
C SER C 388 1.29 26.25 7.87
N VAL C 389 1.64 26.43 6.60
CA VAL C 389 0.86 25.90 5.50
C VAL C 389 1.32 24.49 5.15
N GLY C 390 0.37 23.62 4.86
CA GLY C 390 0.66 22.29 4.37
C GLY C 390 0.74 21.25 5.47
N GLN C 391 0.74 19.98 5.05
CA GLN C 391 0.88 18.84 5.95
C GLN C 391 2.35 18.42 5.95
N HIS C 392 3.04 18.70 7.05
CA HIS C 392 4.46 18.40 7.16
C HIS C 392 4.79 17.88 8.56
N ASN C 393 6.08 17.78 8.88
CA ASN C 393 6.50 17.35 10.20
C ASN C 393 7.60 18.26 10.73
N TYR C 394 7.75 19.46 10.17
CA TYR C 394 8.79 20.37 10.63
C TYR C 394 8.37 21.02 11.95
N ASP C 395 9.34 21.64 12.61
CA ASP C 395 9.13 22.23 13.92
C ASP C 395 8.34 23.53 13.78
N ARG C 396 7.10 23.52 14.25
CA ARG C 396 6.27 24.72 14.23
C ARG C 396 6.47 25.60 15.46
N GLY C 397 7.36 25.21 16.38
CA GLY C 397 7.58 25.94 17.60
C GLY C 397 8.07 27.37 17.41
N PRO C 398 9.11 27.57 16.59
CA PRO C 398 9.62 28.94 16.41
C PRO C 398 8.60 29.92 15.87
N ILE C 399 7.76 29.52 14.92
CA ILE C 399 6.82 30.47 14.34
C ILE C 399 5.73 30.84 15.33
N GLN C 400 5.31 29.89 16.17
CA GLN C 400 4.39 30.22 17.25
C GLN C 400 5.02 31.21 18.22
N TRP C 401 6.31 31.03 18.52
CA TRP C 401 6.99 31.96 19.41
C TRP C 401 7.05 33.35 18.81
N MET C 402 7.33 33.45 17.50
CA MET C 402 7.34 34.76 16.86
C MET C 402 5.96 35.40 16.88
N ALA C 403 4.91 34.59 16.66
CA ALA C 403 3.56 35.12 16.72
C ALA C 403 3.18 35.56 18.13
N CYS C 404 3.77 34.93 19.15
CA CYS C 404 3.45 35.29 20.53
C CYS C 404 4.18 36.55 20.97
N GLU C 405 5.50 36.59 20.76
CA GLU C 405 6.28 37.74 21.20
C GLU C 405 5.89 39.00 20.43
N ASN C 406 6.08 38.98 19.12
CA ASN C 406 5.53 40.03 18.27
C ASN C 406 4.01 39.88 18.24
N LYS C 407 3.30 40.91 18.69
CA LYS C 407 1.86 40.87 18.87
C LYS C 407 1.16 40.27 17.67
N GLY C 408 0.49 39.14 17.85
CA GLY C 408 -0.17 38.50 16.72
C GLY C 408 -0.89 37.21 17.06
N TYR C 409 -1.00 36.32 16.08
CA TYR C 409 -1.73 35.08 16.26
C TYR C 409 -1.16 34.07 15.28
N TYR C 410 -1.35 32.79 15.56
CA TYR C 410 -0.72 31.72 14.79
C TYR C 410 -1.80 30.87 14.15
N TYR C 411 -1.63 30.59 12.85
CA TYR C 411 -2.62 29.86 12.06
C TYR C 411 -2.00 28.59 11.49
N GLU C 412 -2.86 27.70 11.03
CA GLU C 412 -2.45 26.47 10.34
C GLU C 412 -3.38 26.21 9.17
N ILE C 413 -2.81 25.96 8.00
CA ILE C 413 -3.59 25.60 6.83
C ILE C 413 -3.15 24.22 6.34
N PRO C 414 -3.87 23.17 6.69
CA PRO C 414 -3.47 21.82 6.25
C PRO C 414 -4.07 21.37 4.92
N SER C 415 -5.08 22.06 4.39
CA SER C 415 -5.72 21.65 3.16
C SER C 415 -6.40 22.86 2.51
N ILE C 416 -7.00 22.62 1.35
CA ILE C 416 -7.63 23.70 0.61
C ILE C 416 -8.85 24.23 1.36
N GLY C 417 -9.59 23.34 2.02
CA GLY C 417 -10.83 23.74 2.66
C GLY C 417 -10.66 24.64 3.87
N ALA C 418 -9.44 24.77 4.41
CA ALA C 418 -9.19 25.60 5.57
C ALA C 418 -8.64 26.97 5.21
N ILE C 419 -8.36 27.21 3.93
CA ILE C 419 -7.74 28.47 3.52
C ILE C 419 -8.64 29.65 3.84
N ARG C 420 -9.92 29.54 3.50
CA ARG C 420 -10.84 30.67 3.68
C ARG C 420 -10.93 31.06 5.15
N ILE C 421 -11.21 30.09 6.02
CA ILE C 421 -11.37 30.39 7.43
C ILE C 421 -10.06 30.89 8.03
N ASN C 422 -8.95 30.21 7.74
CA ASN C 422 -7.70 30.61 8.37
C ASN C 422 -7.10 31.88 7.80
N THR C 423 -7.63 32.39 6.68
CA THR C 423 -7.20 33.68 6.18
C THR C 423 -8.15 34.82 6.51
N GLN C 424 -9.39 34.53 6.90
CA GLN C 424 -10.32 35.60 7.23
C GLN C 424 -10.37 35.93 8.73
N GLU C 425 -9.48 35.35 9.55
CA GLU C 425 -9.59 35.51 11.00
C GLU C 425 -8.70 36.60 11.59
N TYR C 426 -7.72 37.12 10.85
CA TYR C 426 -6.83 38.12 11.43
C TYR C 426 -7.56 39.41 11.78
N LEU C 427 -8.74 39.64 11.20
CA LEU C 427 -9.52 40.81 11.57
C LEU C 427 -10.00 40.72 13.02
N ASP C 428 -10.21 39.51 13.53
CA ASP C 428 -10.57 39.36 14.93
C ASP C 428 -9.49 39.89 15.85
N VAL C 429 -8.22 39.63 15.52
CA VAL C 429 -7.11 40.17 16.30
C VAL C 429 -7.00 41.68 16.07
N LEU C 430 -7.19 42.12 14.83
CA LEU C 430 -7.03 43.54 14.52
C LEU C 430 -8.09 44.41 15.17
N GLY C 431 -9.27 43.86 15.45
CA GLY C 431 -10.34 44.65 16.01
C GLY C 431 -10.30 44.87 17.51
N ARG C 432 -9.31 44.33 18.21
CA ARG C 432 -9.26 44.52 19.66
C ARG C 432 -9.10 45.98 20.07
N PRO C 433 -8.16 46.76 19.53
CA PRO C 433 -8.00 48.15 19.99
C PRO C 433 -9.23 49.01 19.77
N MET C 434 -9.99 48.80 18.70
CA MET C 434 -11.21 49.57 18.52
C MET C 434 -12.33 49.11 19.43
N VAL C 435 -12.28 47.86 19.90
CA VAL C 435 -13.23 47.42 20.93
C VAL C 435 -12.91 48.10 22.25
N LEU C 436 -11.63 48.13 22.62
CA LEU C 436 -11.26 48.73 23.89
C LEU C 436 -11.41 50.25 23.91
N ALA C 437 -11.64 50.87 22.75
CA ALA C 437 -11.83 52.32 22.72
C ALA C 437 -13.18 52.74 23.28
N GLY C 438 -14.08 51.81 23.55
CA GLY C 438 -15.38 52.17 24.07
C GLY C 438 -16.31 52.70 22.99
N ASP C 439 -17.27 53.53 23.41
CA ASP C 439 -18.22 54.11 22.47
C ASP C 439 -17.60 55.30 21.74
N LYS C 440 -16.43 55.07 21.15
CA LYS C 440 -15.77 56.07 20.32
C LYS C 440 -15.41 55.55 18.94
N ALA C 441 -15.21 54.25 18.78
CA ALA C 441 -14.96 53.64 17.48
C ALA C 441 -16.25 53.31 16.73
N LYS C 442 -17.41 53.56 17.33
CA LYS C 442 -18.69 53.28 16.70
C LYS C 442 -19.07 54.48 15.85
N GLN C 443 -18.58 54.51 14.62
CA GLN C 443 -18.94 55.52 13.64
C GLN C 443 -19.42 54.82 12.38
N VAL C 444 -20.50 55.34 11.80
CA VAL C 444 -21.05 54.75 10.59
C VAL C 444 -20.13 55.07 9.42
N GLN C 445 -19.70 54.03 8.71
CA GLN C 445 -18.72 54.16 7.63
C GLN C 445 -19.27 53.47 6.40
N TRP C 446 -19.33 54.19 5.28
CA TRP C 446 -19.94 53.71 4.06
C TRP C 446 -18.90 53.09 3.14
N THR C 447 -19.27 51.99 2.49
CA THR C 447 -18.36 51.25 1.64
C THR C 447 -18.37 51.80 0.22
N ASN C 448 -17.61 51.16 -0.65
CA ASN C 448 -17.58 51.51 -2.07
C ASN C 448 -18.84 50.99 -2.76
N VAL C 449 -19.04 51.42 -3.99
CA VAL C 449 -20.17 50.96 -4.78
C VAL C 449 -19.91 49.52 -5.20
N TYR C 450 -20.84 48.63 -4.90
CA TYR C 450 -20.70 47.22 -5.26
C TYR C 450 -22.08 46.65 -5.58
N LEU C 451 -22.08 45.56 -6.33
CA LEU C 451 -23.31 44.87 -6.70
C LEU C 451 -23.83 44.06 -5.52
N ASP C 452 -25.11 44.20 -5.24
CA ASP C 452 -25.70 43.50 -4.09
C ASP C 452 -25.67 42.00 -4.31
N ALA C 453 -25.46 41.26 -3.21
CA ALA C 453 -25.40 39.81 -3.29
C ALA C 453 -26.77 39.21 -3.62
N LEU C 454 -27.85 39.92 -3.33
CA LEU C 454 -29.20 39.44 -3.60
C LEU C 454 -29.81 40.08 -4.84
N GLU C 455 -28.99 40.42 -5.83
CA GLU C 455 -29.45 40.87 -7.13
C GLU C 455 -30.35 42.11 -7.01
N LEU C 456 -29.73 43.19 -6.53
CA LEU C 456 -30.42 44.46 -6.35
C LEU C 456 -29.76 45.61 -7.11
N GLY C 457 -28.63 45.38 -7.75
CA GLY C 457 -27.97 46.42 -8.51
C GLY C 457 -26.83 47.06 -7.75
N LEU C 458 -26.54 48.33 -8.05
CA LEU C 458 -25.48 49.07 -7.38
C LEU C 458 -26.00 49.63 -6.07
N VAL C 459 -25.35 49.25 -4.97
CA VAL C 459 -25.73 49.71 -3.63
C VAL C 459 -24.46 50.04 -2.85
N ILE C 460 -24.64 50.83 -1.79
CA ILE C 460 -23.58 51.09 -0.82
C ILE C 460 -24.13 50.79 0.57
N THR C 461 -23.24 50.43 1.48
CA THR C 461 -23.63 49.89 2.78
C THR C 461 -22.94 50.66 3.89
N GLY C 462 -23.72 51.04 4.91
CA GLY C 462 -23.19 51.65 6.12
C GLY C 462 -23.02 50.60 7.19
N THR C 463 -21.84 50.59 7.82
CA THR C 463 -21.45 49.54 8.75
C THR C 463 -21.20 50.12 10.13
N LEU C 464 -21.63 49.38 11.15
CA LEU C 464 -21.44 49.76 12.55
C LEU C 464 -21.12 48.52 13.38
N PRO C 465 -19.96 48.47 14.04
CA PRO C 465 -19.60 47.28 14.80
C PRO C 465 -20.45 47.10 16.05
N VAL C 466 -20.54 45.85 16.50
CA VAL C 466 -21.28 45.48 17.70
C VAL C 466 -20.29 44.84 18.68
N PHE C 467 -20.32 45.29 19.92
CA PHE C 467 -19.37 44.86 20.94
C PHE C 467 -20.02 43.88 21.91
N ASN C 468 -19.19 42.99 22.46
CA ASN C 468 -19.62 42.05 23.49
C ASN C 468 -19.46 42.71 24.84
N ILE C 469 -20.58 43.00 25.50
CA ILE C 469 -20.58 43.77 26.74
C ILE C 469 -21.19 42.98 27.90
N THR C 470 -21.06 41.65 27.88
CA THR C 470 -21.47 40.88 29.05
C THR C 470 -20.58 41.20 30.23
N GLY C 471 -21.18 41.50 31.37
CA GLY C 471 -20.41 41.91 32.53
C GLY C 471 -19.74 43.26 32.38
N GLN C 472 -20.40 44.21 31.72
CA GLN C 472 -19.84 45.55 31.57
C GLN C 472 -20.34 46.50 32.65
N PHE C 473 -21.61 46.39 33.02
CA PHE C 473 -22.17 47.24 34.06
C PHE C 473 -21.44 47.02 35.39
N GLU C 474 -21.23 45.75 35.74
CA GLU C 474 -20.42 45.39 36.90
C GLU C 474 -19.08 44.84 36.41
N ASN C 475 -18.00 45.28 37.05
CA ASN C 475 -16.65 45.07 36.53
C ASN C 475 -16.09 43.73 36.97
N LYS C 476 -16.50 42.67 36.26
CA LYS C 476 -15.90 41.35 36.40
C LYS C 476 -15.30 40.82 35.12
N THR C 477 -16.03 40.89 34.01
CA THR C 477 -15.68 40.18 32.78
C THR C 477 -14.96 41.12 31.82
N ASN C 478 -13.71 40.77 31.49
CA ASN C 478 -13.00 41.39 30.38
C ASN C 478 -12.18 40.37 29.61
N LEU C 479 -12.35 39.08 29.88
CA LEU C 479 -11.51 38.06 29.27
C LEU C 479 -11.76 37.96 27.77
N LYS C 480 -13.04 37.87 27.37
CA LYS C 480 -13.41 37.74 25.96
C LYS C 480 -14.15 38.98 25.48
N ASN C 481 -14.08 40.08 26.22
CA ASN C 481 -14.79 41.30 25.86
C ASN C 481 -14.00 42.19 24.91
N GLN C 482 -12.95 41.67 24.30
CA GLN C 482 -12.16 42.43 23.34
C GLN C 482 -12.33 41.91 21.91
N LEU C 483 -13.46 41.28 21.61
CA LEU C 483 -13.78 40.85 20.26
C LEU C 483 -15.18 41.30 19.90
N ILE C 484 -15.35 41.72 18.66
CA ILE C 484 -16.65 42.19 18.19
C ILE C 484 -17.61 41.02 18.03
N LEU C 485 -18.88 41.27 18.30
CA LEU C 485 -19.91 40.29 17.99
C LEU C 485 -20.15 40.20 16.48
N GLY C 486 -20.16 41.35 15.82
CA GLY C 486 -20.43 41.40 14.40
C GLY C 486 -20.58 42.84 13.95
N VAL C 487 -20.95 42.99 12.67
CA VAL C 487 -21.06 44.29 12.05
C VAL C 487 -22.47 44.44 11.49
N MET C 488 -23.15 45.51 11.89
CA MET C 488 -24.47 45.80 11.33
C MET C 488 -24.32 46.43 9.96
N GLY C 489 -25.40 46.38 9.18
CA GLY C 489 -25.34 46.95 7.85
C GLY C 489 -26.69 47.23 7.23
N VAL C 490 -26.86 48.44 6.69
CA VAL C 490 -28.06 48.80 5.95
C VAL C 490 -27.62 49.22 4.56
N ASP C 491 -28.36 48.78 3.54
CA ASP C 491 -28.03 49.04 2.16
C ASP C 491 -28.92 50.16 1.63
N VAL C 492 -28.31 51.14 0.97
CA VAL C 492 -29.04 52.18 0.26
C VAL C 492 -28.62 52.13 -1.20
N SER C 493 -29.60 52.04 -2.09
CA SER C 493 -29.34 51.91 -3.51
C SER C 493 -28.98 53.24 -4.13
N LEU C 494 -28.19 53.18 -5.21
CA LEU C 494 -27.88 54.39 -5.95
C LEU C 494 -29.09 55.00 -6.61
N GLU C 495 -30.17 54.23 -6.79
CA GLU C 495 -31.39 54.78 -7.37
C GLU C 495 -32.01 55.84 -6.47
N ASP C 496 -31.97 55.63 -5.15
CA ASP C 496 -32.48 56.65 -4.23
C ASP C 496 -31.67 57.94 -4.34
N ILE C 497 -30.35 57.81 -4.42
CA ILE C 497 -29.50 58.99 -4.51
C ILE C 497 -29.71 59.71 -5.84
N LYS C 498 -29.91 58.95 -6.92
CA LYS C 498 -30.28 59.58 -8.18
C LYS C 498 -31.64 60.26 -8.10
N ARG C 499 -32.56 59.69 -7.32
CA ARG C 499 -33.86 60.33 -7.11
C ARG C 499 -33.71 61.66 -6.38
N LEU C 500 -32.77 61.73 -5.45
CA LEU C 500 -32.53 62.97 -4.71
C LEU C 500 -31.93 64.07 -5.57
N THR C 501 -31.47 63.76 -6.78
CA THR C 501 -30.83 64.72 -7.67
C THR C 501 -31.58 64.74 -8.99
N PRO C 502 -32.69 65.47 -9.08
CA PRO C 502 -33.44 65.54 -10.35
C PRO C 502 -32.60 66.16 -11.45
N ARG C 503 -32.79 65.65 -12.67
CA ARG C 503 -31.99 66.08 -13.81
C ARG C 503 -32.84 66.52 -14.99
N PHE C 504 -34.14 66.70 -14.79
CA PHE C 504 -35.04 67.03 -15.89
C PHE C 504 -35.28 68.52 -16.05
N THR C 505 -34.77 69.33 -15.12
CA THR C 505 -34.78 70.78 -15.28
C THR C 505 -33.52 71.32 -15.92
N LEU C 506 -32.57 70.44 -16.24
CA LEU C 506 -31.32 70.80 -16.91
C LEU C 506 -31.36 70.35 -18.36
N CYS C 507 -30.35 70.76 -19.12
CA CYS C 507 -30.18 70.27 -20.46
C CYS C 507 -29.62 68.85 -20.39
N PRO C 508 -29.71 68.08 -21.48
CA PRO C 508 -29.12 66.73 -21.47
C PRO C 508 -27.63 66.72 -21.21
N ASN C 509 -26.94 67.83 -21.45
CA ASN C 509 -25.50 67.91 -21.25
C ASN C 509 -25.13 68.20 -19.79
N GLY C 510 -26.10 68.45 -18.93
CA GLY C 510 -25.85 68.74 -17.53
C GLY C 510 -26.19 67.54 -16.65
N TYR C 511 -25.41 67.36 -15.59
CA TYR C 511 -25.56 66.19 -14.74
C TYR C 511 -24.90 66.45 -13.40
N TYR C 512 -25.12 65.53 -12.46
CA TYR C 512 -24.49 65.54 -11.15
C TYR C 512 -23.43 64.46 -11.09
N PHE C 513 -22.51 64.60 -10.13
CA PHE C 513 -21.61 63.50 -9.80
C PHE C 513 -21.02 63.73 -8.42
N ALA C 514 -20.74 62.62 -7.73
CA ALA C 514 -20.24 62.64 -6.36
C ALA C 514 -19.00 61.76 -6.27
N ILE C 515 -18.05 62.17 -5.44
CA ILE C 515 -16.75 61.54 -5.35
C ILE C 515 -16.42 61.28 -3.88
N ASP C 516 -15.98 60.06 -3.58
CA ASP C 516 -15.48 59.70 -2.26
C ASP C 516 -14.01 60.12 -2.13
N PRO C 517 -13.45 60.11 -0.93
CA PRO C 517 -12.07 60.59 -0.77
C PRO C 517 -11.04 59.82 -1.58
N ASN C 518 -11.33 58.59 -1.98
CA ASN C 518 -10.40 57.84 -2.83
C ASN C 518 -10.47 58.25 -4.28
N GLY C 519 -11.40 59.13 -4.66
CA GLY C 519 -11.56 59.58 -6.02
C GLY C 519 -12.62 58.86 -6.82
N TYR C 520 -13.14 57.74 -6.33
CA TYR C 520 -14.12 56.97 -7.08
C TYR C 520 -15.47 57.69 -7.11
N VAL C 521 -16.18 57.52 -8.21
CA VAL C 521 -17.47 58.19 -8.39
C VAL C 521 -18.56 57.39 -7.70
N LEU C 522 -19.42 58.10 -6.97
CA LEU C 522 -20.63 57.52 -6.43
C LEU C 522 -21.79 57.64 -7.42
N LEU C 523 -21.96 58.82 -8.00
CA LEU C 523 -22.92 59.05 -9.08
C LEU C 523 -22.15 59.57 -10.28
N HIS C 524 -22.44 59.02 -11.45
CA HIS C 524 -21.92 59.58 -12.69
C HIS C 524 -22.62 58.90 -13.86
N PRO C 525 -22.98 59.64 -14.91
CA PRO C 525 -23.75 59.04 -16.01
C PRO C 525 -23.04 57.91 -16.73
N ASN C 526 -21.72 57.83 -16.64
CA ASN C 526 -20.95 56.79 -17.31
C ASN C 526 -20.58 55.68 -16.33
N LEU C 527 -21.29 55.59 -15.20
CA LEU C 527 -21.13 54.50 -14.25
C LEU C 527 -22.26 53.50 -14.50
N GLN C 528 -21.89 52.26 -14.79
CA GLN C 528 -22.88 51.27 -15.19
C GLN C 528 -22.76 50.01 -14.36
N PRO C 529 -23.84 49.27 -14.18
CA PRO C 529 -23.80 48.09 -13.31
C PRO C 529 -23.06 46.91 -13.92
N LYS C 530 -21.74 47.03 -14.04
CA LYS C 530 -20.89 45.96 -14.52
C LYS C 530 -19.61 45.95 -13.70
N PRO C 531 -19.02 44.78 -13.48
CA PRO C 531 -17.74 44.74 -12.76
C PRO C 531 -16.63 45.42 -13.54
N ILE C 532 -15.68 45.99 -12.79
CA ILE C 532 -14.58 46.72 -13.41
C ILE C 532 -13.62 45.73 -14.05
N GLY C 533 -13.27 45.99 -15.31
CA GLY C 533 -12.29 45.16 -15.98
C GLY C 533 -10.92 45.28 -15.36
N VAL C 534 -10.17 44.18 -15.37
CA VAL C 534 -8.85 44.13 -14.75
C VAL C 534 -7.73 43.91 -15.75
N GLY C 535 -8.04 43.50 -16.98
CA GLY C 535 -7.01 43.29 -17.97
C GLY C 535 -7.59 42.59 -19.19
N ILE C 536 -6.69 42.18 -20.07
CA ILE C 536 -7.12 41.43 -21.26
C ILE C 536 -7.71 40.11 -20.83
N PRO C 537 -8.85 39.69 -21.39
CA PRO C 537 -9.44 38.40 -20.98
C PRO C 537 -8.63 37.22 -21.48
N THR C 538 -7.99 36.52 -20.56
CA THR C 538 -7.18 35.37 -20.93
C THR C 538 -8.05 34.26 -21.51
N ILE C 539 -7.49 33.54 -22.49
CA ILE C 539 -8.20 32.47 -23.17
C ILE C 539 -8.42 31.32 -22.18
N ASN C 540 -9.38 30.45 -22.49
CA ASN C 540 -9.71 29.30 -21.65
C ASN C 540 -10.10 29.73 -20.23
N SER C 553 -18.54 39.35 -9.78
CA SER C 553 -19.63 40.03 -9.10
C SER C 553 -19.29 40.29 -7.64
N GLN C 554 -18.19 39.70 -7.18
CA GLN C 554 -17.72 39.89 -5.81
C GLN C 554 -16.84 41.12 -5.65
N GLU C 555 -16.35 41.68 -6.74
CA GLU C 555 -15.45 42.83 -6.70
C GLU C 555 -16.24 44.14 -6.72
N PRO C 556 -15.79 45.14 -5.97
CA PRO C 556 -16.47 46.43 -5.97
C PRO C 556 -16.34 47.13 -7.31
N VAL C 557 -17.34 47.95 -7.63
CA VAL C 557 -17.35 48.73 -8.87
C VAL C 557 -16.70 50.07 -8.54
N THR C 558 -15.38 50.12 -8.64
CA THR C 558 -14.61 51.32 -8.32
C THR C 558 -14.15 51.95 -9.62
N LEU C 559 -14.75 53.07 -9.98
CA LEU C 559 -14.40 53.82 -11.19
C LEU C 559 -13.94 55.21 -10.76
N ASP C 560 -12.72 55.57 -11.13
CA ASP C 560 -12.20 56.87 -10.74
C ASP C 560 -12.89 57.98 -11.54
N PHE C 561 -12.90 59.18 -10.96
CA PHE C 561 -13.53 60.32 -11.61
C PHE C 561 -12.84 60.67 -12.93
N LEU C 562 -11.52 60.55 -12.97
CA LEU C 562 -10.78 60.91 -14.17
C LEU C 562 -11.04 59.97 -15.33
N ASP C 563 -11.74 58.85 -15.11
CA ASP C 563 -12.14 57.99 -16.21
C ASP C 563 -13.51 58.38 -16.76
N ALA C 564 -13.68 59.68 -16.99
CA ALA C 564 -14.76 60.20 -17.83
C ALA C 564 -14.19 60.93 -19.05
N GLU C 565 -13.37 61.95 -18.84
CA GLU C 565 -12.54 62.52 -19.91
C GLU C 565 -11.39 63.26 -19.22
N LEU C 566 -10.23 62.60 -19.15
CA LEU C 566 -9.13 63.09 -18.35
C LEU C 566 -8.50 64.34 -18.97
N GLU C 567 -8.62 65.48 -18.30
CA GLU C 567 -8.01 66.73 -18.74
C GLU C 567 -6.99 67.16 -17.69
N ASN C 568 -5.74 67.34 -18.13
CA ASN C 568 -4.65 67.62 -17.19
C ASN C 568 -4.84 68.94 -16.46
N ASP C 569 -5.26 69.98 -17.18
CA ASP C 569 -5.24 71.31 -16.61
C ASP C 569 -6.29 71.50 -15.52
N ILE C 570 -7.53 71.09 -15.78
CA ILE C 570 -8.66 71.54 -15.00
C ILE C 570 -9.33 70.41 -14.23
N LYS C 571 -9.58 69.27 -14.87
CA LYS C 571 -10.29 68.19 -14.22
C LYS C 571 -9.43 67.42 -13.23
N VAL C 572 -8.16 67.78 -13.09
CA VAL C 572 -7.32 67.20 -12.05
C VAL C 572 -7.37 68.10 -10.82
N GLU C 573 -7.27 69.42 -11.02
CA GLU C 573 -7.35 70.33 -9.88
C GLU C 573 -8.76 70.33 -9.30
N ILE C 574 -9.78 70.23 -10.14
CA ILE C 574 -11.15 70.15 -9.62
C ILE C 574 -11.34 68.90 -8.77
N ARG C 575 -10.81 67.76 -9.26
CA ARG C 575 -10.91 66.52 -8.49
C ARG C 575 -10.16 66.63 -7.18
N ASN C 576 -8.96 67.20 -7.19
CA ASN C 576 -8.18 67.37 -5.97
C ASN C 576 -8.84 68.34 -4.99
N LYS C 577 -9.59 69.32 -5.49
CA LYS C 577 -10.30 70.24 -4.61
C LYS C 577 -11.52 69.56 -3.98
N MET C 578 -12.29 68.81 -4.77
CA MET C 578 -13.44 68.12 -4.21
C MET C 578 -13.01 67.05 -3.20
N ILE C 579 -11.90 66.36 -3.48
CA ILE C 579 -11.42 65.37 -2.52
C ILE C 579 -11.03 66.05 -1.21
N ASP C 580 -10.43 67.23 -1.29
CA ASP C 580 -10.04 67.95 -0.08
C ASP C 580 -11.23 68.43 0.72
N GLY C 581 -12.42 68.53 0.11
CA GLY C 581 -13.60 68.96 0.82
C GLY C 581 -13.78 70.46 0.83
N GLU C 582 -13.80 71.07 -0.35
CA GLU C 582 -14.00 72.50 -0.50
C GLU C 582 -15.15 72.76 -1.48
N SER C 583 -15.51 74.02 -1.62
CA SER C 583 -16.57 74.43 -2.53
C SER C 583 -16.07 75.57 -3.41
N GLY C 584 -16.46 75.53 -4.68
CA GLY C 584 -16.03 76.56 -5.61
C GLY C 584 -16.70 76.38 -6.95
N GLU C 585 -16.37 77.27 -7.87
CA GLU C 585 -16.90 77.25 -9.22
C GLU C 585 -15.75 77.42 -10.20
N LYS C 586 -15.88 76.75 -11.37
CA LYS C 586 -14.80 76.79 -12.36
C LYS C 586 -15.46 76.71 -13.75
N THR C 587 -15.39 77.81 -14.49
CA THR C 587 -15.88 77.85 -15.86
C THR C 587 -14.70 77.76 -16.82
N PHE C 588 -14.75 76.80 -17.73
CA PHE C 588 -13.61 76.54 -18.60
C PHE C 588 -14.10 75.84 -19.86
N ARG C 589 -13.23 75.86 -20.87
CA ARG C 589 -13.53 75.24 -22.16
C ARG C 589 -12.95 73.83 -22.18
N THR C 590 -13.81 72.83 -22.28
CA THR C 590 -13.40 71.44 -22.14
C THR C 590 -13.75 70.64 -23.39
N LEU C 591 -13.42 69.36 -23.33
CA LEU C 591 -13.70 68.39 -24.39
C LEU C 591 -14.67 67.36 -23.83
N VAL C 592 -15.80 67.17 -24.51
CA VAL C 592 -16.82 66.22 -24.08
C VAL C 592 -16.95 65.13 -25.15
N LYS C 593 -16.98 63.89 -24.71
CA LYS C 593 -17.15 62.76 -25.60
C LYS C 593 -18.62 62.47 -25.82
N SER C 594 -19.00 62.25 -27.08
CA SER C 594 -20.39 62.04 -27.42
C SER C 594 -20.89 60.71 -26.84
N GLN C 595 -22.22 60.60 -26.73
CA GLN C 595 -22.82 59.42 -26.11
C GLN C 595 -22.53 58.16 -26.92
N ASP C 596 -22.58 58.26 -28.26
CA ASP C 596 -22.27 57.11 -29.10
C ASP C 596 -20.78 56.77 -29.11
N GLU C 597 -19.96 57.52 -28.38
CA GLU C 597 -18.53 57.23 -28.24
C GLU C 597 -17.80 57.25 -29.59
N ARG C 598 -18.15 58.22 -30.42
CA ARG C 598 -17.48 58.40 -31.70
C ARG C 598 -17.05 59.83 -31.99
N TYR C 599 -17.62 60.82 -31.31
CA TYR C 599 -17.40 62.23 -31.62
C TYR C 599 -16.95 62.96 -30.37
N ILE C 600 -16.27 64.09 -30.56
CA ILE C 600 -15.84 64.95 -29.45
C ILE C 600 -16.14 66.40 -29.81
N ASP C 601 -16.71 67.13 -28.85
CA ASP C 601 -16.98 68.54 -29.00
C ASP C 601 -16.13 69.33 -28.02
N LYS C 602 -15.79 70.56 -28.40
CA LYS C 602 -15.03 71.46 -27.53
C LYS C 602 -16.01 72.47 -26.95
N GLY C 603 -16.72 72.04 -25.90
CA GLY C 603 -17.76 72.87 -25.30
C GLY C 603 -17.29 73.62 -24.07
N ASN C 604 -18.18 74.48 -23.57
CA ASN C 604 -17.94 75.28 -22.37
C ASN C 604 -18.83 74.76 -21.24
N ARG C 605 -18.20 74.38 -20.13
CA ARG C 605 -18.92 73.86 -18.98
C ARG C 605 -18.52 74.63 -17.72
N THR C 606 -19.39 74.55 -16.71
CA THR C 606 -19.21 75.27 -15.46
C THR C 606 -19.32 74.27 -14.32
N TYR C 607 -18.19 73.85 -13.76
CA TYR C 607 -18.18 72.88 -12.68
C TYR C 607 -18.41 73.59 -11.34
N THR C 608 -19.46 73.17 -10.63
CA THR C 608 -19.77 73.69 -9.31
C THR C 608 -19.80 72.52 -8.34
N TRP C 609 -19.12 72.66 -7.21
CA TRP C 609 -19.04 71.55 -6.26
C TRP C 609 -19.18 72.08 -4.84
N THR C 610 -19.62 71.19 -3.96
CA THR C 610 -19.74 71.48 -2.53
C THR C 610 -19.66 70.17 -1.78
N PRO C 611 -19.13 70.17 -0.57
CA PRO C 611 -19.05 68.92 0.19
C PRO C 611 -20.38 68.53 0.80
N VAL C 612 -20.59 67.23 0.91
CA VAL C 612 -21.75 66.68 1.62
C VAL C 612 -21.34 66.60 3.09
N ASN C 613 -21.66 67.66 3.83
CA ASN C 613 -21.21 67.76 5.21
C ASN C 613 -21.81 66.64 6.07
N GLY C 614 -21.05 66.22 7.08
CA GLY C 614 -21.40 65.09 7.90
C GLY C 614 -20.83 63.78 7.39
N THR C 615 -20.67 63.63 6.08
CA THR C 615 -20.03 62.49 5.47
C THR C 615 -18.80 62.95 4.70
N ASP C 616 -18.22 62.03 3.92
CA ASP C 616 -17.00 62.32 3.18
C ASP C 616 -17.20 62.53 1.69
N TYR C 617 -18.38 62.21 1.16
CA TYR C 617 -18.63 62.42 -0.26
C TYR C 617 -18.70 63.90 -0.59
N SER C 618 -18.34 64.24 -1.83
CA SER C 618 -18.39 65.61 -2.32
C SER C 618 -19.23 65.64 -3.59
N LEU C 619 -20.29 66.44 -3.59
CA LEU C 619 -21.20 66.52 -4.72
C LEU C 619 -20.80 67.67 -5.64
N ALA C 620 -20.99 67.45 -6.94
CA ALA C 620 -20.71 68.48 -7.94
C ALA C 620 -21.81 68.48 -8.99
N LEU C 621 -21.97 69.62 -9.65
CA LEU C 621 -22.98 69.79 -10.69
C LEU C 621 -22.32 70.42 -11.91
N VAL C 622 -22.45 69.77 -13.07
CA VAL C 622 -21.88 70.27 -14.31
C VAL C 622 -22.98 70.91 -15.13
N LEU C 623 -22.76 72.16 -15.56
CA LEU C 623 -23.75 72.88 -16.33
C LEU C 623 -23.05 73.66 -17.45
N PRO C 624 -23.50 73.53 -18.69
CA PRO C 624 -23.01 74.40 -19.75
C PRO C 624 -23.57 75.81 -19.60
N THR C 625 -23.12 76.70 -20.48
CA THR C 625 -23.55 78.09 -20.41
C THR C 625 -25.00 78.27 -20.86
N TYR C 626 -25.43 77.53 -21.89
CA TYR C 626 -26.78 77.71 -22.42
C TYR C 626 -27.85 77.04 -21.58
N SER C 627 -27.47 76.29 -20.54
CA SER C 627 -28.42 75.61 -19.67
C SER C 627 -28.63 76.33 -18.35
N PHE C 628 -28.38 77.64 -18.30
CA PHE C 628 -28.61 78.40 -17.08
C PHE C 628 -30.06 78.80 -16.90
N TYR C 629 -30.93 78.50 -17.85
CA TYR C 629 -32.35 78.79 -17.73
C TYR C 629 -33.13 77.60 -18.28
N TYR C 630 -34.38 77.46 -17.82
CA TYR C 630 -35.25 76.41 -18.30
C TYR C 630 -36.68 76.93 -18.38
N ILE C 631 -37.46 76.32 -19.26
CA ILE C 631 -38.85 76.69 -19.47
C ILE C 631 -39.73 75.95 -18.48
N LYS C 632 -40.47 76.69 -17.66
CA LYS C 632 -41.42 76.10 -16.72
C LYS C 632 -42.83 76.33 -17.26
N ALA C 633 -43.57 75.25 -17.45
CA ALA C 633 -44.89 75.35 -18.05
C ALA C 633 -45.88 75.99 -17.08
N LYS C 634 -46.93 76.57 -17.64
CA LYS C 634 -47.96 77.22 -16.87
C LYS C 634 -49.05 76.22 -16.46
N LEU C 635 -49.88 76.63 -15.49
CA LEU C 635 -51.01 75.81 -15.09
C LEU C 635 -52.02 75.66 -16.22
N GLU C 636 -52.19 76.72 -17.03
CA GLU C 636 -53.07 76.72 -18.20
C GLU C 636 -54.49 76.48 -17.73
N GLU C 637 -55.24 75.56 -18.34
CA GLU C 637 -56.60 75.27 -17.93
C GLU C 637 -56.97 73.87 -18.41
N THR C 638 -58.10 73.36 -17.92
CA THR C 638 -58.59 72.05 -18.32
C THR C 638 -58.88 71.94 -19.82
N ILE C 639 -59.09 73.06 -20.51
CA ILE C 639 -59.32 73.05 -21.95
C ILE C 639 -58.01 72.81 -22.67
N THR C 640 -56.92 73.42 -22.19
CA THR C 640 -55.62 73.23 -22.83
C THR C 640 -55.23 71.76 -22.81
N GLN C 641 -55.52 71.07 -21.70
CA GLN C 641 -55.20 69.66 -21.60
C GLN C 641 -55.90 68.87 -22.71
N ALA C 642 -57.14 69.26 -23.02
CA ALA C 642 -57.92 68.52 -24.00
C ALA C 642 -57.23 68.46 -25.36
N ARG C 643 -57.00 69.64 -26.00
CA ARG C 643 -56.47 69.57 -27.35
C ARG C 643 -54.97 69.38 -27.36
N TYR C 644 -54.30 69.59 -26.22
CA TYR C 644 -52.90 69.16 -26.21
C TYR C 644 -52.76 67.65 -26.06
N SER C 645 -53.80 66.97 -25.56
CA SER C 645 -53.81 65.51 -25.48
C SER C 645 -54.40 64.85 -26.72
N GLU C 646 -55.27 65.55 -27.46
CA GLU C 646 -55.84 64.97 -28.66
C GLU C 646 -54.84 64.88 -29.81
N THR C 647 -53.58 65.25 -29.61
CA THR C 647 -52.56 65.19 -30.66
C THR C 647 -51.84 63.86 -30.72
N LEU C 648 -51.57 63.24 -29.57
CA LEU C 648 -50.68 62.09 -29.49
C LEU C 648 -51.42 60.76 -29.30
N LYS C 649 -52.64 60.65 -29.83
CA LYS C 649 -53.38 59.41 -29.70
C LYS C 649 -52.86 58.36 -30.69
N PRO C 650 -52.99 57.06 -30.35
CA PRO C 650 -52.50 56.01 -31.24
C PRO C 650 -53.13 56.02 -32.63
N ASP C 651 -54.43 56.30 -32.71
CA ASP C 651 -55.01 56.42 -34.04
C ASP C 651 -54.75 57.77 -34.67
N ASN C 652 -54.19 58.72 -33.92
CA ASN C 652 -54.11 60.11 -34.36
C ASN C 652 -52.76 60.50 -34.94
N PHE C 653 -51.70 59.71 -34.74
CA PHE C 653 -50.43 60.10 -35.34
C PHE C 653 -50.32 59.65 -36.80
N GLU C 654 -51.35 60.04 -37.56
CA GLU C 654 -51.42 59.81 -39.00
C GLU C 654 -51.16 61.06 -39.82
N GLU C 655 -51.79 62.18 -39.47
CA GLU C 655 -51.51 63.45 -40.11
C GLU C 655 -50.48 64.27 -39.33
N SER C 656 -50.06 63.81 -38.16
CA SER C 656 -49.04 64.49 -37.37
C SER C 656 -47.72 63.75 -37.31
N GLY C 657 -47.64 62.55 -37.88
CA GLY C 657 -46.40 61.78 -37.84
C GLY C 657 -46.28 61.00 -36.55
N TYR C 658 -45.51 59.91 -36.61
CA TYR C 658 -45.36 59.03 -35.46
C TYR C 658 -44.82 59.82 -34.28
N THR C 659 -45.44 59.63 -33.12
CA THR C 659 -45.11 60.40 -31.93
C THR C 659 -44.54 59.49 -30.86
N PHE C 660 -43.40 59.89 -30.30
CA PHE C 660 -42.73 59.17 -29.22
C PHE C 660 -43.05 59.85 -27.90
N ILE C 661 -42.68 59.18 -26.81
CA ILE C 661 -42.81 59.77 -25.48
C ILE C 661 -41.71 59.20 -24.60
N ALA C 662 -41.11 60.05 -23.77
CA ALA C 662 -39.99 59.62 -22.93
C ALA C 662 -40.51 58.86 -21.71
N PRO C 663 -39.95 57.70 -21.41
CA PRO C 663 -40.39 56.95 -20.24
C PRO C 663 -39.97 57.57 -18.92
N ARG C 664 -40.38 58.81 -18.67
CA ARG C 664 -40.14 59.47 -17.40
C ARG C 664 -41.35 59.30 -16.50
N ASP C 665 -41.10 58.93 -15.24
CA ASP C 665 -42.20 58.71 -14.30
C ASP C 665 -42.93 60.01 -14.03
N TYR C 666 -44.14 60.13 -14.56
CA TYR C 666 -44.99 61.29 -14.31
C TYR C 666 -45.93 61.06 -13.13
N CYS C 667 -46.65 59.95 -13.14
CA CYS C 667 -47.59 59.60 -12.08
C CYS C 667 -47.13 58.33 -11.36
N ASN C 668 -47.52 58.23 -10.10
CA ASN C 668 -47.14 57.07 -9.30
C ASN C 668 -47.73 55.78 -9.88
N ASP C 669 -48.99 55.81 -10.29
CA ASP C 669 -49.61 54.63 -10.87
C ASP C 669 -49.04 54.33 -12.24
N LEU C 670 -48.65 55.36 -13.00
CA LEU C 670 -48.08 55.17 -14.31
C LEU C 670 -46.76 54.40 -14.21
N LYS C 671 -46.61 53.39 -15.07
CA LYS C 671 -45.47 52.49 -15.02
C LYS C 671 -44.63 52.65 -16.28
N ILE C 672 -43.31 52.67 -16.11
CA ILE C 672 -42.41 52.77 -17.25
C ILE C 672 -42.42 51.46 -18.03
N SER C 673 -42.43 51.57 -19.35
CA SER C 673 -42.45 50.41 -20.23
C SER C 673 -41.38 50.55 -21.29
N ASP C 674 -40.73 49.43 -21.62
CA ASP C 674 -39.68 49.45 -22.64
C ASP C 674 -40.26 49.79 -24.01
N ASN C 675 -41.41 49.21 -24.35
CA ASN C 675 -42.06 49.49 -25.63
C ASN C 675 -42.79 50.81 -25.53
N ASN C 676 -42.62 51.66 -26.54
CA ASN C 676 -43.14 53.02 -26.47
C ASN C 676 -44.65 53.09 -26.64
N THR C 677 -45.23 52.14 -27.38
CA THR C 677 -46.67 52.17 -27.62
C THR C 677 -47.45 52.00 -26.32
N GLU C 678 -47.03 51.07 -25.47
CA GLU C 678 -47.71 50.86 -24.20
C GLU C 678 -47.63 52.10 -23.31
N PHE C 679 -46.46 52.73 -23.27
CA PHE C 679 -46.33 53.96 -22.50
C PHE C 679 -47.20 55.06 -23.06
N LEU C 680 -47.28 55.16 -24.39
CA LEU C 680 -48.13 56.19 -24.99
C LEU C 680 -49.60 55.96 -24.62
N LEU C 681 -50.06 54.71 -24.70
CA LEU C 681 -51.44 54.40 -24.35
C LEU C 681 -51.71 54.68 -22.87
N ASN C 682 -50.78 54.28 -22.00
CA ASN C 682 -50.97 54.52 -20.57
C ASN C 682 -50.98 56.00 -20.25
N PHE C 683 -50.08 56.77 -20.88
CA PHE C 683 -50.08 58.21 -20.68
C PHE C 683 -51.38 58.83 -21.14
N ASN C 684 -51.89 58.41 -22.31
CA ASN C 684 -53.15 58.94 -22.80
C ASN C 684 -54.29 58.65 -21.83
N GLU C 685 -54.37 57.40 -21.35
CA GLU C 685 -55.46 57.06 -20.44
C GLU C 685 -55.34 57.78 -19.11
N PHE C 686 -54.10 58.01 -18.64
CA PHE C 686 -53.92 58.74 -17.39
C PHE C 686 -54.32 60.19 -17.53
N ILE C 687 -53.86 60.86 -18.57
CA ILE C 687 -54.15 62.28 -18.74
C ILE C 687 -55.63 62.49 -19.06
N ASP C 688 -56.28 61.47 -19.64
CA ASP C 688 -57.73 61.54 -19.82
C ASP C 688 -58.47 61.33 -18.51
N ARG C 689 -58.00 60.38 -17.69
CA ARG C 689 -58.81 59.91 -16.57
C ARG C 689 -58.71 60.84 -15.36
N LYS C 690 -57.57 61.51 -15.18
CA LYS C 690 -57.40 62.49 -14.11
C LYS C 690 -56.83 63.79 -14.65
N THR C 691 -56.93 64.82 -13.82
CA THR C 691 -56.12 66.02 -14.02
C THR C 691 -54.66 65.70 -13.70
N PRO C 692 -53.70 66.41 -14.29
CA PRO C 692 -52.29 66.08 -14.05
C PRO C 692 -51.81 66.38 -12.63
N ASN C 693 -52.07 67.60 -12.15
CA ASN C 693 -51.39 68.08 -10.94
C ASN C 693 -51.90 67.42 -9.67
N ASN C 694 -53.23 67.36 -9.50
CA ASN C 694 -53.82 67.01 -8.20
C ASN C 694 -53.47 65.62 -7.69
N PRO C 695 -53.63 64.52 -8.49
CA PRO C 695 -53.48 63.15 -7.96
C PRO C 695 -52.04 62.76 -7.61
N SER C 696 -51.37 63.60 -6.82
CA SER C 696 -50.03 63.30 -6.30
C SER C 696 -49.06 62.93 -7.41
N CYS C 697 -49.14 63.64 -8.52
CA CYS C 697 -48.28 63.42 -9.68
C CYS C 697 -47.33 64.59 -9.85
N ASN C 698 -46.42 64.46 -10.81
CA ASN C 698 -45.45 65.51 -11.10
C ASN C 698 -46.10 66.51 -12.06
N ALA C 699 -46.55 67.64 -11.51
CA ALA C 699 -47.29 68.61 -12.31
C ALA C 699 -46.39 69.21 -13.40
N ASP C 700 -45.17 69.60 -13.03
CA ASP C 700 -44.29 70.26 -13.98
C ASP C 700 -43.97 69.36 -15.17
N LEU C 701 -43.66 68.10 -14.90
CA LEU C 701 -43.27 67.17 -15.96
C LEU C 701 -44.41 67.00 -16.96
N ILE C 702 -45.61 66.70 -16.47
CA ILE C 702 -46.75 66.50 -17.37
C ILE C 702 -47.09 67.78 -18.12
N ASN C 703 -47.09 68.92 -17.42
CA ASN C 703 -47.43 70.17 -18.08
C ASN C 703 -46.45 70.49 -19.20
N ARG C 704 -45.16 70.30 -18.96
CA ARG C 704 -44.18 70.56 -20.00
C ARG C 704 -44.25 69.56 -21.14
N VAL C 705 -44.54 68.29 -20.84
CA VAL C 705 -44.70 67.31 -21.91
C VAL C 705 -45.86 67.69 -22.82
N LEU C 706 -46.99 68.09 -22.24
CA LEU C 706 -48.14 68.45 -23.06
C LEU C 706 -47.91 69.77 -23.79
N LEU C 707 -47.18 70.71 -23.17
CA LEU C 707 -46.83 71.93 -23.87
C LEU C 707 -45.97 71.63 -25.09
N ASP C 708 -44.98 70.75 -24.92
CA ASP C 708 -44.15 70.33 -26.05
C ASP C 708 -44.99 69.63 -27.11
N ALA C 709 -45.94 68.80 -26.68
CA ALA C 709 -46.81 68.11 -27.62
C ALA C 709 -47.60 69.11 -28.45
N GLY C 710 -48.17 70.12 -27.80
CA GLY C 710 -48.92 71.12 -28.53
C GLY C 710 -48.07 71.90 -29.50
N PHE C 711 -46.89 72.35 -29.04
CA PHE C 711 -46.00 73.11 -29.91
C PHE C 711 -45.58 72.29 -31.12
N THR C 712 -45.17 71.04 -30.89
CA THR C 712 -44.72 70.19 -31.97
C THR C 712 -45.84 69.84 -32.93
N ASN C 713 -47.05 69.58 -32.41
CA ASN C 713 -48.17 69.30 -33.29
C ASN C 713 -48.51 70.50 -34.16
N GLU C 714 -48.53 71.70 -33.57
CA GLU C 714 -48.78 72.89 -34.36
C GLU C 714 -47.73 73.06 -35.43
N LEU C 715 -46.45 72.86 -35.07
CA LEU C 715 -45.38 72.98 -36.05
C LEU C 715 -45.57 71.99 -37.19
N VAL C 716 -45.73 70.70 -36.87
CA VAL C 716 -45.78 69.70 -37.92
C VAL C 716 -46.95 69.96 -38.85
N GLN C 717 -48.14 70.19 -38.28
CA GLN C 717 -49.30 70.47 -39.13
C GLN C 717 -49.01 71.68 -40.01
N ASN C 718 -48.85 72.86 -39.38
CA ASN C 718 -48.85 74.11 -40.13
C ASN C 718 -47.75 74.16 -41.17
N TYR C 719 -46.55 73.67 -40.84
CA TYR C 719 -45.44 73.81 -41.77
C TYR C 719 -45.20 72.55 -42.59
N TRP C 720 -45.04 71.39 -41.93
CA TRP C 720 -44.68 70.19 -42.66
C TRP C 720 -45.84 69.67 -43.50
N SER C 721 -47.09 69.90 -43.06
CA SER C 721 -48.22 69.37 -43.82
C SER C 721 -48.41 70.08 -45.16
N LYS C 722 -47.81 71.25 -45.34
CA LYS C 722 -47.96 71.96 -46.60
C LYS C 722 -47.24 71.24 -47.74
N GLN C 723 -46.03 70.74 -47.48
CA GLN C 723 -45.24 70.02 -48.46
C GLN C 723 -45.17 68.55 -48.03
N LYS C 724 -45.89 67.69 -48.76
CA LYS C 724 -45.92 66.28 -48.39
C LYS C 724 -44.63 65.56 -48.76
N ASN C 725 -44.16 65.75 -49.98
CA ASN C 725 -42.95 65.10 -50.47
C ASN C 725 -41.96 66.14 -50.96
N ILE C 726 -40.69 65.94 -50.64
CA ILE C 726 -39.60 66.81 -51.08
C ILE C 726 -38.53 65.94 -51.71
N LYS C 727 -37.85 66.52 -52.71
CA LYS C 727 -36.95 65.73 -53.55
C LYS C 727 -35.83 65.09 -52.75
N GLY C 728 -35.25 65.81 -51.80
CA GLY C 728 -34.04 65.34 -51.16
C GLY C 728 -34.17 64.82 -49.74
N VAL C 729 -35.36 64.88 -49.15
CA VAL C 729 -35.56 64.49 -47.76
C VAL C 729 -36.31 63.17 -47.72
N LYS C 730 -36.01 62.37 -46.71
CA LYS C 730 -36.73 61.12 -46.47
C LYS C 730 -37.66 61.23 -45.27
N ALA C 731 -37.22 61.90 -44.22
CA ALA C 731 -38.03 62.05 -43.02
C ALA C 731 -37.69 63.37 -42.34
N ARG C 732 -38.73 64.11 -41.94
CA ARG C 732 -38.57 65.29 -41.11
C ARG C 732 -38.90 64.93 -39.67
N PHE C 733 -37.93 65.11 -38.77
CA PHE C 733 -38.10 64.78 -37.38
C PHE C 733 -37.87 66.00 -36.51
N VAL C 734 -38.33 65.90 -35.27
CA VAL C 734 -38.17 66.96 -34.28
C VAL C 734 -38.14 66.33 -32.90
N VAL C 735 -37.12 66.69 -32.12
CA VAL C 735 -36.97 66.22 -30.75
C VAL C 735 -36.85 67.45 -29.85
N THR C 736 -37.65 67.49 -28.79
CA THR C 736 -37.68 68.63 -27.89
C THR C 736 -37.35 68.18 -26.47
N ASP C 737 -36.66 69.04 -25.73
CA ASP C 737 -36.47 68.82 -24.30
C ASP C 737 -37.84 68.80 -23.64
N GLY C 738 -38.25 67.64 -23.14
CA GLY C 738 -39.61 67.44 -22.69
C GLY C 738 -40.16 66.11 -23.18
N GLY C 739 -39.28 65.30 -23.75
CA GLY C 739 -39.57 63.92 -24.06
C GLY C 739 -40.65 63.64 -25.09
N ILE C 740 -40.61 64.33 -26.23
CA ILE C 740 -41.49 64.02 -27.34
C ILE C 740 -40.72 64.11 -28.65
N THR C 741 -41.01 63.18 -29.55
CA THR C 741 -40.36 63.11 -30.86
C THR C 741 -41.42 62.79 -31.90
N ARG C 742 -41.40 63.52 -33.02
CA ARG C 742 -42.46 63.43 -34.02
C ARG C 742 -41.84 63.28 -35.41
N VAL C 743 -41.70 62.03 -35.87
CA VAL C 743 -41.22 61.77 -37.22
C VAL C 743 -42.41 61.85 -38.18
N TYR C 744 -42.38 62.82 -39.08
CA TYR C 744 -43.53 63.14 -39.92
C TYR C 744 -43.94 62.01 -40.87
N PRO C 745 -43.02 61.39 -41.63
CA PRO C 745 -43.45 60.31 -42.53
C PRO C 745 -43.87 59.08 -41.74
N LYS C 746 -44.97 58.46 -42.19
CA LYS C 746 -45.47 57.26 -41.52
C LYS C 746 -44.51 56.08 -41.67
N GLU C 747 -44.07 55.80 -42.90
CA GLU C 747 -43.21 54.65 -43.13
C GLU C 747 -41.81 54.85 -42.57
N ALA C 748 -41.39 56.10 -42.34
CA ALA C 748 -40.07 56.36 -41.78
C ALA C 748 -40.03 56.20 -40.26
N GLY C 749 -41.17 56.10 -39.60
CA GLY C 749 -41.18 55.89 -38.17
C GLY C 749 -40.60 54.56 -37.74
N GLU C 750 -40.67 53.55 -38.59
CA GLU C 750 -40.11 52.25 -38.25
C GLU C 750 -38.59 52.28 -38.25
N ASN C 751 -37.98 53.17 -39.04
CA ASN C 751 -36.53 53.26 -39.12
C ASN C 751 -35.91 54.06 -37.99
N TRP C 752 -36.72 54.69 -37.15
CA TRP C 752 -36.19 55.48 -36.03
C TRP C 752 -35.62 54.54 -34.97
N GLN C 753 -34.29 54.41 -34.94
CA GLN C 753 -33.62 53.55 -33.99
C GLN C 753 -33.15 54.30 -32.75
N GLU C 754 -33.45 55.59 -32.66
CA GLU C 754 -32.98 56.41 -31.55
C GLU C 754 -33.70 56.05 -30.25
N ASN C 755 -33.06 56.37 -29.14
CA ASN C 755 -33.65 56.15 -27.84
C ASN C 755 -34.88 57.05 -27.66
N PRO C 756 -36.04 56.49 -27.28
CA PRO C 756 -37.20 57.35 -27.03
C PRO C 756 -36.96 58.38 -25.95
N GLU C 757 -36.06 58.11 -24.99
CA GLU C 757 -35.69 59.11 -24.01
C GLU C 757 -34.92 60.24 -24.68
N THR C 758 -35.41 61.47 -24.52
CA THR C 758 -34.77 62.61 -25.16
C THR C 758 -33.40 62.89 -24.56
N TYR C 759 -33.25 62.73 -23.25
CA TYR C 759 -32.00 63.06 -22.57
C TYR C 759 -30.91 62.02 -22.77
N GLU C 760 -31.10 61.05 -23.67
CA GLU C 760 -30.09 60.04 -23.93
C GLU C 760 -29.86 59.86 -25.42
N ASP C 761 -30.17 60.89 -26.21
CA ASP C 761 -29.95 60.86 -27.64
C ASP C 761 -28.60 61.48 -27.94
N SER C 762 -27.73 60.71 -28.61
CA SER C 762 -26.38 61.20 -28.91
C SER C 762 -26.44 62.41 -29.84
N PHE C 763 -27.31 62.36 -30.85
CA PHE C 763 -27.38 63.47 -31.80
C PHE C 763 -27.92 64.74 -31.15
N TYR C 764 -28.87 64.60 -30.22
CA TYR C 764 -29.41 65.77 -29.53
C TYR C 764 -28.32 66.48 -28.72
N LYS C 765 -27.56 65.70 -27.95
CA LYS C 765 -26.47 66.25 -27.15
C LYS C 765 -25.36 66.80 -28.04
N ARG C 766 -25.11 66.17 -29.18
CA ARG C 766 -24.10 66.68 -30.10
C ARG C 766 -24.53 68.02 -30.70
N SER C 767 -25.79 68.11 -31.14
CA SER C 767 -26.27 69.34 -31.76
C SER C 767 -26.43 70.47 -30.76
N LEU C 768 -26.63 70.16 -29.48
CA LEU C 768 -26.76 71.23 -28.49
C LEU C 768 -25.46 72.02 -28.34
N ASP C 769 -24.31 71.38 -28.49
CA ASP C 769 -23.03 72.03 -28.27
C ASP C 769 -22.49 72.74 -29.51
N ASN C 770 -23.19 72.67 -30.64
CA ASN C 770 -22.72 73.27 -31.88
C ASN C 770 -23.71 74.33 -32.35
N ASP C 771 -23.19 75.49 -32.72
CA ASP C 771 -24.00 76.61 -33.19
C ASP C 771 -24.31 76.51 -34.68
N ASN C 772 -24.18 75.33 -35.28
CA ASN C 772 -24.40 75.16 -36.71
C ASN C 772 -25.02 73.79 -36.93
N TYR C 773 -25.08 73.38 -38.19
CA TYR C 773 -25.68 72.10 -38.54
C TYR C 773 -24.71 70.97 -38.28
N VAL C 774 -25.22 69.86 -37.75
CA VAL C 774 -24.41 68.71 -37.37
C VAL C 774 -24.84 67.52 -38.20
N PHE C 775 -23.88 66.85 -38.83
CA PHE C 775 -24.14 65.68 -39.64
C PHE C 775 -23.75 64.43 -38.86
N THR C 776 -24.69 63.50 -38.72
CA THR C 776 -24.48 62.27 -37.97
C THR C 776 -24.26 61.13 -38.94
N ALA C 777 -23.06 60.54 -38.91
CA ALA C 777 -22.76 59.41 -39.76
C ALA C 777 -23.52 58.18 -39.29
N PRO C 778 -24.02 57.37 -40.21
CA PRO C 778 -24.76 56.16 -39.84
C PRO C 778 -23.81 55.04 -39.49
N TYR C 779 -24.38 53.86 -39.25
CA TYR C 779 -23.61 52.68 -38.88
C TYR C 779 -23.35 51.82 -40.11
N PHE C 780 -22.21 51.15 -40.11
CA PHE C 780 -21.77 50.33 -41.24
C PHE C 780 -21.72 48.86 -40.84
N ASN C 781 -22.14 48.00 -41.77
CA ASN C 781 -22.11 46.55 -41.59
C ASN C 781 -22.89 46.13 -40.34
N LYS C 782 -24.11 46.66 -40.21
CA LYS C 782 -24.97 46.37 -39.08
C LYS C 782 -26.28 45.75 -39.57
N SER C 783 -26.90 44.97 -38.70
CA SER C 783 -28.12 44.25 -39.06
C SER C 783 -29.29 45.19 -39.33
N GLY C 784 -29.24 46.42 -38.83
CA GLY C 784 -30.30 47.37 -39.06
C GLY C 784 -30.24 47.94 -40.45
N PRO C 785 -31.21 48.79 -40.78
CA PRO C 785 -31.23 49.42 -42.11
C PRO C 785 -30.04 50.34 -42.30
N GLY C 786 -29.41 50.23 -43.47
CA GLY C 786 -28.27 51.06 -43.79
C GLY C 786 -28.70 52.43 -44.28
N ALA C 787 -27.71 53.19 -44.74
CA ALA C 787 -27.97 54.53 -45.25
C ALA C 787 -28.35 54.49 -46.72
N TYR C 788 -29.32 53.63 -47.06
CA TYR C 788 -29.91 53.61 -48.39
C TYR C 788 -31.42 53.57 -48.36
N GLU C 789 -32.04 53.16 -47.26
CA GLU C 789 -33.48 53.26 -47.06
C GLU C 789 -33.87 54.09 -45.86
N SER C 790 -32.92 54.53 -45.05
CA SER C 790 -33.17 55.38 -43.89
C SER C 790 -32.71 56.82 -44.11
N GLY C 791 -31.51 57.02 -44.63
CA GLY C 791 -31.01 58.33 -44.96
C GLY C 791 -29.89 58.76 -44.02
N ILE C 792 -29.38 59.96 -44.29
CA ILE C 792 -28.30 60.56 -43.50
C ILE C 792 -28.92 61.62 -42.60
N MET C 793 -28.61 61.55 -41.31
CA MET C 793 -29.24 62.42 -40.32
C MET C 793 -28.43 63.69 -40.13
N VAL C 794 -29.07 64.83 -40.39
CA VAL C 794 -28.50 66.14 -40.11
C VAL C 794 -29.46 66.87 -39.18
N SER C 795 -28.92 67.47 -38.12
CA SER C 795 -29.74 68.09 -37.09
C SER C 795 -29.23 69.48 -36.76
N LYS C 796 -30.16 70.37 -36.42
CA LYS C 796 -29.84 71.72 -35.99
C LYS C 796 -30.56 72.01 -34.68
N ALA C 797 -29.87 72.69 -33.76
CA ALA C 797 -30.43 72.99 -32.45
C ALA C 797 -31.27 74.25 -32.53
N VAL C 798 -32.52 74.16 -32.07
CA VAL C 798 -33.42 75.31 -32.06
C VAL C 798 -32.96 76.30 -31.01
N GLU C 799 -32.93 77.58 -31.39
CA GLU C 799 -32.43 78.65 -30.52
C GLU C 799 -33.50 79.71 -30.38
N ILE C 800 -33.78 80.12 -29.15
CA ILE C 800 -34.76 81.14 -28.84
C ILE C 800 -34.16 82.17 -27.91
N TYR C 801 -34.69 83.40 -27.96
CA TYR C 801 -34.26 84.48 -27.09
C TYR C 801 -35.50 85.05 -26.37
N ILE C 802 -35.85 84.43 -25.24
CA ILE C 802 -36.86 85.01 -24.38
C ILE C 802 -36.22 86.07 -23.50
N GLN C 803 -36.78 87.27 -23.53
CA GLN C 803 -36.17 88.46 -22.92
C GLN C 803 -34.78 88.58 -23.56
N GLY C 804 -33.71 88.69 -22.78
CA GLY C 804 -32.38 88.67 -23.35
C GLY C 804 -31.70 87.32 -23.17
N LYS C 805 -32.35 86.43 -22.43
CA LYS C 805 -31.75 85.15 -22.08
C LYS C 805 -31.73 84.19 -23.26
N LEU C 806 -30.78 83.27 -23.23
CA LEU C 806 -30.58 82.28 -24.28
C LEU C 806 -31.13 80.94 -23.86
N LEU C 807 -31.83 80.28 -24.77
CA LEU C 807 -32.43 78.97 -24.50
C LEU C 807 -32.40 78.12 -25.76
N LYS C 808 -32.14 76.83 -25.59
CA LYS C 808 -32.10 75.86 -26.68
C LYS C 808 -32.98 74.68 -26.29
N PRO C 809 -34.30 74.80 -26.47
CA PRO C 809 -35.22 73.76 -25.98
C PRO C 809 -35.52 72.62 -26.94
N ALA C 810 -35.07 72.68 -28.19
CA ALA C 810 -35.45 71.67 -29.16
C ALA C 810 -34.36 71.50 -30.20
N VAL C 811 -34.39 70.36 -30.88
CA VAL C 811 -33.52 70.08 -32.01
C VAL C 811 -34.36 69.49 -33.13
N VAL C 812 -34.25 70.07 -34.33
CA VAL C 812 -34.94 69.59 -35.51
C VAL C 812 -33.89 69.06 -36.48
N GLY C 813 -34.34 68.36 -37.52
CA GLY C 813 -33.39 67.78 -38.44
C GLY C 813 -34.05 67.19 -39.67
N ILE C 814 -33.19 66.65 -40.52
CA ILE C 814 -33.58 66.09 -41.82
C ILE C 814 -32.84 64.78 -42.02
N LYS C 815 -33.54 63.79 -42.58
CA LYS C 815 -32.91 62.55 -43.04
C LYS C 815 -32.74 62.67 -44.56
N ILE C 816 -31.49 62.85 -44.99
CA ILE C 816 -31.19 63.15 -46.39
C ILE C 816 -31.24 61.87 -47.20
N ASP C 817 -31.95 61.91 -48.33
CA ASP C 817 -31.95 60.77 -49.24
C ASP C 817 -30.56 60.57 -49.83
N VAL C 818 -30.08 59.33 -49.82
CA VAL C 818 -28.73 59.06 -50.29
C VAL C 818 -28.64 59.21 -51.81
N ASN C 819 -29.63 58.69 -52.54
CA ASN C 819 -29.55 58.67 -53.99
C ASN C 819 -29.64 60.07 -54.59
N SER C 820 -30.50 60.91 -54.01
CA SER C 820 -30.62 62.28 -54.50
C SER C 820 -29.30 63.02 -54.35
N TRP C 821 -28.63 62.85 -53.22
CA TRP C 821 -27.37 63.55 -53.01
C TRP C 821 -26.26 62.93 -53.85
N ILE C 822 -26.37 61.63 -54.14
CA ILE C 822 -25.42 61.00 -55.07
C ILE C 822 -25.54 61.62 -56.46
N GLU C 823 -26.77 61.78 -56.94
CA GLU C 823 -26.94 62.36 -58.27
C GLU C 823 -26.71 63.86 -58.28
N ASN C 824 -26.77 64.52 -57.12
CA ASN C 824 -26.43 65.92 -57.02
C ASN C 824 -24.94 66.19 -56.88
N PHE C 825 -24.18 65.23 -56.34
CA PHE C 825 -22.76 65.39 -56.10
C PHE C 825 -21.91 65.26 -57.35
N THR C 826 -22.42 64.59 -58.38
CA THR C 826 -21.66 64.31 -59.59
C THR C 826 -21.99 65.27 -60.73
N LYS C 827 -22.80 66.30 -60.48
CA LYS C 827 -23.05 67.32 -61.49
C LYS C 827 -22.65 68.72 -61.06
N THR C 828 -22.49 68.97 -59.76
CA THR C 828 -22.05 70.27 -59.26
C THR C 828 -20.55 70.34 -59.05
N SER C 829 -19.82 69.29 -59.41
CA SER C 829 -18.38 69.22 -59.20
C SER C 829 -17.57 69.16 -60.47
N ILE C 830 -18.08 68.52 -61.52
CA ILE C 830 -17.33 68.30 -62.76
C ILE C 830 -17.68 69.39 -63.75
N ARG C 831 -16.65 69.98 -64.36
CA ARG C 831 -16.85 70.88 -65.48
C ARG C 831 -17.01 70.05 -66.75
N ASP C 832 -18.03 70.39 -67.56
CA ASP C 832 -18.30 69.56 -68.74
C ASP C 832 -17.22 69.71 -69.80
N PRO C 833 -16.99 70.90 -70.39
CA PRO C 833 -15.93 70.98 -71.43
C PRO C 833 -14.57 71.35 -70.84
N CYS C 834 -14.04 70.47 -69.99
CA CYS C 834 -12.79 70.79 -69.31
C CYS C 834 -11.59 70.21 -70.05
N ALA C 835 -11.54 68.89 -70.22
CA ALA C 835 -10.41 68.23 -70.86
C ALA C 835 -10.80 66.81 -71.22
N GLY C 836 -9.97 66.18 -72.06
CA GLY C 836 -10.14 64.79 -72.40
C GLY C 836 -10.08 63.90 -71.18
N PRO C 837 -8.94 63.88 -70.51
CA PRO C 837 -8.88 63.25 -69.17
C PRO C 837 -9.79 64.00 -68.20
N VAL C 838 -10.41 63.25 -67.29
CA VAL C 838 -11.39 63.84 -66.40
C VAL C 838 -10.71 64.79 -65.43
N CYS C 839 -11.22 66.02 -65.38
CA CYS C 839 -10.72 67.02 -64.44
C CYS C 839 -11.22 66.77 -63.02
N ASP C 840 -12.43 66.22 -62.88
CA ASP C 840 -12.98 65.90 -61.58
C ASP C 840 -13.56 64.48 -61.67
N CYS C 841 -14.27 64.07 -60.62
CA CYS C 841 -14.79 62.72 -60.51
C CYS C 841 -16.10 62.57 -61.26
N LYS C 842 -16.64 61.35 -61.21
CA LYS C 842 -17.93 61.03 -61.79
C LYS C 842 -18.46 59.77 -61.09
N ARG C 843 -19.49 59.17 -61.68
CA ARG C 843 -20.08 57.98 -61.07
C ARG C 843 -19.07 56.84 -61.00
N ASN C 844 -18.26 56.67 -62.03
CA ASN C 844 -17.15 55.72 -62.02
C ASN C 844 -15.90 56.45 -62.52
N SER C 845 -15.20 57.11 -61.61
CA SER C 845 -13.97 57.80 -61.95
C SER C 845 -12.78 56.85 -61.78
N ASP C 846 -12.10 56.54 -62.88
CA ASP C 846 -11.02 55.57 -62.82
C ASP C 846 -9.85 56.08 -62.00
N VAL C 847 -9.49 57.35 -62.15
CA VAL C 847 -8.31 57.92 -61.50
C VAL C 847 -8.70 58.84 -60.34
N MET C 848 -9.44 59.91 -60.61
CA MET C 848 -9.69 60.91 -59.58
C MET C 848 -10.59 60.37 -58.49
N ASP C 849 -10.24 60.65 -57.24
CA ASP C 849 -11.04 60.25 -56.08
C ASP C 849 -11.56 61.49 -55.39
N CYS C 850 -12.88 61.53 -55.17
CA CYS C 850 -13.53 62.65 -54.49
C CYS C 850 -14.42 62.07 -53.40
N VAL C 851 -14.06 62.34 -52.15
CA VAL C 851 -14.80 61.86 -51.00
C VAL C 851 -15.15 63.07 -50.13
N ILE C 852 -16.19 62.90 -49.32
CA ILE C 852 -16.62 63.93 -48.37
C ILE C 852 -16.77 63.29 -47.00
N LEU C 853 -16.21 63.92 -45.98
CA LEU C 853 -16.12 63.36 -44.65
C LEU C 853 -16.81 64.26 -43.64
N ASP C 854 -16.88 63.78 -42.40
CA ASP C 854 -17.39 64.56 -41.28
C ASP C 854 -16.25 64.81 -40.30
N ASP C 855 -16.58 65.43 -39.17
CA ASP C 855 -15.56 65.73 -38.17
C ASP C 855 -15.20 64.54 -37.29
N GLY C 856 -15.55 63.31 -37.70
CA GLY C 856 -15.20 62.14 -36.93
C GLY C 856 -14.43 61.11 -37.74
N GLY C 857 -14.09 61.47 -38.97
CA GLY C 857 -13.37 60.57 -39.85
C GLY C 857 -14.22 59.53 -40.54
N PHE C 858 -15.54 59.58 -40.41
CA PHE C 858 -16.42 58.61 -41.03
C PHE C 858 -16.82 59.10 -42.41
N LEU C 859 -16.84 58.19 -43.37
CA LEU C 859 -17.18 58.56 -44.75
C LEU C 859 -18.69 58.68 -44.90
N LEU C 860 -19.12 59.67 -45.67
CA LEU C 860 -20.52 59.88 -46.01
C LEU C 860 -20.81 59.67 -47.49
N MET C 861 -19.96 60.16 -48.37
CA MET C 861 -20.14 59.96 -49.80
C MET C 861 -18.79 59.82 -50.48
N ALA C 862 -18.81 59.25 -51.68
CA ALA C 862 -17.65 59.20 -52.55
C ALA C 862 -18.12 58.96 -53.97
N ASN C 863 -17.25 59.28 -54.92
CA ASN C 863 -17.53 59.06 -56.34
C ASN C 863 -17.69 57.58 -56.68
N HIS C 864 -16.80 56.74 -56.17
CA HIS C 864 -16.79 55.33 -56.54
C HIS C 864 -17.92 54.56 -55.88
N ASP C 865 -18.46 53.59 -56.62
CA ASP C 865 -19.52 52.75 -56.08
C ASP C 865 -19.01 51.90 -54.92
N ASP C 866 -17.78 51.39 -55.03
CA ASP C 866 -17.22 50.59 -53.95
C ASP C 866 -17.04 51.42 -52.69
N TYR C 867 -16.61 52.68 -52.84
CA TYR C 867 -16.50 53.56 -51.68
C TYR C 867 -17.85 53.84 -51.05
N THR C 868 -18.83 54.26 -51.87
CA THR C 868 -20.13 54.64 -51.32
C THR C 868 -20.88 53.42 -50.77
N ASN C 869 -20.49 52.22 -51.20
CA ASN C 869 -21.01 51.00 -50.61
C ASN C 869 -20.61 50.87 -49.14
N GLN C 870 -19.60 51.62 -48.71
CA GLN C 870 -19.06 51.56 -47.35
C GLN C 870 -19.39 52.85 -46.62
N ILE C 871 -20.63 53.31 -46.76
CA ILE C 871 -21.08 54.54 -46.12
C ILE C 871 -21.11 54.33 -44.61
N GLY C 872 -20.66 55.34 -43.87
CA GLY C 872 -20.59 55.26 -42.43
C GLY C 872 -19.34 54.60 -41.90
N ARG C 873 -18.54 54.00 -42.78
CA ARG C 873 -17.30 53.36 -42.36
C ARG C 873 -16.23 54.42 -42.09
N PHE C 874 -15.32 54.10 -41.17
CA PHE C 874 -14.21 55.00 -40.90
C PHE C 874 -13.32 55.11 -42.13
N PHE C 875 -12.93 56.34 -42.46
CA PHE C 875 -12.16 56.56 -43.67
C PHE C 875 -10.74 56.03 -43.53
N GLY C 876 -10.30 55.79 -42.29
CA GLY C 876 -9.01 55.15 -42.09
C GLY C 876 -8.98 53.74 -42.64
N GLU C 877 -10.08 53.00 -42.51
CA GLU C 877 -10.13 51.64 -43.07
C GLU C 877 -10.08 51.66 -44.59
N ILE C 878 -10.73 52.64 -45.22
CA ILE C 878 -10.80 52.67 -46.66
C ILE C 878 -9.50 53.19 -47.26
N ASP C 879 -9.04 54.37 -46.82
CA ASP C 879 -7.81 54.98 -47.32
C ASP C 879 -6.95 55.37 -46.13
N PRO C 880 -6.14 54.43 -45.63
CA PRO C 880 -5.35 54.73 -44.42
C PRO C 880 -4.27 55.78 -44.63
N SER C 881 -3.63 55.78 -45.79
CA SER C 881 -2.50 56.69 -46.01
C SER C 881 -2.95 58.14 -45.95
N LEU C 882 -4.07 58.47 -46.59
CA LEU C 882 -4.53 59.85 -46.61
C LEU C 882 -4.96 60.29 -45.21
N MET C 883 -5.61 59.41 -44.45
CA MET C 883 -5.97 59.74 -43.08
C MET C 883 -4.75 59.98 -42.21
N ARG C 884 -3.73 59.13 -42.34
CA ARG C 884 -2.51 59.34 -41.55
C ARG C 884 -1.83 60.64 -41.93
N HIS C 885 -1.80 60.97 -43.23
CA HIS C 885 -1.23 62.24 -43.64
C HIS C 885 -2.04 63.42 -43.11
N LEU C 886 -3.37 63.29 -43.10
CA LEU C 886 -4.22 64.34 -42.58
C LEU C 886 -3.94 64.57 -41.10
N VAL C 887 -3.79 63.48 -40.33
CA VAL C 887 -3.47 63.61 -38.92
C VAL C 887 -2.10 64.25 -38.74
N ASN C 888 -1.13 63.85 -39.57
CA ASN C 888 0.21 64.42 -39.46
C ASN C 888 0.21 65.91 -39.74
N ILE C 889 -0.58 66.37 -40.70
CA ILE C 889 -0.66 67.80 -41.01
C ILE C 889 -1.77 68.42 -40.17
N SER C 890 -2.22 67.70 -39.14
CA SER C 890 -3.14 68.23 -38.13
C SER C 890 -4.48 68.61 -38.76
N VAL C 891 -5.13 67.64 -39.39
CA VAL C 891 -6.49 67.80 -39.89
C VAL C 891 -7.50 67.21 -38.91
N TYR C 892 -7.25 65.99 -38.46
CA TYR C 892 -8.06 65.31 -37.45
C TYR C 892 -7.21 65.08 -36.22
N ALA C 893 -7.53 65.76 -35.13
CA ALA C 893 -6.86 65.50 -33.88
C ALA C 893 -7.37 64.18 -33.30
N PHE C 894 -6.53 63.51 -32.51
CA PHE C 894 -6.93 62.24 -31.96
C PHE C 894 -6.51 62.22 -30.51
N ASN C 895 -7.41 61.75 -29.64
CA ASN C 895 -6.98 61.46 -28.28
C ASN C 895 -7.94 60.47 -27.64
N LYS C 896 -7.35 59.51 -26.95
CA LYS C 896 -7.93 58.21 -26.66
C LYS C 896 -8.31 58.10 -25.19
N SER C 897 -9.24 57.20 -24.90
CA SER C 897 -9.66 56.96 -23.52
C SER C 897 -9.75 55.45 -23.31
N TYR C 898 -9.81 55.05 -22.03
CA TYR C 898 -9.91 53.64 -21.67
C TYR C 898 -11.31 53.39 -21.11
N ASP C 899 -11.99 52.39 -21.65
CA ASP C 899 -13.30 51.97 -21.16
C ASP C 899 -13.12 50.74 -20.29
N TYR C 900 -13.42 50.86 -19.00
CA TYR C 900 -13.19 49.78 -18.06
C TYR C 900 -14.41 48.88 -17.88
N GLN C 901 -15.61 49.40 -18.12
CA GLN C 901 -16.83 48.60 -18.02
C GLN C 901 -17.27 48.18 -19.42
N SER C 902 -16.57 47.19 -19.96
CA SER C 902 -16.86 46.66 -21.28
C SER C 902 -16.66 45.15 -21.27
N VAL C 903 -17.37 44.48 -22.17
CA VAL C 903 -17.30 43.02 -22.28
C VAL C 903 -16.57 42.67 -23.57
N CYS C 904 -15.88 41.53 -23.54
CA CYS C 904 -15.10 41.06 -24.67
C CYS C 904 -15.54 39.64 -25.03
N GLU C 905 -15.27 39.26 -26.29
CA GLU C 905 -15.66 37.93 -26.74
C GLU C 905 -14.73 36.85 -26.21
N PRO C 906 -13.39 36.98 -26.29
CA PRO C 906 -12.55 35.92 -25.70
C PRO C 906 -12.71 35.81 -24.19
N CYS C 974 -13.43 43.52 -19.18
CA CYS C 974 -12.20 43.72 -19.96
C CYS C 974 -12.00 45.20 -20.30
N ILE C 975 -10.76 45.66 -20.16
CA ILE C 975 -10.43 47.04 -20.50
C ILE C 975 -10.42 47.19 -22.02
N THR C 976 -11.01 48.28 -22.50
CA THR C 976 -11.11 48.52 -23.93
C THR C 976 -10.67 49.94 -24.24
N GLU C 977 -9.83 50.08 -25.27
CA GLU C 977 -9.35 51.37 -25.70
C GLU C 977 -10.29 51.97 -26.74
N GLN C 978 -10.45 53.29 -26.69
CA GLN C 978 -11.31 54.01 -27.61
C GLN C 978 -10.54 55.16 -28.24
N THR C 979 -11.00 55.59 -29.41
CA THR C 979 -10.37 56.70 -30.11
C THR C 979 -11.44 57.53 -30.82
N GLN C 980 -11.29 58.85 -30.77
CA GLN C 980 -12.21 59.76 -31.43
C GLN C 980 -11.41 60.86 -32.11
N TYR C 981 -11.90 61.30 -33.27
CA TYR C 981 -11.23 62.31 -34.08
C TYR C 981 -12.10 63.56 -34.21
N PHE C 982 -11.46 64.72 -34.37
CA PHE C 982 -12.17 65.99 -34.45
C PHE C 982 -11.26 67.02 -35.11
N PHE C 983 -11.81 68.23 -35.26
CA PHE C 983 -11.08 69.33 -35.88
C PHE C 983 -10.21 70.04 -34.85
N ASP C 984 -9.07 70.57 -35.31
CA ASP C 984 -8.18 71.27 -34.38
C ASP C 984 -7.46 72.47 -35.00
N ASN C 985 -7.95 72.97 -36.15
CA ASN C 985 -7.30 74.10 -36.86
C ASN C 985 -8.27 75.19 -37.33
N ASP C 986 -9.58 74.92 -37.28
CA ASP C 986 -10.63 75.86 -37.68
C ASP C 986 -10.23 76.78 -38.83
N SER C 987 -9.66 76.21 -39.89
CA SER C 987 -9.28 76.98 -41.08
C SER C 987 -9.67 76.15 -42.31
N LYS C 988 -9.44 76.70 -43.49
CA LYS C 988 -10.08 76.16 -44.68
C LYS C 988 -9.11 75.69 -45.76
N SER C 989 -7.96 76.37 -45.93
CA SER C 989 -7.14 76.13 -47.11
C SER C 989 -6.67 74.68 -47.18
N PHE C 990 -5.83 74.26 -46.23
CA PHE C 990 -5.50 72.86 -46.01
C PHE C 990 -5.02 72.16 -47.29
N SER C 991 -3.91 72.65 -47.84
CA SER C 991 -3.35 72.12 -49.07
C SER C 991 -1.98 71.50 -48.80
N GLY C 992 -1.75 70.30 -49.33
CA GLY C 992 -0.49 69.61 -49.15
C GLY C 992 -0.32 68.51 -50.17
N VAL C 993 0.84 67.86 -50.11
CA VAL C 993 1.20 66.76 -51.01
C VAL C 993 1.50 65.53 -50.18
N LEU C 994 0.94 64.39 -50.59
CA LEU C 994 1.11 63.16 -49.81
C LEU C 994 2.55 62.66 -49.86
N ASP C 995 3.14 62.59 -51.05
CA ASP C 995 4.43 61.93 -51.26
C ASP C 995 4.37 60.50 -50.74
N CYS C 996 3.37 59.74 -51.21
CA CYS C 996 3.07 58.41 -50.71
C CYS C 996 3.58 57.37 -51.70
N GLY C 997 4.51 56.53 -51.23
CA GLY C 997 4.98 55.42 -52.06
C GLY C 997 5.55 55.85 -53.39
N ASN C 998 6.40 56.88 -53.38
CA ASN C 998 7.01 57.48 -54.58
C ASN C 998 6.00 57.72 -55.70
N CYS C 999 4.72 57.87 -55.34
CA CYS C 999 3.65 58.23 -56.27
C CYS C 999 2.87 59.38 -55.62
N SER C 1000 3.36 60.60 -55.85
CA SER C 1000 2.79 61.75 -55.15
C SER C 1000 1.39 62.06 -55.64
N ARG C 1001 0.47 62.23 -54.69
CA ARG C 1001 -0.91 62.60 -54.98
C ARG C 1001 -1.20 63.95 -54.34
N ILE C 1002 -1.38 64.98 -55.17
CA ILE C 1002 -1.79 66.27 -54.65
C ILE C 1002 -3.25 66.21 -54.20
N PHE C 1003 -3.50 66.74 -53.00
CA PHE C 1003 -4.84 66.71 -52.42
C PHE C 1003 -5.22 68.10 -51.95
N HIS C 1004 -6.49 68.43 -52.09
CA HIS C 1004 -7.04 69.71 -51.64
C HIS C 1004 -8.20 69.46 -50.69
N GLY C 1005 -8.18 70.14 -49.56
CA GLY C 1005 -9.23 69.97 -48.57
C GLY C 1005 -9.96 71.26 -48.23
N GLU C 1006 -11.27 71.27 -48.39
CA GLU C 1006 -12.09 72.42 -48.05
C GLU C 1006 -13.24 71.96 -47.16
N LYS C 1007 -13.58 72.79 -46.19
CA LYS C 1007 -14.62 72.48 -45.22
C LYS C 1007 -15.84 73.36 -45.49
N LEU C 1008 -17.01 72.73 -45.57
CA LEU C 1008 -18.25 73.48 -45.75
C LEU C 1008 -18.45 74.41 -44.55
N MET C 1009 -18.73 75.69 -44.84
CA MET C 1009 -18.67 76.69 -43.79
C MET C 1009 -19.73 76.44 -42.71
N ASN C 1010 -20.98 76.29 -43.13
CA ASN C 1010 -22.06 76.20 -42.15
C ASN C 1010 -22.16 74.82 -41.53
N THR C 1011 -21.86 73.77 -42.28
CA THR C 1011 -21.92 72.42 -41.75
C THR C 1011 -20.59 72.05 -41.12
N ASN C 1012 -20.49 70.80 -40.66
CA ASN C 1012 -19.28 70.28 -40.02
C ASN C 1012 -18.55 69.27 -40.88
N LEU C 1013 -18.67 69.37 -42.20
CA LEU C 1013 -18.07 68.43 -43.12
C LEU C 1013 -16.84 69.02 -43.79
N ILE C 1014 -16.02 68.15 -44.36
CA ILE C 1014 -14.81 68.54 -45.08
C ILE C 1014 -14.79 67.81 -46.41
N PHE C 1015 -14.41 68.52 -47.47
CA PHE C 1015 -14.30 67.96 -48.80
C PHE C 1015 -12.82 67.78 -49.13
N ILE C 1016 -12.37 66.54 -49.15
CA ILE C 1016 -10.98 66.19 -49.47
C ILE C 1016 -10.98 65.42 -50.78
N MET C 1017 -10.16 65.87 -51.73
CA MET C 1017 -10.07 65.27 -53.05
C MET C 1017 -8.62 64.91 -53.34
N VAL C 1018 -8.35 63.63 -53.51
CA VAL C 1018 -7.00 63.13 -53.78
C VAL C 1018 -6.92 62.73 -55.24
N GLU C 1019 -5.68 62.65 -55.76
CA GLU C 1019 -5.47 62.24 -57.15
C GLU C 1019 -6.02 60.84 -57.39
N SER C 1020 -5.61 59.88 -56.57
CA SER C 1020 -6.04 58.50 -56.70
C SER C 1020 -5.50 57.70 -55.54
N LYS C 1021 -6.06 56.49 -55.35
CA LYS C 1021 -5.59 55.55 -54.35
C LYS C 1021 -5.06 54.26 -54.96
N GLY C 1022 -5.83 53.65 -55.87
CA GLY C 1022 -5.39 52.39 -56.46
C GLY C 1022 -4.17 52.53 -57.34
N THR C 1023 -4.07 53.65 -58.05
CA THR C 1023 -2.96 53.83 -58.99
C THR C 1023 -1.62 53.91 -58.26
N CYS C 1024 -1.59 54.59 -57.11
CA CYS C 1024 -0.36 54.75 -56.35
C CYS C 1024 -0.36 53.78 -55.18
N PRO C 1025 0.43 52.70 -55.23
CA PRO C 1025 0.47 51.77 -54.10
C PRO C 1025 1.14 52.40 -52.89
N CYS C 1026 0.64 52.07 -51.71
CA CYS C 1026 1.21 52.54 -50.46
C CYS C 1026 1.03 51.46 -49.40
N ASP C 1027 1.71 51.67 -48.27
CA ASP C 1027 1.45 50.82 -47.11
C ASP C 1027 0.03 51.05 -46.61
N THR C 1028 -0.53 50.02 -45.99
CA THR C 1028 -1.92 50.09 -45.52
C THR C 1028 -1.98 50.32 -44.01
N ARG C 1029 -1.39 49.43 -43.22
CA ARG C 1029 -1.32 49.54 -41.76
C ARG C 1029 -2.59 50.18 -41.18
N LEU C 1030 -3.72 49.53 -41.49
CA LEU C 1030 -5.06 50.07 -41.31
C LEU C 1030 -5.20 50.88 -40.02
N LEU C 1031 -5.71 52.10 -40.16
CA LEU C 1031 -5.91 53.01 -39.03
C LEU C 1031 -7.34 52.82 -38.51
N ILE C 1032 -7.46 51.91 -37.55
CA ILE C 1032 -8.76 51.60 -36.96
C ILE C 1032 -9.13 52.63 -35.89
N GLN C 1033 -10.42 52.98 -35.83
CA GLN C 1033 -10.94 53.83 -34.77
C GLN C 1033 -11.87 53.07 -33.84
N ALA C 1034 -12.14 51.80 -34.12
CA ALA C 1034 -13.06 51.01 -33.32
C ALA C 1034 -12.41 50.60 -32.01
N GLU C 1035 -13.26 50.28 -31.03
CA GLU C 1035 -12.77 49.85 -29.73
C GLU C 1035 -12.01 48.54 -29.87
N GLN C 1036 -10.83 48.47 -29.26
CA GLN C 1036 -9.99 47.27 -29.29
C GLN C 1036 -9.66 46.82 -27.88
N THR C 1037 -9.82 45.52 -27.63
CA THR C 1037 -9.49 44.96 -26.34
C THR C 1037 -7.99 45.06 -26.09
N SER C 1038 -7.62 45.67 -24.97
CA SER C 1038 -6.21 45.85 -24.66
C SER C 1038 -6.05 46.04 -23.15
N ASP C 1039 -4.84 45.79 -22.68
CA ASP C 1039 -4.52 46.04 -21.28
C ASP C 1039 -4.57 47.54 -21.00
N GLY C 1040 -4.90 47.89 -19.76
CA GLY C 1040 -4.94 49.27 -19.37
C GLY C 1040 -3.56 49.86 -19.21
N PRO C 1041 -3.46 50.96 -18.45
CA PRO C 1041 -2.14 51.53 -18.18
C PRO C 1041 -1.29 50.56 -17.39
N ASN C 1042 0.02 50.68 -17.58
CA ASN C 1042 0.95 49.82 -16.85
C ASN C 1042 0.87 50.11 -15.36
N PRO C 1043 0.52 49.14 -14.53
CA PRO C 1043 0.37 49.42 -13.09
C PRO C 1043 1.65 49.92 -12.44
N CYS C 1044 2.83 49.49 -12.90
CA CYS C 1044 4.07 49.91 -12.28
C CYS C 1044 4.28 51.41 -12.44
N ASP C 1045 4.13 51.90 -13.67
CA ASP C 1045 4.26 53.34 -13.90
C ASP C 1045 3.16 54.11 -13.18
N MET C 1046 1.96 53.55 -13.13
CA MET C 1046 0.85 54.22 -12.45
C MET C 1046 1.13 54.39 -10.96
N VAL C 1047 1.66 53.35 -10.31
CA VAL C 1047 1.95 53.46 -8.88
C VAL C 1047 3.23 54.26 -8.63
N LYS C 1048 4.09 54.41 -9.64
CA LYS C 1048 5.22 55.32 -9.47
C LYS C 1048 4.76 56.76 -9.29
N GLN C 1049 3.64 57.14 -9.91
CA GLN C 1049 3.06 58.47 -9.80
C GLN C 1049 1.60 58.34 -9.42
N PRO C 1050 1.32 58.01 -8.16
CA PRO C 1050 -0.07 57.77 -7.74
C PRO C 1050 -0.89 59.05 -7.76
N ARG C 1051 -2.19 58.88 -7.94
CA ARG C 1051 -3.11 60.01 -7.92
C ARG C 1051 -3.32 60.48 -6.48
N TYR C 1052 -3.88 61.68 -6.34
CA TYR C 1052 -4.14 62.26 -5.04
C TYR C 1052 -5.29 61.55 -4.35
N ARG C 1053 -5.16 61.36 -3.03
CA ARG C 1053 -6.20 60.73 -2.24
C ARG C 1053 -6.04 61.16 -0.79
N LYS C 1054 -7.13 61.03 -0.02
CA LYS C 1054 -7.17 61.38 1.39
C LYS C 1054 -7.73 60.19 2.15
N GLY C 1055 -6.85 59.42 2.79
CA GLY C 1055 -7.27 58.28 3.57
C GLY C 1055 -7.93 58.69 4.87
N PRO C 1056 -8.68 57.76 5.47
CA PRO C 1056 -9.30 58.06 6.76
C PRO C 1056 -8.26 58.38 7.82
N ASP C 1057 -8.59 59.32 8.70
CA ASP C 1057 -7.67 59.76 9.74
C ASP C 1057 -7.82 59.00 11.04
N VAL C 1058 -8.98 58.40 11.29
CA VAL C 1058 -9.19 57.64 12.51
C VAL C 1058 -8.58 56.26 12.35
N CYS C 1059 -7.87 55.80 13.38
CA CYS C 1059 -7.30 54.46 13.38
C CYS C 1059 -7.02 54.04 14.80
N PHE C 1060 -7.30 52.78 15.11
CA PHE C 1060 -7.08 52.19 16.43
C PHE C 1060 -6.19 50.97 16.23
N ASP C 1061 -4.89 51.14 16.46
CA ASP C 1061 -3.92 50.09 16.19
C ASP C 1061 -3.14 49.63 17.41
N ASN C 1062 -3.27 50.30 18.56
CA ASN C 1062 -2.55 49.87 19.74
C ASN C 1062 -3.27 50.37 20.98
N ASN C 1063 -3.16 49.59 22.06
CA ASN C 1063 -3.76 49.96 23.34
C ASN C 1063 -3.15 49.10 24.42
N VAL C 1064 -2.77 49.72 25.55
CA VAL C 1064 -2.08 49.00 26.60
C VAL C 1064 -2.99 48.04 27.34
N LEU C 1065 -4.31 48.22 27.26
CA LEU C 1065 -5.24 47.32 27.94
C LEU C 1065 -5.47 46.03 27.19
N GLU C 1066 -4.99 45.91 25.96
CA GLU C 1066 -5.26 44.73 25.14
C GLU C 1066 -4.52 43.52 25.72
N ASP C 1067 -5.20 42.37 25.73
CA ASP C 1067 -4.66 41.13 26.27
C ASP C 1067 -4.06 40.32 25.14
N TYR C 1068 -2.85 39.79 25.36
CA TYR C 1068 -2.10 39.10 24.33
C TYR C 1068 -1.92 37.61 24.61
N THR C 1069 -2.66 37.06 25.57
CA THR C 1069 -2.50 35.65 25.90
C THR C 1069 -3.04 34.76 24.79
N ASP C 1070 -4.06 35.21 24.07
CA ASP C 1070 -4.66 34.44 22.98
C ASP C 1070 -3.70 34.47 21.79
N CYS C 1071 -2.69 33.61 21.85
CA CYS C 1071 -1.68 33.53 20.80
C CYS C 1071 -2.03 32.52 19.72
N GLY C 1072 -2.66 31.40 20.07
CA GLY C 1072 -3.06 30.39 19.13
C GLY C 1072 -2.17 29.16 19.14
N GLY C 1073 -0.99 29.23 19.72
CA GLY C 1073 -0.13 28.07 19.83
C GLY C 1073 -0.53 27.18 20.98
N VAL C 1074 -0.73 27.77 22.16
CA VAL C 1074 -1.15 27.01 23.32
C VAL C 1074 -2.63 26.63 23.24
N SER C 1075 -3.40 27.30 22.39
CA SER C 1075 -4.82 27.04 22.26
C SER C 1075 -5.14 25.97 21.21
N GLY C 1076 -4.19 25.08 20.94
CA GLY C 1076 -4.40 24.03 19.97
C GLY C 1076 -3.11 23.43 19.44
N VAL D 129 54.40 -4.24 -3.50
CA VAL D 129 55.27 -3.37 -2.72
C VAL D 129 55.29 -3.80 -1.26
N VAL D 130 56.43 -4.34 -0.83
CA VAL D 130 56.59 -4.83 0.55
C VAL D 130 57.57 -3.99 1.35
N ARG D 131 58.35 -3.13 0.70
CA ARG D 131 59.34 -2.29 1.36
C ARG D 131 60.36 -3.14 2.12
N LYS D 132 60.74 -4.28 1.53
CA LYS D 132 61.70 -5.22 2.11
C LYS D 132 61.24 -5.56 3.53
N TYR D 133 62.11 -5.52 4.53
CA TYR D 133 61.72 -5.79 5.91
C TYR D 133 62.00 -4.55 6.76
N ALA D 134 60.97 -4.07 7.44
CA ALA D 134 61.09 -2.94 8.37
C ALA D 134 60.49 -3.35 9.70
N LYS D 135 60.31 -2.38 10.60
CA LYS D 135 59.64 -2.64 11.87
C LYS D 135 58.23 -2.93 11.38
N LYS D 136 57.91 -4.20 11.24
CA LYS D 136 56.63 -4.58 10.66
C LYS D 136 55.60 -4.58 11.79
N ILE D 137 54.39 -4.14 11.48
CA ILE D 137 53.31 -4.05 12.45
C ILE D 137 52.63 -5.41 12.56
N THR D 138 51.96 -5.66 13.69
CA THR D 138 51.24 -6.89 13.91
C THR D 138 49.81 -6.56 14.33
N GLU D 139 48.90 -7.50 14.09
CA GLU D 139 47.49 -7.26 14.36
C GLU D 139 47.25 -7.05 15.84
N TRP D 140 46.43 -6.05 16.15
CA TRP D 140 46.12 -5.69 17.53
C TRP D 140 44.61 -5.65 17.72
N PRO D 141 44.07 -6.41 18.67
CA PRO D 141 42.61 -6.45 18.86
C PRO D 141 42.01 -5.08 19.14
N PRO D 142 42.66 -4.22 19.95
CA PRO D 142 42.11 -2.86 20.11
C PRO D 142 42.02 -2.08 18.81
N PHE D 143 42.98 -2.27 17.91
CA PHE D 143 42.92 -1.59 16.62
C PHE D 143 41.69 -2.02 15.82
N GLU D 144 41.44 -3.33 15.78
CA GLU D 144 40.25 -3.84 15.09
C GLU D 144 38.98 -3.33 15.75
N TYR D 145 38.97 -3.26 17.08
CA TYR D 145 37.79 -2.75 17.79
C TYR D 145 37.54 -1.28 17.45
N MET D 146 38.61 -0.48 17.38
CA MET D 146 38.46 0.92 17.01
C MET D 146 37.94 1.07 15.58
N ILE D 147 38.46 0.25 14.66
CA ILE D 147 37.96 0.31 13.28
C ILE D 147 36.49 -0.06 13.23
N LEU D 148 36.09 -1.09 13.98
CA LEU D 148 34.68 -1.49 14.01
C LEU D 148 33.81 -0.38 14.58
N ALA D 149 34.29 0.29 15.64
CA ALA D 149 33.54 1.40 16.21
C ALA D 149 33.41 2.54 15.22
N THR D 150 34.46 2.79 14.44
CA THR D 150 34.38 3.82 13.41
C THR D 150 33.34 3.46 12.36
N ILE D 151 33.28 2.19 11.96
CA ILE D 151 32.28 1.77 11.00
C ILE D 151 30.87 1.95 11.56
N ILE D 152 30.67 1.59 12.82
CA ILE D 152 29.34 1.76 13.44
C ILE D 152 28.97 3.23 13.50
N ALA D 153 29.92 4.10 13.86
CA ALA D 153 29.65 5.53 13.91
C ALA D 153 29.30 6.07 12.52
N ASN D 154 30.02 5.62 11.50
CA ASN D 154 29.70 6.04 10.14
C ASN D 154 28.30 5.59 9.73
N CYS D 155 27.93 4.36 10.10
CA CYS D 155 26.58 3.89 9.80
C CYS D 155 25.54 4.78 10.49
N ILE D 156 25.79 5.15 11.75
CA ILE D 156 24.85 6.02 12.46
C ILE D 156 24.75 7.38 11.77
N VAL D 157 25.89 7.94 11.39
CA VAL D 157 25.88 9.25 10.73
C VAL D 157 25.13 9.19 9.42
N LEU D 158 25.34 8.13 8.64
CA LEU D 158 24.59 7.96 7.39
C LEU D 158 23.09 7.80 7.67
N ALA D 159 22.74 7.18 8.80
CA ALA D 159 21.34 6.98 9.14
C ALA D 159 20.68 8.21 9.73
N LEU D 160 21.45 9.23 10.11
CA LEU D 160 20.90 10.44 10.71
C LEU D 160 20.84 11.59 9.71
N GLU D 161 20.59 11.31 8.44
CA GLU D 161 20.57 12.34 7.40
C GLU D 161 19.16 12.49 6.84
N GLN D 162 18.71 13.74 6.72
CA GLN D 162 17.44 14.07 6.10
C GLN D 162 17.69 14.68 4.73
N HIS D 163 17.00 14.17 3.71
CA HIS D 163 17.09 14.70 2.36
C HIS D 163 15.86 15.55 2.07
N LEU D 164 16.10 16.79 1.67
CA LEU D 164 15.06 17.78 1.42
C LEU D 164 14.96 18.05 -0.07
N PRO D 165 13.79 18.43 -0.56
CA PRO D 165 13.62 18.65 -2.00
C PRO D 165 14.40 19.85 -2.47
N ASP D 166 14.59 19.92 -3.79
CA ASP D 166 15.32 20.99 -4.47
C ASP D 166 16.68 21.13 -3.79
N ASP D 167 17.10 22.34 -3.38
CA ASP D 167 18.41 22.54 -2.80
C ASP D 167 18.36 22.83 -1.31
N ASP D 168 17.22 22.61 -0.65
CA ASP D 168 17.13 22.87 0.77
C ASP D 168 17.96 21.87 1.56
N LYS D 169 18.61 22.35 2.62
CA LYS D 169 19.45 21.51 3.47
C LYS D 169 19.15 21.82 4.92
N THR D 170 18.95 20.78 5.71
CA THR D 170 18.72 20.95 7.14
C THR D 170 19.97 21.54 7.79
N PRO D 171 19.82 22.31 8.87
CA PRO D 171 21.01 22.91 9.51
C PRO D 171 22.03 21.89 9.99
N MET D 172 21.58 20.68 10.35
CA MET D 172 22.50 19.65 10.83
C MET D 172 23.31 19.01 9.71
N SER D 173 22.98 19.30 8.45
CA SER D 173 23.69 18.69 7.33
C SER D 173 25.16 19.09 7.31
N GLU D 174 25.46 20.36 7.60
CA GLU D 174 26.85 20.80 7.62
C GLU D 174 27.65 20.08 8.70
N ARG D 175 27.07 19.94 9.90
CA ARG D 175 27.75 19.22 10.97
C ARG D 175 27.97 17.76 10.59
N LEU D 176 26.98 17.15 9.92
CA LEU D 176 27.15 15.77 9.47
C LEU D 176 28.27 15.66 8.44
N ASP D 177 28.34 16.62 7.52
CA ASP D 177 29.35 16.58 6.47
C ASP D 177 30.76 16.82 7.02
N ASP D 178 30.90 17.58 8.10
CA ASP D 178 32.23 17.81 8.66
C ASP D 178 32.89 16.51 9.09
N THR D 179 32.10 15.50 9.46
CA THR D 179 32.66 14.26 9.97
C THR D 179 33.26 13.39 8.87
N GLU D 180 32.85 13.58 7.62
CA GLU D 180 33.34 12.70 6.55
C GLU D 180 34.85 12.72 6.38
N PRO D 181 35.54 13.87 6.39
CA PRO D 181 37.01 13.82 6.27
C PRO D 181 37.67 12.94 7.33
N TYR D 182 37.21 13.01 8.58
CA TYR D 182 37.82 12.22 9.63
C TYR D 182 37.66 10.73 9.37
N PHE D 183 36.46 10.32 8.98
CA PHE D 183 36.19 8.90 8.75
C PHE D 183 36.96 8.38 7.54
N ILE D 184 36.99 9.15 6.46
CA ILE D 184 37.72 8.70 5.28
C ILE D 184 39.21 8.65 5.59
N GLY D 185 39.71 9.58 6.40
CA GLY D 185 41.12 9.55 6.76
C GLY D 185 41.48 8.35 7.61
N ILE D 186 40.64 8.03 8.59
CA ILE D 186 40.95 6.89 9.45
C ILE D 186 40.84 5.58 8.67
N PHE D 187 39.87 5.49 7.76
CA PHE D 187 39.78 4.30 6.92
C PHE D 187 41.00 4.17 6.01
N CYS D 188 41.46 5.28 5.44
CA CYS D 188 42.65 5.23 4.59
C CYS D 188 43.89 4.85 5.40
N PHE D 189 43.99 5.35 6.63
CA PHE D 189 45.10 4.96 7.49
C PHE D 189 45.07 3.47 7.79
N GLU D 190 43.90 2.93 8.11
CA GLU D 190 43.78 1.49 8.34
C GLU D 190 44.20 0.71 7.10
N ALA D 191 43.71 1.14 5.94
CA ALA D 191 44.06 0.43 4.70
C ALA D 191 45.56 0.48 4.43
N GLY D 192 46.18 1.63 4.66
CA GLY D 192 47.62 1.74 4.41
C GLY D 192 48.43 0.88 5.35
N ILE D 193 48.10 0.92 6.65
CA ILE D 193 48.84 0.13 7.62
C ILE D 193 48.67 -1.35 7.33
N LYS D 194 47.49 -1.76 6.86
CA LYS D 194 47.30 -3.17 6.54
C LYS D 194 48.02 -3.55 5.25
N ILE D 195 48.01 -2.67 4.25
CA ILE D 195 48.58 -3.03 2.95
C ILE D 195 50.10 -3.08 3.02
N ILE D 196 50.72 -2.21 3.82
CA ILE D 196 52.18 -2.25 3.93
C ILE D 196 52.62 -3.56 4.58
N ALA D 197 51.84 -4.06 5.54
CA ALA D 197 52.15 -5.33 6.15
C ALA D 197 51.92 -6.50 5.19
N LEU D 198 50.75 -6.51 4.53
CA LEU D 198 50.46 -7.58 3.59
C LEU D 198 51.31 -7.49 2.33
N GLY D 199 51.60 -6.27 1.88
CA GLY D 199 52.43 -6.08 0.70
C GLY D 199 51.68 -6.07 -0.61
N PHE D 200 50.37 -5.91 -0.59
CA PHE D 200 49.55 -5.85 -1.81
C PHE D 200 49.70 -7.12 -2.66
N SER D 206 49.46 -9.21 0.03
CA SER D 206 48.26 -9.99 -0.21
C SER D 206 47.00 -9.18 0.08
N TYR D 207 47.07 -7.87 -0.17
CA TYR D 207 45.93 -7.00 0.09
C TYR D 207 44.78 -7.30 -0.88
N LEU D 208 45.02 -7.11 -2.17
CA LEU D 208 43.98 -7.33 -3.16
C LEU D 208 43.64 -8.81 -3.34
N ARG D 209 44.46 -9.71 -2.79
CA ARG D 209 44.18 -11.14 -2.92
C ARG D 209 42.87 -11.51 -2.24
N ASN D 210 42.60 -10.94 -1.07
CA ASN D 210 41.37 -11.19 -0.34
C ASN D 210 40.24 -10.34 -0.90
N GLY D 211 39.06 -10.96 -1.05
CA GLY D 211 37.94 -10.26 -1.64
C GLY D 211 37.43 -9.10 -0.80
N TRP D 212 37.35 -9.30 0.52
CA TRP D 212 36.83 -8.26 1.40
C TRP D 212 37.72 -7.02 1.38
N ASN D 213 39.04 -7.22 1.36
CA ASN D 213 39.96 -6.10 1.27
C ASN D 213 39.75 -5.30 -0.01
N VAL D 214 39.34 -5.96 -1.09
CA VAL D 214 39.07 -5.25 -2.34
C VAL D 214 37.90 -4.29 -2.16
N MET D 215 36.82 -4.76 -1.50
CA MET D 215 35.67 -3.89 -1.26
C MET D 215 36.05 -2.72 -0.37
N ASP D 216 36.85 -2.95 0.66
CA ASP D 216 37.34 -1.86 1.48
C ASP D 216 38.23 -0.92 0.66
N PHE D 217 39.04 -1.48 -0.22
CA PHE D 217 39.96 -0.67 -1.00
C PHE D 217 39.22 0.27 -1.95
N VAL D 218 38.22 -0.26 -2.69
CA VAL D 218 37.51 0.56 -3.66
C VAL D 218 36.69 1.64 -2.96
N VAL D 219 36.24 1.36 -1.75
CA VAL D 219 35.52 2.38 -0.97
C VAL D 219 36.44 3.56 -0.69
N VAL D 220 37.69 3.28 -0.29
CA VAL D 220 38.63 4.34 0.05
C VAL D 220 38.95 5.18 -1.18
N LEU D 221 39.21 4.54 -2.32
CA LEU D 221 39.53 5.28 -3.53
C LEU D 221 38.41 6.20 -3.95
N THR D 222 37.17 5.70 -3.95
CA THR D 222 36.04 6.53 -4.32
C THR D 222 35.81 7.65 -3.31
N GLY D 223 35.97 7.36 -2.02
CA GLY D 223 35.79 8.39 -1.02
C GLY D 223 36.80 9.51 -1.14
N ILE D 224 38.07 9.16 -1.33
CA ILE D 224 39.11 10.16 -1.46
C ILE D 224 39.11 10.86 -2.81
N LEU D 225 38.45 10.27 -3.81
CA LEU D 225 38.42 10.88 -5.14
C LEU D 225 37.50 12.09 -5.17
N ALA D 226 36.36 12.02 -4.49
CA ALA D 226 35.40 13.11 -4.48
C ALA D 226 35.62 14.10 -3.35
N THR D 227 36.15 13.64 -2.22
CA THR D 227 36.33 14.53 -1.07
C THR D 227 37.32 15.64 -1.40
N VAL D 228 38.44 15.31 -2.05
CA VAL D 228 39.44 16.31 -2.40
C VAL D 228 38.97 17.09 -3.61
N GLY D 229 38.45 18.29 -3.38
CA GLY D 229 37.98 19.14 -4.45
C GLY D 229 36.51 18.94 -4.76
N THR D 230 35.92 19.92 -5.46
CA THR D 230 34.52 19.79 -5.86
C THR D 230 34.44 19.64 -7.36
N GLU D 231 34.95 18.54 -7.89
CA GLU D 231 34.99 18.34 -9.33
C GLU D 231 33.63 18.04 -9.93
N PHE D 232 33.29 18.69 -11.04
CA PHE D 232 32.01 18.48 -11.73
C PHE D 232 30.80 18.32 -10.82
N ASP D 233 30.08 17.21 -10.96
CA ASP D 233 28.95 16.96 -10.09
C ASP D 233 29.42 16.01 -9.01
N LEU D 234 30.02 14.87 -9.41
CA LEU D 234 30.50 13.88 -8.46
C LEU D 234 29.47 13.46 -7.41
N ARG D 235 28.20 13.75 -7.65
CA ARG D 235 27.17 13.28 -6.73
C ARG D 235 27.08 11.76 -6.74
N THR D 236 27.42 11.13 -7.86
CA THR D 236 27.42 9.67 -7.93
C THR D 236 28.45 9.06 -6.99
N LEU D 237 29.57 9.76 -6.78
CA LEU D 237 30.59 9.24 -5.88
C LEU D 237 30.16 9.26 -4.42
N ARG D 238 29.04 9.93 -4.11
CA ARG D 238 28.48 9.80 -2.77
C ARG D 238 27.71 8.49 -2.63
N ALA D 239 27.19 7.96 -3.74
CA ALA D 239 26.37 6.76 -3.67
C ALA D 239 27.16 5.54 -3.22
N VAL D 240 28.48 5.56 -3.40
CA VAL D 240 29.30 4.43 -3.00
C VAL D 240 29.42 4.34 -1.48
N ARG D 241 29.12 5.43 -0.76
CA ARG D 241 29.10 5.36 0.69
C ARG D 241 28.02 4.44 1.22
N VAL D 242 27.06 4.08 0.37
CA VAL D 242 26.01 3.15 0.76
C VAL D 242 26.59 1.79 1.11
N LEU D 243 27.69 1.41 0.46
CA LEU D 243 28.30 0.11 0.67
C LEU D 243 29.16 0.04 1.91
N ARG D 244 29.25 1.12 2.69
CA ARG D 244 30.09 1.15 3.87
C ARG D 244 29.52 0.32 5.02
N PRO D 245 28.19 0.27 5.22
CA PRO D 245 27.65 -0.67 6.22
C PRO D 245 28.11 -2.10 6.01
N LEU D 246 28.37 -2.50 4.76
CA LEU D 246 28.84 -3.85 4.49
C LEU D 246 30.23 -4.10 5.02
N LYS D 247 30.96 -3.06 5.45
CA LYS D 247 32.26 -3.27 6.05
C LYS D 247 32.17 -3.94 7.41
N LEU D 248 30.99 -3.98 8.01
CA LEU D 248 30.80 -4.75 9.24
C LEU D 248 31.03 -6.24 9.00
N VAL D 249 30.59 -6.73 7.84
CA VAL D 249 30.81 -8.13 7.49
C VAL D 249 32.30 -8.42 7.37
N SER D 250 33.04 -7.52 6.73
CA SER D 250 34.48 -7.71 6.59
C SER D 250 35.17 -7.69 7.94
N GLY D 251 34.75 -6.79 8.83
CA GLY D 251 35.39 -6.70 10.14
C GLY D 251 35.16 -7.93 10.99
N ILE D 252 33.93 -8.44 10.99
CA ILE D 252 33.54 -9.56 11.85
C ILE D 252 33.72 -10.86 11.06
N PRO D 253 34.66 -11.72 11.44
CA PRO D 253 34.80 -13.01 10.72
C PRO D 253 33.63 -13.94 10.96
N SER D 254 32.87 -13.76 12.03
CA SER D 254 31.75 -14.65 12.31
C SER D 254 30.61 -14.50 11.32
N LEU D 255 30.50 -13.35 10.65
CA LEU D 255 29.46 -13.15 9.65
C LEU D 255 29.88 -13.61 8.27
N GLN D 256 31.18 -13.63 7.98
CA GLN D 256 31.63 -14.09 6.67
C GLN D 256 31.28 -15.55 6.46
N VAL D 257 31.41 -16.37 7.50
CA VAL D 257 31.04 -17.78 7.41
C VAL D 257 29.55 -17.91 7.09
N VAL D 258 28.73 -17.11 7.77
CA VAL D 258 27.29 -17.15 7.54
C VAL D 258 26.96 -16.74 6.12
N LEU D 259 27.61 -15.69 5.62
CA LEU D 259 27.33 -15.23 4.26
C LEU D 259 27.74 -16.27 3.23
N LYS D 260 28.78 -17.05 3.54
CA LYS D 260 29.17 -18.14 2.65
C LYS D 260 28.05 -19.16 2.51
N SER D 261 27.40 -19.51 3.64
CA SER D 261 26.34 -20.51 3.60
C SER D 261 25.17 -20.05 2.76
N ILE D 262 24.78 -18.77 2.89
CA ILE D 262 23.65 -18.26 2.11
C ILE D 262 23.97 -18.28 0.62
N MET D 263 25.17 -17.83 0.25
CA MET D 263 25.52 -17.75 -1.16
C MET D 263 25.78 -19.12 -1.77
N LYS D 264 26.21 -20.09 -0.96
CA LYS D 264 26.44 -21.43 -1.48
C LYS D 264 25.14 -22.06 -1.99
N ALA D 265 24.04 -21.85 -1.27
CA ALA D 265 22.78 -22.47 -1.64
C ALA D 265 22.15 -21.82 -2.86
N MET D 266 22.46 -20.56 -3.16
CA MET D 266 21.86 -19.87 -4.29
C MET D 266 22.54 -20.18 -5.62
N ILE D 267 23.73 -20.81 -5.61
CA ILE D 267 24.36 -21.20 -6.86
C ILE D 267 23.49 -22.19 -7.64
N PRO D 268 22.89 -23.21 -7.02
CA PRO D 268 21.93 -24.04 -7.78
C PRO D 268 20.75 -23.25 -8.33
N LEU D 269 20.32 -22.19 -7.64
CA LEU D 269 19.19 -21.40 -8.12
C LEU D 269 19.51 -20.64 -9.40
N LEU D 270 20.80 -20.47 -9.73
CA LEU D 270 21.16 -19.73 -10.93
C LEU D 270 20.63 -20.40 -12.18
N GLN D 271 20.66 -21.74 -12.22
CA GLN D 271 20.10 -22.45 -13.36
C GLN D 271 18.59 -22.22 -13.46
N ILE D 272 17.91 -22.12 -12.33
CA ILE D 272 16.48 -21.79 -12.36
C ILE D 272 16.26 -20.38 -12.90
N GLY D 273 17.11 -19.44 -12.48
CA GLY D 273 16.95 -18.07 -12.97
C GLY D 273 17.11 -17.96 -14.47
N LEU D 274 18.03 -18.72 -15.04
CA LEU D 274 18.17 -18.75 -16.50
C LEU D 274 16.90 -19.27 -17.15
N LEU D 275 16.31 -20.32 -16.58
CA LEU D 275 15.06 -20.84 -17.10
C LEU D 275 13.93 -19.83 -16.92
N LEU D 276 13.92 -19.13 -15.79
CA LEU D 276 12.90 -18.11 -15.56
C LEU D 276 13.00 -16.98 -16.57
N PHE D 277 14.23 -16.56 -16.88
CA PHE D 277 14.42 -15.49 -17.84
C PHE D 277 13.92 -15.88 -19.22
N PHE D 278 14.18 -17.13 -19.63
CA PHE D 278 13.70 -17.59 -20.94
C PHE D 278 12.19 -17.70 -20.99
N ALA D 279 11.53 -17.89 -19.85
CA ALA D 279 10.07 -17.89 -19.83
C ALA D 279 9.52 -16.47 -19.98
N ILE D 280 10.18 -15.49 -19.38
CA ILE D 280 9.76 -14.10 -19.52
C ILE D 280 9.92 -13.65 -20.97
N LEU D 281 11.05 -14.02 -21.59
CA LEU D 281 11.31 -13.58 -22.96
C LEU D 281 10.28 -14.12 -23.93
N ILE D 282 9.88 -15.39 -23.78
CA ILE D 282 8.89 -15.96 -24.68
C ILE D 282 7.55 -15.24 -24.53
N PHE D 283 7.14 -14.99 -23.28
CA PHE D 283 5.87 -14.31 -23.06
C PHE D 283 5.95 -12.83 -23.44
N ALA D 284 7.12 -12.20 -23.26
CA ALA D 284 7.28 -10.83 -23.68
C ALA D 284 7.16 -10.69 -25.19
N ILE D 285 7.75 -11.63 -25.94
CA ILE D 285 7.66 -11.58 -27.40
C ILE D 285 6.22 -11.79 -27.85
N ILE D 286 5.52 -12.74 -27.24
CA ILE D 286 4.13 -12.98 -27.60
C ILE D 286 3.28 -11.76 -27.28
N GLY D 287 3.48 -11.17 -26.10
CA GLY D 287 2.74 -9.97 -25.75
C GLY D 287 3.05 -8.81 -26.66
N LEU D 288 4.31 -8.70 -27.09
CA LEU D 288 4.70 -7.63 -28.00
C LEU D 288 3.96 -7.72 -29.33
N GLU D 289 3.65 -8.93 -29.78
CA GLU D 289 2.97 -9.10 -31.07
C GLU D 289 1.49 -8.77 -31.00
N PHE D 290 0.84 -8.99 -29.86
CA PHE D 290 -0.61 -8.89 -29.79
C PHE D 290 -1.09 -7.60 -29.15
N TYR D 291 -0.39 -7.10 -28.14
CA TYR D 291 -0.83 -5.95 -27.36
C TYR D 291 0.03 -4.73 -27.65
N MET D 292 0.41 -4.57 -28.91
CA MET D 292 1.34 -3.53 -29.32
C MET D 292 0.59 -2.23 -29.60
N GLY D 293 0.76 -1.25 -28.71
CA GLY D 293 0.16 0.06 -28.92
C GLY D 293 -1.35 0.09 -28.79
N LYS D 294 -1.96 -0.93 -28.21
CA LYS D 294 -3.42 -0.96 -28.08
C LYS D 294 -3.93 -0.09 -26.96
N PHE D 295 -3.06 0.38 -26.06
CA PHE D 295 -3.48 1.15 -24.89
C PHE D 295 -3.22 2.64 -25.07
N HIS D 296 -3.29 3.14 -26.30
CA HIS D 296 -3.13 4.56 -26.58
C HIS D 296 -4.40 5.12 -27.22
N THR D 297 -5.57 4.69 -26.73
CA THR D 297 -6.84 5.06 -27.34
C THR D 297 -7.88 5.21 -26.23
N THR D 298 -8.26 6.45 -25.93
CA THR D 298 -9.28 6.74 -24.93
C THR D 298 -10.41 7.54 -25.58
N CYS D 299 -11.33 8.01 -24.76
CA CYS D 299 -12.50 8.77 -25.21
C CYS D 299 -12.15 10.25 -25.23
N PHE D 300 -12.11 10.84 -26.42
CA PHE D 300 -11.96 12.27 -26.60
C PHE D 300 -13.26 12.86 -27.11
N GLU D 301 -13.44 14.16 -26.85
CA GLU D 301 -14.59 14.86 -27.41
C GLU D 301 -14.53 14.83 -28.93
N GLU D 302 -15.70 14.76 -29.55
CA GLU D 302 -15.80 14.57 -30.99
C GLU D 302 -15.20 15.79 -31.71
N GLY D 303 -14.03 15.61 -32.29
CA GLY D 303 -13.35 16.67 -33.00
C GLY D 303 -12.49 17.58 -32.15
N THR D 304 -12.52 17.42 -30.83
CA THR D 304 -11.74 18.24 -29.91
C THR D 304 -10.70 17.37 -29.22
N ASP D 305 -9.45 17.83 -29.22
CA ASP D 305 -8.35 17.07 -28.62
C ASP D 305 -8.27 17.32 -27.11
N ASP D 306 -9.34 16.92 -26.43
CA ASP D 306 -9.41 16.99 -24.97
C ASP D 306 -10.13 15.75 -24.45
N ILE D 307 -9.60 15.20 -23.36
CA ILE D 307 -10.17 13.98 -22.79
C ILE D 307 -11.54 14.29 -22.19
N GLN D 308 -12.48 13.36 -22.36
CA GLN D 308 -13.85 13.59 -21.93
C GLN D 308 -13.95 13.87 -20.43
N GLY D 309 -13.25 13.09 -19.62
CA GLY D 309 -13.30 13.22 -18.18
C GLY D 309 -11.91 13.34 -17.57
N GLU D 310 -11.90 13.50 -16.25
CA GLU D 310 -10.65 13.56 -15.51
C GLU D 310 -9.96 12.20 -15.42
N SER D 311 -10.67 11.12 -15.67
CA SER D 311 -10.10 9.78 -15.66
C SER D 311 -10.25 9.16 -17.04
N PRO D 312 -9.19 9.08 -17.83
CA PRO D 312 -9.31 8.42 -19.14
C PRO D 312 -9.20 6.92 -19.02
N ALA D 313 -9.86 6.19 -19.91
CA ALA D 313 -9.87 4.74 -19.89
C ALA D 313 -9.74 4.22 -21.31
N PRO D 314 -9.17 3.03 -21.49
CA PRO D 314 -9.07 2.45 -22.83
C PRO D 314 -10.44 2.24 -23.44
N CYS D 315 -10.50 2.40 -24.76
CA CYS D 315 -11.75 2.30 -25.50
C CYS D 315 -11.49 1.59 -26.81
N GLY D 316 -12.58 1.19 -27.46
CA GLY D 316 -12.48 0.51 -28.73
C GLY D 316 -13.57 1.00 -29.68
N THR D 317 -13.32 0.80 -30.97
CA THR D 317 -14.23 1.22 -32.01
C THR D 317 -15.23 0.14 -32.40
N GLU D 318 -15.21 -1.00 -31.73
CA GLU D 318 -16.07 -2.12 -32.07
C GLU D 318 -16.83 -2.57 -30.84
N GLU D 319 -17.88 -3.37 -31.08
CA GLU D 319 -18.75 -3.81 -29.98
C GLU D 319 -18.04 -4.63 -28.90
N PRO D 320 -17.22 -5.64 -29.22
CA PRO D 320 -16.62 -6.44 -28.13
C PRO D 320 -15.80 -5.62 -27.15
N ALA D 321 -15.13 -4.57 -27.62
CA ALA D 321 -14.37 -3.71 -26.72
C ALA D 321 -15.29 -2.66 -26.11
N ARG D 322 -14.76 -1.93 -25.13
CA ARG D 322 -15.51 -0.83 -24.54
C ARG D 322 -15.70 0.27 -25.57
N THR D 323 -16.93 0.79 -25.65
CA THR D 323 -17.29 1.79 -26.64
C THR D 323 -17.46 3.15 -25.97
N CYS D 324 -17.00 4.20 -26.65
CA CYS D 324 -17.11 5.54 -26.13
C CYS D 324 -18.57 5.99 -26.11
N PRO D 325 -18.93 6.90 -25.21
CA PRO D 325 -20.29 7.43 -25.18
C PRO D 325 -20.66 8.13 -26.48
N ASN D 326 -21.91 8.60 -26.52
CA ASN D 326 -22.46 9.18 -27.75
C ASN D 326 -21.62 10.35 -28.25
N GLY D 327 -21.28 11.29 -27.38
CA GLY D 327 -20.61 12.49 -27.80
C GLY D 327 -19.11 12.39 -27.98
N THR D 328 -18.52 11.22 -27.77
CA THR D 328 -17.08 11.06 -27.80
C THR D 328 -16.69 9.93 -28.75
N LYS D 329 -15.50 10.07 -29.33
CA LYS D 329 -14.95 9.11 -30.29
C LYS D 329 -13.60 8.62 -29.79
N CYS D 330 -13.30 7.35 -30.07
CA CYS D 330 -11.96 6.83 -29.80
C CYS D 330 -10.96 7.50 -30.74
N GLN D 331 -9.81 7.88 -30.18
CA GLN D 331 -8.84 8.70 -30.89
C GLN D 331 -7.47 8.03 -30.93
N PRO D 332 -6.63 8.38 -31.92
CA PRO D 332 -5.39 7.61 -32.13
C PRO D 332 -4.43 7.61 -30.95
N TYR D 333 -4.30 8.69 -30.19
CA TYR D 333 -3.26 8.76 -29.17
C TYR D 333 -3.84 9.08 -27.79
N TRP D 334 -3.32 8.36 -26.80
CA TRP D 334 -3.54 8.65 -25.38
C TRP D 334 -2.27 8.23 -24.65
N GLU D 335 -2.06 8.82 -23.47
CA GLU D 335 -0.83 8.55 -22.72
C GLU D 335 -0.73 7.08 -22.34
N GLY D 336 -1.83 6.48 -21.91
CA GLY D 336 -1.84 5.08 -21.55
C GLY D 336 -1.98 4.86 -20.06
N PRO D 337 -2.35 3.64 -19.67
CA PRO D 337 -2.53 3.35 -18.24
C PRO D 337 -1.21 3.47 -17.48
N ASN D 338 -1.32 3.85 -16.21
CA ASN D 338 -0.17 4.01 -15.34
C ASN D 338 0.84 4.99 -15.92
N ASN D 339 0.32 6.04 -16.54
CA ASN D 339 1.14 7.10 -17.14
C ASN D 339 2.09 6.57 -18.20
N GLY D 340 1.69 5.52 -18.90
CA GLY D 340 2.47 4.96 -19.99
C GLY D 340 3.53 3.97 -19.58
N ILE D 341 3.74 3.76 -18.28
CA ILE D 341 4.78 2.84 -17.83
C ILE D 341 4.40 1.40 -18.16
N THR D 342 3.12 1.04 -18.02
CA THR D 342 2.64 -0.31 -18.28
C THR D 342 2.12 -0.36 -19.71
N GLN D 343 2.81 -1.11 -20.57
CA GLN D 343 2.48 -1.16 -21.99
C GLN D 343 3.33 -2.24 -22.64
N PHE D 344 3.02 -2.52 -23.91
CA PHE D 344 3.81 -3.42 -24.75
C PHE D 344 4.17 -2.62 -26.00
N ASP D 345 5.24 -1.83 -25.91
CA ASP D 345 5.70 -1.00 -27.02
C ASP D 345 7.05 -1.44 -27.53
N ASN D 346 8.06 -1.48 -26.68
CA ASN D 346 9.36 -2.02 -27.02
C ASN D 346 9.41 -3.49 -26.60
N ILE D 347 10.58 -4.10 -26.67
CA ILE D 347 10.76 -5.38 -26.01
C ILE D 347 11.18 -5.17 -24.55
N LEU D 348 11.76 -4.00 -24.23
CA LEU D 348 12.10 -3.70 -22.85
C LEU D 348 10.86 -3.42 -22.01
N PHE D 349 9.90 -2.66 -22.56
CA PHE D 349 8.66 -2.44 -21.85
C PHE D 349 7.88 -3.73 -21.67
N ALA D 350 7.87 -4.59 -22.69
CA ALA D 350 7.18 -5.88 -22.57
C ALA D 350 7.80 -6.73 -21.48
N VAL D 351 9.13 -6.77 -21.41
CA VAL D 351 9.80 -7.56 -20.38
C VAL D 351 9.46 -7.04 -18.99
N LEU D 352 9.49 -5.71 -18.81
CA LEU D 352 9.14 -5.14 -17.52
C LEU D 352 7.68 -5.42 -17.17
N THR D 353 6.78 -5.29 -18.15
CA THR D 353 5.37 -5.54 -17.88
C THR D 353 5.12 -7.00 -17.53
N VAL D 354 5.78 -7.93 -18.23
CA VAL D 354 5.62 -9.34 -17.94
C VAL D 354 6.20 -9.67 -16.56
N PHE D 355 7.30 -9.01 -16.20
CA PHE D 355 7.96 -9.33 -14.93
C PHE D 355 7.05 -9.07 -13.74
N GLN D 356 6.33 -7.95 -13.73
CA GLN D 356 5.48 -7.67 -12.59
C GLN D 356 4.29 -8.61 -12.55
N CYS D 357 3.86 -9.14 -13.70
CA CYS D 357 2.84 -10.17 -13.70
C CYS D 357 3.37 -11.48 -13.13
N ILE D 358 4.65 -11.77 -13.34
CA ILE D 358 5.25 -12.96 -12.76
C ILE D 358 5.22 -12.88 -11.24
N THR D 359 5.47 -11.70 -10.67
CA THR D 359 5.37 -11.51 -9.23
C THR D 359 3.94 -11.38 -8.75
N MET D 360 2.96 -11.56 -9.64
CA MET D 360 1.54 -11.58 -9.30
C MET D 360 1.05 -10.26 -8.71
N GLU D 361 1.68 -9.15 -9.07
CA GLU D 361 1.30 -7.84 -8.54
C GLU D 361 0.71 -7.00 -9.66
N GLY D 362 -0.54 -6.59 -9.49
CA GLY D 362 -1.19 -5.74 -10.47
C GLY D 362 -1.32 -6.37 -11.84
N TRP D 363 -1.61 -7.66 -11.89
CA TRP D 363 -1.86 -8.32 -13.16
C TRP D 363 -3.34 -8.34 -13.53
N THR D 364 -4.22 -8.21 -12.55
CA THR D 364 -5.65 -8.12 -12.84
C THR D 364 -5.98 -6.82 -13.55
N ASP D 365 -5.38 -5.71 -13.11
CA ASP D 365 -5.65 -4.43 -13.76
C ASP D 365 -5.20 -4.45 -15.22
N LEU D 366 -4.05 -5.05 -15.49
CA LEU D 366 -3.60 -5.20 -16.87
C LEU D 366 -4.57 -6.05 -17.68
N LEU D 367 -5.07 -7.14 -17.08
CA LEU D 367 -6.04 -7.97 -17.77
C LEU D 367 -7.34 -7.22 -18.01
N TYR D 368 -7.84 -6.51 -16.99
CA TYR D 368 -9.08 -5.78 -17.15
C TYR D 368 -8.93 -4.64 -18.14
N ASN D 369 -7.78 -3.96 -18.15
CA ASN D 369 -7.52 -2.95 -19.15
C ASN D 369 -7.49 -3.56 -20.54
N SER D 370 -6.85 -4.72 -20.69
CA SER D 370 -6.81 -5.39 -21.98
C SER D 370 -8.19 -5.81 -22.44
N ASN D 371 -9.04 -6.25 -21.50
CA ASN D 371 -10.40 -6.62 -21.85
C ASN D 371 -11.17 -5.44 -22.41
N ASP D 372 -11.02 -4.27 -21.80
CA ASP D 372 -11.71 -3.08 -22.28
C ASP D 372 -11.21 -2.68 -23.66
N ALA D 373 -9.90 -2.77 -23.89
CA ALA D 373 -9.34 -2.29 -25.15
C ALA D 373 -9.69 -3.20 -26.32
N SER D 374 -9.72 -4.51 -26.09
CA SER D 374 -9.89 -5.47 -27.18
C SER D 374 -11.08 -6.40 -27.00
N GLY D 375 -11.34 -6.88 -25.80
CA GLY D 375 -12.41 -7.83 -25.55
C GLY D 375 -11.95 -8.92 -24.60
N ASN D 376 -12.91 -9.52 -23.92
CA ASN D 376 -12.61 -10.54 -22.91
C ASN D 376 -12.57 -11.94 -23.47
N THR D 377 -12.72 -12.11 -24.78
CA THR D 377 -12.82 -13.45 -25.36
C THR D 377 -11.51 -14.22 -25.24
N TRP D 378 -10.38 -13.57 -25.54
CA TRP D 378 -9.12 -14.27 -25.67
C TRP D 378 -8.03 -13.80 -24.72
N ASN D 379 -8.25 -12.72 -23.97
CA ASN D 379 -7.17 -12.17 -23.16
C ASN D 379 -6.77 -13.08 -22.01
N TRP D 380 -7.69 -13.93 -21.55
CA TRP D 380 -7.37 -14.79 -20.41
C TRP D 380 -6.34 -15.85 -20.80
N LEU D 381 -6.31 -16.23 -22.08
CA LEU D 381 -5.33 -17.22 -22.52
C LEU D 381 -3.91 -16.71 -22.46
N TYR D 382 -3.70 -15.41 -22.28
CA TYR D 382 -2.34 -14.90 -22.19
C TYR D 382 -1.90 -14.70 -20.74
N PHE D 383 -2.81 -14.33 -19.86
CA PHE D 383 -2.43 -14.01 -18.49
C PHE D 383 -2.52 -15.21 -17.56
N ILE D 384 -3.58 -16.02 -17.66
CA ILE D 384 -3.69 -17.20 -16.80
C ILE D 384 -2.55 -18.19 -17.02
N PRO D 385 -2.19 -18.57 -18.26
CA PRO D 385 -0.98 -19.39 -18.42
C PRO D 385 0.29 -18.69 -17.96
N LEU D 386 0.34 -17.36 -18.06
CA LEU D 386 1.52 -16.63 -17.61
C LEU D 386 1.72 -16.80 -16.11
N ILE D 387 0.65 -16.71 -15.33
CA ILE D 387 0.76 -16.82 -13.88
C ILE D 387 1.12 -18.24 -13.48
N ILE D 388 0.45 -19.22 -14.08
CA ILE D 388 0.66 -20.62 -13.69
C ILE D 388 2.07 -21.06 -14.02
N ILE D 389 2.49 -20.83 -15.26
CA ILE D 389 3.84 -21.23 -15.68
C ILE D 389 4.90 -20.35 -15.01
N GLY D 390 4.64 -19.05 -14.95
CA GLY D 390 5.61 -18.12 -14.42
C GLY D 390 5.72 -18.11 -12.91
N SER D 391 4.61 -17.92 -12.22
CA SER D 391 4.67 -17.73 -10.77
C SER D 391 4.67 -19.06 -10.03
N PHE D 392 3.79 -19.98 -10.42
CA PHE D 392 3.62 -21.21 -9.65
C PHE D 392 4.66 -22.26 -10.01
N PHE D 393 4.92 -22.45 -11.31
CA PHE D 393 5.87 -23.48 -11.72
C PHE D 393 7.28 -23.16 -11.21
N MET D 394 7.72 -21.92 -11.37
CA MET D 394 9.05 -21.55 -10.89
C MET D 394 9.13 -21.62 -9.38
N LEU D 395 8.04 -21.33 -8.68
CA LEU D 395 8.01 -21.53 -7.23
C LEU D 395 8.18 -23.00 -6.88
N ASN D 396 7.60 -23.89 -7.68
CA ASN D 396 7.78 -25.32 -7.47
C ASN D 396 9.25 -25.71 -7.65
N LEU D 397 9.88 -25.21 -8.71
CA LEU D 397 11.28 -25.54 -8.97
C LEU D 397 12.19 -25.00 -7.87
N VAL D 398 11.95 -23.76 -7.43
CA VAL D 398 12.83 -23.14 -6.45
C VAL D 398 12.79 -23.90 -5.13
N LEU D 399 11.58 -24.29 -4.69
CA LEU D 399 11.48 -25.06 -3.46
C LEU D 399 12.16 -26.42 -3.61
N GLY D 400 11.99 -27.07 -4.76
CA GLY D 400 12.61 -28.36 -4.96
C GLY D 400 14.12 -28.29 -4.95
N VAL D 401 14.69 -27.34 -5.68
CA VAL D 401 16.14 -27.21 -5.75
C VAL D 401 16.71 -26.87 -4.38
N LEU D 402 16.07 -25.95 -3.66
CA LEU D 402 16.54 -25.59 -2.32
C LEU D 402 16.42 -26.76 -1.36
N SER D 403 15.33 -27.53 -1.44
CA SER D 403 15.16 -28.67 -0.56
C SER D 403 16.25 -29.71 -0.78
N GLY D 404 16.61 -29.96 -2.05
CA GLY D 404 17.69 -30.88 -2.32
C GLY D 404 19.02 -30.40 -1.79
N GLU D 405 19.29 -29.10 -1.93
CA GLU D 405 20.56 -28.55 -1.44
C GLU D 405 20.65 -28.65 0.07
N PHE D 406 19.56 -28.38 0.78
CA PHE D 406 19.57 -28.49 2.23
C PHE D 406 19.79 -29.94 2.67
N ALA D 407 19.21 -30.89 1.93
CA ALA D 407 19.40 -32.30 2.28
C ALA D 407 20.86 -32.70 2.15
N LYS D 408 21.54 -32.26 1.09
CA LYS D 408 22.95 -32.58 0.91
C LYS D 408 23.81 -31.85 1.93
N GLU D 409 23.42 -30.62 2.29
CA GLU D 409 24.21 -29.85 3.25
C GLU D 409 24.23 -30.51 4.62
N ARG D 410 23.11 -31.09 5.04
CA ARG D 410 23.03 -31.66 6.38
C ARG D 410 23.95 -32.87 6.53
N GLU D 411 24.18 -33.60 5.45
CA GLU D 411 24.96 -34.82 5.51
C GLU D 411 26.44 -34.61 5.26
N ARG D 412 26.91 -33.37 5.12
CA ARG D 412 28.33 -33.13 5.08
C ARG D 412 28.96 -33.47 6.43
N VAL D 413 30.23 -33.87 6.39
CA VAL D 413 30.88 -34.41 7.59
C VAL D 413 30.91 -33.38 8.71
N GLU D 414 31.12 -32.12 8.36
CA GLU D 414 31.16 -31.07 9.38
C GLU D 414 29.83 -30.94 10.10
N ASN D 415 28.72 -30.98 9.36
CA ASN D 415 27.41 -30.84 9.98
C ASN D 415 27.03 -32.07 10.81
N ARG D 416 27.46 -33.26 10.39
CA ARG D 416 27.13 -34.46 11.13
C ARG D 416 27.74 -34.46 12.53
N ARG D 417 28.99 -34.00 12.64
CA ARG D 417 29.64 -33.95 13.94
C ARG D 417 28.92 -32.98 14.88
N ALA D 418 28.47 -31.85 14.35
CA ALA D 418 27.75 -30.89 15.18
C ALA D 418 26.44 -31.47 15.70
N PHE D 419 25.71 -32.19 14.86
CA PHE D 419 24.49 -32.85 15.31
C PHE D 419 24.79 -33.96 16.32
N LEU D 420 25.87 -34.71 16.10
CA LEU D 420 26.24 -35.78 17.01
C LEU D 420 26.57 -35.23 18.40
N LYS D 421 27.23 -34.07 18.45
CA LYS D 421 27.47 -33.43 19.74
C LYS D 421 26.17 -33.06 20.43
N LEU D 422 25.20 -32.54 19.67
CA LEU D 422 23.91 -32.20 20.25
C LEU D 422 23.21 -33.43 20.80
N ARG D 423 23.31 -34.56 20.09
CA ARG D 423 22.69 -35.80 20.57
C ARG D 423 23.30 -36.23 21.90
N ARG D 424 24.63 -36.22 21.99
CA ARG D 424 25.29 -36.70 23.19
C ARG D 424 25.03 -35.79 24.39
N GLN D 425 25.00 -34.47 24.15
CA GLN D 425 24.71 -33.54 25.24
C GLN D 425 23.31 -33.77 25.80
N GLN D 426 22.33 -34.01 24.92
CA GLN D 426 20.98 -34.26 25.39
C GLN D 426 20.87 -35.59 26.13
N GLN D 427 21.62 -36.61 25.68
CA GLN D 427 21.63 -37.87 26.40
C GLN D 427 22.20 -37.70 27.81
N ILE D 428 23.26 -36.92 27.94
CA ILE D 428 23.84 -36.67 29.26
C ILE D 428 22.84 -35.93 30.14
N GLU D 429 22.15 -34.94 29.57
CA GLU D 429 21.15 -34.21 30.34
C GLU D 429 20.02 -35.11 30.80
N ARG D 430 19.56 -36.01 29.93
CA ARG D 430 18.54 -36.97 30.33
C ARG D 430 19.06 -37.90 31.42
N GLU D 431 20.29 -38.40 31.27
CA GLU D 431 20.86 -39.26 32.30
C GLU D 431 21.07 -38.51 33.60
N LEU D 432 21.57 -37.27 33.53
CA LEU D 432 21.77 -36.50 34.74
C LEU D 432 20.46 -36.18 35.43
N ASN D 433 19.41 -35.93 34.65
CA ASN D 433 18.11 -35.61 35.23
C ASN D 433 17.58 -36.79 36.04
N GLY D 434 17.80 -38.02 35.57
CA GLY D 434 17.34 -39.18 36.32
C GLY D 434 18.01 -39.31 37.67
N TYR D 435 19.33 -39.14 37.73
CA TYR D 435 20.03 -39.21 39.00
C TYR D 435 19.80 -37.99 39.86
N MET D 436 19.56 -36.83 39.25
CA MET D 436 19.15 -35.65 40.02
C MET D 436 17.82 -35.92 40.71
N GLU D 437 16.93 -36.66 40.05
CA GLU D 437 15.68 -37.07 40.69
C GLU D 437 15.95 -38.07 41.80
N TRP D 438 16.98 -38.90 41.64
CA TRP D 438 17.30 -39.92 42.63
C TRP D 438 17.64 -39.31 43.99
N ILE D 439 18.56 -38.34 44.00
CA ILE D 439 19.01 -37.77 45.27
C ILE D 439 17.91 -36.93 45.89
N SER D 440 17.03 -36.35 45.07
CA SER D 440 15.99 -35.47 45.59
C SER D 440 15.09 -36.21 46.58
N LYS D 441 14.64 -37.41 46.22
CA LYS D 441 13.82 -38.20 47.15
C LYS D 441 14.65 -38.75 48.30
N ALA D 442 15.92 -39.09 48.06
CA ALA D 442 16.78 -39.52 49.14
C ALA D 442 17.01 -38.39 50.14
N GLU D 443 17.21 -37.17 49.64
CA GLU D 443 17.33 -36.01 50.52
C GLU D 443 16.00 -35.73 51.22
N GLU D 444 14.89 -36.04 50.56
CA GLU D 444 13.58 -35.86 51.16
C GLU D 444 13.42 -36.73 52.39
N VAL D 445 13.87 -37.98 52.33
CA VAL D 445 13.68 -38.92 53.42
C VAL D 445 14.49 -38.51 54.64
N ILE D 446 15.77 -38.21 54.44
CA ILE D 446 16.68 -38.00 55.57
C ILE D 446 16.32 -36.73 56.33
N LEU D 447 15.80 -35.72 55.63
CA LEU D 447 15.47 -34.46 56.29
C LEU D 447 14.23 -34.60 57.16
N ALA D 448 13.37 -35.56 56.84
CA ALA D 448 12.14 -35.78 57.61
C ALA D 448 12.46 -36.20 59.04
N SER D 508 13.94 -16.18 62.05
CA SER D 508 14.71 -16.78 60.97
C SER D 508 14.19 -18.18 60.65
N THR D 509 14.30 -18.57 59.37
CA THR D 509 13.84 -19.89 58.96
C THR D 509 14.66 -20.98 59.63
N PHE D 510 15.98 -20.78 59.72
CA PHE D 510 16.83 -21.76 60.39
C PHE D 510 16.54 -21.81 61.89
N PHE D 511 16.26 -20.66 62.51
CA PHE D 511 15.99 -20.63 63.93
C PHE D 511 14.74 -21.43 64.29
N HIS D 512 13.68 -21.28 63.51
CA HIS D 512 12.41 -21.94 63.78
C HIS D 512 12.43 -23.33 63.14
N LYS D 513 12.48 -24.37 63.97
CA LYS D 513 12.41 -25.73 63.44
C LYS D 513 11.07 -26.00 62.79
N LYS D 514 10.00 -25.41 63.32
CA LYS D 514 8.68 -25.54 62.70
C LYS D 514 8.66 -24.92 61.31
N GLU D 515 9.52 -23.94 61.06
CA GLU D 515 9.64 -23.41 59.70
C GLU D 515 10.33 -24.42 58.78
N ARG D 516 11.35 -25.12 59.30
CA ARG D 516 12.06 -26.09 58.47
C ARG D 516 11.15 -27.24 58.06
N ARG D 517 10.31 -27.72 58.99
CA ARG D 517 9.36 -28.76 58.60
C ARG D 517 8.29 -28.19 57.68
N MET D 518 7.92 -26.93 57.88
CA MET D 518 6.85 -26.33 57.07
C MET D 518 7.29 -26.18 55.62
N ARG D 519 8.50 -25.68 55.39
CA ARG D 519 9.03 -25.60 54.03
C ARG D 519 9.22 -26.99 53.44
N PHE D 520 9.50 -27.98 54.29
CA PHE D 520 9.54 -29.36 53.83
C PHE D 520 8.18 -29.82 53.31
N TYR D 521 7.10 -29.44 54.01
CA TYR D 521 5.77 -29.89 53.62
C TYR D 521 5.27 -29.16 52.38
N ILE D 522 5.52 -27.85 52.28
CA ILE D 522 5.03 -27.11 51.11
C ILE D 522 5.78 -27.55 49.87
N ARG D 523 7.02 -28.01 50.02
CA ARG D 523 7.78 -28.51 48.87
C ARG D 523 7.10 -29.71 48.25
N ARG D 524 6.45 -30.53 49.07
CA ARG D 524 5.70 -31.67 48.54
C ARG D 524 4.52 -31.21 47.69
N MET D 525 3.85 -30.14 48.11
CA MET D 525 2.57 -29.77 47.51
C MET D 525 2.72 -29.35 46.05
N VAL D 526 3.83 -28.70 45.70
CA VAL D 526 3.94 -28.06 44.39
C VAL D 526 4.00 -29.10 43.28
N LYS D 527 4.64 -30.24 43.51
CA LYS D 527 4.70 -31.27 42.48
C LYS D 527 3.41 -32.07 42.35
N THR D 528 2.43 -31.88 43.23
CA THR D 528 1.19 -32.62 43.13
C THR D 528 0.47 -32.30 41.83
N GLN D 529 -0.15 -33.32 41.23
CA GLN D 529 -0.86 -33.12 39.97
C GLN D 529 -1.98 -32.10 40.10
N ALA D 530 -2.61 -32.04 41.28
CA ALA D 530 -3.64 -31.05 41.49
C ALA D 530 -3.09 -29.63 41.42
N PHE D 531 -1.93 -29.39 42.05
CA PHE D 531 -1.35 -28.05 42.03
C PHE D 531 -0.97 -27.62 40.62
N TYR D 532 -0.32 -28.51 39.86
CA TYR D 532 0.10 -28.15 38.51
C TYR D 532 -1.10 -27.89 37.62
N TRP D 533 -2.14 -28.71 37.75
CA TRP D 533 -3.35 -28.50 36.96
C TRP D 533 -4.11 -27.26 37.41
N THR D 534 -4.09 -26.98 38.72
CA THR D 534 -4.81 -25.81 39.22
C THR D 534 -4.22 -24.51 38.66
N VAL D 535 -2.88 -24.42 38.61
CA VAL D 535 -2.26 -23.23 38.05
C VAL D 535 -2.62 -23.06 36.58
N LEU D 536 -2.61 -24.17 35.83
CA LEU D 536 -3.02 -24.11 34.43
C LEU D 536 -4.48 -23.67 34.29
N SER D 537 -5.34 -24.12 35.21
CA SER D 537 -6.73 -23.72 35.17
C SER D 537 -6.88 -22.22 35.39
N LEU D 538 -6.07 -21.65 36.28
CA LEU D 538 -6.13 -20.22 36.53
C LEU D 538 -5.70 -19.44 35.29
N VAL D 539 -4.70 -19.93 34.57
CA VAL D 539 -4.24 -19.23 33.37
C VAL D 539 -5.34 -19.17 32.33
N ALA D 540 -6.11 -20.25 32.18
CA ALA D 540 -7.20 -20.26 31.21
C ALA D 540 -8.23 -19.19 31.52
N LEU D 541 -8.59 -19.05 32.80
CA LEU D 541 -9.51 -17.98 33.19
C LEU D 541 -8.89 -16.61 32.95
N ASN D 542 -7.61 -16.45 33.27
CA ASN D 542 -6.93 -15.19 32.99
C ASN D 542 -6.87 -14.92 31.49
N THR D 543 -6.64 -15.96 30.69
CA THR D 543 -6.66 -15.81 29.24
C THR D 543 -8.05 -15.42 28.75
N LEU D 544 -9.09 -15.97 29.37
CA LEU D 544 -10.45 -15.65 28.97
C LEU D 544 -10.77 -14.18 29.24
N CYS D 545 -10.32 -13.64 30.38
CA CYS D 545 -10.67 -12.28 30.77
C CYS D 545 -10.12 -11.25 29.79
N VAL D 546 -8.88 -11.43 29.33
CA VAL D 546 -8.31 -10.48 28.39
C VAL D 546 -8.95 -10.64 27.02
N ALA D 547 -9.51 -11.80 26.72
CA ALA D 547 -10.16 -12.02 25.44
C ALA D 547 -11.51 -11.31 25.35
N ILE D 548 -12.16 -11.11 26.50
CA ILE D 548 -13.50 -10.53 26.52
C ILE D 548 -13.48 -9.06 26.10
N VAL D 549 -12.39 -8.35 26.41
CA VAL D 549 -12.34 -6.90 26.21
C VAL D 549 -12.69 -6.55 24.76
N HIS D 550 -13.60 -5.59 24.59
CA HIS D 550 -14.00 -5.14 23.27
C HIS D 550 -14.22 -3.63 23.31
N TYR D 551 -14.64 -3.07 22.18
CA TYR D 551 -14.67 -1.62 22.03
C TYR D 551 -15.63 -0.96 23.02
N ASN D 552 -16.88 -1.41 23.05
CA ASN D 552 -17.90 -0.77 23.86
C ASN D 552 -18.46 -1.82 24.82
N GLN D 553 -17.78 -2.00 25.94
CA GLN D 553 -18.15 -3.03 26.87
C GLN D 553 -19.15 -2.48 27.88
N PRO D 554 -20.09 -3.30 28.35
CA PRO D 554 -20.96 -2.88 29.45
C PRO D 554 -20.13 -2.51 30.67
N GLU D 555 -20.61 -1.50 31.41
CA GLU D 555 -19.83 -0.95 32.50
C GLU D 555 -19.54 -1.98 33.59
N TRP D 556 -20.50 -2.86 33.88
CA TRP D 556 -20.26 -3.88 34.89
C TRP D 556 -19.12 -4.81 34.47
N LEU D 557 -19.06 -5.15 33.19
CA LEU D 557 -17.98 -6.00 32.70
C LEU D 557 -16.63 -5.30 32.85
N SER D 558 -16.57 -4.01 32.53
CA SER D 558 -15.33 -3.25 32.72
C SER D 558 -14.94 -3.16 34.18
N ASP D 559 -15.93 -2.95 35.06
CA ASP D 559 -15.65 -2.89 36.49
C ASP D 559 -15.13 -4.23 36.99
N PHE D 560 -15.70 -5.33 36.49
CA PHE D 560 -15.25 -6.66 36.88
C PHE D 560 -13.80 -6.88 36.48
N LEU D 561 -13.44 -6.50 35.26
CA LEU D 561 -12.09 -6.77 34.76
C LEU D 561 -11.04 -5.99 35.52
N TYR D 562 -11.33 -4.73 35.88
CA TYR D 562 -10.30 -3.88 36.48
C TYR D 562 -9.75 -4.50 37.75
N TYR D 563 -10.64 -4.98 38.63
CA TYR D 563 -10.17 -5.68 39.80
C TYR D 563 -9.62 -7.06 39.44
N ALA D 564 -10.28 -7.76 38.52
CA ALA D 564 -9.94 -9.15 38.24
C ALA D 564 -8.48 -9.30 37.84
N GLU D 565 -7.94 -8.33 37.10
CA GLU D 565 -6.52 -8.36 36.77
C GLU D 565 -5.67 -8.24 38.02
N PHE D 566 -6.13 -7.50 39.02
CA PHE D 566 -5.37 -7.34 40.25
C PHE D 566 -5.31 -8.63 41.05
N ILE D 567 -6.44 -9.34 41.16
CA ILE D 567 -6.45 -10.61 41.88
C ILE D 567 -5.61 -11.66 41.16
N PHE D 568 -5.76 -11.77 39.84
CA PHE D 568 -4.94 -12.71 39.08
C PHE D 568 -3.46 -12.39 39.23
N LEU D 569 -3.11 -11.11 39.24
CA LEU D 569 -1.72 -10.74 39.48
C LEU D 569 -1.25 -11.18 40.85
N GLY D 570 -2.13 -11.06 41.85
CA GLY D 570 -1.77 -11.50 43.19
C GLY D 570 -1.56 -13.01 43.29
N LEU D 571 -2.48 -13.79 42.72
CA LEU D 571 -2.36 -15.25 42.78
C LEU D 571 -1.12 -15.74 42.05
N PHE D 572 -0.85 -15.19 40.86
CA PHE D 572 0.35 -15.61 40.15
C PHE D 572 1.60 -15.07 40.84
N MET D 573 1.48 -13.99 41.61
CA MET D 573 2.55 -13.60 42.52
C MET D 573 2.54 -14.47 43.77
N SER D 574 1.37 -14.99 44.15
CA SER D 574 1.31 -15.90 45.31
C SER D 574 2.04 -17.21 45.03
N GLU D 575 1.84 -17.78 43.84
CA GLU D 575 2.56 -19.01 43.49
C GLU D 575 4.04 -18.72 43.28
N MET D 576 4.38 -17.46 42.99
CA MET D 576 5.78 -17.07 42.91
C MET D 576 6.49 -17.30 44.24
N PHE D 577 5.87 -16.88 45.34
CA PHE D 577 6.53 -16.97 46.63
C PHE D 577 6.50 -18.39 47.19
N ILE D 578 5.41 -19.12 47.00
CA ILE D 578 5.30 -20.46 47.56
C ILE D 578 6.32 -21.39 46.89
N LYS D 579 6.56 -21.20 45.59
CA LYS D 579 7.64 -21.93 44.94
C LYS D 579 9.00 -21.36 45.35
N MET D 580 9.06 -20.06 45.66
CA MET D 580 10.32 -19.47 46.09
C MET D 580 10.78 -20.06 47.41
N TYR D 581 9.84 -20.35 48.32
CA TYR D 581 10.17 -20.87 49.64
C TYR D 581 10.21 -22.39 49.64
N GLY D 582 9.26 -23.03 48.96
CA GLY D 582 9.20 -24.49 48.97
C GLY D 582 10.42 -25.14 48.36
N LEU D 583 10.83 -24.66 47.18
CA LEU D 583 12.01 -25.23 46.54
C LEU D 583 13.28 -24.50 46.95
N GLY D 584 13.20 -23.19 47.14
CA GLY D 584 14.37 -22.40 47.44
C GLY D 584 14.68 -21.42 46.33
N THR D 585 15.41 -20.36 46.68
CA THR D 585 15.72 -19.31 45.72
C THR D 585 16.60 -19.82 44.59
N ARG D 586 17.67 -20.55 44.93
CA ARG D 586 18.56 -21.07 43.90
C ARG D 586 17.87 -22.04 42.94
N PRO D 587 17.04 -23.00 43.40
CA PRO D 587 16.29 -23.82 42.43
C PRO D 587 15.39 -23.01 41.52
N TYR D 588 14.83 -21.91 42.03
CA TYR D 588 13.86 -21.14 41.25
C TYR D 588 14.49 -20.52 40.00
N PHE D 589 15.64 -19.88 40.17
CA PHE D 589 16.24 -19.16 39.04
C PHE D 589 16.80 -20.12 38.00
N HIS D 590 17.23 -21.32 38.43
CA HIS D 590 17.82 -22.26 37.49
C HIS D 590 16.80 -22.70 36.43
N SER D 591 15.56 -22.95 36.85
CA SER D 591 14.52 -23.33 35.91
C SER D 591 14.23 -22.18 34.95
N SER D 592 14.03 -22.53 33.68
CA SER D 592 13.71 -21.54 32.67
C SER D 592 12.25 -21.11 32.70
N PHE D 593 11.35 -22.06 33.01
CA PHE D 593 9.93 -21.73 33.08
C PHE D 593 9.63 -20.77 34.22
N ASN D 594 10.29 -20.95 35.36
CA ASN D 594 10.12 -20.01 36.47
C ASN D 594 10.58 -18.61 36.07
N CYS D 595 11.69 -18.52 35.35
CA CYS D 595 12.17 -17.22 34.88
C CYS D 595 11.17 -16.59 33.91
N PHE D 596 10.59 -17.39 33.02
CA PHE D 596 9.61 -16.86 32.08
C PHE D 596 8.38 -16.32 32.81
N ASP D 597 7.91 -17.04 33.82
CA ASP D 597 6.80 -16.54 34.62
C ASP D 597 7.20 -15.30 35.40
N CYS D 598 8.45 -15.22 35.84
CA CYS D 598 8.93 -14.02 36.52
C CYS D 598 8.87 -12.81 35.60
N GLY D 599 9.27 -12.98 34.33
CA GLY D 599 9.23 -11.87 33.40
C GLY D 599 7.82 -11.36 33.16
N VAL D 600 6.85 -12.27 33.01
CA VAL D 600 5.47 -11.85 32.81
C VAL D 600 4.96 -11.09 34.03
N ILE D 601 5.28 -11.57 35.23
CA ILE D 601 4.84 -10.90 36.45
C ILE D 601 5.46 -9.51 36.55
N ILE D 602 6.77 -9.41 36.31
CA ILE D 602 7.44 -8.11 36.33
C ILE D 602 6.91 -7.22 35.22
N GLY D 603 6.70 -7.79 34.03
CA GLY D 603 6.11 -7.01 32.94
C GLY D 603 4.72 -6.53 33.28
N SER D 604 3.92 -7.36 33.95
CA SER D 604 2.60 -6.93 34.37
C SER D 604 2.67 -5.79 35.38
N ILE D 605 3.64 -5.86 36.29
CA ILE D 605 3.83 -4.77 37.26
C ILE D 605 4.11 -3.47 36.54
N PHE D 606 4.93 -3.50 35.49
CA PHE D 606 5.27 -2.29 34.76
C PHE D 606 4.04 -1.67 34.12
N GLU D 607 3.16 -2.50 33.55
CA GLU D 607 1.97 -1.96 32.88
C GLU D 607 1.01 -1.33 33.87
N VAL D 608 0.85 -1.93 35.06
CA VAL D 608 -0.10 -1.40 36.03
C VAL D 608 0.29 0.00 36.47
N ILE D 609 1.57 0.19 36.82
CA ILE D 609 2.02 1.51 37.26
C ILE D 609 2.06 2.49 36.09
N TRP D 610 2.32 1.99 34.88
CA TRP D 610 2.41 2.87 33.71
C TRP D 610 1.07 3.50 33.39
N ALA D 611 -0.04 2.82 33.70
CA ALA D 611 -1.36 3.38 33.42
C ALA D 611 -1.59 4.67 34.17
N VAL D 612 -1.19 4.72 35.44
CA VAL D 612 -1.33 5.95 36.22
C VAL D 612 -0.41 7.04 35.68
N ILE D 613 0.83 6.67 35.34
CA ILE D 613 1.81 7.65 34.92
C ILE D 613 1.40 8.31 33.60
N LYS D 614 1.02 7.50 32.61
CA LYS D 614 0.62 8.00 31.29
C LYS D 614 -0.70 7.36 30.91
N PRO D 615 -1.82 7.85 31.44
CA PRO D 615 -3.12 7.30 31.07
C PRO D 615 -3.39 7.47 29.57
N GLY D 616 -4.01 6.46 28.98
CA GLY D 616 -4.37 6.53 27.57
C GLY D 616 -4.10 5.26 26.80
N THR D 617 -3.09 4.49 27.22
CA THR D 617 -2.71 3.28 26.51
C THR D 617 -2.40 2.16 27.51
N SER D 618 -2.77 0.95 27.13
CA SER D 618 -2.43 -0.26 27.88
C SER D 618 -2.08 -1.35 26.88
N PHE D 619 -0.96 -2.03 27.10
CA PHE D 619 -0.44 -2.99 26.15
C PHE D 619 -0.97 -4.41 26.39
N GLY D 620 -1.62 -4.66 27.52
CA GLY D 620 -2.12 -5.99 27.80
C GLY D 620 -1.05 -7.06 27.89
N ILE D 621 0.03 -6.79 28.63
CA ILE D 621 1.15 -7.72 28.73
C ILE D 621 0.76 -9.04 29.36
N SER D 622 -0.32 -9.05 30.15
CA SER D 622 -0.72 -10.27 30.86
C SER D 622 -1.17 -11.39 29.92
N VAL D 623 -1.41 -11.09 28.64
CA VAL D 623 -1.82 -12.14 27.69
C VAL D 623 -0.64 -13.02 27.29
N LEU D 624 0.59 -12.60 27.57
CA LEU D 624 1.76 -13.41 27.29
C LEU D 624 1.87 -14.62 28.20
N ARG D 625 1.04 -14.69 29.24
CA ARG D 625 0.99 -15.85 30.11
C ARG D 625 0.23 -17.01 29.49
N ALA D 626 -0.47 -16.76 28.38
CA ALA D 626 -1.15 -17.85 27.69
C ALA D 626 -0.18 -18.86 27.10
N LEU D 627 1.09 -18.50 26.96
CA LEU D 627 2.08 -19.45 26.46
C LEU D 627 2.31 -20.60 27.42
N ARG D 628 1.86 -20.48 28.68
CA ARG D 628 1.97 -21.58 29.62
C ARG D 628 0.99 -22.70 29.33
N LEU D 629 0.03 -22.49 28.44
CA LEU D 629 -0.87 -23.56 28.02
C LEU D 629 -0.21 -24.56 27.10
N LEU D 630 1.03 -24.30 26.67
CA LEU D 630 1.76 -25.21 25.81
C LEU D 630 2.32 -26.40 26.56
N ARG D 631 2.28 -26.38 27.89
CA ARG D 631 2.69 -27.52 28.69
C ARG D 631 1.64 -28.62 28.73
N ILE D 632 0.44 -28.36 28.20
CA ILE D 632 -0.56 -29.41 28.09
C ILE D 632 -0.08 -30.51 27.15
N PHE D 633 0.83 -30.19 26.23
CA PHE D 633 1.37 -31.21 25.34
C PHE D 633 2.19 -32.26 26.08
N LYS D 634 2.58 -31.99 27.34
CA LYS D 634 3.38 -32.96 28.08
C LYS D 634 2.63 -34.27 28.29
N VAL D 635 1.34 -34.21 28.59
CA VAL D 635 0.58 -35.43 28.79
C VAL D 635 0.36 -36.19 27.48
N THR D 636 0.42 -35.49 26.35
CA THR D 636 0.24 -36.12 25.06
C THR D 636 1.56 -36.71 24.58
N LYS D 637 1.50 -37.38 23.42
CA LYS D 637 2.69 -37.99 22.83
C LYS D 637 3.43 -37.05 21.88
N TYR D 638 2.98 -35.81 21.74
CA TYR D 638 3.63 -34.84 20.88
C TYR D 638 4.73 -34.06 21.60
N TRP D 639 4.99 -34.36 22.87
CA TRP D 639 5.94 -33.56 23.64
C TRP D 639 7.36 -33.70 23.09
N ALA D 640 7.76 -34.92 22.74
CA ALA D 640 9.14 -35.15 22.33
C ALA D 640 9.47 -34.40 21.05
N SER D 641 8.58 -34.41 20.07
CA SER D 641 8.84 -33.73 18.82
C SER D 641 8.91 -32.22 19.01
N LEU D 642 8.02 -31.66 19.82
CA LEU D 642 8.01 -30.21 20.02
C LEU D 642 9.20 -29.76 20.87
N ARG D 643 9.54 -30.53 21.91
CA ARG D 643 10.65 -30.14 22.77
C ARG D 643 11.96 -30.10 22.00
N ASN D 644 12.20 -31.11 21.15
CA ASN D 644 13.44 -31.15 20.38
C ASN D 644 13.51 -29.99 19.39
N LEU D 645 12.36 -29.55 18.87
CA LEU D 645 12.35 -28.38 18.00
C LEU D 645 12.81 -27.14 18.76
N VAL D 646 12.35 -26.98 20.00
CA VAL D 646 12.82 -25.87 20.82
C VAL D 646 14.29 -26.05 21.17
N VAL D 647 14.69 -27.28 21.53
CA VAL D 647 16.08 -27.53 21.91
C VAL D 647 17.01 -27.23 20.74
N SER D 648 16.63 -27.65 19.54
CA SER D 648 17.44 -27.35 18.36
C SER D 648 17.50 -25.85 18.09
N LEU D 649 16.37 -25.16 18.24
CA LEU D 649 16.36 -23.72 17.99
C LEU D 649 17.23 -22.97 18.97
N LEU D 650 17.14 -23.31 20.27
CA LEU D 650 17.96 -22.64 21.26
C LEU D 650 19.43 -22.99 21.11
N ASN D 651 19.73 -24.23 20.70
CA ASN D 651 21.12 -24.62 20.49
C ASN D 651 21.74 -23.81 19.37
N SER D 652 21.03 -23.67 18.25
CA SER D 652 21.54 -22.90 17.11
C SER D 652 21.01 -21.47 17.17
N MET D 653 21.30 -20.82 18.30
CA MET D 653 20.90 -19.43 18.48
C MET D 653 21.92 -18.46 17.92
N LYS D 654 23.21 -18.80 17.94
CA LYS D 654 24.22 -17.93 17.36
C LYS D 654 24.01 -17.78 15.87
N SER D 655 23.64 -18.86 15.19
CA SER D 655 23.42 -18.80 13.75
C SER D 655 22.17 -17.99 13.42
N ILE D 656 21.06 -18.26 14.10
CA ILE D 656 19.80 -17.59 13.76
C ILE D 656 19.93 -16.08 13.92
N ILE D 657 20.59 -15.62 14.98
CA ILE D 657 20.84 -14.19 15.14
C ILE D 657 21.68 -13.67 13.98
N SER D 658 22.68 -14.44 13.55
CA SER D 658 23.58 -13.98 12.51
C SER D 658 22.85 -13.80 11.18
N LEU D 659 22.00 -14.75 10.79
CA LEU D 659 21.27 -14.62 9.54
C LEU D 659 20.33 -13.41 9.58
N LEU D 660 19.64 -13.21 10.70
CA LEU D 660 18.75 -12.06 10.79
C LEU D 660 19.52 -10.75 10.74
N PHE D 661 20.70 -10.71 11.38
CA PHE D 661 21.52 -9.50 11.31
C PHE D 661 22.02 -9.25 9.89
N LEU D 662 22.43 -10.31 9.19
CA LEU D 662 22.85 -10.15 7.80
C LEU D 662 21.70 -9.66 6.94
N LEU D 663 20.50 -10.17 7.20
CA LEU D 663 19.32 -9.68 6.49
C LEU D 663 19.07 -8.20 6.81
N PHE D 664 19.29 -7.80 8.06
CA PHE D 664 19.11 -6.40 8.42
C PHE D 664 20.07 -5.49 7.68
N LEU D 665 21.33 -5.89 7.58
CA LEU D 665 22.31 -5.06 6.88
C LEU D 665 21.95 -4.91 5.41
N PHE D 666 21.47 -5.98 4.78
N PHE D 666 21.46 -5.98 4.79
CA PHE D 666 21.07 -5.88 3.38
CA PHE D 666 21.05 -5.93 3.40
C PHE D 666 19.88 -4.94 3.22
C PHE D 666 19.86 -5.00 3.20
N ILE D 667 18.95 -4.95 4.18
CA ILE D 667 17.85 -3.99 4.14
C ILE D 667 18.38 -2.57 4.32
N VAL D 668 19.33 -2.38 5.25
CA VAL D 668 19.87 -1.05 5.50
C VAL D 668 20.59 -0.52 4.27
N VAL D 669 21.39 -1.35 3.61
CA VAL D 669 22.10 -0.91 2.42
C VAL D 669 21.15 -0.51 1.32
N PHE D 670 20.10 -1.30 1.06
CA PHE D 670 19.13 -0.91 0.04
C PHE D 670 18.32 0.30 0.46
N ALA D 671 18.23 0.57 1.77
CA ALA D 671 17.57 1.78 2.23
C ALA D 671 18.44 3.01 1.96
N LEU D 672 19.74 2.92 2.27
CA LEU D 672 20.63 4.05 2.03
C LEU D 672 20.78 4.33 0.55
N LEU D 673 20.78 3.27 -0.27
CA LEU D 673 20.83 3.46 -1.72
C LEU D 673 19.58 4.17 -2.22
N GLY D 674 18.41 3.84 -1.67
CA GLY D 674 17.20 4.54 -2.07
C GLY D 674 17.22 6.00 -1.72
N MET D 675 17.82 6.35 -0.57
CA MET D 675 17.90 7.74 -0.18
C MET D 675 18.79 8.55 -1.12
N GLN D 676 19.83 7.92 -1.66
CA GLN D 676 20.69 8.62 -2.61
C GLN D 676 19.99 8.84 -3.94
N LEU D 677 19.28 7.83 -4.44
CA LEU D 677 18.66 7.94 -5.76
C LEU D 677 17.36 8.73 -5.72
N PHE D 678 16.49 8.43 -4.75
CA PHE D 678 15.15 8.99 -4.73
C PHE D 678 14.88 9.83 -3.48
N GLY D 679 15.92 10.34 -2.82
CA GLY D 679 15.72 10.94 -1.51
C GLY D 679 14.86 12.19 -1.53
N GLY D 680 15.11 13.09 -2.47
CA GLY D 680 14.44 14.36 -2.41
C GLY D 680 13.38 14.65 -3.44
N GLN D 681 12.88 13.65 -4.19
CA GLN D 681 12.03 13.96 -5.33
C GLN D 681 10.66 13.27 -5.27
N PHE D 682 10.12 13.04 -4.08
CA PHE D 682 8.74 12.60 -3.95
C PHE D 682 7.79 13.69 -3.51
N ASN D 683 8.20 14.95 -3.54
CA ASN D 683 7.27 16.04 -3.29
C ASN D 683 6.50 16.29 -4.58
N PHE D 684 5.44 15.52 -4.80
CA PHE D 684 4.63 15.67 -5.99
C PHE D 684 3.59 16.76 -5.78
N ASP D 685 2.85 17.08 -6.85
CA ASP D 685 1.80 18.07 -6.75
C ASP D 685 0.58 17.55 -6.00
N GLU D 686 0.50 16.24 -5.75
CA GLU D 686 -0.60 15.65 -5.00
C GLU D 686 -0.19 15.27 -3.57
N GLY D 687 0.99 15.65 -3.14
CA GLY D 687 1.42 15.36 -1.79
C GLY D 687 2.58 14.37 -1.77
N THR D 688 3.26 14.31 -0.63
CA THR D 688 4.35 13.36 -0.47
C THR D 688 3.80 11.99 -0.08
N PRO D 689 4.14 10.94 -0.81
CA PRO D 689 3.64 9.61 -0.48
C PRO D 689 4.15 9.15 0.87
N PRO D 690 3.38 8.34 1.59
CA PRO D 690 3.88 7.79 2.86
C PRO D 690 5.13 6.94 2.68
N THR D 691 5.24 6.23 1.55
CA THR D 691 6.37 5.34 1.28
C THR D 691 7.47 6.12 0.54
N ASN D 692 7.99 7.13 1.21
CA ASN D 692 9.03 7.98 0.64
C ASN D 692 10.40 7.59 1.21
N PHE D 693 11.44 8.09 0.54
CA PHE D 693 12.82 7.88 0.95
C PHE D 693 13.44 9.13 1.56
N ASP D 694 12.64 9.99 2.17
CA ASP D 694 13.13 11.24 2.71
C ASP D 694 14.01 10.99 3.92
N THR D 695 13.44 10.41 4.97
CA THR D 695 14.18 10.12 6.19
C THR D 695 14.49 8.63 6.28
N PHE D 696 15.43 8.29 7.16
CA PHE D 696 15.82 6.89 7.32
C PHE D 696 14.68 5.99 7.79
N PRO D 697 13.92 6.34 8.85
CA PRO D 697 12.81 5.46 9.23
C PRO D 697 11.80 5.24 8.12
N ALA D 698 11.55 6.28 7.31
CA ALA D 698 10.66 6.11 6.17
C ALA D 698 11.27 5.22 5.10
N ALA D 699 12.59 5.30 4.92
CA ALA D 699 13.26 4.46 3.92
C ALA D 699 13.18 2.99 4.28
N ILE D 700 13.36 2.66 5.57
CA ILE D 700 13.33 1.26 5.99
C ILE D 700 11.98 0.63 5.69
N MET D 701 10.90 1.34 6.03
CA MET D 701 9.57 0.80 5.82
C MET D 701 9.26 0.62 4.34
N THR D 702 9.71 1.56 3.50
CA THR D 702 9.51 1.41 2.07
C THR D 702 10.27 0.22 1.52
N VAL D 703 11.52 0.02 1.97
CA VAL D 703 12.29 -1.15 1.55
C VAL D 703 11.64 -2.42 2.06
N PHE D 704 11.20 -2.41 3.31
CA PHE D 704 10.55 -3.60 3.87
C PHE D 704 9.27 -3.95 3.11
N GLN D 705 8.49 -2.94 2.73
CA GLN D 705 7.26 -3.20 2.00
C GLN D 705 7.53 -3.83 0.64
N ILE D 706 8.58 -3.37 -0.04
CA ILE D 706 8.93 -3.93 -1.34
C ILE D 706 9.33 -5.39 -1.21
N LEU D 707 10.08 -5.73 -0.15
CA LEU D 707 10.51 -7.11 0.04
C LEU D 707 9.31 -8.03 0.19
N THR D 708 8.30 -7.62 0.96
CA THR D 708 7.08 -8.40 1.07
C THR D 708 6.28 -8.42 -0.22
N GLY D 709 6.59 -7.54 -1.17
CA GLY D 709 6.01 -7.60 -2.49
C GLY D 709 4.68 -6.90 -2.65
N GLU D 710 4.16 -6.25 -1.61
CA GLU D 710 2.87 -5.59 -1.69
C GLU D 710 3.05 -4.18 -2.25
N ASP D 711 2.41 -3.90 -3.39
CA ASP D 711 2.46 -2.62 -4.07
C ASP D 711 3.88 -2.21 -4.45
N TRP D 712 4.77 -3.16 -4.72
CA TRP D 712 6.10 -2.79 -5.19
C TRP D 712 6.04 -2.11 -6.55
N ASN D 713 5.02 -2.40 -7.35
CA ASN D 713 4.89 -1.73 -8.64
C ASN D 713 4.46 -0.28 -8.49
N GLU D 714 3.56 0.00 -7.55
CA GLU D 714 3.15 1.38 -7.33
C GLU D 714 4.30 2.24 -6.83
N VAL D 715 5.14 1.68 -5.95
CA VAL D 715 6.32 2.41 -5.50
C VAL D 715 7.26 2.66 -6.67
N MET D 716 7.44 1.65 -7.53
CA MET D 716 8.31 1.83 -8.70
C MET D 716 7.78 2.91 -9.62
N TYR D 717 6.45 3.01 -9.74
CA TYR D 717 5.87 4.07 -10.56
C TYR D 717 6.22 5.45 -10.01
N ASP D 718 6.23 5.59 -8.68
CA ASP D 718 6.67 6.84 -8.08
C ASP D 718 8.13 7.12 -8.38
N GLY D 719 8.97 6.10 -8.31
CA GLY D 719 10.38 6.29 -8.61
C GLY D 719 10.62 6.70 -10.04
N ILE D 720 9.88 6.11 -10.97
CA ILE D 720 10.00 6.49 -12.38
C ILE D 720 9.46 7.90 -12.60
N LYS D 721 8.32 8.23 -12.00
CA LYS D 721 7.76 9.57 -12.19
C LYS D 721 8.63 10.64 -11.54
N SER D 722 9.33 10.29 -10.46
CA SER D 722 10.19 11.26 -9.79
C SER D 722 11.41 11.63 -10.63
N GLN D 723 11.75 10.83 -11.64
CA GLN D 723 12.93 11.09 -12.45
C GLN D 723 12.57 11.35 -13.90
N GLY D 724 11.52 12.13 -14.14
CA GLY D 724 11.14 12.51 -15.48
C GLY D 724 10.11 11.64 -16.15
N GLY D 725 9.52 10.70 -15.44
CA GLY D 725 8.48 9.87 -16.02
C GLY D 725 9.03 8.81 -16.95
N VAL D 726 8.14 8.35 -17.83
CA VAL D 726 8.50 7.30 -18.78
C VAL D 726 9.57 7.78 -19.75
N GLN D 727 9.52 9.06 -20.12
CA GLN D 727 10.43 9.57 -21.13
C GLN D 727 11.88 9.51 -20.66
N GLY D 728 12.15 9.89 -19.42
CA GLY D 728 13.52 10.00 -18.96
C GLY D 728 13.87 9.26 -17.68
N GLY D 729 12.96 8.46 -17.17
CA GLY D 729 13.20 7.83 -15.88
C GLY D 729 13.01 6.32 -15.84
N MET D 730 13.03 5.65 -16.98
CA MET D 730 12.85 4.21 -16.97
C MET D 730 14.11 3.44 -16.60
N VAL D 731 15.25 4.11 -16.44
CA VAL D 731 16.48 3.45 -16.03
C VAL D 731 16.52 3.23 -14.53
N PHE D 732 15.67 3.91 -13.77
CA PHE D 732 15.60 3.75 -12.32
C PHE D 732 14.72 2.58 -11.91
N SER D 733 14.03 1.95 -12.85
CA SER D 733 13.24 0.77 -12.51
C SER D 733 14.12 -0.41 -12.14
N ILE D 734 15.40 -0.36 -12.49
CA ILE D 734 16.31 -1.45 -12.16
C ILE D 734 16.43 -1.62 -10.65
N TYR D 735 16.40 -0.50 -9.91
CA TYR D 735 16.57 -0.58 -8.47
C TYR D 735 15.47 -1.40 -7.82
N PHE D 736 14.23 -1.25 -8.29
CA PHE D 736 13.13 -2.05 -7.74
C PHE D 736 13.17 -3.48 -8.25
N ILE D 737 13.61 -3.69 -9.49
CA ILE D 737 13.71 -5.06 -10.01
C ILE D 737 14.72 -5.87 -9.21
N VAL D 738 15.89 -5.29 -8.96
CA VAL D 738 16.91 -5.99 -8.18
C VAL D 738 16.44 -6.19 -6.74
N LEU D 739 15.73 -5.21 -6.20
CA LEU D 739 15.28 -5.31 -4.81
C LEU D 739 14.28 -6.45 -4.63
N THR D 740 13.28 -6.53 -5.50
CA THR D 740 12.25 -7.56 -5.32
C THR D 740 12.77 -8.94 -5.73
N LEU D 741 13.65 -8.99 -6.74
CA LEU D 741 14.16 -10.28 -7.18
C LEU D 741 15.05 -10.92 -6.13
N PHE D 742 16.00 -10.17 -5.59
CA PHE D 742 16.88 -10.71 -4.56
C PHE D 742 16.15 -10.83 -3.23
N GLY D 743 15.34 -9.83 -2.87
CA GLY D 743 14.66 -9.87 -1.59
C GLY D 743 13.69 -11.02 -1.48
N ASN D 744 12.96 -11.32 -2.57
CA ASN D 744 12.01 -12.42 -2.53
C ASN D 744 12.70 -13.76 -2.28
N TYR D 745 13.86 -13.98 -2.91
CA TYR D 745 14.50 -15.28 -2.79
C TYR D 745 15.49 -15.33 -1.62
N THR D 746 16.04 -14.19 -1.21
CA THR D 746 16.88 -14.18 -0.02
C THR D 746 16.07 -14.55 1.23
N LEU D 747 14.86 -14.01 1.35
CA LEU D 747 14.00 -14.37 2.46
C LEU D 747 13.66 -15.86 2.42
N LEU D 748 13.38 -16.39 1.24
CA LEU D 748 13.11 -17.82 1.11
C LEU D 748 14.33 -18.65 1.52
N ASN D 749 15.51 -18.25 1.07
CA ASN D 749 16.71 -19.02 1.35
C ASN D 749 17.18 -18.88 2.79
N VAL D 750 16.72 -17.88 3.52
CA VAL D 750 17.15 -17.68 4.90
C VAL D 750 16.19 -18.32 5.88
N PHE D 751 14.89 -18.16 5.67
CA PHE D 751 13.91 -18.69 6.61
C PHE D 751 13.55 -20.15 6.36
N LEU D 752 13.66 -20.63 5.13
CA LEU D 752 13.46 -22.05 4.88
C LEU D 752 14.66 -22.86 5.33
N ALA D 753 15.87 -22.30 5.21
CA ALA D 753 17.05 -22.97 5.72
C ALA D 753 16.98 -23.13 7.23
N ILE D 754 16.51 -22.11 7.93
CA ILE D 754 16.29 -22.22 9.37
C ILE D 754 15.21 -23.26 9.66
N ALA D 755 14.10 -23.21 8.93
CA ALA D 755 12.99 -24.11 9.20
C ALA D 755 13.36 -25.56 8.90
N VAL D 756 13.99 -25.81 7.76
CA VAL D 756 14.29 -27.17 7.34
C VAL D 756 15.33 -27.80 8.27
N ASP D 757 16.41 -27.08 8.54
CA ASP D 757 17.51 -27.65 9.30
C ASP D 757 17.09 -27.94 10.75
N ASN D 758 16.45 -26.97 11.40
CA ASN D 758 16.07 -27.14 12.79
C ASN D 758 14.99 -28.21 12.96
N LEU D 759 14.03 -28.25 12.05
CA LEU D 759 13.02 -29.31 12.11
C LEU D 759 13.63 -30.67 11.83
N ALA D 760 14.57 -30.75 10.88
CA ALA D 760 15.20 -32.03 10.58
C ALA D 760 16.02 -32.54 11.75
N ASN D 761 16.67 -31.65 12.48
CA ASN D 761 17.37 -32.07 13.70
C ASN D 761 16.40 -32.61 14.72
N ALA D 762 15.20 -32.03 14.81
CA ALA D 762 14.21 -32.52 15.75
C ALA D 762 13.77 -33.94 15.42
N GLN D 763 13.59 -34.24 14.13
CA GLN D 763 13.11 -35.57 13.76
C GLN D 763 14.11 -36.65 14.13
N GLU D 764 15.37 -36.50 13.71
CA GLU D 764 16.37 -37.52 13.99
C GLU D 764 16.64 -37.63 15.49
N LEU D 765 16.68 -36.48 16.18
CA LEU D 765 16.90 -36.52 17.62
C LEU D 765 15.74 -37.20 18.34
N THR D 766 14.51 -36.95 17.87
CA THR D 766 13.35 -37.64 18.45
C THR D 766 13.42 -39.14 18.19
N LYS D 767 13.74 -39.55 16.96
CA LYS D 767 13.78 -40.98 16.65
C LYS D 767 14.88 -41.68 17.43
N ASP D 768 16.04 -41.05 17.59
CA ASP D 768 17.13 -41.68 18.33
C ASP D 768 16.77 -41.84 19.80
N GLU D 769 15.94 -40.94 20.33
CA GLU D 769 15.43 -41.14 21.68
C GLU D 769 14.51 -42.37 21.74
N GLN D 770 13.65 -42.53 20.74
CA GLN D 770 12.75 -43.68 20.73
C GLN D 770 13.54 -44.98 20.60
N GLU D 771 14.56 -45.00 19.72
CA GLU D 771 15.33 -46.21 19.52
C GLU D 771 16.13 -46.58 20.76
N GLU D 772 16.71 -45.58 21.43
CA GLU D 772 17.55 -45.87 22.60
C GLU D 772 16.72 -46.44 23.75
N GLU D 773 15.54 -45.89 23.98
CA GLU D 773 14.71 -46.38 25.08
C GLU D 773 14.17 -47.78 24.76
N GLU D 774 13.91 -48.05 23.48
CA GLU D 774 13.56 -49.41 23.09
C GLU D 774 14.72 -50.37 23.29
N ALA D 775 15.92 -49.99 22.84
CA ALA D 775 17.09 -50.85 23.01
C ALA D 775 17.42 -51.05 24.47
N ALA D 776 17.36 -49.98 25.28
CA ALA D 776 17.61 -50.11 26.70
C ALA D 776 16.55 -50.96 27.37
N ASN D 777 15.32 -50.92 26.86
CA ASN D 777 14.24 -51.72 27.43
C ASN D 777 14.50 -53.22 27.25
N GLN D 778 14.82 -53.63 26.01
CA GLN D 778 15.07 -55.04 25.76
C GLN D 778 16.34 -55.51 26.43
N LYS D 779 17.39 -54.69 26.43
CA LYS D 779 18.64 -55.08 27.06
C LYS D 779 18.47 -55.25 28.57
N LEU D 780 17.69 -54.36 29.20
CA LEU D 780 17.45 -54.48 30.62
C LEU D 780 16.65 -55.74 30.94
N ALA D 781 15.52 -55.95 30.25
CA ALA D 781 14.65 -57.07 30.57
C ALA D 781 15.34 -58.41 30.34
N LEU D 782 16.35 -58.44 29.46
CA LEU D 782 17.15 -59.64 29.31
C LEU D 782 18.11 -59.81 30.49
N GLN D 783 18.75 -58.73 30.91
CA GLN D 783 19.63 -58.80 32.09
C GLN D 783 18.82 -59.01 33.36
N LYS D 784 17.61 -58.44 33.42
CA LYS D 784 16.71 -58.72 34.54
C LYS D 784 16.30 -60.17 34.58
N ALA D 785 16.11 -60.79 33.41
CA ALA D 785 15.66 -62.18 33.36
C ALA D 785 16.68 -63.15 33.93
N LYS D 786 17.96 -62.74 34.01
CA LYS D 786 18.97 -63.60 34.61
C LYS D 786 18.67 -63.86 36.08
N GLU D 787 18.23 -62.83 36.80
CA GLU D 787 17.86 -63.00 38.20
C GLU D 787 16.57 -63.80 38.33
N VAL D 788 15.76 -63.83 37.27
CA VAL D 788 14.47 -64.50 37.29
C VAL D 788 14.58 -65.95 36.78
N ALA D 789 15.76 -66.34 36.26
CA ALA D 789 15.90 -67.64 35.60
C ALA D 789 15.65 -68.79 36.57
N GLU D 790 15.93 -68.60 37.86
CA GLU D 790 15.74 -69.68 38.82
C GLU D 790 14.26 -70.04 38.97
N VAL D 791 13.41 -69.04 39.21
CA VAL D 791 11.98 -69.31 39.36
C VAL D 791 11.35 -69.64 38.02
N SER D 792 11.82 -69.01 36.94
CA SER D 792 11.28 -69.19 35.59
C SER D 792 9.78 -68.91 35.55
N ASN D 809 7.54 -56.16 17.08
CA ASN D 809 8.12 -54.85 16.78
C ASN D 809 7.11 -53.94 16.09
N GLN D 810 7.20 -52.65 16.38
CA GLN D 810 6.33 -51.64 15.79
C GLN D 810 7.18 -50.54 15.18
N LYS D 811 6.87 -50.18 13.94
CA LYS D 811 7.64 -49.18 13.21
C LYS D 811 6.74 -48.53 12.18
N PRO D 812 6.59 -47.19 12.21
CA PRO D 812 5.83 -46.50 11.17
C PRO D 812 6.68 -46.27 9.93
N ALA D 813 6.03 -46.23 8.76
CA ALA D 813 6.75 -46.06 7.50
C ALA D 813 7.56 -44.76 7.50
N LYS D 814 8.82 -44.87 7.08
CA LYS D 814 9.68 -43.71 6.99
C LYS D 814 9.31 -42.86 5.78
N SER D 815 9.57 -41.56 5.89
CA SER D 815 9.23 -40.62 4.83
C SER D 815 10.27 -40.66 3.72
N VAL D 816 9.94 -40.01 2.61
CA VAL D 816 10.87 -39.93 1.49
C VAL D 816 12.13 -39.17 1.90
N TRP D 817 11.97 -38.13 2.73
CA TRP D 817 13.13 -37.39 3.20
C TRP D 817 14.05 -38.26 4.04
N GLU D 818 13.50 -39.11 4.89
CA GLU D 818 14.34 -39.93 5.77
C GLU D 818 14.99 -41.08 5.02
N GLN D 819 14.29 -41.67 4.05
CA GLN D 819 14.86 -42.77 3.29
C GLN D 819 16.06 -42.30 2.47
N ARG D 820 15.89 -41.22 1.72
CA ARG D 820 16.98 -40.70 0.91
C ARG D 820 18.13 -40.21 1.79
N THR D 821 17.81 -39.61 2.94
CA THR D 821 18.84 -39.13 3.84
C THR D 821 19.68 -40.28 4.39
N SER D 822 19.03 -41.40 4.71
CA SER D 822 19.77 -42.58 5.16
C SER D 822 20.67 -43.13 4.05
N GLU D 823 20.14 -43.17 2.82
CA GLU D 823 20.94 -43.64 1.69
C GLU D 823 22.15 -42.74 1.47
N MET D 824 21.96 -41.43 1.55
CA MET D 824 23.06 -40.50 1.36
C MET D 824 24.09 -40.62 2.48
N ARG D 825 23.64 -41.02 3.67
CA ARG D 825 24.59 -41.24 4.77
C ARG D 825 25.51 -42.41 4.47
N LYS D 826 24.93 -43.53 4.01
CA LYS D 826 25.73 -44.71 3.71
C LYS D 826 26.70 -44.44 2.55
N GLN D 827 26.22 -43.77 1.50
CA GLN D 827 27.07 -43.50 0.35
C GLN D 827 28.24 -42.61 0.72
N ASN D 828 27.99 -41.56 1.51
CA ASN D 828 29.08 -40.70 1.95
C ASN D 828 30.01 -41.42 2.92
N LEU D 829 29.46 -42.27 3.78
CA LEU D 829 30.31 -43.03 4.70
C LEU D 829 31.08 -44.11 3.96
N LEU D 830 30.61 -44.52 2.78
CA LEU D 830 31.34 -45.52 1.99
C LEU D 830 32.70 -44.99 1.56
N ALA D 831 32.81 -43.67 1.33
CA ALA D 831 34.10 -43.09 0.97
C ALA D 831 35.12 -43.28 2.08
N SER D 832 34.69 -43.06 3.33
CA SER D 832 35.55 -43.25 4.51
C SER D 832 36.81 -42.41 4.43
N ASN D 1273 -31.77 -63.14 4.71
CA ASN D 1273 -32.90 -62.44 4.10
C ASN D 1273 -32.81 -62.49 2.57
N PRO D 1274 -33.73 -63.22 1.94
CA PRO D 1274 -33.68 -63.36 0.48
C PRO D 1274 -33.76 -62.04 -0.27
N LEU D 1275 -34.55 -61.09 0.23
CA LEU D 1275 -34.71 -59.82 -0.47
C LEU D 1275 -33.43 -59.00 -0.42
N ARG D 1276 -32.67 -59.11 0.68
CA ARG D 1276 -31.41 -58.39 0.79
C ARG D 1276 -30.42 -58.85 -0.27
N ARG D 1277 -30.43 -60.14 -0.59
CA ARG D 1277 -29.51 -60.68 -1.59
C ARG D 1277 -29.76 -60.05 -2.97
N LEU D 1278 -30.99 -59.65 -3.24
CA LEU D 1278 -31.30 -59.01 -4.52
C LEU D 1278 -30.56 -57.69 -4.65
N CYS D 1279 -30.58 -56.87 -3.60
CA CYS D 1279 -29.92 -55.57 -3.66
C CYS D 1279 -28.40 -55.73 -3.71
N HIS D 1280 -27.85 -56.68 -2.95
CA HIS D 1280 -26.41 -56.90 -2.97
C HIS D 1280 -25.95 -57.33 -4.35
N TYR D 1281 -26.79 -58.08 -5.08
CA TYR D 1281 -26.49 -58.41 -6.46
C TYR D 1281 -26.39 -57.16 -7.32
N ILE D 1282 -27.30 -56.20 -7.09
CA ILE D 1282 -27.25 -54.95 -7.82
C ILE D 1282 -26.04 -54.13 -7.40
N LEU D 1283 -25.80 -54.02 -6.10
CA LEU D 1283 -24.72 -53.19 -5.60
C LEU D 1283 -23.34 -53.72 -6.03
N ASN D 1284 -23.15 -55.03 -5.95
CA ASN D 1284 -21.84 -55.59 -6.30
C ASN D 1284 -21.60 -55.54 -7.80
N LEU D 1285 -22.67 -55.56 -8.59
CA LEU D 1285 -22.54 -55.58 -10.04
C LEU D 1285 -21.81 -54.32 -10.53
N ARG D 1286 -20.93 -54.52 -11.51
CA ARG D 1286 -20.13 -53.41 -12.03
C ARG D 1286 -21.00 -52.37 -12.72
N TYR D 1287 -22.01 -52.82 -13.46
CA TYR D 1287 -22.84 -51.90 -14.25
C TYR D 1287 -23.68 -50.97 -13.39
N PHE D 1288 -23.68 -51.14 -12.07
CA PHE D 1288 -24.34 -50.20 -11.17
C PHE D 1288 -23.32 -49.31 -10.45
N GLU D 1289 -22.06 -49.72 -10.37
CA GLU D 1289 -21.00 -48.89 -9.82
C GLU D 1289 -20.47 -47.89 -10.84
N MET D 1290 -20.27 -48.32 -12.08
CA MET D 1290 -19.80 -47.41 -13.11
C MET D 1290 -20.91 -46.45 -13.54
N CYS D 1291 -22.15 -46.93 -13.61
CA CYS D 1291 -23.23 -46.13 -14.18
C CYS D 1291 -23.48 -44.86 -13.38
N ILE D 1292 -23.50 -44.96 -12.05
CA ILE D 1292 -23.76 -43.79 -11.23
C ILE D 1292 -22.60 -42.80 -11.35
N LEU D 1293 -21.39 -43.31 -11.60
CA LEU D 1293 -20.24 -42.43 -11.69
C LEU D 1293 -20.41 -41.41 -12.81
N MET D 1294 -21.08 -41.80 -13.90
CA MET D 1294 -21.47 -40.81 -14.91
C MET D 1294 -22.59 -39.90 -14.41
N VAL D 1295 -23.51 -40.45 -13.62
CA VAL D 1295 -24.61 -39.63 -13.10
C VAL D 1295 -24.07 -38.53 -12.20
N ILE D 1296 -23.00 -38.82 -11.45
CA ILE D 1296 -22.32 -37.77 -10.70
C ILE D 1296 -21.76 -36.71 -11.65
N ALA D 1297 -21.15 -37.15 -12.74
CA ALA D 1297 -20.55 -36.22 -13.69
C ALA D 1297 -21.60 -35.34 -14.35
N MET D 1298 -22.71 -35.92 -14.80
CA MET D 1298 -23.76 -35.12 -15.44
C MET D 1298 -24.38 -34.14 -14.46
N SER D 1299 -24.61 -34.57 -13.23
CA SER D 1299 -25.26 -33.71 -12.24
C SER D 1299 -24.36 -32.52 -11.89
N SER D 1300 -23.05 -32.76 -11.79
CA SER D 1300 -22.12 -31.66 -11.53
C SER D 1300 -22.12 -30.65 -12.67
N ILE D 1301 -22.17 -31.13 -13.92
CA ILE D 1301 -22.22 -30.23 -15.06
C ILE D 1301 -23.51 -29.42 -15.06
N ALA D 1302 -24.63 -30.07 -14.75
CA ALA D 1302 -25.90 -29.37 -14.70
C ALA D 1302 -25.89 -28.27 -13.65
N LEU D 1303 -25.13 -28.47 -12.57
CA LEU D 1303 -24.98 -27.43 -11.57
C LEU D 1303 -24.29 -26.20 -12.15
N ALA D 1304 -23.25 -26.41 -12.96
CA ALA D 1304 -22.48 -25.32 -13.53
C ALA D 1304 -23.19 -24.62 -14.67
N ALA D 1305 -24.30 -25.15 -15.15
CA ALA D 1305 -25.04 -24.55 -16.25
C ALA D 1305 -26.18 -23.66 -15.80
N GLU D 1306 -26.48 -23.62 -14.50
CA GLU D 1306 -27.60 -22.82 -14.02
C GLU D 1306 -27.30 -21.33 -14.19
N ASP D 1307 -28.35 -20.56 -14.47
CA ASP D 1307 -28.22 -19.11 -14.57
C ASP D 1307 -28.43 -18.50 -13.18
N PRO D 1308 -27.41 -17.89 -12.59
CA PRO D 1308 -27.60 -17.30 -11.24
C PRO D 1308 -28.47 -16.06 -11.23
N VAL D 1309 -28.47 -15.29 -12.31
CA VAL D 1309 -29.12 -13.99 -12.27
C VAL D 1309 -30.64 -14.13 -12.21
N GLN D 1310 -31.22 -14.89 -13.13
CA GLN D 1310 -32.65 -14.85 -13.35
C GLN D 1310 -33.28 -16.20 -13.05
N PRO D 1311 -33.98 -16.35 -11.92
CA PRO D 1311 -34.59 -17.65 -11.59
C PRO D 1311 -35.59 -18.13 -12.63
N ASN D 1312 -36.27 -17.20 -13.30
CA ASN D 1312 -37.26 -17.54 -14.31
C ASN D 1312 -36.67 -17.69 -15.71
N ALA D 1313 -35.35 -17.81 -15.81
CA ALA D 1313 -34.72 -18.01 -17.11
C ALA D 1313 -35.13 -19.39 -17.66
N PRO D 1314 -35.29 -19.49 -18.98
CA PRO D 1314 -35.66 -20.79 -19.57
C PRO D 1314 -34.68 -21.90 -19.27
N ARG D 1315 -33.39 -21.57 -19.14
CA ARG D 1315 -32.40 -22.59 -18.83
C ARG D 1315 -32.64 -23.21 -17.47
N ASN D 1316 -32.99 -22.38 -16.48
CA ASN D 1316 -33.19 -22.89 -15.13
C ASN D 1316 -34.38 -23.85 -15.06
N ASN D 1317 -35.45 -23.56 -15.81
CA ASN D 1317 -36.63 -24.42 -15.79
C ASN D 1317 -36.29 -25.81 -16.32
N VAL D 1318 -35.53 -25.88 -17.41
CA VAL D 1318 -35.18 -27.18 -17.98
C VAL D 1318 -34.22 -27.92 -17.06
N LEU D 1319 -33.25 -27.21 -16.49
CA LEU D 1319 -32.28 -27.86 -15.61
C LEU D 1319 -32.95 -28.40 -14.35
N ARG D 1320 -34.03 -27.75 -13.89
CA ARG D 1320 -34.74 -28.23 -12.73
C ARG D 1320 -35.32 -29.61 -12.98
N TYR D 1321 -35.87 -29.84 -14.17
CA TYR D 1321 -36.41 -31.15 -14.51
C TYR D 1321 -35.34 -32.22 -14.43
N PHE D 1322 -34.09 -31.86 -14.76
CA PHE D 1322 -32.99 -32.80 -14.64
C PHE D 1322 -32.71 -33.14 -13.19
N ASP D 1323 -32.82 -32.15 -12.29
CA ASP D 1323 -32.53 -32.39 -10.88
C ASP D 1323 -33.48 -33.41 -10.28
N TYR D 1324 -34.71 -33.50 -10.79
CA TYR D 1324 -35.62 -34.53 -10.33
C TYR D 1324 -35.06 -35.92 -10.64
N VAL D 1325 -34.49 -36.08 -11.83
CA VAL D 1325 -33.93 -37.36 -12.23
C VAL D 1325 -32.71 -37.71 -11.38
N PHE D 1326 -31.84 -36.72 -11.13
CA PHE D 1326 -30.64 -36.99 -10.34
C PHE D 1326 -30.99 -37.38 -8.91
N THR D 1327 -32.01 -36.76 -8.32
CA THR D 1327 -32.46 -37.18 -6.99
C THR D 1327 -33.01 -38.60 -7.03
N GLY D 1328 -33.73 -38.94 -8.10
CA GLY D 1328 -34.26 -40.29 -8.20
C GLY D 1328 -33.18 -41.35 -8.21
N VAL D 1329 -32.10 -41.10 -8.96
CA VAL D 1329 -30.99 -42.05 -8.99
C VAL D 1329 -30.32 -42.16 -7.63
N PHE D 1330 -30.11 -41.01 -6.97
CA PHE D 1330 -29.46 -41.04 -5.65
C PHE D 1330 -30.38 -41.66 -4.61
N THR D 1331 -31.68 -41.38 -4.68
CA THR D 1331 -32.63 -42.01 -3.76
C THR D 1331 -32.65 -43.52 -3.94
N PHE D 1332 -32.62 -43.98 -5.20
CA PHE D 1332 -32.60 -45.41 -5.45
C PHE D 1332 -31.34 -46.04 -4.88
N GLU D 1333 -30.20 -45.36 -5.03
CA GLU D 1333 -28.96 -45.89 -4.48
C GLU D 1333 -28.92 -45.84 -2.96
N MET D 1334 -29.58 -44.85 -2.35
CA MET D 1334 -29.58 -44.77 -0.89
C MET D 1334 -30.31 -45.93 -0.25
N VAL D 1335 -31.54 -46.21 -0.71
CA VAL D 1335 -32.39 -47.15 -0.01
C VAL D 1335 -31.81 -48.56 -0.06
N ILE D 1336 -31.36 -49.00 -1.25
CA ILE D 1336 -30.91 -50.38 -1.38
C ILE D 1336 -29.72 -50.67 -0.46
N LYS D 1337 -28.93 -49.66 -0.13
CA LYS D 1337 -27.89 -49.85 0.89
C LYS D 1337 -28.50 -49.99 2.27
N MET D 1338 -29.60 -49.29 2.53
CA MET D 1338 -30.27 -49.40 3.82
C MET D 1338 -30.84 -50.79 4.04
N ILE D 1339 -31.43 -51.39 3.00
CA ILE D 1339 -31.82 -52.80 3.08
C ILE D 1339 -30.58 -53.69 3.18
N ASP D 1340 -29.57 -53.39 2.37
CA ASP D 1340 -28.38 -54.26 2.34
C ASP D 1340 -27.65 -54.26 3.67
N LEU D 1341 -27.46 -53.10 4.27
CA LEU D 1341 -26.69 -52.96 5.50
C LEU D 1341 -27.59 -52.42 6.60
N GLY D 1342 -27.50 -53.02 7.78
CA GLY D 1342 -28.24 -52.49 8.92
C GLY D 1342 -27.81 -51.06 9.22
N LEU D 1343 -28.76 -50.26 9.70
CA LEU D 1343 -28.49 -48.85 9.92
C LEU D 1343 -27.47 -48.65 11.03
N VAL D 1344 -27.71 -49.26 12.20
CA VAL D 1344 -26.79 -49.14 13.32
C VAL D 1344 -26.59 -50.51 13.98
N LEU D 1345 -27.00 -51.57 13.29
CA LEU D 1345 -27.06 -52.89 13.91
C LEU D 1345 -25.77 -53.69 13.81
N HIS D 1346 -24.79 -53.21 13.06
CA HIS D 1346 -23.56 -53.97 12.82
C HIS D 1346 -22.34 -53.06 12.95
N GLN D 1347 -21.17 -53.69 12.97
CA GLN D 1347 -19.92 -52.93 12.94
C GLN D 1347 -19.80 -52.14 11.64
N GLY D 1348 -20.15 -52.78 10.52
CA GLY D 1348 -20.28 -52.09 9.24
C GLY D 1348 -21.74 -51.78 8.99
N ALA D 1349 -22.05 -50.49 8.84
CA ALA D 1349 -23.42 -50.04 8.80
C ALA D 1349 -23.53 -48.85 7.87
N TYR D 1350 -24.76 -48.51 7.50
CA TYR D 1350 -24.97 -47.37 6.61
C TYR D 1350 -24.50 -46.08 7.26
N PHE D 1351 -24.94 -45.80 8.49
CA PHE D 1351 -24.56 -44.59 9.19
C PHE D 1351 -23.23 -44.73 9.90
N ARG D 1352 -22.40 -45.68 9.47
CA ARG D 1352 -21.11 -45.90 10.11
C ARG D 1352 -19.98 -45.17 9.38
N ASP D 1353 -20.07 -45.07 8.06
CA ASP D 1353 -19.04 -44.43 7.25
C ASP D 1353 -19.52 -43.06 6.78
N LEU D 1354 -18.65 -42.06 6.94
CA LEU D 1354 -19.05 -40.66 6.75
C LEU D 1354 -19.60 -40.41 5.36
N TRP D 1355 -19.05 -41.10 4.36
CA TRP D 1355 -19.49 -40.88 2.98
C TRP D 1355 -20.97 -41.16 2.82
N ASN D 1356 -21.50 -42.14 3.56
CA ASN D 1356 -22.93 -42.42 3.48
C ASN D 1356 -23.75 -41.31 4.15
N ILE D 1357 -23.25 -40.76 5.25
CA ILE D 1357 -23.89 -39.58 5.83
C ILE D 1357 -23.84 -38.42 4.84
N LEU D 1358 -22.70 -38.25 4.17
CA LEU D 1358 -22.60 -37.21 3.15
C LEU D 1358 -23.60 -37.45 2.03
N ASP D 1359 -23.75 -38.72 1.61
CA ASP D 1359 -24.79 -39.05 0.64
C ASP D 1359 -26.17 -38.76 1.22
N PHE D 1360 -26.37 -39.09 2.49
CA PHE D 1360 -27.67 -38.88 3.13
C PHE D 1360 -28.05 -37.41 3.13
N ILE D 1361 -27.08 -36.53 3.40
CA ILE D 1361 -27.37 -35.10 3.50
C ILE D 1361 -27.84 -34.55 2.16
N VAL D 1362 -27.19 -34.96 1.07
CA VAL D 1362 -27.52 -34.42 -0.25
C VAL D 1362 -28.94 -34.78 -0.64
N VAL D 1363 -29.30 -36.06 -0.53
CA VAL D 1363 -30.62 -36.50 -0.95
C VAL D 1363 -31.70 -35.98 0.00
N SER D 1364 -31.41 -35.99 1.31
CA SER D 1364 -32.41 -35.52 2.27
C SER D 1364 -32.71 -34.04 2.07
N GLY D 1365 -31.68 -33.23 1.82
CA GLY D 1365 -31.91 -31.82 1.58
C GLY D 1365 -32.77 -31.57 0.36
N ALA D 1366 -32.54 -32.33 -0.72
CA ALA D 1366 -33.36 -32.17 -1.91
C ALA D 1366 -34.81 -32.55 -1.66
N LEU D 1367 -35.04 -33.65 -0.94
CA LEU D 1367 -36.40 -34.09 -0.66
C LEU D 1367 -37.15 -33.08 0.20
N VAL D 1368 -36.47 -32.53 1.21
CA VAL D 1368 -37.10 -31.52 2.04
C VAL D 1368 -37.39 -30.27 1.23
N ALA D 1369 -36.45 -29.88 0.37
CA ALA D 1369 -36.65 -28.69 -0.46
C ALA D 1369 -37.83 -28.86 -1.41
N PHE D 1370 -37.99 -30.06 -1.97
CA PHE D 1370 -39.12 -30.31 -2.87
C PHE D 1370 -40.45 -30.18 -2.14
N ALA D 1371 -40.50 -30.65 -0.90
CA ALA D 1371 -41.75 -30.62 -0.14
C ALA D 1371 -42.18 -29.19 0.14
N PHE D 1372 -41.23 -28.30 0.43
CA PHE D 1372 -41.58 -26.94 0.84
C PHE D 1372 -41.84 -26.03 -0.33
N THR D 1373 -41.29 -26.36 -1.47
CA THR D 1373 -41.57 -25.58 -2.66
C THR D 1373 -43.03 -25.73 -2.98
N GLY D 1374 -43.53 -26.93 -2.78
CA GLY D 1374 -44.91 -27.20 -3.11
C GLY D 1374 -45.98 -26.42 -2.37
N ASN D 1375 -45.83 -26.19 -1.07
CA ASN D 1375 -46.90 -25.53 -0.34
C ASN D 1375 -47.18 -24.13 -0.88
N SER D 1376 -46.16 -23.29 -1.06
CA SER D 1376 -46.34 -21.97 -1.69
C SER D 1376 -45.00 -21.55 -2.25
N LYS D 1377 -44.88 -21.47 -3.57
CA LYS D 1377 -43.57 -21.17 -4.16
C LYS D 1377 -43.10 -19.80 -3.73
N GLY D 1378 -43.98 -18.82 -3.79
CA GLY D 1378 -43.62 -17.46 -3.44
C GLY D 1378 -43.29 -17.18 -2.00
N LYS D 1379 -44.01 -17.79 -1.08
CA LYS D 1379 -43.82 -17.43 0.32
C LYS D 1379 -42.48 -17.69 1.02
N ASP D 1380 -41.81 -18.79 0.75
CA ASP D 1380 -40.58 -19.05 1.52
C ASP D 1380 -39.38 -19.32 0.66
N ILE D 1381 -38.94 -18.30 -0.03
CA ILE D 1381 -37.80 -18.44 -0.89
C ILE D 1381 -36.56 -18.77 -0.11
N ASN D 1382 -36.38 -18.20 1.06
CA ASN D 1382 -35.10 -18.37 1.73
C ASN D 1382 -34.67 -19.78 2.04
N THR D 1383 -35.52 -20.60 2.60
CA THR D 1383 -35.13 -21.98 2.80
C THR D 1383 -34.98 -22.69 1.47
N ILE D 1384 -35.90 -22.45 0.55
CA ILE D 1384 -35.84 -23.09 -0.72
C ILE D 1384 -34.47 -22.79 -1.20
N LYS D 1385 -34.05 -21.53 -1.11
CA LYS D 1385 -32.75 -21.19 -1.66
C LYS D 1385 -31.63 -21.82 -0.85
N SER D 1386 -31.84 -22.00 0.45
CA SER D 1386 -30.76 -22.43 1.33
C SER D 1386 -30.36 -23.89 1.09
N LEU D 1387 -31.33 -24.80 1.06
CA LEU D 1387 -30.97 -26.22 0.93
C LEU D 1387 -30.52 -26.55 -0.49
N ARG D 1388 -30.97 -25.77 -1.48
CA ARG D 1388 -30.49 -25.98 -2.84
C ARG D 1388 -28.98 -25.80 -2.94
N VAL D 1389 -28.38 -25.03 -2.03
CA VAL D 1389 -26.93 -24.91 -1.99
C VAL D 1389 -26.28 -26.23 -1.66
N LEU D 1390 -26.97 -27.12 -0.94
CA LEU D 1390 -26.42 -28.41 -0.56
C LEU D 1390 -26.15 -29.32 -1.75
N ARG D 1391 -26.69 -28.99 -2.93
CA ARG D 1391 -26.42 -29.79 -4.11
C ARG D 1391 -24.96 -29.75 -4.53
N VAL D 1392 -24.18 -28.79 -4.03
CA VAL D 1392 -22.77 -28.69 -4.38
C VAL D 1392 -21.93 -29.82 -3.83
N LEU D 1393 -22.50 -30.66 -2.96
CA LEU D 1393 -21.76 -31.80 -2.43
C LEU D 1393 -21.76 -33.00 -3.36
N ARG D 1394 -22.46 -32.92 -4.49
CA ARG D 1394 -22.43 -34.02 -5.45
C ARG D 1394 -21.04 -34.32 -5.98
N PRO D 1395 -20.19 -33.34 -6.34
CA PRO D 1395 -18.83 -33.68 -6.75
C PRO D 1395 -18.06 -34.47 -5.71
N LEU D 1396 -18.27 -34.17 -4.42
CA LEU D 1396 -17.50 -34.81 -3.36
C LEU D 1396 -17.79 -36.31 -3.24
N LYS D 1397 -18.89 -36.79 -3.81
CA LYS D 1397 -19.20 -38.22 -3.80
C LYS D 1397 -18.29 -39.01 -4.73
N THR D 1398 -17.51 -38.34 -5.57
CA THR D 1398 -16.62 -39.04 -6.49
C THR D 1398 -15.42 -39.64 -5.75
N ILE D 1399 -15.03 -39.05 -4.63
CA ILE D 1399 -13.81 -39.47 -3.93
C ILE D 1399 -13.91 -40.93 -3.49
N LYS D 1400 -15.05 -41.31 -2.93
CA LYS D 1400 -15.24 -42.69 -2.50
C LYS D 1400 -15.25 -43.65 -3.69
N ARG D 1401 -15.88 -43.24 -4.80
CA ARG D 1401 -16.07 -44.15 -5.92
C ARG D 1401 -14.77 -44.38 -6.70
N LEU D 1402 -13.85 -43.41 -6.66
CA LEU D 1402 -12.57 -43.57 -7.34
C LEU D 1402 -11.50 -43.98 -6.33
N PRO D 1403 -11.00 -45.21 -6.41
CA PRO D 1403 -9.96 -45.63 -5.43
C PRO D 1403 -8.70 -44.77 -5.47
N LYS D 1404 -8.30 -44.31 -6.65
CA LYS D 1404 -7.06 -43.54 -6.76
C LYS D 1404 -7.22 -42.16 -6.13
N LEU D 1405 -8.39 -41.55 -6.28
CA LEU D 1405 -8.60 -40.23 -5.69
C LEU D 1405 -8.67 -40.29 -4.18
N LYS D 1406 -9.13 -41.41 -3.62
CA LYS D 1406 -9.18 -41.54 -2.17
C LYS D 1406 -7.78 -41.58 -1.58
N ALA D 1407 -6.83 -42.21 -2.28
CA ALA D 1407 -5.46 -42.24 -1.80
C ALA D 1407 -4.87 -40.83 -1.71
N VAL D 1408 -5.13 -40.00 -2.73
CA VAL D 1408 -4.67 -38.62 -2.68
C VAL D 1408 -5.37 -37.87 -1.56
N PHE D 1409 -6.68 -38.10 -1.40
CA PHE D 1409 -7.42 -37.45 -0.32
C PHE D 1409 -6.87 -37.87 1.04
N ASP D 1410 -6.56 -39.15 1.20
CA ASP D 1410 -5.97 -39.61 2.46
C ASP D 1410 -4.59 -39.01 2.68
N CYS D 1411 -3.85 -38.75 1.60
CA CYS D 1411 -2.55 -38.09 1.73
C CYS D 1411 -2.71 -36.69 2.28
N VAL D 1412 -3.72 -35.96 1.82
CA VAL D 1412 -3.94 -34.60 2.32
C VAL D 1412 -4.31 -34.62 3.79
N VAL D 1413 -5.18 -35.56 4.19
CA VAL D 1413 -5.55 -35.67 5.59
C VAL D 1413 -4.34 -36.06 6.44
N ASN D 1414 -3.47 -36.93 5.90
CA ASN D 1414 -2.25 -37.27 6.61
C ASN D 1414 -1.35 -36.07 6.79
N SER D 1415 -1.24 -35.22 5.77
CA SER D 1415 -0.45 -34.00 5.90
C SER D 1415 -1.06 -33.07 6.94
N LEU D 1416 -2.40 -32.99 6.98
CA LEU D 1416 -3.07 -32.18 7.98
C LEU D 1416 -2.80 -32.71 9.39
N LYS D 1417 -2.79 -34.03 9.56
CA LYS D 1417 -2.55 -34.61 10.87
C LYS D 1417 -1.14 -34.33 11.36
N ASN D 1418 -0.17 -34.23 10.43
CA ASN D 1418 1.21 -34.05 10.84
C ASN D 1418 1.50 -32.61 11.26
N VAL D 1419 0.80 -31.64 10.69
CA VAL D 1419 1.07 -30.24 10.97
C VAL D 1419 0.07 -29.71 11.99
N PHE D 1420 -0.66 -30.61 12.65
CA PHE D 1420 -1.64 -30.19 13.64
C PHE D 1420 -0.98 -29.60 14.87
N ASN D 1421 0.16 -30.18 15.29
CA ASN D 1421 0.84 -29.67 16.47
C ASN D 1421 1.31 -28.23 16.27
N ILE D 1422 1.93 -27.96 15.12
CA ILE D 1422 2.38 -26.60 14.84
C ILE D 1422 1.19 -25.67 14.65
N LEU D 1423 0.09 -26.18 14.09
CA LEU D 1423 -1.08 -25.34 13.85
C LEU D 1423 -1.64 -24.80 15.16
N ILE D 1424 -1.72 -25.64 16.19
CA ILE D 1424 -2.23 -25.19 17.48
C ILE D 1424 -1.35 -24.08 18.04
N VAL D 1425 -0.02 -24.25 17.93
CA VAL D 1425 0.90 -23.20 18.33
C VAL D 1425 0.67 -21.94 17.49
N TYR D 1426 0.28 -22.13 16.22
CA TYR D 1426 0.10 -20.98 15.34
C TYR D 1426 -1.06 -20.11 15.79
N MET D 1427 -2.23 -20.71 16.06
CA MET D 1427 -3.36 -19.89 16.53
C MET D 1427 -3.08 -19.30 17.90
N LEU D 1428 -2.38 -20.04 18.76
CA LEU D 1428 -2.08 -19.51 20.10
C LEU D 1428 -1.22 -18.26 20.02
N PHE D 1429 -0.24 -18.25 19.12
CA PHE D 1429 0.55 -17.04 18.92
C PHE D 1429 -0.26 -15.94 18.25
N MET D 1430 -1.05 -16.29 17.23
CA MET D 1430 -1.84 -15.28 16.54
C MET D 1430 -2.97 -14.76 17.45
N PHE D 1431 -3.46 -15.60 18.35
CA PHE D 1431 -4.41 -15.12 19.36
C PHE D 1431 -3.77 -14.09 20.27
N ILE D 1432 -2.52 -14.32 20.66
CA ILE D 1432 -1.81 -13.37 21.53
C ILE D 1432 -1.64 -12.03 20.81
N PHE D 1433 -1.25 -12.08 19.54
CA PHE D 1433 -1.10 -10.84 18.78
C PHE D 1433 -2.44 -10.15 18.60
N ALA D 1434 -3.51 -10.92 18.42
CA ALA D 1434 -4.84 -10.33 18.30
C ALA D 1434 -5.24 -9.59 19.56
N VAL D 1435 -4.98 -10.18 20.73
CA VAL D 1435 -5.33 -9.53 21.99
C VAL D 1435 -4.50 -8.27 22.18
N VAL D 1436 -3.21 -8.33 21.88
CA VAL D 1436 -2.35 -7.16 22.01
C VAL D 1436 -2.81 -6.06 21.07
N ALA D 1437 -3.15 -6.42 19.82
CA ALA D 1437 -3.62 -5.43 18.87
C ALA D 1437 -4.93 -4.80 19.34
N VAL D 1438 -5.80 -5.59 19.97
CA VAL D 1438 -7.07 -5.06 20.47
C VAL D 1438 -6.81 -3.98 21.51
N GLN D 1439 -5.88 -4.21 22.44
CA GLN D 1439 -5.63 -3.28 23.52
C GLN D 1439 -4.87 -2.03 23.06
N LEU D 1440 -4.42 -1.99 21.81
CA LEU D 1440 -3.72 -0.83 21.28
C LEU D 1440 -4.55 0.00 20.31
N PHE D 1441 -5.48 -0.60 19.57
CA PHE D 1441 -6.25 0.10 18.56
C PHE D 1441 -7.74 -0.11 18.78
N LYS D 1442 -8.17 -0.09 20.04
CA LYS D 1442 -9.56 -0.28 20.39
C LYS D 1442 -10.27 1.06 20.32
N GLY D 1443 -11.15 1.23 19.34
CA GLY D 1443 -11.89 2.46 19.20
C GLY D 1443 -11.13 3.61 18.59
N LYS D 1444 -9.87 3.40 18.22
CA LYS D 1444 -9.04 4.43 17.62
C LYS D 1444 -9.12 4.40 16.10
N PHE D 1445 -10.04 3.63 15.54
CA PHE D 1445 -10.16 3.45 14.08
C PHE D 1445 -11.47 4.10 13.62
N PHE D 1446 -11.77 5.26 14.18
CA PHE D 1446 -12.90 6.07 13.76
C PHE D 1446 -12.37 7.30 13.04
N HIS D 1447 -12.94 7.57 11.86
CA HIS D 1447 -12.53 8.73 11.09
C HIS D 1447 -13.76 9.49 10.64
N CYS D 1448 -13.58 10.77 10.39
CA CYS D 1448 -14.62 11.63 9.88
C CYS D 1448 -14.43 11.84 8.39
N THR D 1449 -15.54 11.88 7.65
CA THR D 1449 -15.46 12.09 6.21
C THR D 1449 -14.81 13.42 5.90
N ASP D 1450 -15.02 14.43 6.76
CA ASP D 1450 -14.27 15.68 6.72
C ASP D 1450 -13.18 15.60 7.77
N GLU D 1451 -11.94 15.54 7.33
CA GLU D 1451 -10.82 15.36 8.21
C GLU D 1451 -10.59 16.42 9.22
N SER D 1452 -11.14 17.58 8.99
CA SER D 1452 -10.94 18.69 9.92
C SER D 1452 -11.65 18.45 11.25
N LYS D 1453 -12.83 17.84 11.22
CA LYS D 1453 -13.61 17.61 12.43
C LYS D 1453 -13.13 16.34 13.11
N GLU D 1454 -12.43 16.51 14.24
CA GLU D 1454 -11.81 15.36 14.90
C GLU D 1454 -12.84 14.51 15.65
N PHE D 1455 -13.78 15.14 16.33
CA PHE D 1455 -14.69 14.43 17.23
C PHE D 1455 -16.03 14.18 16.54
N GLU D 1456 -16.82 13.29 17.16
CA GLU D 1456 -18.05 12.83 16.53
C GLU D 1456 -19.12 13.91 16.52
N LYS D 1457 -19.24 14.68 17.61
CA LYS D 1457 -20.29 15.69 17.69
C LYS D 1457 -20.10 16.78 16.64
N ASP D 1458 -18.86 17.01 16.21
CA ASP D 1458 -18.60 18.02 15.19
C ASP D 1458 -19.00 17.53 13.81
N CYS D 1459 -19.00 16.21 13.58
CA CYS D 1459 -19.20 15.64 12.25
C CYS D 1459 -20.68 15.58 11.92
N ARG D 1460 -21.27 16.77 11.73
CA ARG D 1460 -22.65 16.89 11.34
C ARG D 1460 -22.81 18.10 10.42
N GLY D 1461 -23.55 17.93 9.34
CA GLY D 1461 -23.86 19.02 8.44
C GLY D 1461 -23.32 18.72 7.05
N LYS D 1462 -22.88 19.78 6.39
CA LYS D 1462 -22.34 19.70 5.04
C LYS D 1462 -20.91 20.23 5.03
N TYR D 1463 -20.07 19.64 4.20
CA TYR D 1463 -18.69 20.07 4.04
C TYR D 1463 -18.31 20.08 2.57
N LEU D 1464 -17.31 20.87 2.23
CA LEU D 1464 -16.94 21.15 0.85
C LEU D 1464 -15.73 20.32 0.43
N LEU D 1465 -15.80 19.74 -0.76
CA LEU D 1465 -14.67 19.10 -1.42
C LEU D 1465 -14.14 20.03 -2.50
N TYR D 1466 -12.83 20.24 -2.53
CA TYR D 1466 -12.19 21.02 -3.58
C TYR D 1466 -11.36 20.06 -4.43
N GLU D 1467 -12.01 19.42 -5.40
CA GLU D 1467 -11.28 18.68 -6.41
C GLU D 1467 -11.14 19.56 -7.65
N LYS D 1468 -10.23 19.16 -8.55
CA LYS D 1468 -9.80 20.05 -9.62
C LYS D 1468 -10.99 20.49 -10.48
N ASN D 1469 -11.08 21.80 -10.69
CA ASN D 1469 -12.06 22.44 -11.57
C ASN D 1469 -13.50 22.19 -11.13
N GLU D 1470 -13.74 22.03 -9.83
CA GLU D 1470 -15.10 21.92 -9.32
C GLU D 1470 -15.09 22.14 -7.81
N VAL D 1471 -16.25 22.54 -7.29
CA VAL D 1471 -16.51 22.62 -5.86
C VAL D 1471 -17.85 21.97 -5.59
N LYS D 1472 -17.87 20.95 -4.74
CA LYS D 1472 -19.08 20.20 -4.43
C LYS D 1472 -19.20 20.02 -2.93
N ALA D 1473 -20.44 19.80 -2.48
CA ALA D 1473 -20.76 19.69 -1.06
C ALA D 1473 -21.35 18.32 -0.77
N ARG D 1474 -20.85 17.67 0.28
CA ARG D 1474 -21.32 16.36 0.70
C ARG D 1474 -21.58 16.36 2.20
N ASP D 1475 -22.27 15.31 2.65
CA ASP D 1475 -22.55 15.14 4.06
C ASP D 1475 -21.28 14.79 4.82
N ARG D 1476 -21.29 15.09 6.12
CA ARG D 1476 -20.24 14.65 7.03
C ARG D 1476 -20.70 13.36 7.71
N GLU D 1477 -19.84 12.36 7.71
CA GLU D 1477 -20.18 11.05 8.26
C GLU D 1477 -19.09 10.59 9.20
N TRP D 1478 -19.52 10.07 10.36
CA TRP D 1478 -18.62 9.48 11.33
C TRP D 1478 -18.60 7.97 11.09
N LYS D 1479 -17.49 7.48 10.54
CA LYS D 1479 -17.42 6.11 10.07
C LYS D 1479 -16.25 5.39 10.72
N LYS D 1480 -16.40 4.06 10.82
CA LYS D 1480 -15.32 3.19 11.25
C LYS D 1480 -14.59 2.67 10.02
N TYR D 1481 -13.29 2.44 10.18
CA TYR D 1481 -12.49 1.92 9.08
C TYR D 1481 -12.97 0.52 8.70
N GLU D 1482 -12.76 0.09 7.49
CA GLU D 1482 -13.28 -1.20 7.10
C GLU D 1482 -12.66 -2.30 7.84
N PHE D 1483 -11.36 -2.27 8.03
CA PHE D 1483 -10.70 -3.29 8.85
C PHE D 1483 -10.15 -2.63 10.09
N HIS D 1484 -10.58 -3.11 11.26
CA HIS D 1484 -10.32 -2.46 12.53
C HIS D 1484 -10.00 -3.49 13.60
N TYR D 1485 -9.73 -3.00 14.81
CA TYR D 1485 -9.40 -3.85 15.96
C TYR D 1485 -10.36 -3.47 17.10
N ASP D 1486 -11.55 -4.06 17.10
CA ASP D 1486 -12.52 -3.76 18.15
C ASP D 1486 -12.73 -4.91 19.13
N ASN D 1487 -12.73 -6.15 18.64
CA ASN D 1487 -12.77 -7.32 19.52
C ASN D 1487 -11.77 -8.34 19.00
N VAL D 1488 -11.67 -9.47 19.70
CA VAL D 1488 -10.69 -10.48 19.31
C VAL D 1488 -11.04 -11.08 17.95
N LEU D 1489 -12.32 -11.09 17.58
CA LEU D 1489 -12.70 -11.62 16.26
C LEU D 1489 -12.29 -10.67 15.14
N TRP D 1490 -12.52 -9.37 15.31
CA TRP D 1490 -12.13 -8.41 14.29
C TRP D 1490 -10.61 -8.31 14.18
N ALA D 1491 -9.91 -8.45 15.31
CA ALA D 1491 -8.45 -8.41 15.26
C ALA D 1491 -7.88 -9.60 14.48
N LEU D 1492 -8.45 -10.79 14.70
CA LEU D 1492 -7.96 -11.97 13.99
C LEU D 1492 -8.18 -11.84 12.49
N LEU D 1493 -9.36 -11.34 12.08
CA LEU D 1493 -9.63 -11.18 10.67
C LEU D 1493 -8.68 -10.17 10.02
N THR D 1494 -8.43 -9.05 10.70
CA THR D 1494 -7.50 -8.06 10.18
C THR D 1494 -6.09 -8.61 10.09
N LEU D 1495 -5.64 -9.34 11.12
CA LEU D 1495 -4.30 -9.91 11.08
C LEU D 1495 -4.17 -10.98 10.00
N PHE D 1496 -5.25 -11.72 9.73
CA PHE D 1496 -5.21 -12.66 8.61
C PHE D 1496 -5.03 -11.94 7.29
N THR D 1497 -5.73 -10.81 7.12
CA THR D 1497 -5.57 -10.03 5.89
C THR D 1497 -4.16 -9.46 5.78
N VAL D 1498 -3.55 -9.10 6.92
CA VAL D 1498 -2.17 -8.64 6.89
C VAL D 1498 -1.23 -9.77 6.52
N SER D 1499 -1.45 -10.96 7.09
CA SER D 1499 -0.54 -12.08 6.86
C SER D 1499 -0.54 -12.51 5.39
N THR D 1500 -1.72 -12.55 4.77
CA THR D 1500 -1.79 -12.92 3.36
C THR D 1500 -1.20 -11.86 2.43
N GLY D 1501 -0.93 -10.66 2.94
CA GLY D 1501 -0.19 -9.66 2.22
C GLY D 1501 -1.03 -8.57 1.58
N GLU D 1502 -2.35 -8.75 1.50
CA GLU D 1502 -3.20 -7.78 0.83
C GLU D 1502 -3.58 -6.64 1.77
N GLY D 1503 -3.35 -5.41 1.33
CA GLY D 1503 -3.88 -4.24 2.00
C GLY D 1503 -3.24 -3.91 3.33
N TRP D 1504 -2.15 -4.57 3.71
CA TRP D 1504 -1.54 -4.26 5.00
C TRP D 1504 -0.88 -2.89 5.06
N PRO D 1505 -0.38 -2.31 3.95
CA PRO D 1505 0.12 -0.92 4.06
C PRO D 1505 -0.95 0.07 4.50
N GLN D 1506 -2.20 -0.13 4.12
CA GLN D 1506 -3.25 0.78 4.58
C GLN D 1506 -3.57 0.57 6.05
N VAL D 1507 -3.59 -0.69 6.51
CA VAL D 1507 -3.76 -0.95 7.93
C VAL D 1507 -2.62 -0.35 8.73
N LEU D 1508 -1.41 -0.37 8.17
CA LEU D 1508 -0.29 0.28 8.81
C LEU D 1508 -0.49 1.79 8.90
N LYS D 1509 -1.02 2.40 7.85
CA LYS D 1509 -1.24 3.85 7.88
C LYS D 1509 -2.33 4.24 8.86
N HIS D 1510 -3.39 3.45 8.96
CA HIS D 1510 -4.43 3.74 9.94
C HIS D 1510 -3.91 3.56 11.36
N SER D 1511 -3.02 2.58 11.57
CA SER D 1511 -2.46 2.34 12.89
C SER D 1511 -1.59 3.51 13.34
N VAL D 1512 -0.75 4.03 12.44
CA VAL D 1512 0.17 5.11 12.81
C VAL D 1512 -0.52 6.46 12.88
N ASP D 1513 -1.77 6.58 12.44
CA ASP D 1513 -2.50 7.83 12.44
C ASP D 1513 -3.68 7.78 13.40
N ALA D 1514 -3.53 7.07 14.52
CA ALA D 1514 -4.59 6.90 15.49
C ALA D 1514 -4.24 7.63 16.78
N THR D 1515 -5.15 8.50 17.22
CA THR D 1515 -4.86 9.38 18.33
C THR D 1515 -5.34 8.84 19.67
N PHE D 1516 -6.66 8.69 19.81
CA PHE D 1516 -7.27 8.28 21.06
C PHE D 1516 -8.61 7.63 20.78
N GLU D 1517 -9.24 7.10 21.83
CA GLU D 1517 -10.53 6.46 21.67
C GLU D 1517 -11.61 7.49 21.39
N ASN D 1518 -12.50 7.16 20.45
CA ASN D 1518 -13.60 8.03 20.06
C ASN D 1518 -13.10 9.40 19.59
N GLN D 1519 -11.97 9.41 18.89
CA GLN D 1519 -11.39 10.63 18.36
C GLN D 1519 -10.83 10.34 16.98
N GLY D 1520 -10.88 11.36 16.12
CA GLY D 1520 -10.48 11.20 14.75
C GLY D 1520 -8.97 11.07 14.59
N PRO D 1521 -8.56 10.72 13.37
CA PRO D 1521 -7.13 10.53 13.10
C PRO D 1521 -6.38 11.85 13.03
N SER D 1522 -5.08 11.77 13.30
CA SER D 1522 -4.16 12.89 13.10
C SER D 1522 -2.90 12.32 12.48
N PRO D 1523 -2.44 12.85 11.35
CA PRO D 1523 -1.34 12.20 10.62
C PRO D 1523 -0.07 12.09 11.45
N GLY D 1524 0.62 10.96 11.31
CA GLY D 1524 1.92 10.78 11.91
C GLY D 1524 1.96 10.85 13.41
N TYR D 1525 0.87 10.50 14.09
CA TYR D 1525 0.82 10.66 15.53
C TYR D 1525 1.70 9.61 16.23
N ARG D 1526 1.60 8.36 15.79
CA ARG D 1526 2.36 7.26 16.39
C ARG D 1526 3.10 6.50 15.29
N MET D 1527 4.30 6.94 14.96
CA MET D 1527 5.14 6.18 14.05
C MET D 1527 5.84 5.01 14.72
N GLU D 1528 5.75 4.90 16.06
CA GLU D 1528 6.34 3.75 16.74
C GLU D 1528 5.50 2.49 16.58
N MET D 1529 4.25 2.60 16.13
CA MET D 1529 3.40 1.43 15.95
C MET D 1529 3.83 0.59 14.76
N SER D 1530 4.70 1.10 13.90
CA SER D 1530 5.22 0.29 12.81
C SER D 1530 6.03 -0.89 13.30
N ILE D 1531 6.55 -0.82 14.54
CA ILE D 1531 7.26 -1.95 15.11
C ILE D 1531 6.32 -3.14 15.29
N PHE D 1532 5.05 -2.90 15.56
CA PHE D 1532 4.10 -4.01 15.73
C PHE D 1532 3.99 -4.85 14.47
N TYR D 1533 3.88 -4.20 13.32
CA TYR D 1533 3.69 -4.94 12.07
C TYR D 1533 4.99 -5.58 11.60
N VAL D 1534 6.13 -4.94 11.87
CA VAL D 1534 7.41 -5.54 11.50
C VAL D 1534 7.62 -6.85 12.27
N VAL D 1535 7.36 -6.84 13.57
CA VAL D 1535 7.50 -8.06 14.36
C VAL D 1535 6.49 -9.10 13.90
N TYR D 1536 5.29 -8.67 13.51
CA TYR D 1536 4.28 -9.60 13.03
C TYR D 1536 4.76 -10.33 11.78
N PHE D 1537 5.37 -9.61 10.84
CA PHE D 1537 5.78 -10.23 9.58
C PHE D 1537 6.90 -11.24 9.80
N VAL D 1538 7.83 -10.95 10.69
CA VAL D 1538 8.93 -11.87 10.94
C VAL D 1538 8.45 -13.19 11.52
N VAL D 1539 7.34 -13.20 12.23
CA VAL D 1539 6.92 -14.38 12.96
C VAL D 1539 6.00 -15.25 12.09
N PHE D 1540 4.85 -14.71 11.67
CA PHE D 1540 3.89 -15.55 10.97
C PHE D 1540 4.17 -15.65 9.48
N PRO D 1541 4.18 -14.55 8.70
CA PRO D 1541 4.40 -14.72 7.25
C PRO D 1541 5.75 -15.30 6.90
N PHE D 1542 6.79 -14.98 7.66
CA PHE D 1542 8.14 -15.40 7.30
C PHE D 1542 8.54 -16.71 7.99
N PHE D 1543 8.43 -16.77 9.30
CA PHE D 1543 8.94 -17.92 10.03
C PHE D 1543 7.94 -19.08 10.10
N PHE D 1544 6.73 -18.82 10.58
CA PHE D 1544 5.77 -19.91 10.78
C PHE D 1544 5.34 -20.52 9.46
N VAL D 1545 5.16 -19.71 8.41
CA VAL D 1545 4.78 -20.26 7.11
C VAL D 1545 5.86 -21.21 6.61
N ASN D 1546 7.13 -20.83 6.75
CA ASN D 1546 8.21 -21.70 6.31
C ASN D 1546 8.33 -22.93 7.18
N ILE D 1547 7.85 -22.87 8.43
CA ILE D 1547 7.81 -24.07 9.26
C ILE D 1547 6.85 -25.10 8.67
N PHE D 1548 5.67 -24.65 8.23
CA PHE D 1548 4.71 -25.57 7.64
C PHE D 1548 5.25 -26.20 6.37
N VAL D 1549 5.90 -25.41 5.52
CA VAL D 1549 6.46 -25.95 4.28
C VAL D 1549 7.56 -26.95 4.58
N ALA D 1550 8.38 -26.68 5.60
CA ALA D 1550 9.44 -27.62 5.95
C ALA D 1550 8.90 -28.90 6.57
N LEU D 1551 7.87 -28.79 7.43
CA LEU D 1551 7.37 -29.97 8.12
C LEU D 1551 6.71 -30.95 7.15
N ILE D 1552 5.96 -30.45 6.18
CA ILE D 1552 5.36 -31.33 5.17
C ILE D 1552 6.42 -31.95 4.29
N ILE D 1553 7.44 -31.18 3.93
CA ILE D 1553 8.54 -31.69 3.11
C ILE D 1553 9.25 -32.83 3.83
N ILE D 1554 9.58 -32.63 5.11
CA ILE D 1554 10.34 -33.63 5.86
C ILE D 1554 9.53 -34.89 6.09
N THR D 1555 8.23 -34.76 6.34
CA THR D 1555 7.41 -35.90 6.72
C THR D 1555 6.45 -36.33 5.60
N PHE D 1556 6.85 -36.18 4.34
CA PHE D 1556 6.00 -36.63 3.25
C PHE D 1556 6.15 -38.13 3.07
N GLN D 1557 5.06 -38.86 3.26
CA GLN D 1557 5.10 -40.31 3.15
C GLN D 1557 5.23 -40.75 1.70
N GLU D 1558 5.97 -41.83 1.49
CA GLU D 1558 6.19 -42.35 0.16
C GLU D 1558 4.87 -42.84 -0.43
N GLN D 1559 4.73 -42.67 -1.74
CA GLN D 1559 3.46 -42.89 -2.43
C GLN D 1559 3.20 -44.39 -2.54
N GLY D 1560 2.48 -44.92 -1.55
CA GLY D 1560 2.03 -46.31 -1.63
C GLY D 1560 3.18 -47.30 -1.58
N ASP D 1561 3.29 -48.09 -2.64
CA ASP D 1561 4.23 -49.20 -2.86
C ASP D 1561 3.80 -50.41 -2.03
N LYS D 1562 2.82 -50.26 -1.15
CA LYS D 1562 2.21 -51.36 -0.40
C LYS D 1562 3.19 -52.06 0.55
N MET D 1563 4.41 -51.54 0.68
CA MET D 1563 5.38 -52.01 1.67
C MET D 1563 5.65 -53.51 1.53
N MET D 1564 6.24 -53.88 0.39
CA MET D 1564 6.61 -55.27 0.17
C MET D 1564 7.65 -55.75 1.16
N GLU D 1565 8.76 -55.02 1.29
CA GLU D 1565 9.89 -55.41 2.13
C GLU D 1565 10.31 -56.85 1.89
N GLU D 1566 10.56 -57.16 0.62
CA GLU D 1566 11.10 -58.46 0.22
C GLU D 1566 12.38 -58.25 -0.56
N TYR D 1567 12.50 -57.09 -1.21
CA TYR D 1567 13.68 -56.74 -1.96
C TYR D 1567 14.74 -56.16 -1.03
N SER D 1568 16.01 -56.36 -1.41
CA SER D 1568 17.11 -56.09 -0.51
C SER D 1568 17.66 -54.68 -0.66
N LEU D 1569 18.13 -54.32 -1.85
CA LEU D 1569 18.88 -53.08 -2.01
C LEU D 1569 17.96 -51.89 -2.24
N GLU D 1570 17.19 -51.91 -3.32
CA GLU D 1570 16.33 -50.78 -3.74
C GLU D 1570 17.24 -49.56 -3.91
N LYS D 1571 16.90 -48.40 -3.35
CA LYS D 1571 17.75 -47.19 -3.34
C LYS D 1571 18.01 -46.78 -4.80
N ASN D 1572 19.23 -46.36 -5.14
CA ASN D 1572 19.52 -45.95 -6.50
C ASN D 1572 19.59 -47.15 -7.43
N GLU D 1573 19.94 -48.32 -6.89
CA GLU D 1573 20.16 -49.50 -7.70
C GLU D 1573 18.87 -49.93 -8.39
N ARG D 1574 17.73 -49.73 -7.74
CA ARG D 1574 16.45 -50.13 -8.33
C ARG D 1574 16.20 -49.38 -9.63
N ALA D 1575 16.44 -48.08 -9.64
CA ALA D 1575 16.20 -47.30 -10.85
C ALA D 1575 17.28 -47.53 -11.89
N CYS D 1576 18.53 -47.68 -11.46
CA CYS D 1576 19.64 -47.82 -12.41
C CYS D 1576 19.51 -49.09 -13.23
N ILE D 1577 19.19 -50.21 -12.59
CA ILE D 1577 19.04 -51.46 -13.34
C ILE D 1577 17.82 -51.38 -14.25
N ASP D 1578 16.81 -50.62 -13.86
CA ASP D 1578 15.63 -50.43 -14.71
C ASP D 1578 16.02 -49.72 -16.00
N PHE D 1579 16.96 -48.78 -15.92
CA PHE D 1579 17.47 -48.15 -17.14
C PHE D 1579 18.15 -49.17 -18.03
N ALA D 1580 18.87 -50.12 -17.44
CA ALA D 1580 19.49 -51.20 -18.21
C ALA D 1580 18.43 -52.08 -18.86
N ILE D 1581 17.25 -52.20 -18.23
CA ILE D 1581 16.18 -52.99 -18.81
C ILE D 1581 15.75 -52.41 -20.15
N SER D 1582 15.24 -51.17 -20.13
CA SER D 1582 14.79 -50.49 -21.35
C SER D 1582 15.89 -49.53 -21.82
N ALA D 1583 16.92 -50.10 -22.43
CA ALA D 1583 18.01 -49.35 -23.02
C ALA D 1583 18.05 -49.61 -24.51
N LYS D 1584 17.92 -48.54 -25.29
CA LYS D 1584 17.88 -48.65 -26.74
C LYS D 1584 18.98 -47.80 -27.35
N PRO D 1585 19.92 -48.40 -28.09
CA PRO D 1585 20.97 -47.59 -28.74
C PRO D 1585 20.36 -46.62 -29.75
N LEU D 1586 20.95 -45.42 -29.82
CA LEU D 1586 20.49 -44.43 -30.77
C LEU D 1586 20.77 -44.90 -32.19
N THR D 1587 19.82 -44.62 -33.09
CA THR D 1587 19.90 -45.09 -34.46
C THR D 1587 20.02 -43.91 -35.42
N ARG D 1588 21.09 -43.90 -36.20
CA ARG D 1588 21.23 -43.00 -37.34
C ARG D 1588 20.74 -43.70 -38.59
N HIS D 1589 20.61 -42.94 -39.67
CA HIS D 1589 20.14 -43.53 -40.92
C HIS D 1589 21.13 -44.59 -41.40
N MET D 1590 22.35 -44.18 -41.75
CA MET D 1590 23.45 -45.06 -42.09
C MET D 1590 23.03 -46.17 -43.07
N PRO D 1591 22.82 -45.82 -44.34
CA PRO D 1591 22.33 -46.81 -45.31
C PRO D 1591 23.44 -47.62 -45.97
N GLN D 1592 24.65 -47.07 -46.00
CA GLN D 1592 25.85 -47.61 -46.64
C GLN D 1592 25.64 -47.99 -48.11
N ASN D 1593 24.48 -47.65 -48.70
CA ASN D 1593 24.22 -48.06 -50.07
C ASN D 1593 24.73 -46.99 -51.02
N LYS D 1594 24.18 -45.78 -50.94
CA LYS D 1594 24.46 -44.72 -51.92
C LYS D 1594 25.53 -43.78 -51.38
N GLN D 1595 26.76 -44.29 -51.35
CA GLN D 1595 27.90 -43.49 -50.90
C GLN D 1595 28.21 -42.33 -51.85
N SER D 1596 27.75 -42.41 -53.10
CA SER D 1596 28.08 -41.38 -54.08
C SER D 1596 27.43 -40.04 -53.74
N PHE D 1597 26.12 -40.05 -53.49
CA PHE D 1597 25.38 -38.81 -53.27
C PHE D 1597 24.69 -38.75 -51.92
N GLN D 1598 24.05 -39.85 -51.49
CA GLN D 1598 23.28 -39.81 -50.25
C GLN D 1598 24.18 -39.66 -49.04
N TYR D 1599 25.25 -40.46 -48.97
CA TYR D 1599 26.16 -40.38 -47.82
C TYR D 1599 26.84 -39.03 -47.76
N ARG D 1600 27.25 -38.49 -48.91
CA ARG D 1600 27.80 -37.14 -48.94
C ARG D 1600 26.78 -36.13 -48.45
N MET D 1601 25.51 -36.30 -48.84
CA MET D 1601 24.45 -35.46 -48.30
C MET D 1601 24.23 -35.72 -46.82
N TRP D 1602 24.26 -36.99 -46.40
CA TRP D 1602 23.98 -37.31 -45.01
C TRP D 1602 25.07 -36.81 -44.08
N GLN D 1603 26.34 -36.95 -44.50
CA GLN D 1603 27.42 -36.47 -43.65
C GLN D 1603 27.35 -34.96 -43.46
N PHE D 1604 26.72 -34.26 -44.41
CA PHE D 1604 26.61 -32.81 -44.31
C PHE D 1604 25.61 -32.39 -43.25
N VAL D 1605 24.44 -33.03 -43.20
CA VAL D 1605 23.39 -32.59 -42.29
C VAL D 1605 23.80 -32.84 -40.84
N VAL D 1606 24.40 -34.00 -40.57
CA VAL D 1606 25.00 -34.26 -39.25
C VAL D 1606 26.46 -33.86 -39.36
N SER D 1607 26.70 -32.56 -39.16
CA SER D 1607 28.05 -32.01 -39.24
C SER D 1607 28.08 -30.72 -38.45
N PRO D 1608 29.18 -30.44 -37.74
CA PRO D 1608 29.22 -29.28 -36.83
C PRO D 1608 28.83 -27.98 -37.51
N PRO D 1609 29.25 -27.73 -38.77
CA PRO D 1609 28.75 -26.50 -39.43
C PRO D 1609 27.24 -26.42 -39.51
N PHE D 1610 26.55 -27.55 -39.69
CA PHE D 1610 25.10 -27.49 -39.85
C PHE D 1610 24.40 -27.12 -38.55
N GLU D 1611 24.74 -27.79 -37.44
CA GLU D 1611 24.02 -27.54 -36.20
C GLU D 1611 24.23 -26.12 -35.70
N TYR D 1612 25.46 -25.59 -35.83
CA TYR D 1612 25.71 -24.22 -35.42
C TYR D 1612 25.05 -23.22 -36.36
N THR D 1613 24.94 -23.58 -37.65
CA THR D 1613 24.23 -22.72 -38.58
C THR D 1613 22.77 -22.57 -38.20
N ILE D 1614 22.12 -23.69 -37.84
CA ILE D 1614 20.74 -23.62 -37.37
C ILE D 1614 20.67 -22.92 -36.02
N MET D 1615 21.66 -23.14 -35.17
CA MET D 1615 21.70 -22.48 -33.87
C MET D 1615 21.80 -20.97 -34.04
N ALA D 1616 22.69 -20.51 -34.92
CA ALA D 1616 22.79 -19.08 -35.18
C ALA D 1616 21.55 -18.56 -35.88
N MET D 1617 20.94 -19.38 -36.74
CA MET D 1617 19.78 -18.94 -37.50
C MET D 1617 18.59 -18.66 -36.58
N ILE D 1618 18.39 -19.50 -35.57
CA ILE D 1618 17.36 -19.23 -34.56
C ILE D 1618 17.66 -17.94 -33.82
N ALA D 1619 18.91 -17.77 -33.38
CA ALA D 1619 19.26 -16.61 -32.57
C ALA D 1619 19.05 -15.31 -33.34
N LEU D 1620 19.40 -15.30 -34.62
CA LEU D 1620 19.09 -14.14 -35.46
C LEU D 1620 17.58 -13.94 -35.56
N ASN D 1621 16.82 -15.02 -35.70
CA ASN D 1621 15.37 -14.91 -35.72
C ASN D 1621 14.84 -14.43 -34.38
N THR D 1622 15.51 -14.80 -33.29
CA THR D 1622 15.13 -14.28 -31.97
C THR D 1622 15.29 -12.76 -31.92
N ILE D 1623 16.38 -12.24 -32.49
CA ILE D 1623 16.59 -10.81 -32.51
C ILE D 1623 15.53 -10.12 -33.35
N VAL D 1624 15.18 -10.71 -34.49
CA VAL D 1624 14.22 -10.10 -35.41
C VAL D 1624 12.88 -9.87 -34.71
N LEU D 1625 12.42 -10.85 -33.93
CA LEU D 1625 11.15 -10.71 -33.24
C LEU D 1625 11.20 -9.61 -32.20
N MET D 1626 12.36 -9.37 -31.60
CA MET D 1626 12.48 -8.38 -30.54
C MET D 1626 12.65 -6.96 -31.08
N MET D 1627 12.87 -6.81 -32.38
CA MET D 1627 13.14 -5.51 -32.97
C MET D 1627 11.88 -4.71 -33.29
N LYS D 1628 10.69 -5.22 -32.97
CA LYS D 1628 9.47 -4.48 -33.22
C LYS D 1628 9.26 -3.42 -32.14
N PHE D 1629 8.87 -2.22 -32.57
CA PHE D 1629 8.56 -1.15 -31.64
C PHE D 1629 7.49 -0.27 -32.25
N TYR D 1630 6.78 0.46 -31.38
CA TYR D 1630 5.63 1.26 -31.76
C TYR D 1630 6.06 2.57 -32.38
N GLY D 1631 5.44 2.92 -33.51
CA GLY D 1631 5.76 4.15 -34.20
C GLY D 1631 6.86 4.03 -35.23
N ALA D 1632 7.19 2.81 -35.67
CA ALA D 1632 8.27 2.62 -36.63
C ALA D 1632 7.86 3.11 -38.00
N SER D 1633 8.87 3.39 -38.83
CA SER D 1633 8.62 3.81 -40.20
C SER D 1633 8.15 2.64 -41.05
N VAL D 1634 7.52 2.97 -42.18
CA VAL D 1634 7.04 1.94 -43.09
C VAL D 1634 8.19 1.14 -43.68
N ALA D 1635 9.36 1.76 -43.85
CA ALA D 1635 10.52 1.02 -44.32
C ALA D 1635 10.98 0.01 -43.28
N TYR D 1636 10.93 0.38 -42.01
CA TYR D 1636 11.36 -0.53 -40.95
C TYR D 1636 10.47 -1.76 -40.88
N GLU D 1637 9.15 -1.57 -40.96
CA GLU D 1637 8.25 -2.71 -41.00
C GLU D 1637 8.45 -3.52 -42.27
N ASN D 1638 8.76 -2.85 -43.38
CA ASN D 1638 9.08 -3.57 -44.61
C ASN D 1638 10.34 -4.40 -44.43
N ALA D 1639 11.32 -3.88 -43.70
CA ALA D 1639 12.54 -4.64 -43.44
C ALA D 1639 12.25 -5.90 -42.63
N LEU D 1640 11.41 -5.77 -41.60
CA LEU D 1640 11.14 -6.91 -40.71
C LEU D 1640 10.39 -8.01 -41.44
N ARG D 1641 9.40 -7.66 -42.25
CA ARG D 1641 8.64 -8.69 -42.97
C ARG D 1641 9.52 -9.41 -43.98
N VAL D 1642 10.48 -8.70 -44.57
CA VAL D 1642 11.41 -9.35 -45.50
C VAL D 1642 12.28 -10.35 -44.75
N PHE D 1643 12.78 -9.98 -43.58
CA PHE D 1643 13.62 -10.89 -42.80
C PHE D 1643 12.87 -12.16 -42.43
N ASN D 1644 11.60 -12.03 -42.04
CA ASN D 1644 10.82 -13.19 -41.67
C ASN D 1644 10.69 -14.18 -42.82
N ILE D 1645 10.51 -13.66 -44.04
CA ILE D 1645 10.40 -14.54 -45.20
C ILE D 1645 11.70 -15.29 -45.44
N VAL D 1646 12.84 -14.61 -45.26
CA VAL D 1646 14.13 -15.26 -45.48
C VAL D 1646 14.34 -16.39 -44.47
N PHE D 1647 14.01 -16.15 -43.20
CA PHE D 1647 14.25 -17.17 -42.18
C PHE D 1647 13.40 -18.41 -42.42
N THR D 1648 12.08 -18.22 -42.61
CA THR D 1648 11.20 -19.36 -42.80
C THR D 1648 11.53 -20.11 -44.08
N SER D 1649 12.01 -19.40 -45.10
CA SER D 1649 12.46 -20.07 -46.32
C SER D 1649 13.65 -20.97 -46.03
N LEU D 1650 14.61 -20.47 -45.25
CA LEU D 1650 15.77 -21.28 -44.90
C LEU D 1650 15.39 -22.46 -44.00
N PHE D 1651 14.42 -22.25 -43.11
CA PHE D 1651 13.98 -23.34 -42.25
C PHE D 1651 13.22 -24.40 -43.05
N SER D 1652 12.44 -23.96 -44.04
CA SER D 1652 11.82 -24.92 -44.96
C SER D 1652 12.88 -25.67 -45.75
N LEU D 1653 13.92 -24.96 -46.19
CA LEU D 1653 15.06 -25.64 -46.82
C LEU D 1653 15.73 -26.59 -45.85
N GLU D 1654 15.80 -26.20 -44.56
CA GLU D 1654 16.36 -27.09 -43.55
C GLU D 1654 15.53 -28.37 -43.43
N CYS D 1655 14.21 -28.24 -43.46
CA CYS D 1655 13.35 -29.42 -43.32
C CYS D 1655 13.48 -30.34 -44.52
N VAL D 1656 13.40 -29.79 -45.73
CA VAL D 1656 13.49 -30.62 -46.93
C VAL D 1656 14.88 -31.23 -47.04
N LEU D 1657 15.91 -30.52 -46.59
CA LEU D 1657 17.25 -31.08 -46.62
C LEU D 1657 17.36 -32.30 -45.71
N LYS D 1658 16.79 -32.20 -44.50
CA LYS D 1658 16.89 -33.29 -43.54
C LYS D 1658 16.12 -34.52 -44.00
N VAL D 1659 14.92 -34.32 -44.54
CA VAL D 1659 14.07 -35.45 -44.90
C VAL D 1659 14.75 -36.31 -45.97
N MET D 1660 15.48 -35.68 -46.88
CA MET D 1660 16.22 -36.44 -47.89
C MET D 1660 17.25 -37.36 -47.24
N ALA D 1661 18.09 -36.82 -46.35
CA ALA D 1661 19.15 -37.61 -45.75
C ALA D 1661 18.62 -38.65 -44.77
N PHE D 1662 17.72 -38.23 -43.88
CA PHE D 1662 17.21 -39.16 -42.87
C PHE D 1662 16.18 -40.12 -43.46
N GLY D 1663 15.41 -39.66 -44.43
CA GLY D 1663 14.29 -40.45 -44.93
C GLY D 1663 12.97 -39.95 -44.39
N ILE D 1664 11.91 -40.12 -45.19
CA ILE D 1664 10.60 -39.63 -44.79
C ILE D 1664 10.12 -40.34 -43.53
N LEU D 1665 10.29 -41.66 -43.48
CA LEU D 1665 9.84 -42.42 -42.32
C LEU D 1665 10.63 -42.03 -41.08
N ASN D 1666 11.97 -41.95 -41.19
CA ASN D 1666 12.80 -41.65 -40.03
C ASN D 1666 12.61 -40.20 -39.57
N TYR D 1667 12.23 -39.31 -40.50
CA TYR D 1667 12.07 -37.90 -40.13
C TYR D 1667 10.94 -37.72 -39.13
N PHE D 1668 9.84 -38.45 -39.30
CA PHE D 1668 8.65 -38.28 -38.46
C PHE D 1668 8.73 -39.10 -37.17
N ARG D 1669 9.81 -39.84 -36.96
CA ARG D 1669 9.89 -40.69 -35.77
C ARG D 1669 10.38 -39.96 -34.53
N ASP D 1670 10.89 -38.75 -34.68
CA ASP D 1670 11.43 -37.99 -33.55
C ASP D 1670 10.55 -36.77 -33.28
N ALA D 1671 10.20 -36.57 -32.01
CA ALA D 1671 9.27 -35.51 -31.63
C ALA D 1671 9.78 -34.13 -32.06
N TRP D 1672 11.07 -33.88 -31.88
CA TRP D 1672 11.63 -32.58 -32.24
C TRP D 1672 11.46 -32.30 -33.72
N ASN D 1673 11.69 -33.31 -34.57
CA ASN D 1673 11.49 -33.12 -36.00
C ASN D 1673 10.02 -32.86 -36.32
N ILE D 1674 9.11 -33.52 -35.61
CA ILE D 1674 7.69 -33.20 -35.75
C ILE D 1674 7.42 -31.77 -35.31
N PHE D 1675 8.04 -31.35 -34.20
CA PHE D 1675 7.89 -29.97 -33.75
C PHE D 1675 8.42 -28.99 -34.78
N ASP D 1676 9.57 -29.30 -35.38
CA ASP D 1676 10.10 -28.46 -36.44
C ASP D 1676 9.17 -28.45 -37.64
N PHE D 1677 8.60 -29.60 -37.98
CA PHE D 1677 7.69 -29.67 -39.12
C PHE D 1677 6.40 -28.90 -38.86
N VAL D 1678 5.90 -28.93 -37.63
CA VAL D 1678 4.69 -28.18 -37.29
C VAL D 1678 4.95 -26.69 -37.42
N THR D 1679 6.09 -26.21 -36.90
CA THR D 1679 6.38 -24.78 -36.93
C THR D 1679 6.51 -24.26 -38.36
N VAL D 1680 7.18 -25.02 -39.23
CA VAL D 1680 7.42 -24.53 -40.59
C VAL D 1680 6.10 -24.45 -41.35
N LEU D 1681 5.18 -25.40 -41.12
CA LEU D 1681 3.87 -25.31 -41.76
C LEU D 1681 3.11 -24.08 -41.27
N GLY D 1682 3.17 -23.79 -39.97
CA GLY D 1682 2.49 -22.61 -39.46
C GLY D 1682 3.07 -21.33 -40.01
N SER D 1683 4.39 -21.26 -40.12
CA SER D 1683 5.03 -20.05 -40.64
C SER D 1683 4.66 -19.80 -42.10
N ILE D 1684 4.62 -20.86 -42.91
CA ILE D 1684 4.29 -20.69 -44.33
C ILE D 1684 2.85 -20.22 -44.48
N THR D 1685 1.92 -20.86 -43.77
CA THR D 1685 0.51 -20.50 -43.90
C THR D 1685 0.27 -19.08 -43.40
N ASP D 1686 0.94 -18.68 -42.32
CA ASP D 1686 0.76 -17.33 -41.80
C ASP D 1686 1.17 -16.28 -42.82
N ILE D 1687 2.29 -16.50 -43.50
CA ILE D 1687 2.73 -15.54 -44.52
C ILE D 1687 1.77 -15.54 -45.70
N LEU D 1688 1.35 -16.74 -46.14
CA LEU D 1688 0.51 -16.84 -47.33
C LEU D 1688 -0.82 -16.13 -47.14
N VAL D 1689 -1.46 -16.32 -45.99
CA VAL D 1689 -2.75 -15.67 -45.74
C VAL D 1689 -2.57 -14.17 -45.62
N THR D 1690 -1.44 -13.73 -45.07
CA THR D 1690 -1.19 -12.30 -44.92
C THR D 1690 -1.01 -11.62 -46.26
N GLU D 1691 -0.19 -12.20 -47.15
CA GLU D 1691 0.15 -11.54 -48.39
C GLU D 1691 -1.01 -11.54 -49.38
N PHE D 1692 -1.82 -12.61 -49.38
CA PHE D 1692 -3.11 -12.51 -50.06
C PHE D 1692 -4.04 -11.53 -49.36
N GLY D 1693 -4.22 -11.68 -48.05
CA GLY D 1693 -5.06 -10.77 -47.28
C GLY D 1693 -6.49 -10.72 -47.79
N ASN D 1694 -7.04 -9.50 -47.78
CA ASN D 1694 -8.39 -9.18 -48.29
C ASN D 1694 -9.42 -10.22 -47.85
N ASN D 1695 -9.36 -10.61 -46.58
CA ASN D 1695 -10.26 -11.63 -46.06
C ASN D 1695 -10.42 -11.43 -44.56
N PHE D 1696 -10.97 -12.43 -43.88
CA PHE D 1696 -11.07 -12.41 -42.43
C PHE D 1696 -9.70 -12.34 -41.77
N ILE D 1697 -9.62 -11.56 -40.70
CA ILE D 1697 -8.38 -11.35 -39.95
C ILE D 1697 -8.38 -12.14 -38.64
N ASN D 1698 -9.20 -13.18 -38.55
CA ASN D 1698 -9.27 -13.97 -37.32
C ASN D 1698 -7.94 -14.65 -37.01
N LEU D 1699 -7.28 -15.18 -38.04
CA LEU D 1699 -6.08 -16.01 -37.84
C LEU D 1699 -4.85 -15.12 -37.63
N SER D 1700 -4.83 -14.46 -36.48
CA SER D 1700 -3.60 -14.00 -35.87
C SER D 1700 -3.02 -15.04 -34.95
N PHE D 1701 -3.72 -16.17 -34.79
CA PHE D 1701 -3.21 -17.28 -34.00
C PHE D 1701 -1.94 -17.87 -34.60
N LEU D 1702 -1.88 -17.94 -35.93
CA LEU D 1702 -0.73 -18.53 -36.60
C LEU D 1702 0.56 -17.75 -36.33
N ARG D 1703 0.45 -16.49 -35.94
CA ARG D 1703 1.65 -15.70 -35.66
C ARG D 1703 2.39 -16.20 -34.43
N LEU D 1704 1.75 -17.03 -33.59
CA LEU D 1704 2.45 -17.59 -32.45
C LEU D 1704 3.53 -18.56 -32.87
N PHE D 1705 3.40 -19.19 -34.04
CA PHE D 1705 4.38 -20.15 -34.50
C PHE D 1705 5.75 -19.50 -34.72
N ARG D 1706 5.77 -18.19 -35.00
CA ARG D 1706 7.04 -17.48 -35.10
C ARG D 1706 7.75 -17.48 -33.75
N ALA D 1707 7.02 -17.24 -32.67
CA ALA D 1707 7.63 -17.24 -31.34
C ALA D 1707 7.99 -18.64 -30.88
N ALA D 1708 7.33 -19.66 -31.44
CA ALA D 1708 7.60 -21.03 -31.04
C ALA D 1708 9.03 -21.45 -31.37
N ARG D 1709 9.69 -20.72 -32.27
CA ARG D 1709 11.06 -21.06 -32.63
C ARG D 1709 12.00 -20.94 -31.45
N LEU D 1710 11.62 -20.16 -30.44
CA LEU D 1710 12.47 -19.99 -29.26
C LEU D 1710 12.68 -21.29 -28.51
N ILE D 1711 11.69 -22.18 -28.52
CA ILE D 1711 11.77 -23.39 -27.72
C ILE D 1711 12.87 -24.31 -28.22
N LYS D 1712 13.31 -24.13 -29.47
CA LYS D 1712 14.35 -24.99 -30.02
C LYS D 1712 15.68 -24.83 -29.31
N LEU D 1713 15.91 -23.70 -28.62
CA LEU D 1713 17.15 -23.56 -27.86
C LEU D 1713 17.24 -24.58 -26.74
N LEU D 1714 16.10 -25.01 -26.19
CA LEU D 1714 16.11 -25.88 -25.03
C LEU D 1714 16.73 -27.23 -25.32
N ARG D 1715 16.80 -27.63 -26.59
CA ARG D 1715 17.50 -28.85 -26.95
C ARG D 1715 18.99 -28.75 -26.64
N GLN D 1716 19.58 -27.56 -26.82
CA GLN D 1716 21.01 -27.41 -26.60
C GLN D 1716 21.36 -27.52 -25.12
N GLY D 1717 20.55 -26.93 -24.25
CA GLY D 1717 20.87 -26.94 -22.84
C GLY D 1717 20.86 -28.35 -22.27
N TYR D 1718 21.98 -28.74 -21.64
CA TYR D 1718 22.04 -30.05 -21.03
C TYR D 1718 21.36 -30.08 -19.67
N THR D 1719 21.67 -29.11 -18.82
CA THR D 1719 21.12 -29.10 -17.46
C THR D 1719 19.65 -28.68 -17.46
N ILE D 1720 19.29 -27.68 -18.26
CA ILE D 1720 17.92 -27.17 -18.23
C ILE D 1720 16.95 -28.18 -18.82
N ARG D 1721 17.34 -28.85 -19.91
CA ARG D 1721 16.46 -29.83 -20.53
C ARG D 1721 16.12 -30.95 -19.57
N ILE D 1722 17.11 -31.43 -18.82
CA ILE D 1722 16.87 -32.48 -17.84
C ILE D 1722 15.95 -31.97 -16.73
N LEU D 1723 16.20 -30.75 -16.27
CA LEU D 1723 15.45 -30.21 -15.13
C LEU D 1723 13.97 -30.08 -15.47
N LEU D 1724 13.66 -29.55 -16.65
CA LEU D 1724 12.26 -29.43 -17.05
C LEU D 1724 11.63 -30.79 -17.28
N TRP D 1725 12.34 -31.69 -17.97
CA TRP D 1725 11.74 -32.96 -18.34
C TRP D 1725 11.36 -33.78 -17.12
N THR D 1726 12.21 -33.81 -16.10
CA THR D 1726 11.92 -34.58 -14.90
C THR D 1726 10.69 -34.05 -14.18
N PHE D 1727 10.59 -32.72 -14.04
CA PHE D 1727 9.44 -32.16 -13.34
C PHE D 1727 8.16 -32.30 -14.16
N VAL D 1728 8.24 -32.08 -15.47
CA VAL D 1728 7.06 -32.23 -16.31
C VAL D 1728 6.56 -33.67 -16.30
N GLN D 1729 7.49 -34.64 -16.33
CA GLN D 1729 7.09 -36.04 -16.23
C GLN D 1729 6.45 -36.33 -14.88
N SER D 1730 6.82 -35.61 -13.84
CA SER D 1730 6.23 -35.87 -12.55
C SER D 1730 4.81 -35.47 -12.51
N PHE D 1731 4.47 -34.36 -13.13
CA PHE D 1731 3.07 -33.98 -13.21
C PHE D 1731 2.26 -35.01 -13.98
N LYS D 1732 2.87 -35.61 -15.01
CA LYS D 1732 2.22 -36.72 -15.70
C LYS D 1732 2.03 -37.91 -14.77
N ALA D 1733 3.03 -38.20 -13.94
CA ALA D 1733 2.96 -39.34 -13.03
C ALA D 1733 1.96 -39.12 -11.90
N LEU D 1734 1.48 -37.89 -11.70
CA LEU D 1734 0.54 -37.56 -10.64
C LEU D 1734 -0.64 -36.82 -11.23
N PRO D 1735 -1.54 -37.54 -11.92
CA PRO D 1735 -2.71 -36.86 -12.50
C PRO D 1735 -3.78 -36.54 -11.48
N TYR D 1736 -3.97 -37.38 -10.47
CA TYR D 1736 -5.11 -37.22 -9.57
C TYR D 1736 -4.89 -36.11 -8.56
N VAL D 1737 -3.64 -35.71 -8.31
CA VAL D 1737 -3.41 -34.61 -7.37
C VAL D 1737 -3.95 -33.30 -7.94
N CYS D 1738 -3.86 -33.13 -9.26
CA CYS D 1738 -4.44 -31.95 -9.89
C CYS D 1738 -5.95 -32.02 -9.93
N LEU D 1739 -6.52 -33.23 -9.93
CA LEU D 1739 -7.98 -33.36 -9.92
C LEU D 1739 -8.56 -32.84 -8.61
N LEU D 1740 -7.86 -33.05 -7.50
CA LEU D 1740 -8.38 -32.60 -6.22
C LEU D 1740 -8.49 -31.07 -6.17
N ILE D 1741 -7.48 -30.38 -6.70
CA ILE D 1741 -7.53 -28.92 -6.73
C ILE D 1741 -8.64 -28.44 -7.66
N ALA D 1742 -8.86 -29.14 -8.77
CA ALA D 1742 -9.95 -28.77 -9.66
C ALA D 1742 -11.30 -28.89 -8.96
N MET D 1743 -11.45 -29.89 -8.08
CA MET D 1743 -12.68 -30.02 -7.32
C MET D 1743 -12.87 -28.86 -6.36
N LEU D 1744 -11.77 -28.38 -5.77
CA LEU D 1744 -11.87 -27.24 -4.85
C LEU D 1744 -12.41 -26.01 -5.56
N PHE D 1745 -11.90 -25.71 -6.76
CA PHE D 1745 -12.42 -24.58 -7.52
C PHE D 1745 -13.84 -24.86 -8.00
N PHE D 1746 -14.14 -26.10 -8.36
CA PHE D 1746 -15.49 -26.42 -8.83
C PHE D 1746 -16.52 -26.23 -7.74
N ILE D 1747 -16.22 -26.68 -6.52
CA ILE D 1747 -17.18 -26.55 -5.43
C ILE D 1747 -17.38 -25.09 -5.06
N TYR D 1748 -16.28 -24.35 -4.92
CA TYR D 1748 -16.37 -22.95 -4.52
C TYR D 1748 -16.98 -22.09 -5.61
N ALA D 1749 -16.78 -22.45 -6.88
CA ALA D 1749 -17.41 -21.70 -7.95
C ALA D 1749 -18.93 -21.82 -7.88
N ILE D 1750 -19.43 -23.04 -7.67
CA ILE D 1750 -20.88 -23.24 -7.65
C ILE D 1750 -21.50 -22.54 -6.45
N ILE D 1751 -20.82 -22.59 -5.29
CA ILE D 1751 -21.33 -21.89 -4.12
C ILE D 1751 -21.40 -20.40 -4.37
N GLY D 1752 -20.34 -19.82 -4.94
CA GLY D 1752 -20.36 -18.40 -5.23
C GLY D 1752 -21.40 -18.03 -6.26
N MET D 1753 -21.66 -18.93 -7.22
CA MET D 1753 -22.68 -18.66 -8.23
C MET D 1753 -24.05 -18.49 -7.60
N GLN D 1754 -24.36 -19.30 -6.59
CA GLN D 1754 -25.70 -19.29 -6.01
C GLN D 1754 -25.85 -18.29 -4.88
N VAL D 1755 -24.88 -18.22 -3.97
CA VAL D 1755 -24.98 -17.32 -2.84
C VAL D 1755 -24.82 -15.86 -3.28
N PHE D 1756 -23.83 -15.59 -4.15
CA PHE D 1756 -23.47 -14.22 -4.49
C PHE D 1756 -23.76 -13.88 -5.95
N GLY D 1757 -24.56 -14.70 -6.63
CA GLY D 1757 -24.78 -14.48 -8.05
C GLY D 1757 -25.58 -13.23 -8.36
N ASN D 1758 -26.56 -12.92 -7.52
CA ASN D 1758 -27.55 -11.89 -7.85
C ASN D 1758 -27.13 -10.47 -7.46
N ILE D 1759 -25.92 -10.28 -6.94
CA ILE D 1759 -25.47 -8.95 -6.58
C ILE D 1759 -25.46 -8.06 -7.82
N GLY D 1760 -25.94 -6.83 -7.67
CA GLY D 1760 -26.10 -5.95 -8.82
C GLY D 1760 -24.80 -5.29 -9.24
N ILE D 1761 -24.45 -5.46 -10.51
CA ILE D 1761 -23.30 -4.79 -11.10
C ILE D 1761 -23.71 -3.78 -12.16
N ASP D 1762 -24.96 -3.83 -12.64
CA ASP D 1762 -25.39 -2.93 -13.71
C ASP D 1762 -25.38 -1.49 -13.25
N VAL D 1763 -25.75 -1.24 -11.99
CA VAL D 1763 -25.84 0.13 -11.50
C VAL D 1763 -24.46 0.76 -11.48
N GLU D 1764 -24.36 1.95 -12.05
CA GLU D 1764 -23.14 2.75 -11.99
C GLU D 1764 -23.38 3.88 -10.99
N ASP D 1765 -22.68 3.83 -9.87
CA ASP D 1765 -22.94 4.69 -8.73
C ASP D 1765 -22.03 5.92 -8.81
N GLU D 1766 -22.56 7.00 -9.38
CA GLU D 1766 -21.80 8.23 -9.58
C GLU D 1766 -22.04 9.16 -8.40
N ASP D 1767 -21.03 9.30 -7.53
CA ASP D 1767 -21.11 10.14 -6.34
C ASP D 1767 -22.29 9.75 -5.45
N SER D 1768 -22.60 8.45 -5.42
CA SER D 1768 -23.63 7.90 -4.54
C SER D 1768 -23.28 6.44 -4.33
N ASP D 1769 -23.83 5.86 -3.25
CA ASP D 1769 -23.52 4.49 -2.87
C ASP D 1769 -22.01 4.26 -2.89
N GLU D 1770 -21.57 3.26 -3.65
CA GLU D 1770 -20.14 3.06 -3.87
C GLU D 1770 -19.94 2.37 -5.22
N ASP D 1771 -19.44 3.13 -6.20
CA ASP D 1771 -19.00 2.52 -7.45
C ASP D 1771 -17.81 1.61 -7.21
N GLU D 1772 -17.08 1.85 -6.12
CA GLU D 1772 -15.88 1.08 -5.80
C GLU D 1772 -16.18 -0.35 -5.39
N PHE D 1773 -17.44 -0.80 -5.47
CA PHE D 1773 -17.73 -2.22 -5.32
C PHE D 1773 -16.82 -3.03 -6.24
N GLN D 1774 -16.10 -3.98 -5.63
CA GLN D 1774 -15.16 -4.78 -6.41
C GLN D 1774 -15.87 -5.78 -7.31
N ILE D 1775 -17.18 -5.92 -7.18
CA ILE D 1775 -17.95 -6.79 -8.07
C ILE D 1775 -18.41 -5.96 -9.26
N THR D 1776 -17.56 -5.88 -10.29
CA THR D 1776 -17.85 -5.15 -11.50
C THR D 1776 -18.20 -6.13 -12.62
N GLU D 1777 -18.34 -5.62 -13.84
CA GLU D 1777 -18.62 -6.49 -14.99
C GLU D 1777 -17.45 -7.42 -15.31
N HIS D 1778 -16.27 -7.15 -14.77
CA HIS D 1778 -15.11 -8.00 -15.00
C HIS D 1778 -14.86 -8.97 -13.85
N ASN D 1779 -15.39 -8.69 -12.67
CA ASN D 1779 -15.13 -9.45 -11.45
C ASN D 1779 -16.43 -9.86 -10.79
N ASN D 1780 -17.35 -10.40 -11.57
CA ASN D 1780 -18.67 -10.77 -11.09
C ASN D 1780 -18.76 -12.28 -10.89
N PHE D 1781 -19.92 -12.72 -10.39
CA PHE D 1781 -20.23 -14.12 -10.18
C PHE D 1781 -21.30 -14.58 -11.17
N ARG D 1782 -21.55 -13.78 -12.21
CA ARG D 1782 -22.76 -13.95 -13.01
C ARG D 1782 -22.75 -15.24 -13.81
N THR D 1783 -21.58 -15.81 -14.07
CA THR D 1783 -21.50 -17.05 -14.84
C THR D 1783 -20.38 -17.90 -14.29
N PHE D 1784 -20.37 -19.18 -14.71
CA PHE D 1784 -19.42 -20.13 -14.16
C PHE D 1784 -17.99 -19.72 -14.44
N PHE D 1785 -17.70 -19.29 -15.68
CA PHE D 1785 -16.34 -18.91 -16.02
C PHE D 1785 -15.90 -17.66 -15.28
N GLN D 1786 -16.79 -16.68 -15.13
CA GLN D 1786 -16.45 -15.48 -14.38
C GLN D 1786 -16.31 -15.78 -12.89
N ALA D 1787 -17.08 -16.75 -12.39
CA ALA D 1787 -16.88 -17.19 -11.01
C ALA D 1787 -15.51 -17.82 -10.83
N LEU D 1788 -15.09 -18.63 -11.81
CA LEU D 1788 -13.77 -19.25 -11.73
C LEU D 1788 -12.66 -18.21 -11.78
N MET D 1789 -12.81 -17.18 -12.63
CA MET D 1789 -11.79 -16.17 -12.75
C MET D 1789 -11.63 -15.39 -11.45
N LEU D 1790 -12.74 -15.07 -10.79
CA LEU D 1790 -12.66 -14.38 -9.51
C LEU D 1790 -11.95 -15.23 -8.47
N LEU D 1791 -12.20 -16.53 -8.49
CA LEU D 1791 -11.50 -17.42 -7.55
C LEU D 1791 -10.01 -17.47 -7.85
N PHE D 1792 -9.64 -17.51 -9.14
CA PHE D 1792 -8.22 -17.52 -9.49
C PHE D 1792 -7.55 -16.21 -9.09
N ARG D 1793 -8.23 -15.08 -9.29
CA ARG D 1793 -7.67 -13.81 -8.86
C ARG D 1793 -7.44 -13.78 -7.36
N SER D 1794 -8.41 -14.29 -6.59
CA SER D 1794 -8.24 -14.36 -5.15
C SER D 1794 -7.14 -15.34 -4.76
N ALA D 1795 -6.96 -16.40 -5.56
CA ALA D 1795 -5.90 -17.36 -5.28
C ALA D 1795 -4.53 -16.71 -5.37
N THR D 1796 -4.31 -15.87 -6.39
CA THR D 1796 -3.06 -15.14 -6.49
C THR D 1796 -2.97 -13.99 -5.50
N GLY D 1797 -4.05 -13.69 -4.79
CA GLY D 1797 -4.01 -12.65 -3.77
C GLY D 1797 -3.97 -11.25 -4.36
N GLU D 1798 -5.05 -10.82 -5.00
CA GLU D 1798 -5.14 -9.49 -5.60
C GLU D 1798 -6.36 -8.78 -5.01
N ALA D 1799 -6.15 -8.12 -3.87
CA ALA D 1799 -7.20 -7.35 -3.20
C ALA D 1799 -8.45 -8.20 -2.94
N TRP D 1800 -8.24 -9.45 -2.52
CA TRP D 1800 -9.37 -10.31 -2.23
C TRP D 1800 -10.19 -9.82 -1.05
N HIS D 1801 -9.55 -9.10 -0.11
CA HIS D 1801 -10.28 -8.59 1.04
C HIS D 1801 -11.34 -7.58 0.63
N ASN D 1802 -11.03 -6.72 -0.35
CA ASN D 1802 -12.04 -5.80 -0.86
C ASN D 1802 -13.16 -6.53 -1.57
N ILE D 1803 -12.85 -7.65 -2.22
CA ILE D 1803 -13.90 -8.48 -2.81
C ILE D 1803 -14.78 -9.07 -1.72
N MET D 1804 -14.17 -9.50 -0.62
CA MET D 1804 -14.94 -10.04 0.49
C MET D 1804 -15.89 -9.00 1.06
N LEU D 1805 -15.41 -7.77 1.21
CA LEU D 1805 -16.27 -6.70 1.73
C LEU D 1805 -17.41 -6.39 0.77
N SER D 1806 -17.15 -6.48 -0.54
CA SER D 1806 -18.16 -6.17 -1.53
C SER D 1806 -19.27 -7.22 -1.59
N CYS D 1807 -19.02 -8.41 -1.06
CA CYS D 1807 -20.01 -9.49 -1.11
C CYS D 1807 -20.86 -9.59 0.14
N LEU D 1808 -20.70 -8.68 1.09
CA LEU D 1808 -21.46 -8.75 2.33
C LEU D 1808 -22.92 -8.37 2.09
N SER D 1809 -23.70 -8.34 3.16
CA SER D 1809 -25.13 -8.07 3.04
C SER D 1809 -25.39 -6.59 2.82
N GLY D 1810 -26.57 -6.29 2.28
CA GLY D 1810 -26.97 -4.92 2.06
C GLY D 1810 -26.58 -4.33 0.73
N LYS D 1811 -26.27 -5.16 -0.26
CA LYS D 1811 -25.88 -4.65 -1.57
C LYS D 1811 -27.06 -4.72 -2.53
N PRO D 1812 -27.11 -3.81 -3.50
CA PRO D 1812 -28.25 -3.79 -4.44
C PRO D 1812 -28.36 -5.06 -5.24
N CYS D 1813 -29.60 -5.47 -5.50
CA CYS D 1813 -29.87 -6.65 -6.31
C CYS D 1813 -29.80 -6.28 -7.79
N ASP D 1814 -30.13 -7.24 -8.65
CA ASP D 1814 -30.13 -7.01 -10.09
C ASP D 1814 -31.56 -6.80 -10.58
N LYS D 1815 -31.67 -6.20 -11.77
CA LYS D 1815 -32.98 -5.90 -12.33
C LYS D 1815 -33.78 -7.17 -12.64
N ASN D 1816 -33.10 -8.22 -13.10
CA ASN D 1816 -33.74 -9.49 -13.40
C ASN D 1816 -33.67 -10.47 -12.24
N SER D 1817 -33.15 -10.04 -11.09
CA SER D 1817 -33.06 -10.93 -9.94
C SER D 1817 -34.43 -11.30 -9.41
N GLY D 1818 -35.43 -10.47 -9.66
CA GLY D 1818 -36.73 -10.63 -9.07
C GLY D 1818 -36.90 -10.02 -7.70
N ILE D 1819 -35.87 -9.33 -7.20
CA ILE D 1819 -35.91 -8.66 -5.90
C ILE D 1819 -35.74 -7.18 -6.14
N LEU D 1820 -36.65 -6.38 -5.57
CA LEU D 1820 -36.66 -4.94 -5.78
C LEU D 1820 -36.15 -4.18 -4.56
N THR D 1821 -35.44 -4.85 -3.65
CA THR D 1821 -34.94 -4.24 -2.43
C THR D 1821 -33.42 -4.37 -2.38
N ARG D 1822 -32.82 -3.62 -1.46
CA ARG D 1822 -31.38 -3.64 -1.23
C ARG D 1822 -31.05 -4.77 -0.24
N GLU D 1823 -31.32 -6.00 -0.68
CA GLU D 1823 -31.20 -7.17 0.17
C GLU D 1823 -30.48 -8.30 -0.57
N CYS D 1824 -29.36 -7.97 -1.21
CA CYS D 1824 -28.54 -8.97 -1.87
C CYS D 1824 -27.13 -8.95 -1.29
N GLY D 1825 -26.52 -10.13 -1.25
CA GLY D 1825 -25.28 -10.34 -0.53
C GLY D 1825 -25.51 -10.91 0.85
N ASN D 1826 -24.55 -11.72 1.30
CA ASN D 1826 -24.69 -12.43 2.55
C ASN D 1826 -23.46 -12.23 3.43
N GLU D 1827 -23.66 -12.39 4.73
CA GLU D 1827 -22.56 -12.38 5.69
C GLU D 1827 -21.74 -13.65 5.65
N PHE D 1828 -22.14 -14.62 4.83
CA PHE D 1828 -21.36 -15.83 4.61
C PHE D 1828 -20.05 -15.54 3.89
N ALA D 1829 -19.88 -14.33 3.35
CA ALA D 1829 -18.65 -13.99 2.65
C ALA D 1829 -17.42 -14.07 3.56
N TYR D 1830 -17.60 -13.85 4.86
CA TYR D 1830 -16.48 -13.98 5.79
C TYR D 1830 -15.93 -15.39 5.80
N PHE D 1831 -16.81 -16.39 5.90
CA PHE D 1831 -16.34 -17.77 5.89
C PHE D 1831 -15.94 -18.21 4.49
N TYR D 1832 -16.65 -17.72 3.47
CA TYR D 1832 -16.39 -18.17 2.10
C TYR D 1832 -14.98 -17.86 1.66
N PHE D 1833 -14.56 -16.60 1.81
CA PHE D 1833 -13.26 -16.19 1.29
C PHE D 1833 -12.12 -16.64 2.19
N VAL D 1834 -12.31 -16.58 3.51
CA VAL D 1834 -11.25 -16.97 4.44
C VAL D 1834 -10.95 -18.45 4.31
N SER D 1835 -11.99 -19.29 4.25
CA SER D 1835 -11.78 -20.72 4.10
C SER D 1835 -11.14 -21.04 2.76
N PHE D 1836 -11.56 -20.36 1.70
CA PHE D 1836 -11.00 -20.63 0.38
C PHE D 1836 -9.51 -20.33 0.33
N ILE D 1837 -9.10 -19.22 0.94
CA ILE D 1837 -7.69 -18.83 0.90
C ILE D 1837 -6.83 -19.88 1.58
N PHE D 1838 -7.28 -20.37 2.74
CA PHE D 1838 -6.50 -21.38 3.44
C PHE D 1838 -6.50 -22.71 2.68
N LEU D 1839 -7.67 -23.14 2.18
CA LEU D 1839 -7.73 -24.42 1.49
C LEU D 1839 -6.96 -24.39 0.17
N CYS D 1840 -7.06 -23.28 -0.57
CA CYS D 1840 -6.32 -23.18 -1.82
C CYS D 1840 -4.82 -23.23 -1.59
N SER D 1841 -4.35 -22.54 -0.55
CA SER D 1841 -2.92 -22.56 -0.23
C SER D 1841 -2.47 -23.95 0.17
N PHE D 1842 -3.27 -24.64 0.98
CA PHE D 1842 -2.87 -25.97 1.45
C PHE D 1842 -2.79 -26.98 0.32
N LEU D 1843 -3.76 -26.96 -0.59
CA LEU D 1843 -3.79 -27.95 -1.66
C LEU D 1843 -2.64 -27.73 -2.64
N MET D 1844 -2.31 -26.47 -2.96
CA MET D 1844 -1.16 -26.23 -3.81
C MET D 1844 0.13 -26.65 -3.13
N LEU D 1845 0.22 -26.47 -1.81
CA LEU D 1845 1.41 -26.88 -1.09
C LEU D 1845 1.62 -28.38 -1.19
N ASN D 1846 0.54 -29.16 -1.04
CA ASN D 1846 0.66 -30.61 -1.19
C ASN D 1846 1.03 -30.99 -2.62
N LEU D 1847 0.50 -30.26 -3.60
CA LEU D 1847 0.92 -30.48 -4.98
C LEU D 1847 2.39 -30.19 -5.18
N PHE D 1848 2.89 -29.10 -4.57
CA PHE D 1848 4.30 -28.77 -4.72
C PHE D 1848 5.20 -29.83 -4.10
N VAL D 1849 4.86 -30.29 -2.89
CA VAL D 1849 5.69 -31.28 -2.23
C VAL D 1849 5.63 -32.63 -2.95
N ALA D 1850 4.46 -32.96 -3.49
CA ALA D 1850 4.33 -34.24 -4.20
C ALA D 1850 5.25 -34.30 -5.40
N VAL D 1851 5.33 -33.20 -6.17
CA VAL D 1851 6.23 -33.16 -7.32
C VAL D 1851 7.68 -33.16 -6.87
N ILE D 1852 7.99 -32.41 -5.81
CA ILE D 1852 9.37 -32.32 -5.33
C ILE D 1852 9.87 -33.68 -4.87
N MET D 1853 9.07 -34.40 -4.09
CA MET D 1853 9.49 -35.69 -3.58
C MET D 1853 9.34 -36.82 -4.59
N ASP D 1854 8.69 -36.57 -5.73
CA ASP D 1854 8.76 -37.55 -6.81
C ASP D 1854 10.14 -37.53 -7.46
N ASN D 1855 10.79 -36.37 -7.50
CA ASN D 1855 12.12 -36.22 -8.06
C ASN D 1855 13.17 -35.95 -6.99
N PHE D 1856 12.93 -36.36 -5.75
CA PHE D 1856 13.86 -36.01 -4.68
C PHE D 1856 15.21 -36.69 -4.89
N GLU D 1857 15.25 -37.76 -5.69
CA GLU D 1857 16.53 -38.34 -6.09
C GLU D 1857 17.31 -37.38 -6.99
N TYR D 1858 16.65 -36.83 -8.00
CA TYR D 1858 17.32 -35.90 -8.91
C TYR D 1858 17.82 -34.67 -8.16
N LEU D 1859 17.00 -34.13 -7.25
CA LEU D 1859 17.37 -32.92 -6.54
C LEU D 1859 18.52 -33.14 -5.56
N THR D 1860 18.75 -34.38 -5.14
CA THR D 1860 19.83 -34.70 -4.21
C THR D 1860 20.93 -35.52 -4.87
N ARG D 1861 21.02 -35.48 -6.20
CA ARG D 1861 22.02 -36.29 -6.90
C ARG D 1861 23.43 -35.81 -6.58
N ASP D 1862 24.37 -36.74 -6.66
CA ASP D 1862 25.78 -36.46 -6.47
C ASP D 1862 26.53 -36.94 -7.70
N SER D 1863 27.39 -36.07 -8.25
CA SER D 1863 28.10 -36.40 -9.48
C SER D 1863 29.03 -37.58 -9.30
N SER D 1864 29.66 -37.70 -8.12
CA SER D 1864 30.60 -38.79 -7.89
C SER D 1864 29.90 -40.14 -7.92
N ILE D 1865 28.65 -40.19 -7.51
CA ILE D 1865 27.89 -41.44 -7.46
C ILE D 1865 27.13 -41.60 -8.77
N LEU D 1866 27.11 -42.83 -9.29
CA LEU D 1866 26.45 -43.10 -10.56
C LEU D 1866 24.94 -42.87 -10.46
N GLY D 1867 24.38 -42.31 -11.53
CA GLY D 1867 22.95 -42.08 -11.62
C GLY D 1867 22.44 -42.25 -13.03
N PRO D 1868 21.13 -42.12 -13.22
CA PRO D 1868 20.56 -42.27 -14.56
C PRO D 1868 21.10 -41.26 -15.57
N HIS D 1869 21.50 -40.06 -15.12
CA HIS D 1869 22.03 -39.07 -16.04
C HIS D 1869 23.30 -39.55 -16.72
N HIS D 1870 24.20 -40.17 -15.97
CA HIS D 1870 25.38 -40.75 -16.58
C HIS D 1870 25.02 -41.94 -17.47
N LEU D 1871 23.96 -42.67 -17.10
CA LEU D 1871 23.52 -43.78 -17.93
C LEU D 1871 23.01 -43.29 -19.28
N ASP D 1872 22.31 -42.16 -19.30
CA ASP D 1872 21.86 -41.60 -20.57
C ASP D 1872 23.05 -41.19 -21.43
N GLU D 1873 24.08 -40.60 -20.81
CA GLU D 1873 25.27 -40.24 -21.55
C GLU D 1873 25.98 -41.48 -22.11
N TYR D 1874 25.85 -42.61 -21.42
CA TYR D 1874 26.42 -43.86 -21.91
C TYR D 1874 25.79 -44.27 -23.24
N VAL D 1875 24.46 -44.17 -23.33
CA VAL D 1875 23.77 -44.57 -24.54
C VAL D 1875 24.13 -43.64 -25.69
N ARG D 1876 24.31 -42.35 -25.39
CA ARG D 1876 24.63 -41.37 -26.42
C ARG D 1876 25.95 -41.70 -27.11
N VAL D 1877 26.99 -41.98 -26.34
CA VAL D 1877 28.29 -42.29 -26.91
C VAL D 1877 28.28 -43.65 -27.59
N TRP D 1878 27.60 -44.63 -26.98
CA TRP D 1878 27.70 -46.01 -27.43
C TRP D 1878 27.23 -46.15 -28.87
N ALA D 1879 26.14 -45.47 -29.22
CA ALA D 1879 25.67 -45.48 -30.59
C ALA D 1879 26.60 -44.75 -31.55
N GLU D 1880 27.43 -43.84 -31.04
CA GLU D 1880 28.28 -43.04 -31.93
C GLU D 1880 29.43 -43.87 -32.48
N TYR D 1881 30.01 -44.73 -31.65
CA TYR D 1881 31.15 -45.55 -32.07
C TYR D 1881 30.75 -46.48 -33.21
N ASP D 1882 29.58 -47.13 -33.08
CA ASP D 1882 29.07 -48.00 -34.12
C ASP D 1882 27.95 -47.30 -34.85
N PRO D 1883 28.20 -46.73 -36.03
CA PRO D 1883 27.14 -45.98 -36.72
C PRO D 1883 25.90 -46.80 -37.01
N ALA D 1884 26.07 -48.08 -37.35
CA ALA D 1884 24.91 -48.94 -37.56
C ALA D 1884 24.18 -49.21 -36.25
N ALA D 1885 24.91 -49.28 -35.14
CA ALA D 1885 24.35 -49.50 -33.81
C ALA D 1885 23.54 -50.79 -33.74
N TRP D 1886 24.15 -51.89 -34.21
CA TRP D 1886 23.50 -53.19 -34.15
C TRP D 1886 23.30 -53.67 -32.72
N GLY D 1887 24.14 -53.22 -31.80
CA GLY D 1887 24.13 -53.71 -30.43
C GLY D 1887 25.32 -54.54 -30.03
N ARG D 1888 26.35 -54.63 -30.89
CA ARG D 1888 27.55 -55.39 -30.61
C ARG D 1888 28.77 -54.63 -31.09
N MET D 1889 29.80 -54.57 -30.25
CA MET D 1889 31.04 -53.88 -30.56
C MET D 1889 32.24 -54.74 -30.17
N PRO D 1890 33.36 -54.63 -30.89
CA PRO D 1890 34.55 -55.37 -30.50
C PRO D 1890 34.99 -55.01 -29.09
N TYR D 1891 35.52 -56.01 -28.38
CA TYR D 1891 35.97 -55.81 -27.01
C TYR D 1891 37.15 -54.83 -26.94
N LEU D 1892 37.95 -54.74 -28.00
CA LEU D 1892 39.13 -53.87 -27.96
C LEU D 1892 38.75 -52.41 -27.81
N ASP D 1893 37.68 -51.99 -28.50
CA ASP D 1893 37.25 -50.59 -28.45
C ASP D 1893 36.66 -50.21 -27.10
N MET D 1894 36.34 -51.19 -26.25
CA MET D 1894 35.83 -50.87 -24.92
C MET D 1894 36.87 -50.11 -24.10
N TYR D 1895 38.14 -50.51 -24.19
CA TYR D 1895 39.19 -49.84 -23.44
C TYR D 1895 39.35 -48.40 -23.88
N GLN D 1896 39.28 -48.13 -25.20
CA GLN D 1896 39.30 -46.75 -25.68
C GLN D 1896 38.02 -46.02 -25.28
N MET D 1897 36.89 -46.74 -25.26
CA MET D 1897 35.62 -46.14 -24.87
C MET D 1897 35.67 -45.58 -23.45
N LEU D 1898 36.05 -46.40 -22.49
CA LEU D 1898 35.88 -46.04 -21.08
C LEU D 1898 36.79 -44.89 -20.67
N ARG D 1899 37.85 -44.63 -21.43
CA ARG D 1899 38.71 -43.49 -21.15
C ARG D 1899 38.10 -42.17 -21.60
N HIS D 1900 37.38 -42.17 -22.73
CA HIS D 1900 36.72 -40.96 -23.19
C HIS D 1900 35.65 -40.51 -22.21
N MET D 1901 35.00 -41.47 -21.56
CA MET D 1901 33.89 -41.19 -20.66
C MET D 1901 34.40 -40.69 -19.31
N SER D 1902 33.60 -39.81 -18.69
CA SER D 1902 33.95 -39.26 -17.40
C SER D 1902 33.54 -40.21 -16.26
N PRO D 1903 34.23 -40.16 -15.14
CA PRO D 1903 33.83 -40.97 -13.98
C PRO D 1903 32.50 -40.51 -13.43
N PRO D 1904 31.80 -41.34 -12.64
CA PRO D 1904 32.20 -42.67 -12.17
C PRO D 1904 31.99 -43.79 -13.19
N LEU D 1905 31.03 -43.62 -14.09
CA LEU D 1905 30.75 -44.67 -15.07
C LEU D 1905 31.94 -44.89 -15.99
N GLY D 1906 32.53 -43.81 -16.50
CA GLY D 1906 33.73 -43.90 -17.29
C GLY D 1906 34.97 -43.99 -16.42
N LEU D 1907 36.13 -44.01 -17.08
CA LEU D 1907 37.41 -44.05 -16.40
C LEU D 1907 38.18 -42.74 -16.49
N GLY D 1908 37.90 -41.91 -17.49
CA GLY D 1908 38.62 -40.67 -17.65
C GLY D 1908 39.84 -40.82 -18.54
N LYS D 1909 40.12 -39.79 -19.35
CA LYS D 1909 41.23 -39.87 -20.29
C LYS D 1909 42.56 -39.97 -19.57
N LYS D 1910 42.62 -39.54 -18.31
CA LYS D 1910 43.83 -39.57 -17.51
C LYS D 1910 43.93 -40.82 -16.64
N CYS D 1911 43.03 -41.79 -16.82
CA CYS D 1911 43.03 -42.98 -15.98
C CYS D 1911 44.28 -43.81 -16.22
N PRO D 1912 44.96 -44.27 -15.18
CA PRO D 1912 46.10 -45.18 -15.38
C PRO D 1912 45.64 -46.51 -15.96
N ALA D 1913 46.54 -47.15 -16.71
CA ALA D 1913 46.22 -48.43 -17.33
C ALA D 1913 45.90 -49.50 -16.30
N ARG D 1914 46.69 -49.56 -15.22
CA ARG D 1914 46.50 -50.61 -14.22
C ARG D 1914 45.18 -50.47 -13.49
N VAL D 1915 44.77 -49.24 -13.19
CA VAL D 1915 43.47 -49.04 -12.54
C VAL D 1915 42.34 -49.40 -13.48
N ALA D 1916 42.49 -49.07 -14.77
CA ALA D 1916 41.46 -49.39 -15.76
C ALA D 1916 41.26 -50.90 -15.88
N TYR D 1917 42.36 -51.66 -15.93
CA TYR D 1917 42.26 -53.11 -16.04
C TYR D 1917 41.64 -53.71 -14.78
N LYS D 1918 41.92 -53.10 -13.61
CA LYS D 1918 41.36 -53.59 -12.36
C LYS D 1918 39.85 -53.50 -12.33
N ARG D 1919 39.27 -52.43 -12.86
CA ARG D 1919 37.82 -52.32 -12.96
C ARG D 1919 37.26 -53.34 -13.95
N LEU D 1920 37.94 -53.53 -15.08
CA LEU D 1920 37.48 -54.49 -16.08
C LEU D 1920 37.48 -55.90 -15.52
N LEU D 1921 38.45 -56.21 -14.65
CA LEU D 1921 38.49 -57.53 -14.03
C LEU D 1921 37.26 -57.79 -13.17
N ARG D 1922 36.79 -56.80 -12.44
CA ARG D 1922 35.55 -56.92 -11.67
C ARG D 1922 34.31 -56.88 -12.56
N MET D 1923 34.43 -56.35 -13.77
CA MET D 1923 33.25 -56.15 -14.62
C MET D 1923 32.78 -57.46 -15.21
N ASP D 1924 33.71 -58.31 -15.67
CA ASP D 1924 33.46 -59.73 -15.97
C ASP D 1924 32.35 -59.93 -16.99
N LEU D 1925 32.50 -59.33 -18.17
CA LEU D 1925 31.56 -59.57 -19.27
C LEU D 1925 32.03 -60.72 -20.15
N PRO D 1926 31.19 -61.70 -20.44
CA PRO D 1926 31.56 -62.73 -21.42
C PRO D 1926 31.69 -62.13 -22.82
N VAL D 1927 32.57 -62.73 -23.61
CA VAL D 1927 32.84 -62.29 -24.98
C VAL D 1927 32.19 -63.26 -25.94
N ALA D 1928 31.45 -62.72 -26.92
CA ALA D 1928 30.79 -63.56 -27.91
C ALA D 1928 31.82 -64.17 -28.87
N ASP D 1929 31.35 -65.14 -29.65
CA ASP D 1929 32.23 -65.84 -30.59
C ASP D 1929 32.77 -64.92 -31.66
N ASP D 1930 32.08 -63.84 -31.98
CA ASP D 1930 32.56 -62.86 -32.95
C ASP D 1930 33.43 -61.78 -32.33
N ASN D 1931 33.90 -61.99 -31.10
CA ASN D 1931 34.75 -61.06 -30.37
C ASN D 1931 34.06 -59.73 -30.10
N THR D 1932 32.73 -59.73 -30.00
CA THR D 1932 31.97 -58.52 -29.74
C THR D 1932 31.27 -58.62 -28.39
N VAL D 1933 30.87 -57.46 -27.87
CA VAL D 1933 30.18 -57.35 -26.59
C VAL D 1933 28.86 -56.63 -26.80
N HIS D 1934 27.82 -57.11 -26.12
CA HIS D 1934 26.47 -56.59 -26.30
C HIS D 1934 26.30 -55.28 -25.54
N PHE D 1935 25.42 -54.42 -26.06
CA PHE D 1935 25.17 -53.13 -25.42
C PHE D 1935 24.54 -53.29 -24.04
N ASN D 1936 23.44 -54.04 -23.96
CA ASN D 1936 22.73 -54.19 -22.70
C ASN D 1936 23.56 -54.94 -21.66
N SER D 1937 24.26 -55.99 -22.07
CA SER D 1937 25.09 -56.75 -21.13
C SER D 1937 26.24 -55.89 -20.60
N THR D 1938 26.85 -55.08 -21.46
CA THR D 1938 27.92 -54.19 -21.01
C THR D 1938 27.38 -53.15 -20.04
N LEU D 1939 26.17 -52.63 -20.30
CA LEU D 1939 25.61 -51.57 -19.46
C LEU D 1939 25.37 -52.08 -18.04
N MET D 1940 24.90 -53.31 -17.89
CA MET D 1940 24.60 -53.85 -16.56
C MET D 1940 25.84 -53.86 -15.69
N ALA D 1941 26.95 -54.38 -16.21
CA ALA D 1941 28.13 -54.56 -15.38
C ALA D 1941 28.76 -53.23 -14.99
N LEU D 1942 28.68 -52.23 -15.89
CA LEU D 1942 29.13 -50.89 -15.54
C LEU D 1942 28.28 -50.30 -14.42
N ILE D 1943 26.97 -50.57 -14.44
CA ILE D 1943 26.14 -50.28 -13.28
C ILE D 1943 26.53 -51.19 -12.12
N ARG D 1944 26.80 -52.46 -12.43
CA ARG D 1944 27.11 -53.43 -11.38
C ARG D 1944 28.35 -53.01 -10.61
N THR D 1945 29.43 -52.68 -11.33
CA THR D 1945 30.71 -52.35 -10.70
C THR D 1945 30.73 -50.99 -10.04
N ALA D 1946 29.83 -50.08 -10.40
CA ALA D 1946 29.87 -48.73 -9.87
C ALA D 1946 29.05 -48.56 -8.59
N LEU D 1947 27.95 -49.29 -8.46
CA LEU D 1947 27.12 -49.22 -7.27
C LEU D 1947 27.37 -50.36 -6.30
N ASP D 1948 28.27 -51.29 -6.63
CA ASP D 1948 28.62 -52.43 -5.78
C ASP D 1948 27.39 -53.27 -5.44
N ILE D 1949 26.68 -53.69 -6.49
CA ILE D 1949 25.44 -54.43 -6.30
C ILE D 1949 25.74 -55.91 -6.13
N LYS D 1950 25.51 -56.43 -4.91
CA LYS D 1950 25.59 -57.85 -4.61
C LYS D 1950 26.94 -58.41 -5.03
N ILE D 1951 27.99 -57.60 -4.93
CA ILE D 1951 29.29 -57.95 -5.48
C ILE D 1951 30.07 -58.71 -4.41
N ALA D 1952 30.20 -60.02 -4.60
CA ALA D 1952 31.09 -60.80 -3.77
C ALA D 1952 32.52 -60.63 -4.25
N LYS D 1953 33.47 -60.96 -3.39
CA LYS D 1953 34.88 -60.82 -3.72
C LYS D 1953 35.44 -62.02 -4.47
N GLY D 1954 34.62 -63.03 -4.73
CA GLY D 1954 35.09 -64.20 -5.47
C GLY D 1954 34.62 -65.52 -4.89
N GLY D 1955 34.74 -66.58 -5.67
CA GLY D 1955 34.35 -67.90 -5.22
C GLY D 1955 32.93 -68.27 -5.60
N ALA D 1956 32.42 -69.29 -4.92
CA ALA D 1956 31.07 -69.77 -5.17
C ALA D 1956 30.03 -68.73 -4.76
N ASP D 1957 30.43 -67.73 -3.97
CA ASP D 1957 29.49 -66.69 -3.56
C ASP D 1957 28.94 -65.92 -4.76
N LYS D 1958 29.71 -65.86 -5.85
CA LYS D 1958 29.25 -65.15 -7.04
C LYS D 1958 28.00 -65.79 -7.61
N GLN D 1959 27.97 -67.12 -7.71
CA GLN D 1959 26.81 -67.81 -8.25
C GLN D 1959 25.60 -67.65 -7.35
N GLN D 1960 25.80 -67.70 -6.03
CA GLN D 1960 24.70 -67.56 -5.10
C GLN D 1960 24.09 -66.16 -5.19
N MET D 1961 24.93 -65.13 -5.24
CA MET D 1961 24.42 -63.77 -5.35
C MET D 1961 23.73 -63.51 -6.68
N ASP D 1962 24.27 -64.06 -7.77
CA ASP D 1962 23.64 -63.88 -9.07
C ASP D 1962 22.27 -64.53 -9.10
N ALA D 1963 22.13 -65.73 -8.51
CA ALA D 1963 20.82 -66.36 -8.41
C ALA D 1963 19.86 -65.56 -7.55
N GLU D 1964 20.36 -64.99 -6.45
CA GLU D 1964 19.53 -64.13 -5.62
C GLU D 1964 19.09 -62.87 -6.39
N LEU D 1965 20.02 -62.28 -7.16
CA LEU D 1965 19.66 -61.13 -7.97
C LEU D 1965 18.64 -61.49 -9.04
N ARG D 1966 18.80 -62.67 -9.65
CA ARG D 1966 17.85 -63.11 -10.66
C ARG D 1966 16.44 -63.24 -10.09
N LYS D 1967 16.32 -63.79 -8.88
CA LYS D 1967 15.02 -63.93 -8.24
C LYS D 1967 14.39 -62.57 -7.97
N GLU D 1968 15.20 -61.61 -7.51
CA GLU D 1968 14.67 -60.30 -7.16
C GLU D 1968 14.09 -59.60 -8.38
N MET D 1969 14.80 -59.67 -9.51
CA MET D 1969 14.28 -59.05 -10.74
C MET D 1969 12.99 -59.72 -11.20
N MET D 1970 12.93 -61.06 -11.11
CA MET D 1970 11.69 -61.75 -11.44
C MET D 1970 10.56 -61.38 -10.50
N ALA D 1971 10.88 -61.09 -9.23
CA ALA D 1971 9.87 -60.60 -8.31
C ALA D 1971 9.46 -59.17 -8.62
N ILE D 1972 10.39 -58.35 -9.10
CA ILE D 1972 10.08 -56.96 -9.43
C ILE D 1972 9.51 -56.84 -10.85
N TRP D 1973 10.03 -57.61 -11.79
CA TRP D 1973 9.59 -57.58 -13.19
C TRP D 1973 9.19 -58.98 -13.61
N PRO D 1974 7.98 -59.41 -13.23
CA PRO D 1974 7.53 -60.76 -13.64
C PRO D 1974 7.42 -60.93 -15.13
N ASN D 1975 7.17 -59.85 -15.88
CA ASN D 1975 7.00 -59.92 -17.32
C ASN D 1975 8.31 -59.91 -18.07
N LEU D 1976 9.44 -59.84 -17.38
CA LEU D 1976 10.75 -59.81 -18.03
C LEU D 1976 11.04 -61.17 -18.66
N SER D 1977 11.30 -61.17 -19.97
CA SER D 1977 11.53 -62.42 -20.67
C SER D 1977 12.82 -63.09 -20.20
N GLN D 1978 12.83 -64.41 -20.22
CA GLN D 1978 14.00 -65.16 -19.75
C GLN D 1978 15.22 -64.87 -20.61
N LYS D 1979 15.02 -64.69 -21.92
CA LYS D 1979 16.15 -64.35 -22.79
C LYS D 1979 16.76 -63.02 -22.39
N THR D 1980 15.92 -62.03 -22.05
CA THR D 1980 16.43 -60.74 -21.61
C THR D 1980 17.17 -60.87 -20.29
N LEU D 1981 16.64 -61.68 -19.36
CA LEU D 1981 17.32 -61.90 -18.10
C LEU D 1981 18.68 -62.57 -18.30
N ASP D 1982 18.73 -63.59 -19.16
CA ASP D 1982 20.00 -64.22 -19.48
C ASP D 1982 20.93 -63.29 -20.26
N LEU D 1983 20.37 -62.35 -21.01
CA LEU D 1983 21.16 -61.34 -21.70
C LEU D 1983 21.68 -60.27 -20.74
N LEU D 1984 20.89 -59.89 -19.75
CA LEU D 1984 21.34 -58.93 -18.74
C LEU D 1984 22.18 -59.62 -17.67
N VAL D 1985 21.66 -60.69 -17.09
CA VAL D 1985 22.41 -61.48 -16.13
C VAL D 1985 22.89 -62.75 -16.83
N THR D 1986 24.10 -62.72 -17.35
CA THR D 1986 24.65 -63.83 -18.11
C THR D 1986 24.91 -65.02 -17.19
N PRO D 1987 24.37 -66.21 -17.51
CA PRO D 1987 24.73 -67.40 -16.74
C PRO D 1987 26.20 -67.73 -16.96
N HIS D 1988 26.92 -67.90 -15.85
CA HIS D 1988 28.38 -68.02 -15.89
C HIS D 1988 28.77 -69.48 -16.15
N LYS D 1989 29.26 -69.75 -17.35
CA LYS D 1989 29.89 -71.03 -17.66
C LYS D 1989 31.40 -70.89 -17.51
N SER D 1990 32.04 -71.91 -16.95
CA SER D 1990 33.48 -71.86 -16.75
C SER D 1990 34.23 -71.79 -18.07
N THR D 1991 33.67 -72.35 -19.14
CA THR D 1991 34.36 -72.36 -20.42
C THR D 1991 34.33 -70.99 -21.08
N ASP D 1992 33.38 -70.14 -20.69
CA ASP D 1992 33.21 -68.84 -21.34
C ASP D 1992 34.44 -67.96 -21.15
N LEU D 1993 34.86 -67.33 -22.24
CA LEU D 1993 35.98 -66.38 -22.22
C LEU D 1993 35.43 -64.99 -21.94
N THR D 1994 35.72 -64.48 -20.76
CA THR D 1994 35.21 -63.17 -20.34
C THR D 1994 36.20 -62.08 -20.69
N VAL D 1995 35.73 -60.83 -20.65
CA VAL D 1995 36.60 -59.67 -20.83
C VAL D 1995 37.66 -59.64 -19.74
N GLY D 1996 37.28 -59.99 -18.50
CA GLY D 1996 38.24 -60.02 -17.42
C GLY D 1996 39.36 -61.01 -17.67
N LYS D 1997 39.03 -62.18 -18.20
CA LYS D 1997 40.04 -63.19 -18.50
C LYS D 1997 41.05 -62.67 -19.53
N ILE D 1998 40.56 -61.97 -20.55
CA ILE D 1998 41.45 -61.42 -21.56
C ILE D 1998 42.39 -60.39 -20.94
N TYR D 1999 41.85 -59.50 -20.11
CA TYR D 1999 42.69 -58.49 -19.48
C TYR D 1999 43.55 -59.07 -18.38
N ALA D 2000 43.10 -60.16 -17.74
CA ALA D 2000 43.94 -60.84 -16.76
C ALA D 2000 45.18 -61.44 -17.42
N ALA D 2001 45.02 -62.01 -18.61
CA ALA D 2001 46.14 -62.64 -19.29
C ALA D 2001 47.20 -61.63 -19.68
N MET D 2002 46.80 -60.52 -20.31
CA MET D 2002 47.77 -59.54 -20.78
C MET D 2002 48.50 -58.89 -19.60
N MET D 2003 47.79 -58.64 -18.50
CA MET D 2003 48.46 -58.11 -17.30
C MET D 2003 49.44 -59.12 -16.75
N ILE D 2004 49.06 -60.41 -16.72
CA ILE D 2004 49.99 -61.45 -16.28
C ILE D 2004 51.19 -61.53 -17.23
N MET D 2005 50.93 -61.49 -18.53
CA MET D 2005 52.03 -61.50 -19.49
C MET D 2005 52.88 -60.25 -19.36
N GLU D 2006 52.25 -59.08 -19.16
CA GLU D 2006 53.00 -57.86 -18.92
C GLU D 2006 53.82 -57.96 -17.64
N TYR D 2007 53.21 -58.49 -16.57
CA TYR D 2007 53.94 -58.68 -15.32
C TYR D 2007 55.07 -59.68 -15.49
N TYR D 2008 54.82 -60.78 -16.21
CA TYR D 2008 55.87 -61.76 -16.48
C TYR D 2008 56.97 -61.16 -17.34
N ARG D 2009 56.60 -60.38 -18.36
CA ARG D 2009 57.61 -59.72 -19.18
C ARG D 2009 58.41 -58.71 -18.38
N GLN D 2010 57.74 -57.92 -17.54
CA GLN D 2010 58.45 -56.97 -16.68
C GLN D 2010 59.31 -57.69 -15.65
N SER D 2011 58.80 -58.78 -15.07
CA SER D 2011 59.59 -59.54 -14.12
C SER D 2011 60.81 -60.17 -14.79
N LYS D 2012 60.63 -60.70 -16.00
CA LYS D 2012 61.77 -61.23 -16.74
C LYS D 2012 62.75 -60.12 -17.12
N ALA D 2013 62.23 -58.95 -17.52
CA ALA D 2013 63.09 -57.83 -17.85
C ALA D 2013 63.90 -57.39 -16.64
N LYS D 2014 63.26 -57.32 -15.47
CA LYS D 2014 63.99 -56.96 -14.25
C LYS D 2014 65.03 -58.02 -13.90
N LYS D 2015 64.69 -59.30 -14.07
CA LYS D 2015 65.63 -60.36 -13.75
C LYS D 2015 66.87 -60.30 -14.63
N LEU D 2016 66.69 -60.07 -15.93
CA LEU D 2016 67.84 -59.93 -16.82
C LEU D 2016 68.70 -58.73 -16.44
N GLN D 2017 68.07 -57.62 -16.08
CA GLN D 2017 68.82 -56.47 -15.59
C GLN D 2017 69.49 -56.77 -14.26
N ALA D 2018 68.80 -57.52 -13.38
CA ALA D 2018 69.36 -57.84 -12.08
C ALA D 2018 70.60 -58.71 -12.20
N MET D 2019 70.57 -59.69 -13.09
CA MET D 2019 71.71 -60.59 -13.26
C MET D 2019 72.84 -59.91 -14.04
N ARG D 2020 72.56 -58.74 -14.60
CA ARG D 2020 73.55 -57.96 -15.34
C ARG D 2020 74.20 -56.89 -14.47
N GLU D 2021 73.42 -56.19 -13.65
CA GLU D 2021 73.99 -55.20 -12.74
C GLU D 2021 74.85 -55.86 -11.67
N GLU D 2022 74.52 -57.10 -11.30
CA GLU D 2022 75.29 -57.84 -10.31
C GLU D 2022 76.51 -58.53 -10.90
N GLN D 2023 76.69 -58.48 -12.22
CA GLN D 2023 77.80 -59.15 -12.89
C GLN D 2023 78.89 -58.20 -13.34
N ASP D 2024 78.68 -56.88 -13.25
CA ASP D 2024 79.66 -55.92 -13.72
C ASP D 2024 80.76 -55.63 -12.71
N ARG D 2025 80.68 -56.20 -11.51
CA ARG D 2025 81.70 -55.97 -10.49
C ARG D 2025 82.82 -57.01 -10.59
#